data_6VVU
#
_entry.id   6VVU
#
_cell.length_a   89.573
_cell.length_b   168.811
_cell.length_c   114.652
_cell.angle_alpha   90.000
_cell.angle_beta   109.970
_cell.angle_gamma   90.000
#
_symmetry.space_group_name_H-M   'P 1 21 1'
#
loop_
_entity.id
_entity.type
_entity.pdbx_description
1 polymer 'Tryptase alpha/beta-1'
2 polymer 'Fab E104.v1 heavy chain'
3 polymer 'Fab E104.v1 light chain'
4 non-polymer 'CALCIUM ION'
5 non-polymer L-alpha-glutamyl-N-{(1S)-4-{[amino(iminio)methyl]amino}-1-[(1S)-2-chloro-1-hydroxyethyl]butyl}glycinamide
6 water water
#
loop_
_entity_poly.entity_id
_entity_poly.type
_entity_poly.pdbx_seq_one_letter_code
_entity_poly.pdbx_strand_id
1 'polypeptide(L)'
;MLNLLLLALPVLASRAYAAPAPGQALQRVGIVGGQEAPRSKWPWQVSLRVHGPYWMHFCGGSLIHPQWVLTAAHCVGPDV
KDLAALRVQLREQHLYYQDQLLPVSRIIVHPQFYTAQIGADIALLELEEPVNVSSHVHTVTLPPASETFPPGMPCWVTGW
GDVDNDERLPPPFPLKQVKVPIMENHICDAKYHLGAYTGDDVRIVRDDMLCAGNTRRDSCQGDSGGPLVCKVNGTWLQAG
VVSWGEGCAQPNRPGIYTRVTYYLDWIHHYVPKKP
;
A,B,D,C
2 'polypeptide(L)'
;EVQLVESGPGLVKPSETLSLTCTVSRFSLIGYAITWIRQPPGKGLEWIGGISSAATTFYSSWAKSRVTISVDTSKNQFSL
KLSSVTAADTAVYYCARDPRGYGAALDRLDLWGQGTLVTVSSASTKGPSVFPLAPSSKSTSGGTAALGCLVKDYFPEPVT
VSWNSGALTSGVHTFPAVLQSSGLYSLSSVVTVPSSSLGTQTYICNVNHKPSNTKVDKKVEPKSCDKTHT
;
E,G,H,J
3 'polypeptide(L)'
;DIQMTQSPSSLSASVGDRVTITCQSIKSVYNNRLGWYQQKPGKAPKLLIYETSILTSGVPSRFSGSGSGTDFTLTISSLQ
PEDFATYYCAGGFDRSGDTTFGQGTKVEIKRTVAAPSVFIFPPSDEQLKSGTASVVCLLNNFYPREAKVQWKVDNALQSG
NSQESVTEQDSKDSTYSLSSTLTLSKADYEKHKVYACEVTHQGLSSPVTKSFNRGEC
;
F,I,K,L
#
# COMPACT_ATOMS: atom_id res chain seq x y z
N ILE A 31 -19.22 4.32 -9.17
CA ILE A 31 -19.85 5.03 -10.30
C ILE A 31 -18.94 6.19 -10.83
N VAL A 32 -18.46 6.05 -12.09
CA VAL A 32 -17.64 7.01 -12.82
C VAL A 32 -18.56 7.98 -13.52
N GLY A 33 -18.43 9.26 -13.18
CA GLY A 33 -19.31 10.31 -13.67
C GLY A 33 -20.56 10.32 -12.83
N GLY A 34 -21.57 11.04 -13.25
CA GLY A 34 -22.84 11.06 -12.51
C GLY A 34 -22.81 11.63 -11.10
N GLN A 35 -24.01 11.79 -10.55
CA GLN A 35 -24.24 12.43 -9.26
C GLN A 35 -24.80 11.51 -8.18
N GLU A 36 -25.01 12.08 -7.00
CA GLU A 36 -25.56 11.41 -5.83
C GLU A 36 -27.05 11.24 -6.06
N ALA A 37 -27.57 10.01 -5.85
CA ALA A 37 -28.99 9.71 -6.07
C ALA A 37 -29.93 10.37 -5.02
N PRO A 38 -31.14 10.84 -5.43
CA PRO A 38 -32.09 11.37 -4.44
C PRO A 38 -32.61 10.24 -3.57
N ARG A 39 -33.04 10.55 -2.33
CA ARG A 39 -33.52 9.55 -1.34
C ARG A 39 -34.61 8.63 -1.89
N SER A 40 -35.51 9.19 -2.71
CA SER A 40 -36.64 8.53 -3.36
C SER A 40 -36.22 7.43 -4.35
N LYS A 41 -35.44 7.81 -5.39
CA LYS A 41 -34.95 6.99 -6.50
C LYS A 41 -34.26 5.67 -6.09
N TRP A 42 -34.34 4.66 -7.01
CA TRP A 42 -33.74 3.31 -6.92
C TRP A 42 -34.04 2.57 -5.62
N PRO A 43 -35.32 2.27 -5.32
CA PRO A 43 -35.64 1.56 -4.07
C PRO A 43 -35.24 0.09 -4.00
N TRP A 44 -34.90 -0.53 -5.13
CA TRP A 44 -34.49 -1.95 -5.28
C TRP A 44 -32.99 -2.18 -5.01
N GLN A 45 -32.22 -1.09 -4.97
CA GLN A 45 -30.77 -1.11 -4.75
C GLN A 45 -30.35 -1.73 -3.39
N VAL A 46 -29.50 -2.79 -3.42
CA VAL A 46 -28.93 -3.42 -2.23
C VAL A 46 -27.40 -3.31 -2.26
N SER A 47 -26.77 -3.45 -1.08
CA SER A 47 -25.32 -3.41 -0.88
C SER A 47 -24.98 -4.72 -0.23
N LEU A 48 -24.00 -5.43 -0.80
CA LEU A 48 -23.51 -6.69 -0.26
C LEU A 48 -22.33 -6.40 0.66
N ARG A 49 -22.38 -6.99 1.86
CA ARG A 49 -21.37 -6.77 2.89
C ARG A 49 -20.49 -7.99 3.20
N VAL A 50 -19.25 -7.72 3.65
CA VAL A 50 -18.31 -8.77 4.02
C VAL A 50 -17.74 -8.50 5.41
N HIS A 51 -17.69 -9.54 6.26
CA HIS A 51 -17.20 -9.41 7.63
C HIS A 51 -15.74 -8.93 7.68
N GLY A 52 -15.38 -8.30 8.78
CA GLY A 52 -14.06 -7.75 8.97
C GLY A 52 -14.09 -6.76 10.10
N PRO A 53 -13.20 -5.74 10.12
CA PRO A 53 -13.26 -4.74 11.24
C PRO A 53 -14.62 -4.03 11.25
N TYR A 54 -15.34 -4.15 10.10
CA TYR A 54 -16.70 -3.70 9.86
C TYR A 54 -17.28 -4.47 8.67
N TRP A 55 -18.62 -4.48 8.57
CA TRP A 55 -19.34 -5.10 7.49
C TRP A 55 -19.21 -4.20 6.27
N MET A 56 -18.08 -4.31 5.59
CA MET A 56 -17.73 -3.49 4.44
C MET A 56 -18.43 -3.84 3.16
N HIS A 57 -18.81 -2.80 2.39
CA HIS A 57 -19.40 -2.95 1.08
C HIS A 57 -18.39 -3.53 0.10
N PHE A 58 -18.81 -4.47 -0.78
CA PHE A 58 -17.95 -5.06 -1.80
C PHE A 58 -18.64 -5.28 -3.18
N CYS A 59 -19.98 -5.23 -3.23
CA CYS A 59 -20.81 -5.42 -4.42
C CYS A 59 -22.18 -4.86 -4.17
N GLY A 60 -22.91 -4.67 -5.26
CA GLY A 60 -24.31 -4.24 -5.29
C GLY A 60 -25.20 -5.39 -5.73
N GLY A 61 -26.51 -5.16 -5.71
CA GLY A 61 -27.50 -6.14 -6.12
C GLY A 61 -28.85 -5.50 -6.18
N SER A 62 -29.87 -6.23 -6.63
CA SER A 62 -31.22 -5.67 -6.70
C SER A 62 -32.24 -6.59 -6.08
N LEU A 63 -33.21 -6.00 -5.36
CA LEU A 63 -34.32 -6.75 -4.80
C LEU A 63 -35.27 -7.00 -5.97
N ILE A 64 -35.40 -8.27 -6.37
CA ILE A 64 -36.26 -8.66 -7.48
C ILE A 64 -37.52 -9.38 -6.99
N HIS A 65 -37.53 -9.74 -5.69
CA HIS A 65 -38.62 -10.45 -4.99
C HIS A 65 -38.44 -10.19 -3.48
N PRO A 66 -39.52 -10.13 -2.65
CA PRO A 66 -39.31 -9.92 -1.21
C PRO A 66 -38.38 -10.92 -0.51
N GLN A 67 -38.06 -12.07 -1.14
CA GLN A 67 -37.13 -13.04 -0.56
C GLN A 67 -35.84 -13.26 -1.41
N TRP A 68 -35.67 -12.50 -2.51
CA TRP A 68 -34.55 -12.66 -3.43
C TRP A 68 -33.87 -11.39 -3.88
N VAL A 69 -32.53 -11.45 -3.96
CA VAL A 69 -31.67 -10.38 -4.43
C VAL A 69 -30.91 -10.95 -5.61
N LEU A 70 -30.84 -10.19 -6.74
CA LEU A 70 -30.13 -10.50 -7.98
C LEU A 70 -28.81 -9.75 -7.97
N THR A 71 -27.70 -10.49 -8.19
CA THR A 71 -26.34 -9.94 -8.17
C THR A 71 -25.48 -10.57 -9.28
N ALA A 72 -24.18 -10.21 -9.39
CA ALA A 72 -23.21 -10.78 -10.34
C ALA A 72 -22.55 -11.97 -9.64
N ALA A 73 -22.30 -13.05 -10.39
CA ALA A 73 -21.68 -14.27 -9.90
C ALA A 73 -20.26 -14.03 -9.44
N HIS A 74 -19.49 -13.18 -10.14
CA HIS A 74 -18.11 -12.90 -9.75
C HIS A 74 -17.96 -12.31 -8.33
N CYS A 75 -19.04 -11.70 -7.78
CA CYS A 75 -19.10 -11.14 -6.43
C CYS A 75 -19.00 -12.24 -5.34
N VAL A 76 -19.65 -13.39 -5.63
CA VAL A 76 -19.84 -14.52 -4.74
C VAL A 76 -19.31 -15.84 -5.35
N GLY A 77 -18.47 -15.79 -6.38
CA GLY A 77 -17.95 -17.01 -6.99
C GLY A 77 -16.70 -16.85 -7.84
N PRO A 78 -16.26 -17.91 -8.57
CA PRO A 78 -16.83 -19.27 -8.70
C PRO A 78 -16.66 -20.16 -7.46
N ASP A 79 -15.74 -19.78 -6.58
CA ASP A 79 -15.45 -20.49 -5.34
C ASP A 79 -16.61 -20.39 -4.36
N VAL A 80 -16.87 -21.50 -3.65
CA VAL A 80 -17.94 -21.58 -2.67
C VAL A 80 -17.58 -20.72 -1.46
N LYS A 81 -18.52 -19.91 -1.01
CA LYS A 81 -18.33 -18.92 0.05
C LYS A 81 -19.09 -19.31 1.33
N ASP A 82 -18.53 -18.96 2.49
CA ASP A 82 -19.22 -19.17 3.77
C ASP A 82 -20.23 -18.01 3.92
N LEU A 83 -21.49 -18.38 4.16
CA LEU A 83 -22.57 -17.43 4.32
C LEU A 83 -22.43 -16.61 5.59
N ALA A 84 -21.63 -17.10 6.59
CA ALA A 84 -21.35 -16.35 7.83
C ALA A 84 -20.70 -15.02 7.51
N ALA A 85 -19.94 -14.98 6.39
CA ALA A 85 -19.18 -13.83 5.92
C ALA A 85 -19.97 -12.87 5.00
N LEU A 86 -21.28 -13.02 4.92
CA LEU A 86 -22.07 -12.18 4.01
C LEU A 86 -23.35 -11.69 4.63
N ARG A 87 -23.70 -10.43 4.36
CA ARG A 87 -24.96 -9.82 4.74
C ARG A 87 -25.43 -8.90 3.61
N VAL A 88 -26.75 -8.67 3.55
CA VAL A 88 -27.39 -7.79 2.57
C VAL A 88 -27.90 -6.52 3.31
N GLN A 89 -27.74 -5.36 2.69
CA GLN A 89 -28.20 -4.10 3.23
C GLN A 89 -29.17 -3.45 2.22
N LEU A 90 -30.42 -3.24 2.62
CA LEU A 90 -31.43 -2.64 1.75
C LEU A 90 -31.22 -1.15 1.54
N ARG A 91 -31.93 -0.59 0.52
CA ARG A 91 -31.82 0.78 0.10
C ARG A 91 -31.84 1.77 1.26
N GLU A 92 -30.72 2.50 1.37
CA GLU A 92 -30.37 3.57 2.31
C GLU A 92 -29.53 4.55 1.49
N GLN A 93 -29.45 5.82 1.91
CA GLN A 93 -28.70 6.83 1.16
C GLN A 93 -27.16 6.64 1.26
N HIS A 94 -26.66 6.39 2.47
CA HIS A 94 -25.22 6.25 2.73
C HIS A 94 -24.90 4.95 3.36
N LEU A 95 -23.69 4.43 3.08
CA LEU A 95 -23.27 3.18 3.69
C LEU A 95 -22.88 3.40 5.15
N TYR A 96 -23.11 2.38 5.98
CA TYR A 96 -22.75 2.25 7.38
C TYR A 96 -23.45 3.18 8.36
N TYR A 97 -24.07 4.29 7.94
CA TYR A 97 -24.69 5.18 8.92
C TYR A 97 -25.96 4.65 9.60
N GLN A 98 -26.86 3.98 8.85
CA GLN A 98 -28.17 3.50 9.36
C GLN A 98 -28.38 2.02 8.93
N ASP A 99 -27.36 1.22 9.16
CA ASP A 99 -27.36 -0.17 8.74
C ASP A 99 -28.26 -1.09 9.53
N GLN A 100 -28.93 -2.02 8.83
CA GLN A 100 -29.73 -3.12 9.39
C GLN A 100 -29.40 -4.32 8.51
N LEU A 101 -28.38 -5.09 8.90
CA LEU A 101 -27.85 -6.19 8.09
C LEU A 101 -28.71 -7.41 8.07
N LEU A 102 -29.07 -7.85 6.86
CA LEU A 102 -29.93 -9.01 6.70
C LEU A 102 -29.17 -10.29 6.36
N PRO A 103 -29.45 -11.40 7.05
CA PRO A 103 -28.79 -12.66 6.69
C PRO A 103 -29.31 -13.26 5.39
N VAL A 104 -28.42 -13.99 4.72
CA VAL A 104 -28.64 -14.73 3.47
C VAL A 104 -28.75 -16.24 3.84
N SER A 105 -29.69 -16.97 3.25
CA SER A 105 -29.85 -18.40 3.53
C SER A 105 -29.27 -19.31 2.45
N ARG A 106 -29.15 -18.82 1.21
CA ARG A 106 -28.66 -19.59 0.07
C ARG A 106 -27.99 -18.73 -0.99
N ILE A 107 -26.93 -19.25 -1.62
CA ILE A 107 -26.28 -18.59 -2.76
C ILE A 107 -26.43 -19.51 -3.97
N ILE A 108 -27.04 -18.97 -5.03
CA ILE A 108 -27.25 -19.73 -6.25
C ILE A 108 -26.52 -19.02 -7.40
N VAL A 109 -25.35 -19.56 -7.77
CA VAL A 109 -24.53 -19.05 -8.85
C VAL A 109 -24.88 -19.85 -10.11
N HIS A 110 -25.05 -19.17 -11.27
CA HIS A 110 -25.35 -19.83 -12.54
C HIS A 110 -24.32 -20.92 -12.79
N PRO A 111 -24.75 -22.15 -13.10
CA PRO A 111 -23.78 -23.24 -13.29
C PRO A 111 -22.74 -23.01 -14.38
N GLN A 112 -23.09 -22.23 -15.42
CA GLN A 112 -22.20 -21.93 -16.55
C GLN A 112 -21.15 -20.85 -16.20
N PHE A 113 -21.13 -20.36 -14.96
CA PHE A 113 -20.19 -19.30 -14.60
C PHE A 113 -18.83 -19.75 -14.15
N TYR A 114 -17.78 -19.20 -14.80
CA TYR A 114 -16.42 -19.38 -14.30
C TYR A 114 -15.75 -18.02 -14.13
N THR A 115 -15.74 -17.21 -15.21
CA THR A 115 -15.21 -15.86 -15.23
C THR A 115 -16.18 -14.92 -15.94
N ALA A 116 -16.13 -13.61 -15.61
CA ALA A 116 -16.93 -12.54 -16.20
C ALA A 116 -16.84 -12.47 -17.75
N GLN A 117 -15.61 -12.54 -18.32
CA GLN A 117 -15.37 -12.47 -19.77
C GLN A 117 -15.91 -13.67 -20.51
N ILE A 118 -16.00 -14.83 -19.83
CA ILE A 118 -16.53 -16.07 -20.42
C ILE A 118 -18.05 -15.91 -20.48
N GLY A 119 -18.63 -15.32 -19.43
CA GLY A 119 -20.06 -15.10 -19.34
C GLY A 119 -20.71 -15.79 -18.17
N ALA A 120 -22.08 -15.70 -18.13
CA ALA A 120 -22.99 -16.23 -17.12
C ALA A 120 -22.67 -15.66 -15.74
N ASP A 121 -22.26 -14.40 -15.70
CA ASP A 121 -21.95 -13.68 -14.47
C ASP A 121 -23.25 -13.16 -13.85
N ILE A 122 -24.00 -14.09 -13.27
CA ILE A 122 -25.29 -13.85 -12.61
C ILE A 122 -25.43 -14.79 -11.39
N ALA A 123 -26.00 -14.28 -10.31
CA ALA A 123 -26.23 -15.03 -9.11
C ALA A 123 -27.48 -14.56 -8.39
N LEU A 124 -28.05 -15.44 -7.56
CA LEU A 124 -29.21 -15.13 -6.74
C LEU A 124 -28.85 -15.38 -5.27
N LEU A 125 -29.33 -14.50 -4.38
CA LEU A 125 -29.19 -14.65 -2.95
C LEU A 125 -30.60 -14.79 -2.41
N GLU A 126 -30.86 -15.87 -1.66
CA GLU A 126 -32.16 -16.09 -1.01
C GLU A 126 -31.99 -15.53 0.40
N LEU A 127 -32.83 -14.56 0.79
CA LEU A 127 -32.70 -13.97 2.13
C LEU A 127 -33.40 -14.87 3.14
N GLU A 128 -32.83 -14.98 4.34
CA GLU A 128 -33.35 -15.80 5.44
C GLU A 128 -34.75 -15.30 5.88
N GLU A 129 -35.03 -14.00 5.68
CA GLU A 129 -36.31 -13.38 6.04
C GLU A 129 -36.83 -12.51 4.88
N PRO A 130 -38.15 -12.52 4.62
CA PRO A 130 -38.66 -11.71 3.53
C PRO A 130 -38.71 -10.23 3.92
N VAL A 131 -38.50 -9.34 2.93
CA VAL A 131 -38.55 -7.91 3.12
C VAL A 131 -39.96 -7.44 2.94
N ASN A 132 -40.47 -6.63 3.89
CA ASN A 132 -41.79 -6.03 3.79
C ASN A 132 -41.57 -4.72 3.02
N VAL A 133 -41.98 -4.76 1.75
CA VAL A 133 -41.81 -3.69 0.78
C VAL A 133 -42.65 -2.45 1.10
N SER A 134 -42.02 -1.31 0.92
CA SER A 134 -42.57 0.02 1.17
C SER A 134 -42.28 0.98 -0.01
N SER A 135 -42.47 2.26 0.26
CA SER A 135 -42.22 3.38 -0.62
C SER A 135 -40.68 3.51 -0.87
N HIS A 136 -39.84 3.37 0.19
CA HIS A 136 -38.39 3.49 0.03
C HIS A 136 -37.72 2.15 -0.34
N VAL A 137 -38.35 1.01 0.01
CA VAL A 137 -37.76 -0.30 -0.28
C VAL A 137 -38.76 -1.21 -1.00
N HIS A 138 -38.57 -1.41 -2.31
CA HIS A 138 -39.41 -2.29 -3.09
C HIS A 138 -38.61 -2.89 -4.26
N THR A 139 -39.21 -3.85 -4.98
CA THR A 139 -38.62 -4.62 -6.08
C THR A 139 -38.54 -3.87 -7.42
N VAL A 140 -37.62 -4.33 -8.28
CA VAL A 140 -37.43 -3.86 -9.64
C VAL A 140 -38.13 -4.85 -10.57
N THR A 141 -38.73 -4.34 -11.66
CA THR A 141 -39.41 -5.20 -12.62
C THR A 141 -38.37 -5.80 -13.59
N LEU A 142 -38.52 -7.11 -13.86
CA LEU A 142 -37.62 -7.74 -14.80
C LEU A 142 -38.24 -7.56 -16.16
N PRO A 143 -37.47 -7.53 -17.26
CA PRO A 143 -38.11 -7.30 -18.57
C PRO A 143 -38.76 -8.55 -19.19
N PRO A 144 -39.59 -8.40 -20.25
CA PRO A 144 -40.03 -9.62 -20.96
C PRO A 144 -38.83 -10.14 -21.80
N ALA A 145 -38.86 -11.41 -22.27
CA ALA A 145 -37.75 -11.95 -23.08
C ALA A 145 -37.55 -11.20 -24.41
N SER A 146 -38.66 -10.73 -25.00
CA SER A 146 -38.76 -9.96 -26.24
C SER A 146 -38.02 -8.61 -26.22
N GLU A 147 -37.73 -8.07 -25.02
CA GLU A 147 -37.07 -6.78 -24.89
C GLU A 147 -35.59 -6.83 -25.30
N THR A 148 -35.22 -5.92 -26.21
CA THR A 148 -33.88 -5.83 -26.79
C THR A 148 -32.98 -4.76 -26.21
N PHE A 149 -33.56 -3.67 -25.65
CA PHE A 149 -32.84 -2.52 -25.10
C PHE A 149 -31.90 -1.87 -26.14
N PRO A 150 -32.47 -1.26 -27.21
CA PRO A 150 -31.60 -0.65 -28.25
C PRO A 150 -31.03 0.74 -27.87
N PRO A 151 -30.00 1.27 -28.59
CA PRO A 151 -29.47 2.62 -28.25
C PRO A 151 -30.57 3.69 -28.30
N GLY A 152 -30.41 4.72 -27.50
CA GLY A 152 -31.41 5.78 -27.41
C GLY A 152 -32.21 5.70 -26.13
N MET A 153 -32.38 4.46 -25.62
CA MET A 153 -33.05 4.07 -24.38
C MET A 153 -32.50 4.88 -23.21
N PRO A 154 -33.34 5.53 -22.39
CA PRO A 154 -32.81 6.25 -21.23
C PRO A 154 -32.43 5.25 -20.12
N CYS A 155 -31.12 4.96 -19.97
CA CYS A 155 -30.67 3.99 -18.98
C CYS A 155 -29.82 4.60 -17.90
N TRP A 156 -29.92 4.02 -16.70
CA TRP A 156 -29.23 4.48 -15.51
C TRP A 156 -28.64 3.29 -14.84
N VAL A 157 -27.45 3.47 -14.27
CA VAL A 157 -26.72 2.46 -13.49
C VAL A 157 -26.45 3.13 -12.14
N THR A 158 -26.55 2.33 -11.06
CA THR A 158 -26.43 2.80 -9.68
C THR A 158 -25.55 1.92 -8.85
N GLY A 159 -24.84 2.54 -7.90
CA GLY A 159 -23.97 1.80 -7.01
C GLY A 159 -23.14 2.65 -6.07
N TRP A 160 -22.39 1.97 -5.20
CA TRP A 160 -21.52 2.55 -4.19
C TRP A 160 -20.04 2.20 -4.48
N GLY A 161 -19.74 1.76 -5.70
CA GLY A 161 -18.40 1.40 -6.10
C GLY A 161 -17.49 2.56 -6.46
N ASP A 162 -16.30 2.25 -6.98
CA ASP A 162 -15.25 3.17 -7.36
C ASP A 162 -15.70 4.34 -8.23
N VAL A 163 -15.23 5.56 -7.89
CA VAL A 163 -15.58 6.82 -8.58
C VAL A 163 -14.78 7.03 -9.85
N ASP A 164 -13.62 6.38 -9.92
CA ASP A 164 -12.71 6.33 -11.08
C ASP A 164 -11.82 5.11 -10.91
N ASN A 165 -10.93 4.82 -11.88
CA ASN A 165 -9.99 3.70 -11.80
C ASN A 165 -9.17 3.80 -10.55
N ASP A 166 -9.20 2.72 -9.73
CA ASP A 166 -8.48 2.59 -8.45
C ASP A 166 -8.73 3.78 -7.49
N GLU A 167 -9.96 4.32 -7.52
CA GLU A 167 -10.41 5.49 -6.76
C GLU A 167 -11.70 5.14 -6.02
N ARG A 168 -11.63 4.92 -4.71
CA ARG A 168 -12.79 4.53 -3.93
C ARG A 168 -13.79 5.68 -3.72
N LEU A 169 -15.06 5.31 -3.46
CA LEU A 169 -16.10 6.27 -3.14
C LEU A 169 -15.76 6.81 -1.74
N PRO A 170 -15.56 8.14 -1.61
CA PRO A 170 -15.16 8.70 -0.32
C PRO A 170 -16.30 8.76 0.69
N PRO A 171 -16.01 8.83 2.02
CA PRO A 171 -17.09 9.04 2.99
C PRO A 171 -17.84 10.34 2.66
N PRO A 172 -19.15 10.51 2.92
CA PRO A 172 -20.08 9.64 3.65
C PRO A 172 -20.71 8.52 2.83
N PHE A 173 -20.06 8.09 1.74
CA PHE A 173 -20.49 6.96 0.91
C PHE A 173 -21.91 7.07 0.30
N PRO A 174 -22.26 8.18 -0.41
CA PRO A 174 -23.61 8.27 -0.98
C PRO A 174 -23.83 7.33 -2.17
N LEU A 175 -25.07 6.82 -2.30
CA LEU A 175 -25.39 6.02 -3.48
C LEU A 175 -25.29 6.96 -4.67
N LYS A 176 -24.55 6.53 -5.71
CA LYS A 176 -24.37 7.32 -6.92
C LYS A 176 -25.17 6.76 -8.11
N GLN A 177 -25.54 7.64 -9.05
CA GLN A 177 -26.30 7.31 -10.26
C GLN A 177 -25.67 7.99 -11.47
N VAL A 178 -25.74 7.35 -12.63
CA VAL A 178 -25.22 7.93 -13.88
C VAL A 178 -26.04 7.43 -15.05
N LYS A 179 -26.46 8.36 -15.94
CA LYS A 179 -27.20 8.00 -17.15
C LYS A 179 -26.17 7.49 -18.16
N VAL A 180 -26.28 6.22 -18.58
CA VAL A 180 -25.32 5.65 -19.53
C VAL A 180 -25.91 5.34 -20.90
N PRO A 181 -25.18 5.65 -21.98
CA PRO A 181 -25.71 5.33 -23.31
C PRO A 181 -25.54 3.86 -23.71
N ILE A 182 -26.64 3.20 -24.16
CA ILE A 182 -26.64 1.81 -24.63
C ILE A 182 -25.98 1.76 -26.01
N MET A 183 -25.07 0.83 -26.20
CA MET A 183 -24.36 0.57 -27.43
C MET A 183 -24.70 -0.86 -27.86
N GLU A 184 -24.92 -1.08 -29.19
CA GLU A 184 -25.22 -2.40 -29.76
C GLU A 184 -24.03 -3.35 -29.56
N ASN A 185 -24.29 -4.66 -29.35
CA ASN A 185 -23.22 -5.65 -29.10
C ASN A 185 -22.11 -5.71 -30.15
N HIS A 186 -22.47 -5.67 -31.46
CA HIS A 186 -21.44 -5.74 -32.49
C HIS A 186 -20.58 -4.48 -32.57
N ILE A 187 -21.19 -3.32 -32.29
CA ILE A 187 -20.55 -2.02 -32.27
C ILE A 187 -19.55 -2.00 -31.11
N CYS A 188 -20.02 -2.42 -29.95
CA CYS A 188 -19.26 -2.53 -28.72
C CYS A 188 -18.12 -3.52 -28.90
N ASP A 189 -18.39 -4.72 -29.45
CA ASP A 189 -17.40 -5.75 -29.75
C ASP A 189 -16.31 -5.19 -30.69
N ALA A 190 -16.68 -4.39 -31.71
CA ALA A 190 -15.73 -3.75 -32.61
C ALA A 190 -14.82 -2.77 -31.84
N LYS A 191 -15.40 -1.99 -30.90
CA LYS A 191 -14.66 -1.02 -30.09
C LYS A 191 -13.63 -1.75 -29.23
N TYR A 192 -14.02 -2.95 -28.69
CA TYR A 192 -13.17 -3.78 -27.82
C TYR A 192 -11.95 -4.31 -28.50
N HIS A 193 -12.04 -4.43 -29.87
CA HIS A 193 -10.96 -4.93 -30.69
C HIS A 193 -9.96 -3.87 -31.07
N LEU A 194 -10.34 -2.58 -30.96
CA LEU A 194 -9.46 -1.44 -31.26
C LEU A 194 -8.33 -1.32 -30.23
N GLY A 195 -7.09 -1.52 -30.70
CA GLY A 195 -5.87 -1.50 -29.89
C GLY A 195 -5.70 -2.77 -29.07
N ALA A 196 -6.16 -3.88 -29.66
CA ALA A 196 -6.13 -5.25 -29.12
C ALA A 196 -5.61 -6.19 -30.20
N TYR A 197 -4.82 -7.21 -29.78
CA TYR A 197 -4.27 -8.17 -30.72
C TYR A 197 -5.31 -9.21 -31.16
N THR A 198 -6.39 -9.38 -30.34
CA THR A 198 -7.48 -10.35 -30.55
C THR A 198 -8.06 -10.21 -31.93
N GLY A 199 -8.15 -11.35 -32.64
CA GLY A 199 -8.69 -11.43 -33.99
C GLY A 199 -10.11 -10.89 -34.05
N ASP A 200 -10.45 -10.18 -35.16
CA ASP A 200 -11.78 -9.56 -35.33
C ASP A 200 -12.92 -10.59 -35.34
N ASP A 201 -12.64 -11.77 -35.88
CA ASP A 201 -13.54 -12.92 -35.91
C ASP A 201 -13.75 -13.55 -34.51
N VAL A 202 -12.89 -13.18 -33.52
CA VAL A 202 -12.97 -13.70 -32.14
C VAL A 202 -13.85 -12.78 -31.29
N ARG A 203 -15.03 -13.27 -30.90
CA ARG A 203 -15.98 -12.48 -30.13
C ARG A 203 -15.56 -12.23 -28.69
N ILE A 204 -15.60 -10.95 -28.26
CA ILE A 204 -15.29 -10.49 -26.89
C ILE A 204 -16.61 -10.26 -26.14
N VAL A 205 -17.49 -9.39 -26.68
CA VAL A 205 -18.81 -9.08 -26.10
C VAL A 205 -19.77 -10.19 -26.56
N ARG A 206 -20.08 -11.12 -25.65
CA ARG A 206 -20.92 -12.29 -25.93
C ARG A 206 -22.41 -11.98 -25.87
N ASP A 207 -23.23 -12.85 -26.46
CA ASP A 207 -24.68 -12.63 -26.61
C ASP A 207 -25.46 -12.54 -25.29
N ASP A 208 -24.88 -13.03 -24.18
CA ASP A 208 -25.47 -12.95 -22.84
C ASP A 208 -25.04 -11.65 -22.17
N MET A 209 -24.34 -10.78 -22.91
CA MET A 209 -23.81 -9.48 -22.43
C MET A 209 -24.47 -8.28 -23.14
N LEU A 210 -24.35 -7.10 -22.52
CA LEU A 210 -24.95 -5.84 -22.93
C LEU A 210 -23.92 -4.70 -22.67
N CYS A 211 -23.90 -3.68 -23.57
CA CYS A 211 -22.93 -2.58 -23.43
C CYS A 211 -23.54 -1.25 -23.12
N ALA A 212 -22.92 -0.51 -22.21
CA ALA A 212 -23.34 0.83 -21.82
C ALA A 212 -22.20 1.61 -21.21
N GLY A 213 -22.15 2.90 -21.54
CA GLY A 213 -21.15 3.82 -21.03
C GLY A 213 -20.28 4.47 -22.09
N ASN A 214 -19.48 5.44 -21.62
CA ASN A 214 -18.50 6.16 -22.42
C ASN A 214 -17.35 6.54 -21.49
N THR A 215 -16.48 7.47 -21.91
CA THR A 215 -15.32 7.87 -21.11
C THR A 215 -15.66 8.79 -19.95
N ARG A 216 -16.91 9.29 -19.90
CA ARG A 216 -17.37 10.21 -18.87
C ARG A 216 -18.39 9.58 -17.94
N ARG A 217 -19.17 8.61 -18.42
CA ARG A 217 -20.26 7.93 -17.69
C ARG A 217 -20.02 6.42 -17.72
N ASP A 218 -19.94 5.77 -16.54
CA ASP A 218 -19.71 4.32 -16.40
C ASP A 218 -19.83 3.82 -14.97
N SER A 219 -19.94 2.49 -14.83
CA SER A 219 -19.94 1.73 -13.58
C SER A 219 -18.45 1.34 -13.36
N CYS A 220 -18.10 0.93 -12.17
CA CYS A 220 -16.72 0.60 -11.87
C CYS A 220 -16.71 -0.53 -10.84
N GLN A 221 -15.53 -0.95 -10.37
CA GLN A 221 -15.36 -1.96 -9.34
C GLN A 221 -16.09 -1.53 -8.10
N GLY A 222 -16.94 -2.40 -7.59
CA GLY A 222 -17.71 -2.20 -6.36
C GLY A 222 -19.14 -1.89 -6.71
N ASP A 223 -19.38 -1.76 -8.03
CA ASP A 223 -20.72 -1.52 -8.60
C ASP A 223 -21.36 -2.84 -9.01
N SER A 224 -20.57 -3.90 -9.20
CA SER A 224 -20.99 -5.24 -9.62
C SER A 224 -22.26 -5.80 -8.97
N GLY A 225 -23.09 -6.47 -9.75
CA GLY A 225 -24.33 -7.05 -9.22
C GLY A 225 -25.43 -6.03 -9.16
N GLY A 226 -25.04 -4.76 -9.24
CA GLY A 226 -25.93 -3.61 -9.22
C GLY A 226 -26.73 -3.52 -10.50
N PRO A 227 -27.83 -2.73 -10.52
CA PRO A 227 -28.68 -2.73 -11.71
C PRO A 227 -28.42 -1.66 -12.77
N LEU A 228 -28.72 -2.05 -14.01
CA LEU A 228 -28.75 -1.17 -15.15
C LEU A 228 -30.22 -1.19 -15.49
N VAL A 229 -30.92 -0.10 -15.20
CA VAL A 229 -32.36 0.02 -15.41
C VAL A 229 -32.67 0.99 -16.53
N CYS A 230 -33.68 0.69 -17.38
CA CYS A 230 -34.10 1.55 -18.49
C CYS A 230 -35.59 1.79 -18.43
N LYS A 231 -36.04 3.00 -18.80
CA LYS A 231 -37.46 3.33 -18.82
C LYS A 231 -38.05 2.85 -20.13
N VAL A 232 -39.00 1.91 -20.04
CA VAL A 232 -39.69 1.28 -21.19
C VAL A 232 -41.18 1.45 -20.92
N ASN A 233 -41.81 2.33 -21.68
CA ASN A 233 -43.24 2.64 -21.60
C ASN A 233 -43.67 2.98 -20.17
N GLY A 234 -42.97 3.96 -19.59
CA GLY A 234 -43.25 4.48 -18.26
C GLY A 234 -42.88 3.61 -17.09
N THR A 235 -42.17 2.48 -17.31
CA THR A 235 -41.73 1.58 -16.22
C THR A 235 -40.27 1.29 -16.30
N TRP A 236 -39.65 1.20 -15.11
CA TRP A 236 -38.24 0.88 -14.96
C TRP A 236 -38.07 -0.63 -15.01
N LEU A 237 -37.31 -1.11 -15.99
CA LEU A 237 -37.01 -2.53 -16.14
C LEU A 237 -35.50 -2.74 -16.00
N GLN A 238 -35.05 -3.77 -15.22
CA GLN A 238 -33.62 -4.06 -15.13
C GLN A 238 -33.11 -4.75 -16.42
N ALA A 239 -32.38 -3.98 -17.26
CA ALA A 239 -31.79 -4.44 -18.51
C ALA A 239 -30.50 -5.24 -18.29
N GLY A 240 -29.71 -4.87 -17.28
CA GLY A 240 -28.49 -5.58 -17.03
C GLY A 240 -28.03 -5.61 -15.61
N VAL A 241 -26.99 -6.42 -15.39
CA VAL A 241 -26.31 -6.60 -14.11
C VAL A 241 -24.82 -6.19 -14.31
N VAL A 242 -24.32 -5.23 -13.51
CA VAL A 242 -22.92 -4.78 -13.58
C VAL A 242 -21.97 -6.00 -13.48
N SER A 243 -21.14 -6.19 -14.55
CA SER A 243 -20.33 -7.38 -14.66
C SER A 243 -18.83 -7.12 -14.82
N TRP A 244 -18.39 -6.58 -15.98
CA TRP A 244 -16.98 -6.33 -16.20
C TRP A 244 -16.74 -5.20 -17.18
N GLY A 245 -15.50 -5.06 -17.59
CA GLY A 245 -15.03 -4.07 -18.56
C GLY A 245 -13.54 -3.86 -18.36
N GLU A 246 -12.82 -3.43 -19.41
CA GLU A 246 -11.39 -3.11 -19.30
C GLU A 246 -11.30 -1.70 -18.68
N GLY A 247 -10.76 -1.61 -17.47
CA GLY A 247 -10.70 -0.36 -16.74
C GLY A 247 -12.06 0.22 -16.42
N CYS A 248 -12.13 1.55 -16.17
CA CYS A 248 -13.38 2.26 -15.88
C CYS A 248 -13.46 3.53 -16.70
N ALA A 249 -14.45 3.58 -17.62
CA ALA A 249 -14.69 4.69 -18.53
C ALA A 249 -13.41 5.01 -19.36
N GLN A 250 -12.89 3.94 -20.00
CA GLN A 250 -11.69 3.98 -20.84
C GLN A 250 -12.04 4.11 -22.30
N PRO A 251 -11.17 4.78 -23.10
CA PRO A 251 -11.46 4.89 -24.54
C PRO A 251 -11.64 3.54 -25.21
N ASN A 252 -12.71 3.43 -26.02
CA ASN A 252 -13.15 2.24 -26.77
C ASN A 252 -13.39 1.00 -25.87
N ARG A 253 -13.67 1.23 -24.57
CA ARG A 253 -13.95 0.16 -23.64
C ARG A 253 -15.26 0.41 -22.85
N PRO A 254 -16.48 0.34 -23.48
CA PRO A 254 -17.72 0.54 -22.69
C PRO A 254 -17.89 -0.56 -21.63
N GLY A 255 -18.66 -0.27 -20.59
CA GLY A 255 -18.90 -1.26 -19.55
C GLY A 255 -19.71 -2.41 -20.08
N ILE A 256 -19.41 -3.64 -19.61
CA ILE A 256 -20.19 -4.83 -20.00
C ILE A 256 -21.07 -5.29 -18.83
N TYR A 257 -22.37 -5.49 -19.12
CA TYR A 257 -23.42 -5.89 -18.18
C TYR A 257 -23.99 -7.23 -18.62
N THR A 258 -24.61 -7.95 -17.68
CA THR A 258 -25.21 -9.25 -17.98
C THR A 258 -26.58 -8.97 -18.56
N ARG A 259 -26.87 -9.53 -19.73
CA ARG A 259 -28.17 -9.32 -20.36
C ARG A 259 -29.18 -10.17 -19.58
N VAL A 260 -30.00 -9.51 -18.75
CA VAL A 260 -31.01 -10.13 -17.89
C VAL A 260 -32.01 -10.99 -18.69
N THR A 261 -32.40 -10.55 -19.92
CA THR A 261 -33.32 -11.33 -20.76
C THR A 261 -32.80 -12.74 -20.97
N TYR A 262 -31.48 -12.89 -21.22
CA TYR A 262 -30.81 -14.15 -21.51
C TYR A 262 -31.02 -15.21 -20.43
N TYR A 263 -31.07 -14.79 -19.15
CA TYR A 263 -31.17 -15.68 -18.00
C TYR A 263 -32.54 -15.67 -17.27
N LEU A 264 -33.60 -15.09 -17.90
CA LEU A 264 -34.94 -15.02 -17.30
C LEU A 264 -35.48 -16.37 -16.85
N ASP A 265 -35.34 -17.39 -17.71
CA ASP A 265 -35.78 -18.76 -17.46
C ASP A 265 -35.11 -19.35 -16.23
N TRP A 266 -33.79 -19.09 -16.07
CA TRP A 266 -33.00 -19.54 -14.92
C TRP A 266 -33.45 -18.82 -13.63
N ILE A 267 -33.52 -17.46 -13.64
CA ILE A 267 -33.99 -16.67 -12.50
C ILE A 267 -35.34 -17.22 -12.06
N HIS A 268 -36.29 -17.35 -12.99
CA HIS A 268 -37.65 -17.77 -12.64
C HIS A 268 -37.78 -19.26 -12.28
N HIS A 269 -36.69 -20.04 -12.36
CA HIS A 269 -36.74 -21.42 -11.87
C HIS A 269 -36.74 -21.39 -10.30
N TYR A 270 -36.14 -20.35 -9.73
CA TYR A 270 -35.99 -20.12 -8.29
C TYR A 270 -36.91 -19.02 -7.80
N VAL A 271 -36.96 -17.88 -8.52
CA VAL A 271 -37.73 -16.71 -8.12
C VAL A 271 -39.20 -16.71 -8.64
N PRO A 272 -40.18 -16.72 -7.68
CA PRO A 272 -41.61 -16.71 -8.08
C PRO A 272 -42.01 -15.61 -9.05
N LYS A 273 -42.75 -15.96 -10.14
CA LYS A 273 -43.21 -14.99 -11.15
C LYS A 273 -44.22 -13.98 -10.61
N ILE B 31 -8.86 6.21 19.35
CA ILE B 31 -9.02 5.82 20.75
C ILE B 31 -8.89 4.28 20.94
N VAL B 32 -7.84 3.84 21.68
CA VAL B 32 -7.54 2.44 22.03
C VAL B 32 -8.28 2.12 23.30
N GLY B 33 -9.15 1.12 23.22
CA GLY B 33 -10.01 0.74 24.34
C GLY B 33 -11.21 1.67 24.33
N GLY B 34 -12.01 1.63 25.38
CA GLY B 34 -13.16 2.52 25.46
C GLY B 34 -14.26 2.36 24.43
N GLN B 35 -15.37 3.07 24.66
CA GLN B 35 -16.58 2.95 23.88
C GLN B 35 -16.95 4.20 23.09
N GLU B 36 -18.07 4.11 22.36
CA GLU B 36 -18.63 5.17 21.55
C GLU B 36 -19.30 6.17 22.50
N ALA B 37 -19.01 7.46 22.32
CA ALA B 37 -19.53 8.51 23.18
C ALA B 37 -21.03 8.77 22.98
N PRO B 38 -21.82 9.06 24.06
CA PRO B 38 -23.23 9.40 23.86
C PRO B 38 -23.35 10.76 23.18
N ARG B 39 -24.47 11.01 22.47
CA ARG B 39 -24.70 12.25 21.71
C ARG B 39 -24.50 13.53 22.54
N SER B 40 -24.95 13.49 23.79
CA SER B 40 -24.87 14.55 24.79
C SER B 40 -23.43 14.97 25.15
N LYS B 41 -22.62 14.02 25.68
CA LYS B 41 -21.24 14.15 26.15
C LYS B 41 -20.28 14.83 25.16
N TRP B 42 -19.21 15.47 25.71
CA TRP B 42 -18.10 16.17 25.03
C TRP B 42 -18.55 17.16 23.96
N PRO B 43 -19.30 18.24 24.33
CA PRO B 43 -19.75 19.21 23.33
C PRO B 43 -18.67 20.11 22.70
N TRP B 44 -17.48 20.17 23.32
CA TRP B 44 -16.33 20.98 22.93
C TRP B 44 -15.44 20.31 21.89
N GLN B 45 -15.64 19.03 21.67
CA GLN B 45 -14.89 18.19 20.71
C GLN B 45 -15.00 18.67 19.24
N VAL B 46 -13.86 18.98 18.61
CA VAL B 46 -13.81 19.35 17.19
C VAL B 46 -12.98 18.34 16.41
N SER B 47 -13.19 18.31 15.08
CA SER B 47 -12.51 17.45 14.15
C SER B 47 -11.80 18.36 13.15
N LEU B 48 -10.47 18.22 12.99
CA LEU B 48 -9.71 18.99 12.00
C LEU B 48 -9.70 18.22 10.71
N ARG B 49 -9.97 18.92 9.61
CA ARG B 49 -10.06 18.29 8.29
C ARG B 49 -9.01 18.80 7.32
N VAL B 50 -8.68 17.96 6.33
CA VAL B 50 -7.72 18.28 5.29
C VAL B 50 -8.31 17.99 3.89
N HIS B 51 -8.13 18.93 2.94
CA HIS B 51 -8.64 18.78 1.60
C HIS B 51 -8.08 17.58 0.90
N GLY B 52 -8.83 17.07 -0.06
CA GLY B 52 -8.46 15.88 -0.82
C GLY B 52 -9.69 15.35 -1.50
N PRO B 53 -9.79 14.03 -1.74
CA PRO B 53 -10.99 13.50 -2.41
C PRO B 53 -12.25 13.79 -1.58
N TYR B 54 -12.01 14.10 -0.30
CA TYR B 54 -12.98 14.53 0.71
C TYR B 54 -12.21 15.23 1.84
N TRP B 55 -12.95 16.01 2.64
CA TRP B 55 -12.39 16.73 3.78
C TRP B 55 -12.20 15.73 4.89
N MET B 56 -11.07 15.02 4.82
CA MET B 56 -10.72 13.96 5.74
C MET B 56 -10.25 14.41 7.10
N HIS B 57 -10.68 13.67 8.13
CA HIS B 57 -10.24 13.86 9.50
C HIS B 57 -8.74 13.53 9.64
N PHE B 58 -8.00 14.35 10.42
CA PHE B 58 -6.58 14.09 10.68
C PHE B 58 -6.12 14.40 12.12
N CYS B 59 -6.92 15.16 12.87
CA CYS B 59 -6.63 15.59 14.25
C CYS B 59 -7.91 16.04 14.88
N GLY B 60 -7.82 16.28 16.17
CA GLY B 60 -8.93 16.80 16.95
C GLY B 60 -8.54 18.08 17.65
N GLY B 61 -9.46 18.63 18.38
CA GLY B 61 -9.19 19.85 19.09
C GLY B 61 -10.37 20.14 19.97
N SER B 62 -10.30 21.25 20.71
CA SER B 62 -11.41 21.62 21.58
C SER B 62 -11.81 23.07 21.43
N LEU B 63 -13.12 23.33 21.49
CA LEU B 63 -13.66 24.68 21.42
C LEU B 63 -13.45 25.26 22.81
N ILE B 64 -12.56 26.25 22.94
CA ILE B 64 -12.23 26.87 24.22
C ILE B 64 -12.82 28.28 24.34
N HIS B 65 -13.34 28.81 23.21
CA HIS B 65 -13.97 30.12 23.05
C HIS B 65 -14.83 30.08 21.78
N PRO B 66 -15.95 30.84 21.68
CA PRO B 66 -16.73 30.80 20.42
C PRO B 66 -15.95 31.16 19.15
N GLN B 67 -14.73 31.76 19.26
CA GLN B 67 -13.92 32.08 18.08
C GLN B 67 -12.56 31.31 18.05
N TRP B 68 -12.32 30.40 19.01
CA TRP B 68 -11.05 29.69 19.16
C TRP B 68 -11.13 28.22 19.44
N VAL B 69 -10.18 27.47 18.86
CA VAL B 69 -10.07 26.02 18.98
C VAL B 69 -8.64 25.72 19.41
N LEU B 70 -8.48 24.87 20.43
CA LEU B 70 -7.21 24.47 21.02
C LEU B 70 -6.84 23.11 20.49
N THR B 71 -5.64 22.98 19.90
CA THR B 71 -5.16 21.75 19.28
C THR B 71 -3.69 21.55 19.59
N ALA B 72 -3.07 20.47 19.10
CA ALA B 72 -1.65 20.19 19.25
C ALA B 72 -0.94 20.80 18.02
N ALA B 73 0.27 21.34 18.25
CA ALA B 73 1.11 22.00 17.25
C ALA B 73 1.56 21.06 16.15
N HIS B 74 1.90 19.83 16.49
CA HIS B 74 2.34 18.85 15.50
C HIS B 74 1.29 18.56 14.41
N CYS B 75 -0.01 18.84 14.68
CA CYS B 75 -1.11 18.68 13.73
C CYS B 75 -1.00 19.66 12.56
N VAL B 76 -0.55 20.88 12.89
CA VAL B 76 -0.46 22.04 12.02
C VAL B 76 0.97 22.64 11.90
N GLY B 77 2.00 21.91 12.30
CA GLY B 77 3.36 22.45 12.25
C GLY B 77 4.48 21.42 12.33
N PRO B 78 5.76 21.85 12.46
CA PRO B 78 6.28 23.24 12.58
C PRO B 78 6.24 24.04 11.27
N ASP B 79 6.12 23.34 10.14
CA ASP B 79 6.05 23.94 8.80
C ASP B 79 4.76 24.75 8.64
N VAL B 80 4.86 25.86 7.91
CA VAL B 80 3.73 26.74 7.65
C VAL B 80 2.73 26.06 6.70
N LYS B 81 1.45 26.09 7.07
CA LYS B 81 0.39 25.43 6.36
C LYS B 81 -0.56 26.41 5.64
N ASP B 82 -1.05 25.98 4.45
CA ASP B 82 -2.02 26.74 3.67
C ASP B 82 -3.37 26.57 4.34
N LEU B 83 -4.02 27.70 4.70
CA LEU B 83 -5.31 27.63 5.38
C LEU B 83 -6.41 27.15 4.48
N ALA B 84 -6.21 27.21 3.14
CA ALA B 84 -7.18 26.71 2.14
C ALA B 84 -7.40 25.21 2.35
N ALA B 85 -6.37 24.53 2.86
CA ALA B 85 -6.33 23.09 3.11
C ALA B 85 -6.86 22.64 4.48
N LEU B 86 -7.50 23.56 5.23
CA LEU B 86 -7.97 23.23 6.58
C LEU B 86 -9.34 23.72 6.87
N ARG B 87 -10.15 22.88 7.54
CA ARG B 87 -11.48 23.25 8.03
C ARG B 87 -11.69 22.60 9.40
N VAL B 88 -12.56 23.20 10.20
CA VAL B 88 -12.93 22.72 11.54
C VAL B 88 -14.38 22.24 11.48
N GLN B 89 -14.66 21.09 12.14
CA GLN B 89 -15.99 20.51 12.20
C GLN B 89 -16.36 20.38 13.67
N LEU B 90 -17.46 21.03 14.06
CA LEU B 90 -17.92 21.01 15.44
C LEU B 90 -18.54 19.68 15.82
N ARG B 91 -18.75 19.49 17.13
CA ARG B 91 -19.27 18.27 17.71
C ARG B 91 -20.50 17.73 16.98
N GLU B 92 -20.32 16.53 16.45
CA GLU B 92 -21.28 15.67 15.74
C GLU B 92 -20.89 14.23 16.17
N GLN B 93 -21.83 13.29 16.08
CA GLN B 93 -21.57 11.93 16.52
C GLN B 93 -20.63 11.16 15.58
N HIS B 94 -20.86 11.27 14.25
CA HIS B 94 -20.08 10.56 13.24
C HIS B 94 -19.48 11.50 12.26
N LEU B 95 -18.30 11.15 11.73
CA LEU B 95 -17.63 11.97 10.74
C LEU B 95 -18.34 11.89 9.40
N TYR B 96 -18.31 13.00 8.66
CA TYR B 96 -18.75 13.17 7.28
C TYR B 96 -20.26 13.05 7.03
N TYR B 97 -21.04 12.40 7.92
CA TYR B 97 -22.47 12.20 7.67
C TYR B 97 -23.28 13.49 7.81
N GLN B 98 -22.96 14.38 8.76
CA GLN B 98 -23.71 15.63 8.78
C GLN B 98 -22.76 16.80 9.02
N ASP B 99 -21.90 17.05 8.04
CA ASP B 99 -20.86 18.05 8.08
C ASP B 99 -21.29 19.43 7.68
N GLN B 100 -20.74 20.44 8.40
CA GLN B 100 -20.84 21.90 8.12
C GLN B 100 -19.45 22.43 8.48
N LEU B 101 -18.59 22.47 7.48
CA LEU B 101 -17.17 22.81 7.64
C LEU B 101 -16.94 24.27 7.84
N LEU B 102 -16.24 24.60 8.92
CA LEU B 102 -15.97 25.98 9.25
C LEU B 102 -14.58 26.47 8.85
N PRO B 103 -14.48 27.63 8.21
CA PRO B 103 -13.13 28.12 7.85
C PRO B 103 -12.37 28.68 9.06
N VAL B 104 -11.05 28.56 8.97
CA VAL B 104 -10.06 29.04 9.93
C VAL B 104 -9.43 30.33 9.36
N SER B 105 -9.23 31.36 10.18
CA SER B 105 -8.62 32.60 9.72
C SER B 105 -7.16 32.76 10.11
N ARG B 106 -6.69 32.06 11.17
CA ARG B 106 -5.33 32.17 11.69
C ARG B 106 -4.86 30.92 12.38
N ILE B 107 -3.58 30.58 12.20
CA ILE B 107 -2.98 29.43 12.92
C ILE B 107 -1.88 29.99 13.81
N ILE B 108 -1.98 29.72 15.11
CA ILE B 108 -0.98 30.20 16.05
C ILE B 108 -0.33 29.01 16.74
N VAL B 109 0.87 28.66 16.31
CA VAL B 109 1.65 27.56 16.89
C VAL B 109 2.63 28.15 17.94
N HIS B 110 2.74 27.50 19.12
CA HIS B 110 3.65 27.96 20.17
C HIS B 110 5.05 28.14 19.58
N PRO B 111 5.70 29.30 19.80
CA PRO B 111 7.04 29.53 19.21
C PRO B 111 8.12 28.53 19.59
N GLN B 112 8.01 27.92 20.79
CA GLN B 112 8.97 26.95 21.34
C GLN B 112 8.77 25.56 20.74
N PHE B 113 7.79 25.41 19.81
CA PHE B 113 7.52 24.10 19.23
C PHE B 113 8.37 23.72 18.03
N TYR B 114 9.00 22.53 18.11
CA TYR B 114 9.64 21.98 16.92
C TYR B 114 9.12 20.56 16.68
N THR B 115 9.21 19.69 17.73
CA THR B 115 8.71 18.32 17.74
C THR B 115 7.98 18.03 19.06
N ALA B 116 7.06 17.05 19.03
CA ALA B 116 6.27 16.58 20.18
C ALA B 116 7.12 16.17 21.43
N GLN B 117 8.20 15.36 21.20
CA GLN B 117 9.09 14.87 22.25
C GLN B 117 9.90 15.97 22.88
N ILE B 118 10.16 17.07 22.12
CA ILE B 118 10.90 18.22 22.63
C ILE B 118 9.95 18.99 23.54
N GLY B 119 8.70 19.11 23.11
CA GLY B 119 7.68 19.80 23.89
C GLY B 119 7.06 20.96 23.13
N ALA B 120 6.20 21.72 23.85
CA ALA B 120 5.43 22.88 23.42
C ALA B 120 4.53 22.53 22.27
N ASP B 121 3.99 21.31 22.29
CA ASP B 121 3.08 20.81 21.26
C ASP B 121 1.66 21.30 21.57
N ILE B 122 1.45 22.60 21.30
CA ILE B 122 0.20 23.30 21.51
C ILE B 122 0.01 24.34 20.40
N ALA B 123 -1.24 24.50 19.93
CA ALA B 123 -1.58 25.46 18.89
C ALA B 123 -3.00 25.97 19.07
N LEU B 124 -3.29 27.12 18.49
CA LEU B 124 -4.61 27.75 18.50
C LEU B 124 -5.05 28.00 17.05
N LEU B 125 -6.33 27.75 16.78
CA LEU B 125 -6.93 28.07 15.50
C LEU B 125 -8.00 29.15 15.77
N GLU B 126 -7.90 30.29 15.05
CA GLU B 126 -8.89 31.35 15.16
C GLU B 126 -9.89 31.09 14.05
N LEU B 127 -11.17 30.95 14.39
CA LEU B 127 -12.17 30.67 13.35
C LEU B 127 -12.60 31.98 12.69
N GLU B 128 -12.86 31.94 11.39
CA GLU B 128 -13.27 33.09 10.57
C GLU B 128 -14.62 33.66 11.10
N GLU B 129 -15.48 32.77 11.67
CA GLU B 129 -16.80 33.16 12.20
C GLU B 129 -16.99 32.60 13.62
N PRO B 130 -17.62 33.36 14.53
CA PRO B 130 -17.86 32.80 15.86
C PRO B 130 -19.00 31.79 15.86
N VAL B 131 -18.83 30.68 16.60
CA VAL B 131 -19.83 29.63 16.68
C VAL B 131 -20.94 30.06 17.65
N ASN B 132 -22.20 29.77 17.27
CA ASN B 132 -23.35 30.06 18.13
C ASN B 132 -23.47 28.84 19.07
N VAL B 133 -22.98 29.01 20.32
CA VAL B 133 -22.98 27.96 21.36
C VAL B 133 -24.40 27.52 21.74
N SER B 134 -24.53 26.22 22.01
CA SER B 134 -25.76 25.54 22.35
C SER B 134 -25.52 24.40 23.34
N SER B 135 -26.56 23.58 23.51
CA SER B 135 -26.61 22.41 24.36
C SER B 135 -25.64 21.33 23.79
N HIS B 136 -25.64 21.11 22.45
CA HIS B 136 -24.76 20.12 21.85
C HIS B 136 -23.36 20.67 21.49
N VAL B 137 -23.24 22.00 21.27
CA VAL B 137 -21.96 22.61 20.91
C VAL B 137 -21.61 23.78 21.83
N HIS B 138 -20.66 23.58 22.76
CA HIS B 138 -20.21 24.63 23.67
C HIS B 138 -18.77 24.39 24.08
N THR B 139 -18.18 25.38 24.79
CA THR B 139 -16.78 25.40 25.22
C THR B 139 -16.43 24.53 26.43
N VAL B 140 -15.14 24.17 26.54
CA VAL B 140 -14.58 23.44 27.67
C VAL B 140 -13.88 24.47 28.58
N THR B 141 -13.92 24.24 29.89
CA THR B 141 -13.25 25.12 30.84
C THR B 141 -11.76 24.79 30.95
N LEU B 142 -10.91 25.80 30.93
CA LEU B 142 -9.48 25.59 31.11
C LEU B 142 -9.23 25.59 32.62
N PRO B 143 -8.20 24.91 33.12
CA PRO B 143 -8.00 24.89 34.58
C PRO B 143 -7.32 26.11 35.19
N PRO B 144 -7.30 26.29 36.54
CA PRO B 144 -6.44 27.35 37.12
C PRO B 144 -4.98 26.86 37.03
N ALA B 145 -3.98 27.74 37.17
CA ALA B 145 -2.56 27.34 37.10
C ALA B 145 -2.16 26.38 38.21
N SER B 146 -2.76 26.58 39.42
CA SER B 146 -2.58 25.80 40.64
C SER B 146 -2.97 24.31 40.50
N GLU B 147 -3.77 23.95 39.46
CA GLU B 147 -4.23 22.58 39.26
C GLU B 147 -3.12 21.67 38.80
N THR B 148 -2.94 20.56 39.52
CA THR B 148 -1.88 19.60 39.28
C THR B 148 -2.32 18.34 38.56
N PHE B 149 -3.62 17.95 38.66
CA PHE B 149 -4.18 16.71 38.06
C PHE B 149 -3.43 15.46 38.53
N PRO B 150 -3.55 15.13 39.85
CA PRO B 150 -2.82 13.97 40.40
C PRO B 150 -3.47 12.62 40.11
N PRO B 151 -2.77 11.46 40.24
CA PRO B 151 -3.43 10.15 40.00
C PRO B 151 -4.70 9.98 40.83
N GLY B 152 -5.65 9.24 40.30
CA GLY B 152 -6.92 9.00 40.99
C GLY B 152 -8.05 9.77 40.33
N MET B 153 -7.71 10.93 39.83
CA MET B 153 -8.66 11.78 39.21
C MET B 153 -9.37 11.05 38.13
N PRO B 154 -10.71 11.39 37.99
CA PRO B 154 -11.41 10.68 36.94
C PRO B 154 -11.28 11.41 35.60
N CYS B 155 -10.34 11.02 34.76
CA CYS B 155 -10.14 11.67 33.47
C CYS B 155 -10.62 10.84 32.24
N TRP B 156 -10.91 11.48 31.12
CA TRP B 156 -11.40 10.92 29.87
C TRP B 156 -10.73 11.62 28.73
N VAL B 157 -10.40 10.86 27.68
CA VAL B 157 -9.81 11.34 26.45
C VAL B 157 -10.78 10.92 25.33
N THR B 158 -10.97 11.82 24.35
CA THR B 158 -11.95 11.63 23.29
C THR B 158 -11.38 11.94 21.93
N GLY B 159 -11.82 11.20 20.91
CA GLY B 159 -11.36 11.41 19.55
C GLY B 159 -11.89 10.45 18.52
N TRP B 160 -11.55 10.68 17.26
CA TRP B 160 -11.94 9.88 16.10
C TRP B 160 -10.70 9.18 15.47
N GLY B 161 -9.59 9.12 16.22
CA GLY B 161 -8.34 8.52 15.77
C GLY B 161 -8.32 7.01 15.85
N ASP B 162 -7.14 6.43 15.54
CA ASP B 162 -6.84 5.01 15.49
C ASP B 162 -7.30 4.20 16.71
N VAL B 163 -7.94 3.05 16.47
CA VAL B 163 -8.51 2.16 17.49
C VAL B 163 -7.46 1.26 18.13
N ASP B 164 -6.36 1.06 17.42
CA ASP B 164 -5.17 0.33 17.87
C ASP B 164 -4.00 0.77 16.97
N ASN B 165 -2.78 0.25 17.22
CA ASN B 165 -1.61 0.56 16.41
C ASN B 165 -1.88 0.23 14.95
N ASP B 166 -1.70 1.24 14.08
CA ASP B 166 -1.92 1.18 12.62
C ASP B 166 -3.31 0.57 12.25
N GLU B 167 -4.34 0.89 13.07
CA GLU B 167 -5.69 0.40 12.93
C GLU B 167 -6.65 1.59 12.96
N ARG B 168 -7.24 1.92 11.81
CA ARG B 168 -8.13 3.08 11.70
C ARG B 168 -9.49 2.85 12.35
N LEU B 169 -10.16 3.95 12.73
CA LEU B 169 -11.54 3.90 13.23
C LEU B 169 -12.42 3.55 11.99
N PRO B 170 -13.16 2.42 12.04
CA PRO B 170 -13.95 2.01 10.87
C PRO B 170 -15.22 2.85 10.66
N PRO B 171 -15.81 2.89 9.43
CA PRO B 171 -17.09 3.60 9.24
C PRO B 171 -18.14 2.93 10.15
N PRO B 172 -19.15 3.64 10.71
CA PRO B 172 -19.56 5.03 10.46
C PRO B 172 -18.81 6.10 11.23
N PHE B 173 -17.59 5.82 11.68
CA PHE B 173 -16.71 6.80 12.36
C PHE B 173 -17.30 7.45 13.64
N PRO B 174 -17.76 6.67 14.64
CA PRO B 174 -18.29 7.31 15.85
C PRO B 174 -17.23 7.95 16.74
N LEU B 175 -17.57 9.07 17.41
CA LEU B 175 -16.63 9.67 18.35
C LEU B 175 -16.48 8.67 19.47
N LYS B 176 -15.23 8.36 19.81
CA LYS B 176 -14.91 7.39 20.88
C LYS B 176 -14.38 8.08 22.17
N GLN B 177 -14.62 7.46 23.32
CA GLN B 177 -14.23 7.95 24.65
C GLN B 177 -13.60 6.83 25.45
N VAL B 178 -12.61 7.14 26.31
CA VAL B 178 -11.95 6.15 27.15
C VAL B 178 -11.50 6.82 28.44
N LYS B 179 -11.81 6.17 29.58
CA LYS B 179 -11.38 6.67 30.88
C LYS B 179 -9.89 6.26 31.02
N VAL B 180 -8.98 7.22 31.15
CA VAL B 180 -7.56 6.91 31.30
C VAL B 180 -6.97 7.25 32.69
N PRO B 181 -6.12 6.37 33.25
CA PRO B 181 -5.53 6.66 34.57
C PRO B 181 -4.34 7.62 34.49
N ILE B 182 -4.35 8.67 35.33
CA ILE B 182 -3.27 9.67 35.39
C ILE B 182 -2.09 9.07 36.15
N MET B 183 -0.90 9.24 35.60
CA MET B 183 0.36 8.80 36.17
C MET B 183 1.25 10.04 36.40
N GLU B 184 1.97 10.11 37.54
CA GLU B 184 2.90 11.20 37.85
C GLU B 184 4.06 11.24 36.85
N ASN B 185 4.58 12.44 36.55
CA ASN B 185 5.65 12.62 35.55
C ASN B 185 6.91 11.80 35.80
N HIS B 186 7.42 11.72 37.05
CA HIS B 186 8.64 10.96 37.34
C HIS B 186 8.43 9.47 37.20
N ILE B 187 7.21 8.98 37.55
CA ILE B 187 6.80 7.58 37.49
C ILE B 187 6.73 7.19 36.02
N CYS B 188 6.07 8.04 35.24
CA CYS B 188 5.92 7.89 33.80
C CYS B 188 7.27 7.92 33.11
N ASP B 189 8.16 8.86 33.51
CA ASP B 189 9.49 9.01 32.97
C ASP B 189 10.27 7.73 33.20
N ALA B 190 10.17 7.16 34.43
CA ALA B 190 10.84 5.93 34.79
C ALA B 190 10.36 4.77 33.91
N LYS B 191 9.03 4.71 33.61
CA LYS B 191 8.45 3.65 32.79
C LYS B 191 9.01 3.73 31.37
N TYR B 192 9.15 4.97 30.85
CA TYR B 192 9.66 5.26 29.51
C TYR B 192 11.10 4.84 29.30
N HIS B 193 11.87 4.70 30.41
CA HIS B 193 13.27 4.28 30.42
C HIS B 193 13.42 2.78 30.43
N LEU B 194 12.35 2.04 30.83
CA LEU B 194 12.35 0.57 30.88
C LEU B 194 12.37 -0.01 29.46
N GLY B 195 13.44 -0.73 29.13
CA GLY B 195 13.65 -1.32 27.80
C GLY B 195 14.09 -0.30 26.76
N ALA B 196 14.84 0.71 27.24
CA ALA B 196 15.39 1.82 26.48
C ALA B 196 16.85 2.02 26.85
N TYR B 197 17.69 2.40 25.88
CA TYR B 197 19.10 2.64 26.13
C TYR B 197 19.35 3.99 26.84
N THR B 198 18.39 4.92 26.72
CA THR B 198 18.45 6.29 27.25
C THR B 198 18.80 6.28 28.72
N GLY B 199 19.79 7.10 29.08
CA GLY B 199 20.26 7.25 30.46
C GLY B 199 19.15 7.67 31.39
N ASP B 200 19.14 7.14 32.62
CA ASP B 200 18.11 7.42 33.62
C ASP B 200 18.04 8.89 34.03
N ASP B 201 19.20 9.55 34.03
CA ASP B 201 19.34 10.96 34.31
C ASP B 201 18.79 11.84 33.16
N VAL B 202 18.56 11.25 31.96
CA VAL B 202 18.07 11.94 30.75
C VAL B 202 16.54 11.93 30.75
N ARG B 203 15.94 13.12 30.94
CA ARG B 203 14.50 13.26 31.03
C ARG B 203 13.80 13.09 29.68
N ILE B 204 12.77 12.20 29.63
CA ILE B 204 11.92 11.93 28.48
C ILE B 204 10.59 12.69 28.65
N VAL B 205 9.93 12.52 29.81
CA VAL B 205 8.66 13.20 30.09
C VAL B 205 8.97 14.54 30.69
N ARG B 206 8.77 15.59 29.89
CA ARG B 206 9.14 16.95 30.32
C ARG B 206 8.03 17.64 31.14
N ASP B 207 8.40 18.68 31.89
CA ASP B 207 7.50 19.35 32.83
C ASP B 207 6.25 20.01 32.19
N ASP B 208 6.28 20.27 30.88
CA ASP B 208 5.15 20.81 30.12
C ASP B 208 4.26 19.65 29.60
N MET B 209 4.56 18.40 30.03
CA MET B 209 3.84 17.21 29.62
C MET B 209 3.13 16.54 30.82
N LEU B 210 2.18 15.64 30.52
CA LEU B 210 1.32 14.92 31.43
C LEU B 210 1.13 13.50 30.92
N CYS B 211 1.06 12.51 31.85
CA CYS B 211 0.90 11.10 31.46
C CYS B 211 -0.41 10.48 31.84
N ALA B 212 -0.99 9.71 30.91
CA ALA B 212 -2.25 9.00 31.11
C ALA B 212 -2.39 7.81 30.16
N GLY B 213 -2.93 6.73 30.69
CA GLY B 213 -3.19 5.52 29.92
C GLY B 213 -2.48 4.28 30.45
N ASN B 214 -2.84 3.14 29.86
CA ASN B 214 -2.27 1.83 30.16
C ASN B 214 -2.33 1.00 28.90
N THR B 215 -2.13 -0.32 28.99
CA THR B 215 -2.14 -1.19 27.80
C THR B 215 -3.51 -1.48 27.24
N ARG B 216 -4.56 -1.11 27.98
CA ARG B 216 -5.95 -1.34 27.57
C ARG B 216 -6.69 -0.06 27.19
N ARG B 217 -6.33 1.08 27.80
CA ARG B 217 -6.95 2.39 27.61
C ARG B 217 -5.90 3.40 27.17
N ASP B 218 -6.12 4.07 26.02
CA ASP B 218 -5.20 5.08 25.47
C ASP B 218 -5.74 5.82 24.23
N SER B 219 -5.09 6.98 23.91
CA SER B 219 -5.30 7.77 22.72
C SER B 219 -4.32 7.22 21.65
N CYS B 220 -4.52 7.55 20.40
CA CYS B 220 -3.68 7.03 19.34
C CYS B 220 -3.59 8.07 18.24
N GLN B 221 -2.87 7.76 17.14
CA GLN B 221 -2.74 8.62 15.97
C GLN B 221 -4.11 9.02 15.44
N GLY B 222 -4.29 10.32 15.25
CA GLY B 222 -5.53 10.91 14.79
C GLY B 222 -6.32 11.53 15.90
N ASP B 223 -5.95 11.20 17.16
CA ASP B 223 -6.59 11.72 18.36
C ASP B 223 -5.96 13.03 18.76
N SER B 224 -4.71 13.29 18.26
CA SER B 224 -3.88 14.49 18.53
C SER B 224 -4.67 15.77 18.55
N GLY B 225 -4.29 16.69 19.42
CA GLY B 225 -5.03 17.93 19.59
C GLY B 225 -6.31 17.80 20.38
N GLY B 226 -6.85 16.58 20.52
CA GLY B 226 -8.07 16.28 21.25
C GLY B 226 -7.94 16.54 22.73
N PRO B 227 -9.05 16.62 23.51
CA PRO B 227 -8.91 16.91 24.93
C PRO B 227 -8.79 15.73 25.87
N LEU B 228 -8.06 15.98 26.97
CA LEU B 228 -7.98 15.12 28.12
C LEU B 228 -8.67 15.95 29.17
N VAL B 229 -9.89 15.58 29.50
CA VAL B 229 -10.69 16.31 30.48
C VAL B 229 -10.82 15.50 31.78
N CYS B 230 -10.77 16.20 32.94
CA CYS B 230 -10.92 15.57 34.27
C CYS B 230 -11.97 16.31 35.05
N LYS B 231 -12.75 15.57 35.86
CA LYS B 231 -13.79 16.18 36.72
C LYS B 231 -13.12 16.67 38.00
N VAL B 232 -13.15 18.00 38.21
CA VAL B 232 -12.57 18.69 39.37
C VAL B 232 -13.68 19.50 40.02
N ASN B 233 -14.15 19.04 41.20
CA ASN B 233 -15.23 19.66 41.97
C ASN B 233 -16.48 19.91 41.10
N GLY B 234 -16.95 18.87 40.45
CA GLY B 234 -18.16 18.90 39.63
C GLY B 234 -18.07 19.60 38.29
N THR B 235 -16.86 20.00 37.86
CA THR B 235 -16.67 20.63 36.53
C THR B 235 -15.60 19.96 35.73
N TRP B 236 -15.82 19.87 34.41
CA TRP B 236 -14.90 19.29 33.46
C TRP B 236 -13.88 20.35 33.09
N LEU B 237 -12.61 20.06 33.37
CA LEU B 237 -11.52 20.96 33.04
C LEU B 237 -10.60 20.24 32.06
N GLN B 238 -10.15 20.93 30.97
CA GLN B 238 -9.19 20.32 30.07
C GLN B 238 -7.83 20.29 30.70
N ALA B 239 -7.45 19.10 31.20
CA ALA B 239 -6.14 18.85 31.79
C ALA B 239 -5.00 18.85 30.75
N GLY B 240 -5.23 18.20 29.61
CA GLY B 240 -4.22 18.04 28.58
C GLY B 240 -4.68 18.03 27.16
N VAL B 241 -3.69 18.06 26.25
CA VAL B 241 -3.90 18.03 24.81
C VAL B 241 -3.12 16.81 24.30
N VAL B 242 -3.81 15.82 23.67
CA VAL B 242 -3.17 14.63 23.08
C VAL B 242 -1.92 15.07 22.28
N SER B 243 -0.74 14.59 22.68
CA SER B 243 0.53 14.99 22.09
C SER B 243 1.23 13.86 21.32
N TRP B 244 1.76 12.86 22.04
CA TRP B 244 2.55 11.76 21.48
C TRP B 244 2.56 10.54 22.39
N GLY B 245 3.47 9.60 22.12
CA GLY B 245 3.70 8.38 22.87
C GLY B 245 4.37 7.35 21.98
N GLU B 246 5.09 6.39 22.56
CA GLU B 246 5.72 5.30 21.80
C GLU B 246 4.60 4.27 21.57
N GLY B 247 4.19 4.11 20.30
CA GLY B 247 3.10 3.22 19.94
C GLY B 247 1.78 3.65 20.54
N CYS B 248 0.81 2.71 20.65
CA CYS B 248 -0.51 2.97 21.23
C CYS B 248 -0.86 1.88 22.23
N ALA B 249 -0.98 2.28 23.51
CA ALA B 249 -1.29 1.38 24.63
C ALA B 249 -0.26 0.24 24.72
N GLN B 250 1.03 0.63 24.74
CA GLN B 250 2.15 -0.29 24.78
C GLN B 250 2.67 -0.44 26.19
N PRO B 251 3.21 -1.63 26.55
CA PRO B 251 3.75 -1.81 27.90
C PRO B 251 4.81 -0.77 28.23
N ASN B 252 4.66 -0.14 29.43
CA ASN B 252 5.53 0.88 30.03
C ASN B 252 5.65 2.12 29.18
N ARG B 253 4.65 2.36 28.31
CA ARG B 253 4.62 3.54 27.44
C ARG B 253 3.28 4.31 27.54
N PRO B 254 2.96 4.98 28.68
CA PRO B 254 1.68 5.73 28.74
C PRO B 254 1.64 6.89 27.74
N GLY B 255 0.41 7.34 27.46
CA GLY B 255 0.14 8.43 26.54
C GLY B 255 0.66 9.72 27.11
N ILE B 256 1.34 10.49 26.26
CA ILE B 256 1.87 11.78 26.70
C ILE B 256 1.05 12.89 26.06
N TYR B 257 0.56 13.79 26.93
CA TYR B 257 -0.31 14.93 26.67
C TYR B 257 0.41 16.25 27.09
N THR B 258 0.07 17.38 26.45
CA THR B 258 0.61 18.68 26.80
C THR B 258 -0.16 19.16 28.04
N ARG B 259 0.58 19.58 29.09
CA ARG B 259 0.03 20.07 30.32
C ARG B 259 -0.49 21.47 30.05
N VAL B 260 -1.84 21.61 29.95
CA VAL B 260 -2.53 22.88 29.64
C VAL B 260 -2.15 24.01 30.65
N THR B 261 -1.96 23.68 31.94
CA THR B 261 -1.59 24.67 32.94
C THR B 261 -0.31 25.40 32.54
N TYR B 262 0.66 24.67 32.00
CA TYR B 262 1.97 25.18 31.61
C TYR B 262 1.89 26.34 30.61
N TYR B 263 0.91 26.28 29.70
CA TYR B 263 0.75 27.26 28.62
C TYR B 263 -0.47 28.21 28.75
N LEU B 264 -1.11 28.29 29.94
CA LEU B 264 -2.26 29.14 30.18
C LEU B 264 -2.04 30.58 29.79
N ASP B 265 -0.88 31.15 30.19
CA ASP B 265 -0.51 32.54 29.92
C ASP B 265 -0.39 32.82 28.42
N TRP B 266 0.19 31.85 27.68
CA TRP B 266 0.29 31.94 26.23
C TRP B 266 -1.12 31.86 25.57
N ILE B 267 -1.93 30.85 25.96
CA ILE B 267 -3.31 30.70 25.46
C ILE B 267 -4.08 32.02 25.66
N HIS B 268 -4.07 32.56 26.89
CA HIS B 268 -4.80 33.76 27.23
C HIS B 268 -4.22 35.03 26.65
N HIS B 269 -3.04 34.98 25.98
CA HIS B 269 -2.50 36.17 25.29
C HIS B 269 -3.36 36.43 24.03
N TYR B 270 -3.94 35.37 23.46
CA TYR B 270 -4.77 35.39 22.27
C TYR B 270 -6.25 35.18 22.58
N VAL B 271 -6.58 34.22 23.45
CA VAL B 271 -7.99 33.89 23.75
C VAL B 271 -8.56 34.70 24.94
N PRO B 272 -9.62 35.52 24.66
CA PRO B 272 -10.28 36.29 25.73
C PRO B 272 -10.57 35.47 26.99
N LYS B 273 -10.14 36.02 28.16
CA LYS B 273 -10.25 35.40 29.49
C LYS B 273 -11.69 34.96 29.85
N LYS B 274 -12.69 35.89 29.64
CA LYS B 274 -14.15 35.82 29.84
C LYS B 274 -14.57 36.41 31.19
N ILE C 31 8.26 -18.87 -8.17
CA ILE C 31 8.27 -20.32 -7.97
C ILE C 31 7.96 -20.72 -6.49
N VAL C 32 6.83 -21.41 -6.30
CA VAL C 32 6.37 -21.92 -5.00
C VAL C 32 6.97 -23.32 -4.80
N GLY C 33 7.74 -23.45 -3.72
CA GLY C 33 8.48 -24.68 -3.42
C GLY C 33 9.75 -24.66 -4.23
N GLY C 34 10.46 -25.77 -4.27
CA GLY C 34 11.69 -25.86 -5.06
C GLY C 34 12.84 -24.97 -4.65
N GLN C 35 13.99 -25.19 -5.28
CA GLN C 35 15.25 -24.52 -4.96
C GLN C 35 15.79 -23.60 -6.04
N GLU C 36 16.95 -23.00 -5.76
CA GLU C 36 17.67 -22.09 -6.62
C GLU C 36 18.35 -22.94 -7.69
N ALA C 37 18.20 -22.54 -8.97
CA ALA C 37 18.74 -23.29 -10.10
C ALA C 37 20.26 -23.19 -10.21
N PRO C 38 20.97 -24.28 -10.61
CA PRO C 38 22.44 -24.17 -10.79
C PRO C 38 22.72 -23.29 -12.00
N ARG C 39 23.90 -22.64 -12.04
CA ARG C 39 24.31 -21.73 -13.13
C ARG C 39 24.18 -22.34 -14.51
N SER C 40 24.54 -23.63 -14.62
CA SER C 40 24.51 -24.44 -15.83
C SER C 40 23.09 -24.60 -16.43
N LYS C 41 22.16 -25.22 -15.65
CA LYS C 41 20.76 -25.55 -15.98
C LYS C 41 19.95 -24.39 -16.58
N TRP C 42 18.93 -24.75 -17.39
CA TRP C 42 17.93 -23.88 -18.05
C TRP C 42 18.55 -22.73 -18.85
N PRO C 43 19.36 -23.00 -19.89
CA PRO C 43 19.98 -21.92 -20.67
C PRO C 43 19.04 -21.09 -21.54
N TRP C 44 17.83 -21.60 -21.79
CA TRP C 44 16.77 -20.99 -22.64
C TRP C 44 15.90 -19.95 -21.88
N GLN C 45 16.01 -19.94 -20.55
CA GLN C 45 15.25 -19.07 -19.66
C GLN C 45 15.52 -17.55 -19.90
N VAL C 46 14.44 -16.76 -20.20
CA VAL C 46 14.53 -15.30 -20.35
C VAL C 46 13.64 -14.60 -19.33
N SER C 47 13.89 -13.30 -19.12
CA SER C 47 13.16 -12.43 -18.22
C SER C 47 12.68 -11.19 -19.01
N LEU C 48 11.37 -10.98 -19.01
CA LEU C 48 10.77 -9.82 -19.66
C LEU C 48 10.79 -8.62 -18.70
N ARG C 49 11.27 -7.47 -19.22
CA ARG C 49 11.47 -6.25 -18.44
C ARG C 49 10.58 -5.08 -18.87
N VAL C 50 10.12 -4.30 -17.85
CA VAL C 50 9.25 -3.14 -18.06
C VAL C 50 9.93 -1.87 -17.53
N HIS C 51 9.91 -0.79 -18.33
CA HIS C 51 10.53 0.48 -17.96
C HIS C 51 9.93 1.06 -16.70
N GLY C 52 10.72 1.88 -16.03
CA GLY C 52 10.32 2.48 -14.78
C GLY C 52 11.53 2.94 -14.02
N PRO C 53 11.48 2.96 -12.65
CA PRO C 53 12.68 3.41 -11.90
C PRO C 53 13.89 2.53 -12.23
N TYR C 54 13.58 1.33 -12.77
CA TYR C 54 14.48 0.31 -13.25
C TYR C 54 13.70 -0.63 -14.17
N TRP C 55 14.43 -1.37 -15.02
CA TRP C 55 13.87 -2.34 -15.94
C TRP C 55 13.52 -3.58 -15.14
N MET C 56 12.36 -3.51 -14.51
CA MET C 56 11.84 -4.54 -13.61
C MET C 56 11.30 -5.76 -14.31
N HIS C 57 11.57 -6.92 -13.70
CA HIS C 57 11.05 -8.20 -14.15
C HIS C 57 9.52 -8.26 -13.96
N PHE C 58 8.80 -8.83 -14.95
CA PHE C 58 7.34 -8.99 -14.84
C PHE C 58 6.81 -10.32 -15.41
N CYS C 59 7.60 -11.01 -16.23
CA CYS C 59 7.27 -12.27 -16.88
C CYS C 59 8.53 -12.93 -17.32
N GLY C 60 8.42 -14.21 -17.63
CA GLY C 60 9.50 -15.02 -18.14
C GLY C 60 9.13 -15.44 -19.54
N GLY C 61 10.04 -16.18 -20.16
CA GLY C 61 9.86 -16.67 -21.52
C GLY C 61 11.00 -17.61 -21.84
N SER C 62 10.97 -18.20 -23.05
CA SER C 62 12.03 -19.11 -23.45
C SER C 62 12.58 -18.79 -24.82
N LEU C 63 13.91 -18.92 -24.97
CA LEU C 63 14.57 -18.72 -26.26
C LEU C 63 14.33 -20.00 -27.04
N ILE C 64 13.52 -19.90 -28.10
CA ILE C 64 13.16 -21.05 -28.95
C ILE C 64 13.88 -20.99 -30.29
N HIS C 65 14.52 -19.85 -30.58
CA HIS C 65 15.29 -19.56 -31.79
C HIS C 65 16.25 -18.38 -31.50
N PRO C 66 17.45 -18.28 -32.12
CA PRO C 66 18.32 -17.11 -31.82
C PRO C 66 17.68 -15.74 -32.05
N GLN C 67 16.52 -15.65 -32.74
CA GLN C 67 15.82 -14.37 -32.97
C GLN C 67 14.40 -14.35 -32.34
N TRP C 68 13.99 -15.42 -31.63
CA TRP C 68 12.65 -15.56 -31.07
C TRP C 68 12.56 -16.03 -29.64
N VAL C 69 11.60 -15.42 -28.91
CA VAL C 69 11.21 -15.70 -27.53
C VAL C 69 9.75 -16.20 -27.51
N LEU C 70 9.51 -17.27 -26.74
CA LEU C 70 8.17 -17.81 -26.55
C LEU C 70 7.75 -17.41 -25.15
N THR C 71 6.58 -16.73 -25.04
CA THR C 71 6.03 -16.21 -23.77
C THR C 71 4.52 -16.39 -23.72
N ALA C 72 3.87 -15.93 -22.62
CA ALA C 72 2.43 -15.96 -22.41
C ALA C 72 1.84 -14.69 -23.01
N ALA C 73 0.66 -14.82 -23.63
CA ALA C 73 -0.02 -13.66 -24.25
C ALA C 73 -0.49 -12.69 -23.20
N HIS C 74 -0.93 -13.17 -22.03
CA HIS C 74 -1.40 -12.28 -20.96
C HIS C 74 -0.29 -11.32 -20.43
N CYS C 75 0.98 -11.66 -20.65
CA CYS C 75 2.14 -10.84 -20.28
C CYS C 75 2.20 -9.56 -21.10
N VAL C 76 1.84 -9.70 -22.38
CA VAL C 76 1.94 -8.66 -23.39
C VAL C 76 0.59 -8.31 -24.07
N GLY C 77 -0.54 -8.70 -23.48
CA GLY C 77 -1.83 -8.47 -24.10
C GLY C 77 -3.03 -8.60 -23.20
N PRO C 78 -4.28 -8.56 -23.74
CA PRO C 78 -4.67 -8.46 -25.16
C PRO C 78 -4.44 -7.09 -25.79
N ASP C 79 -4.28 -6.08 -24.92
CA ASP C 79 -4.05 -4.69 -25.33
C ASP C 79 -2.69 -4.54 -26.03
N VAL C 80 -2.65 -3.69 -27.05
CA VAL C 80 -1.43 -3.40 -27.81
C VAL C 80 -0.44 -2.67 -26.92
N LYS C 81 0.79 -3.14 -26.89
CA LYS C 81 1.81 -2.56 -26.03
C LYS C 81 2.87 -1.78 -26.81
N ASP C 82 3.39 -0.68 -26.21
CA ASP C 82 4.48 0.09 -26.78
C ASP C 82 5.75 -0.72 -26.53
N LEU C 83 6.49 -0.99 -27.62
CA LEU C 83 7.72 -1.77 -27.54
C LEU C 83 8.82 -1.02 -26.83
N ALA C 84 8.72 0.33 -26.75
CA ALA C 84 9.69 1.15 -26.01
C ALA C 84 9.74 0.74 -24.52
N ALA C 85 8.60 0.25 -24.01
CA ALA C 85 8.41 -0.20 -22.62
C ALA C 85 8.81 -1.66 -22.32
N LEU C 86 9.47 -2.35 -23.29
CA LEU C 86 9.80 -3.76 -23.13
C LEU C 86 11.20 -4.08 -23.54
N ARG C 87 11.87 -4.95 -22.76
CA ARG C 87 13.20 -5.49 -23.07
C ARG C 87 13.26 -6.93 -22.62
N VAL C 88 14.16 -7.71 -23.22
CA VAL C 88 14.37 -9.12 -22.91
C VAL C 88 15.75 -9.27 -22.27
N GLN C 89 15.86 -10.11 -21.23
CA GLN C 89 17.11 -10.41 -20.56
C GLN C 89 17.39 -11.91 -20.65
N LEU C 90 18.53 -12.29 -21.26
CA LEU C 90 18.90 -13.71 -21.40
C LEU C 90 19.37 -14.34 -20.11
N ARG C 91 19.45 -15.68 -20.10
CA ARG C 91 19.82 -16.46 -18.94
C ARG C 91 21.05 -15.93 -18.20
N GLU C 92 20.80 -15.57 -16.93
CA GLU C 92 21.72 -15.09 -15.92
C GLU C 92 21.19 -15.66 -14.59
N GLN C 93 22.03 -15.80 -13.58
CA GLN C 93 21.61 -16.39 -12.32
C GLN C 93 20.67 -15.49 -11.50
N HIS C 94 21.01 -14.20 -11.38
CA HIS C 94 20.24 -13.23 -10.60
C HIS C 94 19.81 -12.08 -11.48
N LEU C 95 18.62 -11.58 -11.26
CA LEU C 95 18.11 -10.44 -12.00
C LEU C 95 18.92 -9.20 -11.60
N TYR C 96 19.02 -8.24 -12.52
CA TYR C 96 19.61 -6.89 -12.40
C TYR C 96 21.13 -6.80 -12.14
N TYR C 97 21.82 -7.85 -11.67
CA TYR C 97 23.26 -7.72 -11.31
C TYR C 97 24.19 -7.68 -12.52
N GLN C 98 23.90 -8.51 -13.57
CA GLN C 98 24.74 -8.56 -14.78
C GLN C 98 23.88 -8.41 -16.04
N ASP C 99 23.00 -7.38 -16.05
CA ASP C 99 22.06 -7.14 -17.14
C ASP C 99 22.64 -6.60 -18.43
N GLN C 100 22.11 -7.09 -19.55
CA GLN C 100 22.38 -6.63 -20.91
C GLN C 100 21.03 -6.76 -21.64
N LEU C 101 20.24 -5.67 -21.59
CA LEU C 101 18.87 -5.63 -22.10
C LEU C 101 18.77 -5.62 -23.60
N LEU C 102 18.02 -6.57 -24.14
CA LEU C 102 17.85 -6.70 -25.57
C LEU C 102 16.55 -6.10 -26.09
N PRO C 103 16.60 -5.27 -27.16
CA PRO C 103 15.35 -4.74 -27.73
C PRO C 103 14.56 -5.77 -28.51
N VAL C 104 13.24 -5.58 -28.50
CA VAL C 104 12.23 -6.42 -29.19
C VAL C 104 11.77 -5.63 -30.42
N SER C 105 11.63 -6.29 -31.58
CA SER C 105 11.19 -5.62 -32.80
C SER C 105 9.72 -5.85 -33.15
N ARG C 106 9.12 -6.96 -32.64
CA ARG C 106 7.75 -7.36 -32.93
C ARG C 106 7.12 -8.20 -31.84
N ILE C 107 5.83 -7.97 -31.56
CA ILE C 107 5.07 -8.80 -30.61
C ILE C 107 3.97 -9.47 -31.40
N ILE C 108 3.93 -10.81 -31.35
CA ILE C 108 2.91 -11.60 -32.05
C ILE C 108 2.12 -12.38 -31.02
N VAL C 109 0.91 -11.90 -30.71
CA VAL C 109 -0.01 -12.53 -29.77
C VAL C 109 -0.97 -13.42 -30.56
N HIS C 110 -1.24 -14.65 -30.10
CA HIS C 110 -2.17 -15.55 -30.78
C HIS C 110 -3.52 -14.83 -31.00
N PRO C 111 -4.07 -14.85 -32.22
CA PRO C 111 -5.33 -14.12 -32.48
C PRO C 111 -6.53 -14.56 -31.64
N GLN C 112 -6.55 -15.83 -31.21
CA GLN C 112 -7.63 -16.40 -30.40
C GLN C 112 -7.52 -16.00 -28.90
N PHE C 113 -6.51 -15.18 -28.55
CA PHE C 113 -6.32 -14.80 -27.15
C PHE C 113 -7.11 -13.60 -26.68
N TYR C 114 -7.85 -13.77 -25.57
CA TYR C 114 -8.45 -12.63 -24.90
C TYR C 114 -8.07 -12.67 -23.42
N THR C 115 -8.34 -13.81 -22.76
CA THR C 115 -7.98 -14.05 -21.35
C THR C 115 -7.36 -15.44 -21.18
N ALA C 116 -6.58 -15.63 -20.10
CA ALA C 116 -5.92 -16.90 -19.76
C ALA C 116 -6.90 -18.09 -19.61
N GLN C 117 -8.02 -17.89 -18.90
CA GLN C 117 -9.04 -18.92 -18.64
C GLN C 117 -9.78 -19.33 -19.90
N ILE C 118 -9.88 -18.42 -20.88
CA ILE C 118 -10.52 -18.68 -22.17
C ILE C 118 -9.57 -19.56 -22.97
N GLY C 119 -8.27 -19.24 -22.92
CA GLY C 119 -7.25 -19.98 -23.63
C GLY C 119 -6.45 -19.14 -24.60
N ALA C 120 -5.57 -19.82 -25.36
CA ALA C 120 -4.66 -19.29 -26.37
C ALA C 120 -3.70 -18.27 -25.77
N ASP C 121 -3.28 -18.52 -24.53
CA ASP C 121 -2.35 -17.65 -23.80
C ASP C 121 -0.93 -18.00 -24.22
N ILE C 122 -0.58 -17.58 -25.44
CA ILE C 122 0.72 -17.79 -26.07
C ILE C 122 1.08 -16.56 -26.92
N ALA C 123 2.35 -16.19 -26.91
CA ALA C 123 2.85 -15.05 -27.69
C ALA C 123 4.29 -15.31 -28.10
N LEU C 124 4.72 -14.59 -29.14
CA LEU C 124 6.10 -14.62 -29.65
C LEU C 124 6.69 -13.22 -29.65
N LEU C 125 7.95 -13.11 -29.26
CA LEU C 125 8.67 -11.85 -29.33
C LEU C 125 9.81 -12.04 -30.32
N GLU C 126 9.88 -11.17 -31.36
CA GLU C 126 10.96 -11.21 -32.33
C GLU C 126 12.01 -10.21 -31.82
N LEU C 127 13.25 -10.66 -31.59
CA LEU C 127 14.28 -9.76 -31.09
C LEU C 127 14.87 -8.97 -32.22
N GLU C 128 15.21 -7.69 -31.96
CA GLU C 128 15.81 -6.77 -32.94
C GLU C 128 17.18 -7.31 -33.46
N GLU C 129 17.90 -8.08 -32.59
CA GLU C 129 19.20 -8.68 -32.90
C GLU C 129 19.23 -10.17 -32.54
N PRO C 130 19.88 -11.02 -33.35
CA PRO C 130 19.96 -12.44 -32.98
C PRO C 130 20.99 -12.67 -31.90
N VAL C 131 20.65 -13.54 -30.93
CA VAL C 131 21.56 -13.86 -29.83
C VAL C 131 22.66 -14.82 -30.30
N ASN C 132 23.88 -14.60 -29.78
CA ASN C 132 25.04 -15.45 -30.06
C ASN C 132 24.95 -16.63 -29.07
N VAL C 133 24.44 -17.79 -29.53
CA VAL C 133 24.25 -18.98 -28.69
C VAL C 133 25.58 -19.54 -28.19
N SER C 134 25.55 -20.07 -26.94
CA SER C 134 26.69 -20.62 -26.22
C SER C 134 26.26 -21.75 -25.26
N SER C 135 27.19 -22.12 -24.36
CA SER C 135 27.04 -23.10 -23.31
C SER C 135 26.03 -22.60 -22.27
N HIS C 136 26.10 -21.31 -21.86
CA HIS C 136 25.16 -20.77 -20.88
C HIS C 136 23.86 -20.24 -21.52
N VAL C 137 23.88 -19.85 -22.80
CA VAL C 137 22.70 -19.29 -23.46
C VAL C 137 22.43 -20.00 -24.79
N HIS C 138 21.39 -20.84 -24.81
CA HIS C 138 20.96 -21.54 -26.02
C HIS C 138 19.45 -21.85 -25.96
N THR C 139 18.90 -22.33 -27.07
CA THR C 139 17.49 -22.64 -27.27
C THR C 139 16.97 -23.93 -26.64
N VAL C 140 15.64 -23.98 -26.42
CA VAL C 140 14.92 -25.14 -25.91
C VAL C 140 14.25 -25.83 -27.10
N THR C 141 14.16 -27.15 -27.06
CA THR C 141 13.53 -27.92 -28.13
C THR C 141 12.01 -27.95 -27.93
N LEU C 142 11.26 -27.74 -29.02
CA LEU C 142 9.82 -27.85 -28.92
C LEU C 142 9.47 -29.30 -29.18
N PRO C 143 8.33 -29.82 -28.65
CA PRO C 143 8.04 -31.25 -28.85
C PRO C 143 7.43 -31.61 -30.21
N PRO C 144 7.34 -32.91 -30.59
CA PRO C 144 6.53 -33.25 -31.78
C PRO C 144 5.03 -33.11 -31.40
N ALA C 145 4.11 -33.02 -32.39
CA ALA C 145 2.67 -32.90 -32.10
C ALA C 145 2.11 -34.14 -31.36
N SER C 146 2.66 -35.32 -31.68
CA SER C 146 2.35 -36.64 -31.12
C SER C 146 2.61 -36.76 -29.60
N GLU C 147 3.42 -35.85 -29.02
CA GLU C 147 3.76 -35.90 -27.61
C GLU C 147 2.59 -35.50 -26.73
N THR C 148 2.28 -36.36 -25.76
CA THR C 148 1.14 -36.18 -24.87
C THR C 148 1.49 -35.65 -23.48
N PHE C 149 2.73 -35.91 -22.99
CA PHE C 149 3.21 -35.52 -21.65
C PHE C 149 2.32 -36.12 -20.53
N PRO C 150 2.32 -37.47 -20.39
CA PRO C 150 1.45 -38.09 -19.38
C PRO C 150 1.98 -38.01 -17.94
N PRO C 151 1.16 -38.27 -16.89
CA PRO C 151 1.70 -38.26 -15.51
C PRO C 151 2.88 -39.21 -15.33
N GLY C 152 3.78 -38.85 -14.41
CA GLY C 152 4.97 -39.61 -14.12
C GLY C 152 6.20 -38.96 -14.71
N MET C 153 6.02 -38.26 -15.86
CA MET C 153 7.00 -37.51 -16.62
C MET C 153 7.83 -36.61 -15.70
N PRO C 154 9.18 -36.63 -15.77
CA PRO C 154 9.96 -35.73 -14.90
C PRO C 154 9.93 -34.32 -15.47
N CYS C 155 9.08 -33.44 -14.89
CA CYS C 155 8.94 -32.07 -15.38
C CYS C 155 9.38 -31.03 -14.40
N TRP C 156 9.89 -29.94 -14.94
CA TRP C 156 10.42 -28.83 -14.16
C TRP C 156 9.90 -27.55 -14.74
N VAL C 157 9.60 -26.60 -13.86
CA VAL C 157 9.15 -25.25 -14.20
C VAL C 157 10.16 -24.28 -13.55
N THR C 158 10.48 -23.19 -14.26
CA THR C 158 11.52 -22.26 -13.84
C THR C 158 11.09 -20.83 -13.99
N GLY C 159 11.55 -19.98 -13.07
CA GLY C 159 11.19 -18.56 -13.11
C GLY C 159 11.70 -17.74 -11.96
N TRP C 160 11.48 -16.43 -12.05
CA TRP C 160 11.86 -15.42 -11.07
C TRP C 160 10.61 -14.78 -10.43
N GLY C 161 9.46 -15.45 -10.55
CA GLY C 161 8.20 -14.98 -10.01
C GLY C 161 8.02 -15.23 -8.52
N ASP C 162 6.82 -14.93 -8.03
CA ASP C 162 6.39 -15.02 -6.64
C ASP C 162 6.71 -16.36 -6.00
N VAL C 163 7.25 -16.32 -4.76
CA VAL C 163 7.65 -17.51 -3.99
C VAL C 163 6.48 -18.19 -3.30
N ASP C 164 5.40 -17.42 -3.10
CA ASP C 164 4.12 -17.85 -2.55
C ASP C 164 3.09 -16.79 -2.94
N ASN C 165 1.79 -17.00 -2.58
CA ASN C 165 0.72 -16.03 -2.89
C ASN C 165 1.06 -14.67 -2.31
N ASP C 166 1.04 -13.64 -3.15
CA ASP C 166 1.38 -12.23 -2.83
C ASP C 166 2.72 -12.08 -2.10
N GLU C 167 3.71 -12.94 -2.46
CA GLU C 167 5.02 -13.01 -1.83
C GLU C 167 6.08 -12.94 -2.92
N ARG C 168 6.77 -11.79 -3.04
CA ARG C 168 7.76 -11.61 -4.10
C ARG C 168 9.03 -12.40 -3.85
N LEU C 169 9.79 -12.69 -4.93
CA LEU C 169 11.10 -13.32 -4.83
C LEU C 169 12.03 -12.25 -4.23
N PRO C 170 12.64 -12.53 -3.06
CA PRO C 170 13.47 -11.50 -2.41
C PRO C 170 14.83 -11.31 -3.07
N PRO C 171 15.51 -10.15 -2.88
CA PRO C 171 16.88 -10.02 -3.40
C PRO C 171 17.78 -11.12 -2.81
N PRO C 172 18.80 -11.66 -3.50
CA PRO C 172 19.38 -11.25 -4.78
C PRO C 172 18.70 -11.76 -6.03
N PHE C 173 17.41 -12.14 -5.94
CA PHE C 173 16.57 -12.60 -7.07
C PHE C 173 17.13 -13.82 -7.84
N PRO C 174 17.44 -14.96 -7.19
CA PRO C 174 17.95 -16.11 -7.95
C PRO C 174 16.89 -16.80 -8.79
N LEU C 175 17.29 -17.33 -9.97
CA LEU C 175 16.34 -18.10 -10.77
C LEU C 175 16.01 -19.35 -9.95
N LYS C 176 14.71 -19.63 -9.80
CA LYS C 176 14.25 -20.78 -9.04
C LYS C 176 13.69 -21.91 -9.96
N GLN C 177 13.77 -23.15 -9.49
CA GLN C 177 13.32 -24.34 -10.22
C GLN C 177 12.52 -25.25 -9.27
N VAL C 178 11.52 -25.95 -9.80
CA VAL C 178 10.72 -26.87 -9.01
C VAL C 178 10.24 -28.01 -9.89
N LYS C 179 10.40 -29.25 -9.40
CA LYS C 179 9.93 -30.43 -10.12
C LYS C 179 8.42 -30.53 -9.86
N VAL C 180 7.60 -30.43 -10.91
CA VAL C 180 6.15 -30.48 -10.74
C VAL C 180 5.51 -31.74 -11.33
N PRO C 181 4.53 -32.33 -10.59
CA PRO C 181 3.89 -33.54 -11.13
C PRO C 181 2.80 -33.23 -12.17
N ILE C 182 2.85 -33.91 -13.34
CA ILE C 182 1.86 -33.74 -14.41
C ILE C 182 0.58 -34.48 -14.02
N MET C 183 -0.54 -33.80 -14.19
CA MET C 183 -1.87 -34.31 -13.91
C MET C 183 -2.65 -34.30 -15.25
N GLU C 184 -3.46 -35.35 -15.50
CA GLU C 184 -4.30 -35.45 -16.70
C GLU C 184 -5.39 -34.35 -16.68
N ASN C 185 -5.77 -33.83 -17.86
CA ASN C 185 -6.75 -32.74 -17.97
C ASN C 185 -8.09 -32.99 -17.28
N HIS C 186 -8.67 -34.20 -17.44
CA HIS C 186 -9.97 -34.48 -16.80
C HIS C 186 -9.88 -34.57 -15.29
N ILE C 187 -8.75 -35.09 -14.78
CA ILE C 187 -8.46 -35.22 -13.34
C ILE C 187 -8.34 -33.82 -12.76
N CYS C 188 -7.54 -32.98 -13.43
CA CYS C 188 -7.30 -31.59 -13.08
C CYS C 188 -8.58 -30.80 -13.14
N ASP C 189 -9.36 -31.01 -14.23
CA ASP C 189 -10.64 -30.33 -14.42
C ASP C 189 -11.62 -30.66 -13.30
N ALA C 190 -11.63 -31.94 -12.86
CA ALA C 190 -12.46 -32.40 -11.75
C ALA C 190 -12.05 -31.71 -10.44
N LYS C 191 -10.73 -31.53 -10.23
CA LYS C 191 -10.18 -30.91 -9.03
C LYS C 191 -10.62 -29.46 -8.95
N TYR C 192 -10.61 -28.77 -10.11
CA TYR C 192 -10.99 -27.36 -10.26
C TYR C 192 -12.46 -27.09 -9.93
N HIS C 193 -13.32 -28.13 -10.03
CA HIS C 193 -14.74 -28.08 -9.73
C HIS C 193 -15.04 -28.29 -8.27
N LEU C 194 -14.07 -28.87 -7.51
CA LEU C 194 -14.22 -29.12 -6.06
C LEU C 194 -14.22 -27.81 -5.31
N GLY C 195 -15.35 -27.51 -4.67
CA GLY C 195 -15.54 -26.29 -3.89
C GLY C 195 -15.81 -25.07 -4.76
N ALA C 196 -16.45 -25.31 -5.92
CA ALA C 196 -16.82 -24.34 -6.95
C ALA C 196 -18.30 -24.53 -7.33
N TYR C 197 -19.02 -23.43 -7.66
CA TYR C 197 -20.44 -23.51 -8.04
C TYR C 197 -20.62 -23.95 -9.51
N THR C 198 -19.54 -23.84 -10.33
CA THR C 198 -19.49 -24.21 -11.74
C THR C 198 -19.94 -25.65 -11.95
N GLY C 199 -20.89 -25.82 -12.87
CA GLY C 199 -21.43 -27.13 -13.24
C GLY C 199 -20.34 -28.08 -13.71
N ASP C 200 -20.47 -29.38 -13.37
CA ASP C 200 -19.47 -30.40 -13.71
C ASP C 200 -19.29 -30.59 -15.23
N ASP C 201 -20.39 -30.43 -15.97
CA ASP C 201 -20.45 -30.47 -17.42
C ASP C 201 -19.76 -29.23 -18.07
N VAL C 202 -19.46 -28.18 -17.26
CA VAL C 202 -18.82 -26.95 -17.74
C VAL C 202 -17.30 -27.09 -17.62
N ARG C 203 -16.60 -27.19 -18.74
CA ARG C 203 -15.15 -27.36 -18.78
C ARG C 203 -14.39 -26.11 -18.38
N ILE C 204 -13.45 -26.25 -17.41
CA ILE C 204 -12.59 -25.18 -16.90
C ILE C 204 -11.21 -25.34 -17.55
N VAL C 205 -10.62 -26.54 -17.42
CA VAL C 205 -9.32 -26.91 -17.95
C VAL C 205 -9.58 -27.29 -19.41
N ARG C 206 -9.20 -26.41 -20.38
CA ARG C 206 -9.47 -26.62 -21.80
C ARG C 206 -8.38 -27.45 -22.51
N ASP C 207 -8.69 -28.02 -23.66
CA ASP C 207 -7.80 -28.92 -24.40
C ASP C 207 -6.46 -28.29 -24.86
N ASP C 208 -6.38 -26.95 -24.91
CA ASP C 208 -5.14 -26.25 -25.24
C ASP C 208 -4.33 -26.00 -23.95
N MET C 209 -4.78 -26.55 -22.82
CA MET C 209 -4.17 -26.40 -21.51
C MET C 209 -3.60 -27.73 -20.96
N LEU C 210 -2.68 -27.60 -19.97
CA LEU C 210 -1.95 -28.70 -19.34
C LEU C 210 -1.84 -28.43 -17.86
N CYS C 211 -1.93 -29.48 -17.02
CA CYS C 211 -1.87 -29.30 -15.56
C CYS C 211 -0.63 -29.87 -14.90
N ALA C 212 -0.07 -29.11 -13.96
CA ALA C 212 1.10 -29.51 -13.20
C ALA C 212 1.18 -28.74 -11.90
N GLY C 213 1.58 -29.47 -10.86
CA GLY C 213 1.76 -28.90 -9.53
C GLY C 213 0.89 -29.51 -8.46
N ASN C 214 1.16 -29.10 -7.23
CA ASN C 214 0.42 -29.53 -6.04
C ASN C 214 0.51 -28.39 -5.03
N THR C 215 0.21 -28.65 -3.75
CA THR C 215 0.22 -27.61 -2.71
C THR C 215 1.58 -27.22 -2.24
N ARG C 216 2.62 -27.99 -2.62
CA ARG C 216 4.01 -27.74 -2.23
C ARG C 216 4.88 -27.27 -3.39
N ARG C 217 4.57 -27.69 -4.62
CA ARG C 217 5.34 -27.39 -5.82
C ARG C 217 4.44 -26.72 -6.86
N ASP C 218 4.82 -25.51 -7.32
CA ASP C 218 4.05 -24.74 -8.32
C ASP C 218 4.76 -23.47 -8.82
N SER C 219 4.27 -22.93 -9.95
CA SER C 219 4.65 -21.67 -10.55
C SER C 219 3.70 -20.62 -9.95
N CYS C 220 4.02 -19.34 -10.08
CA CYS C 220 3.21 -18.29 -9.49
C CYS C 220 3.26 -17.04 -10.38
N GLN C 221 2.66 -15.94 -9.95
CA GLN C 221 2.68 -14.66 -10.67
C GLN C 221 4.13 -14.20 -10.83
N GLY C 222 4.51 -13.88 -12.06
CA GLY C 222 5.87 -13.45 -12.39
C GLY C 222 6.65 -14.56 -13.09
N ASP C 223 6.04 -15.76 -13.05
CA ASP C 223 6.59 -16.96 -13.69
C ASP C 223 6.03 -17.13 -15.11
N SER C 224 4.90 -16.45 -15.42
CA SER C 224 4.21 -16.53 -16.71
C SER C 224 5.13 -16.34 -17.90
N GLY C 225 4.85 -17.11 -18.98
CA GLY C 225 5.65 -17.12 -20.21
C GLY C 225 6.81 -18.08 -20.12
N GLY C 226 7.23 -18.35 -18.90
CA GLY C 226 8.30 -19.25 -18.54
C GLY C 226 8.05 -20.69 -18.98
N PRO C 227 9.09 -21.54 -19.03
CA PRO C 227 8.86 -22.88 -19.53
C PRO C 227 8.56 -23.98 -18.51
N LEU C 228 7.78 -24.96 -18.98
CA LEU C 228 7.54 -26.21 -18.30
C LEU C 228 8.21 -27.19 -19.23
N VAL C 229 9.38 -27.69 -18.81
CA VAL C 229 10.18 -28.62 -19.61
C VAL C 229 10.15 -30.02 -19.02
N CYS C 230 10.08 -31.06 -19.87
CA CYS C 230 10.09 -32.48 -19.44
C CYS C 230 11.14 -33.23 -20.18
N LYS C 231 11.79 -34.21 -19.51
CA LYS C 231 12.81 -35.05 -20.13
C LYS C 231 12.10 -36.20 -20.87
N VAL C 232 12.26 -36.23 -22.20
CA VAL C 232 11.67 -37.23 -23.09
C VAL C 232 12.82 -37.85 -23.89
N ASN C 233 13.16 -39.09 -23.56
CA ASN C 233 14.24 -39.87 -24.17
C ASN C 233 15.56 -39.08 -24.20
N GLY C 234 15.96 -38.62 -23.01
CA GLY C 234 17.22 -37.91 -22.81
C GLY C 234 17.30 -36.48 -23.30
N THR C 235 16.17 -35.88 -23.75
CA THR C 235 16.14 -34.50 -24.21
C THR C 235 15.05 -33.71 -23.55
N TRP C 236 15.36 -32.44 -23.26
CA TRP C 236 14.45 -31.49 -22.65
C TRP C 236 13.56 -30.88 -23.72
N LEU C 237 12.26 -31.08 -23.57
CA LEU C 237 11.27 -30.53 -24.49
C LEU C 237 10.34 -29.62 -23.72
N GLN C 238 10.02 -28.42 -24.28
CA GLN C 238 9.08 -27.53 -23.60
C GLN C 238 7.66 -28.04 -23.79
N ALA C 239 7.15 -28.66 -22.73
CA ALA C 239 5.78 -29.17 -22.67
C ALA C 239 4.72 -28.04 -22.59
N GLY C 240 4.98 -27.02 -21.77
CA GLY C 240 4.04 -25.92 -21.57
C GLY C 240 4.62 -24.56 -21.34
N VAL C 241 3.72 -23.53 -21.35
CA VAL C 241 3.98 -22.11 -21.13
C VAL C 241 3.15 -21.69 -19.89
N VAL C 242 3.79 -21.16 -18.81
CA VAL C 242 3.10 -20.73 -17.57
C VAL C 242 1.95 -19.79 -17.90
N SER C 243 0.73 -20.24 -17.69
CA SER C 243 -0.45 -19.46 -18.05
C SER C 243 -1.23 -18.88 -16.85
N TRP C 244 -1.96 -19.73 -16.12
CA TRP C 244 -2.78 -19.29 -15.01
C TRP C 244 -2.97 -20.35 -13.95
N GLY C 245 -3.91 -20.09 -13.03
CA GLY C 245 -4.31 -20.96 -11.95
C GLY C 245 -4.99 -20.15 -10.87
N GLU C 246 -5.85 -20.79 -10.05
CA GLU C 246 -6.49 -20.13 -8.92
C GLU C 246 -5.44 -20.13 -7.81
N GLY C 247 -4.94 -18.94 -7.47
CA GLY C 247 -3.92 -18.77 -6.44
C GLY C 247 -2.61 -19.44 -6.81
N CYS C 248 -1.77 -19.74 -5.81
CA CYS C 248 -0.49 -20.40 -6.02
C CYS C 248 -0.34 -21.56 -5.05
N ALA C 249 -0.28 -22.79 -5.60
CA ALA C 249 -0.14 -24.05 -4.85
C ALA C 249 -1.26 -24.18 -3.81
N GLN C 250 -2.50 -24.02 -4.31
CA GLN C 250 -3.73 -24.10 -3.51
C GLN C 250 -4.36 -25.47 -3.58
N PRO C 251 -5.02 -25.91 -2.49
CA PRO C 251 -5.69 -27.23 -2.54
C PRO C 251 -6.67 -27.34 -3.71
N ASN C 252 -6.59 -28.45 -4.44
CA ASN C 252 -7.39 -28.82 -5.61
C ASN C 252 -7.30 -27.80 -6.76
N ARG C 253 -6.21 -27.00 -6.80
CA ARG C 253 -6.01 -25.99 -7.85
C ARG C 253 -4.62 -26.11 -8.49
N PRO C 254 -4.30 -27.19 -9.27
CA PRO C 254 -2.97 -27.24 -9.93
C PRO C 254 -2.76 -26.08 -10.92
N GLY C 255 -1.50 -25.71 -11.11
CA GLY C 255 -1.11 -24.67 -12.06
C GLY C 255 -1.46 -25.10 -13.47
N ILE C 256 -1.96 -24.14 -14.26
CA ILE C 256 -2.38 -24.37 -15.64
C ILE C 256 -1.37 -23.72 -16.64
N TYR C 257 -1.04 -24.47 -17.67
CA TYR C 257 -0.04 -24.11 -18.68
C TYR C 257 -0.64 -24.22 -20.07
N THR C 258 -0.09 -23.49 -21.06
CA THR C 258 -0.58 -23.60 -22.43
C THR C 258 0.11 -24.83 -23.02
N ARG C 259 -0.66 -25.81 -23.53
CA ARG C 259 -0.15 -27.03 -24.15
C ARG C 259 0.53 -26.62 -25.47
N VAL C 260 1.88 -26.65 -25.48
CA VAL C 260 2.72 -26.23 -26.62
C VAL C 260 2.37 -27.02 -27.89
N THR C 261 2.05 -28.32 -27.77
CA THR C 261 1.69 -29.16 -28.93
C THR C 261 0.51 -28.55 -29.72
N TYR C 262 -0.50 -28.02 -29.00
CA TYR C 262 -1.70 -27.41 -29.55
C TYR C 262 -1.40 -26.26 -30.52
N TYR C 263 -0.35 -25.46 -30.24
CA TYR C 263 -0.01 -24.27 -31.03
C TYR C 263 1.28 -24.38 -31.88
N LEU C 264 1.82 -25.62 -32.07
CA LEU C 264 3.04 -25.84 -32.86
C LEU C 264 2.99 -25.25 -34.25
N ASP C 265 1.87 -25.47 -34.96
CA ASP C 265 1.65 -24.98 -36.32
C ASP C 265 1.70 -23.46 -36.39
N TRP C 266 1.11 -22.78 -35.38
CA TRP C 266 1.12 -21.33 -35.26
C TRP C 266 2.54 -20.83 -34.98
N ILE C 267 3.22 -21.43 -33.98
CA ILE C 267 4.60 -21.06 -33.62
C ILE C 267 5.49 -21.13 -34.87
N HIS C 268 5.45 -22.29 -35.55
CA HIS C 268 6.29 -22.52 -36.72
C HIS C 268 5.88 -21.74 -37.97
N HIS C 269 4.76 -20.98 -37.92
CA HIS C 269 4.41 -20.11 -39.04
C HIS C 269 5.38 -18.91 -39.08
N TYR C 270 5.90 -18.52 -37.89
CA TYR C 270 6.81 -17.40 -37.68
C TYR C 270 8.21 -17.84 -37.40
N VAL C 271 8.38 -18.81 -36.51
CA VAL C 271 9.67 -19.27 -36.06
C VAL C 271 10.24 -20.43 -36.91
N PRO C 272 11.43 -20.20 -37.53
CA PRO C 272 12.05 -21.23 -38.39
C PRO C 272 12.22 -22.62 -37.76
N ILE D 31 20.74 7.97 -1.17
CA ILE D 31 21.51 9.11 -1.65
C ILE D 31 20.76 9.88 -2.79
N VAL D 32 20.38 11.14 -2.50
CA VAL D 32 19.72 12.06 -3.43
C VAL D 32 20.81 12.80 -4.22
N GLY D 33 20.77 12.66 -5.54
CA GLY D 33 21.78 13.21 -6.43
C GLY D 33 22.96 12.26 -6.43
N GLY D 34 24.08 12.66 -7.00
CA GLY D 34 25.26 11.81 -7.00
C GLY D 34 25.19 10.51 -7.78
N GLN D 35 26.36 9.89 -7.92
CA GLN D 35 26.55 8.69 -8.74
C GLN D 35 26.92 7.44 -7.93
N GLU D 36 27.09 6.33 -8.67
CA GLU D 36 27.46 5.03 -8.14
C GLU D 36 28.96 5.08 -7.80
N ALA D 37 29.31 4.62 -6.59
CA ALA D 37 30.68 4.65 -6.10
C ALA D 37 31.59 3.63 -6.80
N PRO D 38 32.88 3.95 -7.08
CA PRO D 38 33.79 2.95 -7.66
C PRO D 38 34.08 1.88 -6.63
N ARG D 39 34.42 0.65 -7.10
CA ARG D 39 34.70 -0.52 -6.22
C ARG D 39 35.74 -0.22 -5.13
N SER D 40 36.77 0.55 -5.51
CA SER D 40 37.89 0.97 -4.66
C SER D 40 37.47 1.83 -3.46
N LYS D 41 36.85 3.00 -3.74
CA LYS D 41 36.39 4.02 -2.80
C LYS D 41 35.53 3.51 -1.62
N TRP D 42 35.57 4.26 -0.49
CA TRP D 42 34.83 4.05 0.77
C TRP D 42 34.91 2.62 1.34
N PRO D 43 36.13 2.13 1.69
CA PRO D 43 36.24 0.76 2.24
C PRO D 43 35.64 0.51 3.62
N TRP D 44 35.36 1.59 4.38
CA TRP D 44 34.81 1.57 5.74
C TRP D 44 33.27 1.46 5.79
N GLN D 45 32.62 1.66 4.64
CA GLN D 45 31.18 1.61 4.48
C GLN D 45 30.54 0.25 4.84
N VAL D 46 29.61 0.22 5.81
CA VAL D 46 28.88 -1.00 6.19
C VAL D 46 27.38 -0.79 5.95
N SER D 47 26.63 -1.90 5.86
CA SER D 47 25.19 -1.90 5.63
C SER D 47 24.59 -2.75 6.72
N LEU D 48 23.71 -2.16 7.56
CA LEU D 48 23.04 -2.84 8.66
C LEU D 48 21.83 -3.61 8.14
N ARG D 49 21.65 -4.84 8.62
CA ARG D 49 20.57 -5.70 8.15
C ARG D 49 19.53 -6.12 9.20
N VAL D 50 18.32 -6.41 8.74
CA VAL D 50 17.24 -6.86 9.61
C VAL D 50 16.58 -8.14 9.06
N HIS D 51 16.37 -9.13 9.95
CA HIS D 51 15.78 -10.41 9.57
C HIS D 51 14.39 -10.24 8.99
N GLY D 52 13.96 -11.20 8.20
CA GLY D 52 12.67 -11.18 7.53
C GLY D 52 12.70 -12.11 6.35
N PRO D 53 11.97 -11.83 5.24
CA PRO D 53 11.99 -12.73 4.09
C PRO D 53 13.42 -12.87 3.55
N TYR D 54 14.26 -11.87 3.91
CA TYR D 54 15.67 -11.73 3.64
C TYR D 54 16.28 -10.73 4.60
N TRP D 55 17.62 -10.77 4.74
CA TRP D 55 18.38 -9.85 5.57
C TRP D 55 18.47 -8.51 4.84
N MET D 56 17.41 -7.73 4.97
CA MET D 56 17.24 -6.46 4.31
C MET D 56 18.01 -5.31 4.92
N HIS D 57 18.57 -4.47 4.05
CA HIS D 57 19.28 -3.26 4.42
C HIS D 57 18.29 -2.26 5.05
N PHE D 58 18.71 -1.55 6.13
CA PHE D 58 17.88 -0.53 6.78
C PHE D 58 18.63 0.70 7.27
N CYS D 59 19.97 0.64 7.32
CA CYS D 59 20.88 1.71 7.77
C CYS D 59 22.27 1.39 7.30
N GLY D 60 23.14 2.38 7.35
CA GLY D 60 24.53 2.25 7.02
C GLY D 60 25.32 2.55 8.28
N GLY D 61 26.63 2.42 8.22
CA GLY D 61 27.52 2.67 9.33
C GLY D 61 28.92 2.64 8.83
N SER D 62 29.92 2.87 9.71
CA SER D 62 31.32 2.84 9.31
C SER D 62 32.18 1.99 10.21
N LEU D 63 33.12 1.24 9.61
CA LEU D 63 34.08 0.43 10.36
C LEU D 63 35.12 1.41 10.87
N ILE D 64 35.16 1.60 12.21
CA ILE D 64 36.08 2.54 12.84
C ILE D 64 37.20 1.81 13.57
N HIS D 65 37.06 0.48 13.71
CA HIS D 65 38.00 -0.44 14.37
C HIS D 65 37.71 -1.86 13.87
N PRO D 66 38.68 -2.80 13.79
CA PRO D 66 38.34 -4.16 13.35
C PRO D 66 37.25 -4.88 14.16
N GLN D 67 36.89 -4.38 15.37
CA GLN D 67 35.82 -4.98 16.18
C GLN D 67 34.61 -4.02 16.41
N TRP D 68 34.63 -2.82 15.79
CA TRP D 68 33.63 -1.79 16.00
C TRP D 68 33.10 -1.10 14.76
N VAL D 69 31.78 -0.81 14.78
CA VAL D 69 31.03 -0.09 13.75
C VAL D 69 30.42 1.15 14.41
N LEU D 70 30.48 2.29 13.72
CA LEU D 70 29.88 3.55 14.17
C LEU D 70 28.65 3.81 13.32
N THR D 71 27.51 4.01 13.99
CA THR D 71 26.19 4.21 13.35
C THR D 71 25.38 5.28 14.07
N ALA D 72 24.11 5.51 13.65
CA ALA D 72 23.17 6.47 14.24
C ALA D 72 22.36 5.73 15.28
N ALA D 73 22.12 6.38 16.40
CA ALA D 73 21.35 5.79 17.48
C ALA D 73 19.92 5.49 17.07
N HIS D 74 19.30 6.36 16.26
CA HIS D 74 17.91 6.15 15.81
C HIS D 74 17.73 4.85 14.98
N CYS D 75 18.83 4.31 14.39
CA CYS D 75 18.83 3.07 13.63
C CYS D 75 18.54 1.88 14.51
N VAL D 76 19.11 1.92 15.73
CA VAL D 76 19.08 0.85 16.73
C VAL D 76 18.46 1.26 18.08
N GLY D 77 17.71 2.37 18.12
CA GLY D 77 17.14 2.82 19.39
C GLY D 77 16.01 3.82 19.27
N PRO D 78 15.56 4.45 20.41
CA PRO D 78 16.04 4.31 21.80
C PRO D 78 15.67 2.98 22.45
N ASP D 79 14.69 2.28 21.88
CA ASP D 79 14.22 0.99 22.35
C ASP D 79 15.31 -0.10 22.20
N VAL D 80 15.38 -0.99 23.18
CA VAL D 80 16.32 -2.11 23.21
C VAL D 80 15.97 -3.09 22.09
N LYS D 81 16.96 -3.47 21.31
CA LYS D 81 16.75 -4.34 20.17
C LYS D 81 17.32 -5.75 20.41
N ASP D 82 16.64 -6.76 19.85
CA ASP D 82 17.10 -8.16 19.90
C ASP D 82 18.22 -8.26 18.88
N LEU D 83 19.38 -8.72 19.35
CA LEU D 83 20.54 -8.82 18.47
C LEU D 83 20.41 -9.93 17.46
N ALA D 84 19.49 -10.89 17.70
CA ALA D 84 19.19 -11.99 16.75
C ALA D 84 18.72 -11.42 15.43
N ALA D 85 18.04 -10.24 15.49
CA ALA D 85 17.45 -9.52 14.37
C ALA D 85 18.41 -8.58 13.63
N LEU D 86 19.74 -8.62 13.95
CA LEU D 86 20.68 -7.69 13.34
C LEU D 86 21.95 -8.31 12.87
N ARG D 87 22.42 -7.91 11.70
CA ARG D 87 23.71 -8.34 11.14
C ARG D 87 24.38 -7.14 10.44
N VAL D 88 25.70 -7.19 10.33
CA VAL D 88 26.50 -6.16 9.66
C VAL D 88 27.08 -6.76 8.37
N GLN D 89 27.06 -5.99 7.28
CA GLN D 89 27.60 -6.40 6.00
C GLN D 89 28.69 -5.40 5.60
N LEU D 90 29.93 -5.90 5.44
CA LEU D 90 31.07 -5.07 5.08
C LEU D 90 31.04 -4.62 3.64
N ARG D 91 31.88 -3.62 3.32
CA ARG D 91 31.94 -3.01 2.01
C ARG D 91 31.95 -4.02 0.86
N GLU D 92 30.89 -3.90 0.04
CA GLU D 92 30.62 -4.63 -1.20
C GLU D 92 29.96 -3.60 -2.13
N GLN D 93 30.00 -3.81 -3.45
CA GLN D 93 29.43 -2.85 -4.39
C GLN D 93 27.89 -2.81 -4.39
N HIS D 94 27.25 -4.00 -4.40
CA HIS D 94 25.80 -4.13 -4.45
C HIS D 94 25.31 -4.94 -3.29
N LEU D 95 24.14 -4.59 -2.82
CA LEU D 95 23.52 -5.31 -1.73
C LEU D 95 23.06 -6.68 -2.22
N TYR D 96 23.08 -7.65 -1.28
CA TYR D 96 22.58 -9.02 -1.36
C TYR D 96 23.29 -9.96 -2.34
N TYR D 97 24.13 -9.50 -3.29
CA TYR D 97 24.77 -10.43 -4.25
C TYR D 97 25.88 -11.29 -3.64
N GLN D 98 26.86 -10.66 -2.97
CA GLN D 98 28.00 -11.37 -2.37
C GLN D 98 28.00 -11.15 -0.85
N ASP D 99 26.86 -11.42 -0.19
CA ASP D 99 26.71 -11.23 1.25
C ASP D 99 27.38 -12.28 2.13
N GLN D 100 28.04 -11.79 3.21
CA GLN D 100 28.66 -12.57 4.29
C GLN D 100 28.38 -11.76 5.55
N LEU D 101 27.24 -12.12 6.20
CA LEU D 101 26.68 -11.42 7.34
C LEU D 101 27.42 -11.64 8.62
N LEU D 102 27.82 -10.56 9.26
CA LEU D 102 28.56 -10.64 10.50
C LEU D 102 27.70 -10.41 11.75
N PRO D 103 27.82 -11.28 12.79
CA PRO D 103 27.02 -11.08 14.01
C PRO D 103 27.55 -9.95 14.89
N VAL D 104 26.64 -9.30 15.62
CA VAL D 104 26.90 -8.20 16.54
C VAL D 104 26.79 -8.76 17.97
N SER D 105 27.69 -8.37 18.89
CA SER D 105 27.65 -8.87 20.26
C SER D 105 27.11 -7.86 21.27
N ARG D 106 27.18 -6.55 20.94
CA ARG D 106 26.75 -5.47 21.83
C ARG D 106 26.28 -4.25 21.07
N ILE D 107 25.24 -3.58 21.58
CA ILE D 107 24.77 -2.30 21.04
C ILE D 107 24.96 -1.24 22.13
N ILE D 108 25.73 -0.20 21.83
CA ILE D 108 25.99 0.89 22.77
C ILE D 108 25.44 2.19 22.19
N VAL D 109 24.27 2.61 22.67
CA VAL D 109 23.62 3.85 22.25
C VAL D 109 24.00 4.94 23.26
N HIS D 110 24.35 6.15 22.76
CA HIS D 110 24.71 7.26 23.63
C HIS D 110 23.61 7.50 24.66
N PRO D 111 23.96 7.62 25.97
CA PRO D 111 22.92 7.77 27.01
C PRO D 111 22.03 8.98 26.86
N GLN D 112 22.53 10.06 26.23
CA GLN D 112 21.79 11.31 26.01
C GLN D 112 20.81 11.21 24.83
N PHE D 113 20.73 10.04 24.15
CA PHE D 113 19.86 9.90 23.00
C PHE D 113 18.42 9.53 23.30
N TYR D 114 17.48 10.30 22.74
CA TYR D 114 16.09 9.90 22.74
C TYR D 114 15.55 9.99 21.32
N THR D 115 15.70 11.17 20.67
CA THR D 115 15.29 11.41 19.28
C THR D 115 16.39 12.17 18.54
N ALA D 116 16.42 12.03 17.20
CA ALA D 116 17.36 12.69 16.30
C ALA D 116 17.40 14.23 16.43
N GLN D 117 16.21 14.89 16.49
CA GLN D 117 16.09 16.36 16.60
C GLN D 117 16.58 16.88 17.94
N ILE D 118 16.51 16.02 19.00
CA ILE D 118 16.97 16.38 20.35
C ILE D 118 18.48 16.33 20.31
N GLY D 119 19.04 15.32 19.65
CA GLY D 119 20.48 15.15 19.53
C GLY D 119 20.97 13.84 20.09
N ALA D 120 22.32 13.68 20.08
CA ALA D 120 23.09 12.52 20.53
C ALA D 120 22.72 11.27 19.75
N ASP D 121 22.43 11.44 18.46
CA ASP D 121 22.08 10.36 17.54
C ASP D 121 23.36 9.69 17.05
N ILE D 122 23.98 8.91 17.95
CA ILE D 122 25.22 8.18 17.74
C ILE D 122 25.17 6.85 18.52
N ALA D 123 25.72 5.78 17.90
CA ALA D 123 25.74 4.44 18.49
C ALA D 123 26.93 3.67 18.01
N LEU D 124 27.32 2.65 18.77
CA LEU D 124 28.43 1.75 18.48
C LEU D 124 27.91 0.31 18.47
N LEU D 125 28.39 -0.47 17.51
CA LEU D 125 28.10 -1.89 17.45
C LEU D 125 29.43 -2.62 17.65
N GLU D 126 29.49 -3.52 18.65
CA GLU D 126 30.68 -4.33 18.87
C GLU D 126 30.43 -5.64 18.11
N LEU D 127 31.33 -6.01 17.18
CA LEU D 127 31.12 -7.25 16.41
C LEU D 127 31.61 -8.42 17.22
N GLU D 128 30.92 -9.56 17.09
CA GLU D 128 31.23 -10.82 17.80
C GLU D 128 32.64 -11.33 17.43
N GLU D 129 33.09 -11.03 16.19
CA GLU D 129 34.41 -11.43 15.68
C GLU D 129 35.11 -10.24 15.00
N PRO D 130 36.45 -10.12 15.14
CA PRO D 130 37.14 -9.01 14.48
C PRO D 130 37.29 -9.25 12.98
N VAL D 131 37.09 -8.19 12.17
CA VAL D 131 37.20 -8.28 10.72
C VAL D 131 38.68 -8.30 10.31
N ASN D 132 39.00 -9.10 9.29
CA ASN D 132 40.35 -9.18 8.72
C ASN D 132 40.45 -8.03 7.70
N VAL D 133 41.11 -6.90 8.09
CA VAL D 133 41.24 -5.71 7.25
C VAL D 133 42.11 -5.98 6.00
N SER D 134 41.72 -5.35 4.89
CA SER D 134 42.35 -5.47 3.57
C SER D 134 42.29 -4.15 2.78
N SER D 135 42.59 -4.26 1.47
CA SER D 135 42.55 -3.18 0.50
C SER D 135 41.10 -2.72 0.28
N HIS D 136 40.15 -3.67 0.15
CA HIS D 136 38.74 -3.31 -0.06
C HIS D 136 37.97 -3.06 1.25
N VAL D 137 38.44 -3.65 2.38
CA VAL D 137 37.75 -3.47 3.66
C VAL D 137 38.72 -3.03 4.76
N HIS D 138 38.64 -1.75 5.14
CA HIS D 138 39.45 -1.20 6.22
C HIS D 138 38.72 -0.03 6.89
N THR D 139 39.27 0.46 7.99
CA THR D 139 38.69 1.51 8.84
C THR D 139 38.83 2.95 8.33
N VAL D 140 37.94 3.82 8.84
CA VAL D 140 37.93 5.26 8.58
C VAL D 140 38.59 5.98 9.78
N THR D 141 39.33 7.05 9.51
CA THR D 141 39.99 7.82 10.56
C THR D 141 39.00 8.80 11.19
N LEU D 142 38.98 8.88 12.52
CA LEU D 142 38.13 9.86 13.19
C LEU D 142 38.94 11.15 13.29
N PRO D 143 38.31 12.32 13.35
CA PRO D 143 39.09 13.58 13.38
C PRO D 143 39.66 13.97 14.74
N PRO D 144 40.58 14.96 14.84
CA PRO D 144 40.94 15.48 16.18
C PRO D 144 39.77 16.35 16.68
N ALA D 145 39.70 16.65 17.98
CA ALA D 145 38.61 17.49 18.55
C ALA D 145 38.61 18.92 17.98
N SER D 146 39.83 19.46 17.75
CA SER D 146 40.13 20.77 17.17
C SER D 146 39.57 21.02 15.75
N GLU D 147 39.21 19.93 15.01
CA GLU D 147 38.69 20.04 13.66
C GLU D 147 37.28 20.60 13.64
N THR D 148 37.09 21.65 12.82
CA THR D 148 35.83 22.38 12.71
C THR D 148 34.98 22.04 11.50
N PHE D 149 35.61 21.58 10.39
CA PHE D 149 34.95 21.24 9.12
C PHE D 149 34.17 22.46 8.54
N PRO D 150 34.90 23.53 8.14
CA PRO D 150 34.21 24.74 7.64
C PRO D 150 33.73 24.63 6.19
N PRO D 151 32.82 25.53 5.70
CA PRO D 151 32.40 25.46 4.29
C PRO D 151 33.57 25.51 3.31
N GLY D 152 33.42 24.86 2.17
CA GLY D 152 34.47 24.80 1.16
C GLY D 152 35.16 23.44 1.13
N MET D 153 35.19 22.78 2.31
CA MET D 153 35.73 21.45 2.57
C MET D 153 35.16 20.44 1.55
N PRO D 154 36.01 19.63 0.89
CA PRO D 154 35.46 18.63 -0.05
C PRO D 154 34.89 17.45 0.73
N CYS D 155 33.54 17.41 0.88
CA CYS D 155 32.89 16.34 1.64
C CYS D 155 32.01 15.45 0.81
N TRP D 156 31.95 14.19 1.20
CA TRP D 156 31.19 13.16 0.52
C TRP D 156 30.42 12.38 1.52
N VAL D 157 29.20 11.99 1.15
CA VAL D 157 28.31 11.14 1.96
C VAL D 157 27.98 9.92 1.08
N THR D 158 27.94 8.73 1.70
CA THR D 158 27.76 7.47 1.00
C THR D 158 26.72 6.59 1.66
N GLY D 159 25.99 5.84 0.83
CA GLY D 159 24.96 4.96 1.34
C GLY D 159 24.14 4.23 0.30
N TRP D 160 23.25 3.36 0.79
CA TRP D 160 22.37 2.53 -0.03
C TRP D 160 20.91 2.93 0.24
N GLY D 161 20.70 4.10 0.83
CA GLY D 161 19.36 4.61 1.15
C GLY D 161 18.62 5.21 -0.04
N ASP D 162 17.46 5.81 0.26
CA ASP D 162 16.53 6.39 -0.69
C ASP D 162 17.16 7.37 -1.65
N VAL D 163 16.79 7.24 -2.93
CA VAL D 163 17.32 8.07 -4.01
C VAL D 163 16.64 9.43 -4.08
N ASP D 164 15.43 9.51 -3.52
CA ASP D 164 14.64 10.71 -3.38
C ASP D 164 13.60 10.45 -2.29
N ASN D 165 12.77 11.45 -1.95
CA ASN D 165 11.72 11.31 -0.92
C ASN D 165 10.82 10.12 -1.26
N ASP D 166 10.68 9.17 -0.33
CA ASP D 166 9.86 7.96 -0.47
C ASP D 166 10.15 7.17 -1.79
N GLU D 167 11.43 7.17 -2.21
CA GLU D 167 11.91 6.54 -3.43
C GLU D 167 13.10 5.65 -3.08
N ARG D 168 12.91 4.33 -3.08
CA ARG D 168 13.99 3.41 -2.68
C ARG D 168 15.05 3.29 -3.78
N LEU D 169 16.25 2.82 -3.37
CA LEU D 169 17.34 2.57 -4.29
C LEU D 169 16.92 1.30 -5.06
N PRO D 170 16.81 1.40 -6.40
CA PRO D 170 16.37 0.24 -7.19
C PRO D 170 17.43 -0.85 -7.32
N PRO D 171 17.03 -2.12 -7.62
CA PRO D 171 18.04 -3.16 -7.91
C PRO D 171 18.92 -2.70 -9.11
N PRO D 172 20.21 -3.07 -9.23
CA PRO D 172 21.01 -4.00 -8.39
C PRO D 172 21.58 -3.43 -7.10
N PHE D 173 20.99 -2.36 -6.54
CA PHE D 173 21.37 -1.74 -5.26
C PHE D 173 22.82 -1.27 -5.17
N PRO D 174 23.35 -0.45 -6.11
CA PRO D 174 24.75 -0.01 -5.98
C PRO D 174 24.98 1.01 -4.86
N LEU D 175 26.14 0.95 -4.22
CA LEU D 175 26.48 1.96 -3.21
C LEU D 175 26.61 3.28 -3.98
N LYS D 176 25.93 4.32 -3.45
CA LYS D 176 25.93 5.63 -4.07
C LYS D 176 26.75 6.64 -3.26
N GLN D 177 27.31 7.65 -3.94
CA GLN D 177 28.12 8.71 -3.35
C GLN D 177 27.67 10.06 -3.89
N VAL D 178 27.75 11.11 -3.06
CA VAL D 178 27.42 12.47 -3.48
C VAL D 178 28.30 13.45 -2.74
N LYS D 179 28.89 14.41 -3.49
CA LYS D 179 29.70 15.47 -2.89
C LYS D 179 28.71 16.50 -2.33
N VAL D 180 28.73 16.72 -1.00
CA VAL D 180 27.80 17.67 -0.40
C VAL D 180 28.49 18.93 0.16
N PRO D 181 27.88 20.13 -0.05
CA PRO D 181 28.49 21.35 0.49
C PRO D 181 28.23 21.55 1.99
N ILE D 182 29.31 21.82 2.78
CA ILE D 182 29.19 22.08 4.22
C ILE D 182 28.66 23.49 4.43
N MET D 183 27.66 23.61 5.30
CA MET D 183 27.02 24.87 5.66
C MET D 183 27.25 25.08 7.17
N GLU D 184 27.55 26.34 7.58
CA GLU D 184 27.73 26.69 9.00
C GLU D 184 26.43 26.48 9.78
N ASN D 185 26.53 26.07 11.07
CA ASN D 185 25.36 25.78 11.91
C ASN D 185 24.34 26.91 12.01
N HIS D 186 24.78 28.16 12.19
CA HIS D 186 23.84 29.28 12.31
C HIS D 186 23.13 29.58 11.02
N ILE D 187 23.83 29.42 9.89
CA ILE D 187 23.31 29.63 8.53
C ILE D 187 22.25 28.58 8.27
N CYS D 188 22.59 27.33 8.56
CA CYS D 188 21.72 26.17 8.45
C CYS D 188 20.49 26.32 9.35
N ASP D 189 20.67 26.69 10.64
CA ASP D 189 19.56 26.92 11.58
C ASP D 189 18.65 28.06 11.09
N ALA D 190 19.20 29.11 10.52
CA ALA D 190 18.40 30.17 9.96
C ALA D 190 17.52 29.66 8.80
N LYS D 191 18.09 28.78 7.95
CA LYS D 191 17.39 28.21 6.80
C LYS D 191 16.22 27.35 7.29
N TYR D 192 16.46 26.57 8.37
CA TYR D 192 15.47 25.67 8.99
C TYR D 192 14.26 26.42 9.55
N HIS D 193 14.42 27.72 9.88
CA HIS D 193 13.36 28.58 10.41
C HIS D 193 12.51 29.20 9.32
N LEU D 194 13.01 29.22 8.07
CA LEU D 194 12.29 29.79 6.91
C LEU D 194 11.11 28.90 6.55
N GLY D 195 9.91 29.42 6.67
CA GLY D 195 8.69 28.69 6.38
C GLY D 195 8.28 27.76 7.49
N ALA D 196 8.62 28.16 8.74
CA ALA D 196 8.39 27.43 10.00
C ALA D 196 7.86 28.38 11.04
N TYR D 197 6.96 27.90 11.92
CA TYR D 197 6.39 28.76 12.97
C TYR D 197 7.36 28.96 14.14
N THR D 198 8.31 28.02 14.32
CA THR D 198 9.30 27.99 15.39
C THR D 198 10.00 29.34 15.52
N GLY D 199 10.04 29.85 16.76
CA GLY D 199 10.67 31.11 17.12
C GLY D 199 12.13 31.13 16.71
N ASP D 200 12.64 32.30 16.22
CA ASP D 200 14.01 32.46 15.73
C ASP D 200 15.05 32.23 16.83
N ASP D 201 14.70 32.59 18.06
CA ASP D 201 15.49 32.37 19.25
C ASP D 201 15.55 30.88 19.66
N VAL D 202 14.68 30.03 19.09
CA VAL D 202 14.57 28.59 19.38
C VAL D 202 15.49 27.82 18.44
N ARG D 203 16.59 27.27 18.95
CA ARG D 203 17.58 26.54 18.16
C ARG D 203 17.06 25.20 17.69
N ILE D 204 17.18 24.93 16.36
CA ILE D 204 16.79 23.68 15.70
C ILE D 204 18.06 22.86 15.46
N VAL D 205 19.07 23.47 14.82
CA VAL D 205 20.34 22.83 14.55
C VAL D 205 21.17 23.02 15.79
N ARG D 206 21.43 21.92 16.52
CA ARG D 206 22.17 21.95 17.79
C ARG D 206 23.68 21.77 17.58
N ASP D 207 24.48 22.18 18.57
CA ASP D 207 25.94 22.19 18.51
C ASP D 207 26.58 20.81 18.32
N ASP D 208 25.86 19.73 18.60
CA ASP D 208 26.33 18.35 18.37
C ASP D 208 25.96 17.91 16.96
N MET D 209 25.41 18.81 16.13
CA MET D 209 24.99 18.56 14.75
C MET D 209 25.83 19.37 13.73
N LEU D 210 25.78 18.91 12.46
CA LEU D 210 26.54 19.44 11.33
C LEU D 210 25.64 19.46 10.09
N CYS D 211 25.76 20.49 9.24
CA CYS D 211 24.92 20.63 8.05
C CYS D 211 25.66 20.45 6.74
N ALA D 212 25.04 19.72 5.83
CA ALA D 212 25.56 19.49 4.50
C ALA D 212 24.42 19.12 3.53
N GLY D 213 24.53 19.65 2.32
CA GLY D 213 23.60 19.36 1.26
C GLY D 213 22.90 20.57 0.69
N ASN D 214 22.15 20.35 -0.40
CA ASN D 214 21.34 21.35 -1.08
C ASN D 214 20.16 20.62 -1.70
N THR D 215 19.43 21.26 -2.63
CA THR D 215 18.27 20.67 -3.26
C THR D 215 18.58 19.62 -4.31
N ARG D 216 19.86 19.49 -4.69
CA ARG D 216 20.29 18.55 -5.71
C ARG D 216 21.13 17.41 -5.13
N ARG D 217 21.89 17.68 -4.04
CA ARG D 217 22.80 16.73 -3.39
C ARG D 217 22.42 16.58 -1.93
N ASP D 218 22.17 15.34 -1.48
CA ASP D 218 21.79 15.01 -0.08
C ASP D 218 21.74 13.51 0.23
N SER D 219 21.74 13.18 1.54
CA SER D 219 21.52 11.85 2.10
C SER D 219 19.99 11.74 2.34
N CYS D 220 19.50 10.53 2.54
CA CYS D 220 18.08 10.30 2.70
C CYS D 220 17.87 9.12 3.65
N GLN D 221 16.62 8.72 3.89
CA GLN D 221 16.27 7.56 4.70
C GLN D 221 16.93 6.32 4.17
N GLY D 222 17.55 5.55 5.06
CA GLY D 222 18.29 4.35 4.72
C GLY D 222 19.79 4.60 4.65
N ASP D 223 20.18 5.90 4.61
CA ASP D 223 21.57 6.36 4.59
C ASP D 223 22.09 6.56 6.01
N SER D 224 21.14 6.65 7.02
CA SER D 224 21.44 6.84 8.44
C SER D 224 22.52 5.94 9.00
N GLY D 225 23.38 6.53 9.81
CA GLY D 225 24.51 5.84 10.43
C GLY D 225 25.75 5.97 9.60
N GLY D 226 25.55 6.06 8.29
CA GLY D 226 26.60 6.14 7.27
C GLY D 226 27.54 7.31 7.45
N PRO D 227 28.65 7.36 6.71
CA PRO D 227 29.61 8.44 6.95
C PRO D 227 29.54 9.66 6.05
N LEU D 228 29.92 10.79 6.65
CA LEU D 228 30.15 12.05 5.97
C LEU D 228 31.65 12.23 6.18
N VAL D 229 32.42 12.02 5.10
CA VAL D 229 33.88 12.14 5.19
C VAL D 229 34.38 13.31 4.40
N CYS D 230 35.40 13.98 4.93
CA CYS D 230 36.01 15.14 4.29
C CYS D 230 37.49 14.94 4.18
N LYS D 231 38.09 15.42 3.08
CA LYS D 231 39.54 15.33 2.87
C LYS D 231 40.20 16.49 3.60
N VAL D 232 41.05 16.16 4.61
CA VAL D 232 41.77 17.12 5.45
C VAL D 232 43.25 16.73 5.36
N ASN D 233 44.05 17.55 4.66
CA ASN D 233 45.48 17.35 4.46
C ASN D 233 45.79 15.93 3.95
N GLY D 234 45.13 15.57 2.84
CA GLY D 234 45.33 14.29 2.16
C GLY D 234 44.76 13.05 2.82
N THR D 235 43.98 13.21 3.91
CA THR D 235 43.36 12.07 4.60
C THR D 235 41.88 12.26 4.79
N TRP D 236 41.16 11.15 4.65
CA TRP D 236 39.72 11.10 4.81
C TRP D 236 39.41 10.95 6.30
N LEU D 237 38.68 11.94 6.83
CA LEU D 237 38.27 11.93 8.22
C LEU D 237 36.74 11.93 8.27
N GLN D 238 36.14 11.08 9.14
CA GLN D 238 34.68 11.08 9.26
C GLN D 238 34.25 12.29 10.07
N ALA D 239 33.73 13.28 9.35
CA ALA D 239 33.24 14.52 9.89
C ALA D 239 31.90 14.35 10.61
N GLY D 240 30.99 13.52 10.03
CA GLY D 240 29.65 13.29 10.57
C GLY D 240 29.05 11.90 10.33
N VAL D 241 27.90 11.67 10.98
CA VAL D 241 27.09 10.46 10.92
C VAL D 241 25.70 10.90 10.37
N VAL D 242 25.16 10.19 9.35
CA VAL D 242 23.85 10.52 8.77
C VAL D 242 22.78 10.44 9.85
N SER D 243 22.11 11.58 10.14
CA SER D 243 21.16 11.65 11.24
C SER D 243 19.73 11.92 10.81
N TRP D 244 19.38 13.18 10.55
CA TRP D 244 18.00 13.54 10.17
C TRP D 244 17.97 14.71 9.18
N GLY D 245 16.77 15.23 8.98
CA GLY D 245 16.47 16.37 8.12
C GLY D 245 15.00 16.37 7.78
N GLU D 246 14.46 17.54 7.41
CA GLU D 246 13.06 17.64 6.96
C GLU D 246 13.08 17.25 5.47
N GLY D 247 12.47 16.13 5.15
CA GLY D 247 12.44 15.60 3.79
C GLY D 247 13.84 15.23 3.31
N CYS D 248 14.01 15.16 1.98
CA CYS D 248 15.29 14.85 1.34
C CYS D 248 15.55 15.83 0.21
N ALA D 249 16.61 16.65 0.37
CA ALA D 249 17.05 17.69 -0.58
C ALA D 249 15.92 18.68 -0.87
N GLN D 250 15.31 19.19 0.21
CA GLN D 250 14.20 20.14 0.20
C GLN D 250 14.72 21.56 0.34
N PRO D 251 14.01 22.54 -0.29
CA PRO D 251 14.42 23.95 -0.15
C PRO D 251 14.55 24.37 1.32
N ASN D 252 15.66 25.03 1.66
CA ASN D 252 16.02 25.56 2.98
C ASN D 252 16.05 24.49 4.07
N ARG D 253 16.23 23.21 3.68
CA ARG D 253 16.31 22.10 4.63
C ARG D 253 17.56 21.22 4.40
N PRO D 254 18.81 21.71 4.62
CA PRO D 254 20.00 20.84 4.43
C PRO D 254 19.98 19.64 5.38
N GLY D 255 20.67 18.57 4.98
CA GLY D 255 20.80 17.37 5.78
C GLY D 255 21.55 17.62 7.07
N ILE D 256 21.09 17.02 8.16
CA ILE D 256 21.74 17.17 9.45
C ILE D 256 22.43 15.88 9.84
N TYR D 257 23.71 15.99 10.22
CA TYR D 257 24.62 14.88 10.57
C TYR D 257 25.05 15.09 12.03
N THR D 258 25.41 14.00 12.76
CA THR D 258 25.90 14.15 14.12
C THR D 258 27.37 14.57 13.96
N ARG D 259 27.80 15.61 14.69
CA ARG D 259 29.16 16.11 14.68
C ARG D 259 30.02 15.13 15.49
N VAL D 260 30.85 14.33 14.79
CA VAL D 260 31.71 13.29 15.37
C VAL D 260 32.67 13.87 16.43
N THR D 261 33.21 15.10 16.21
CA THR D 261 34.10 15.74 17.19
C THR D 261 33.47 15.82 18.58
N TYR D 262 32.17 16.16 18.63
CA TYR D 262 31.39 16.33 19.86
C TYR D 262 31.40 15.09 20.76
N TYR D 263 31.40 13.88 20.14
CA TYR D 263 31.32 12.60 20.85
C TYR D 263 32.60 11.74 20.86
N LEU D 264 33.76 12.33 20.48
CA LEU D 264 35.04 11.62 20.44
C LEU D 264 35.39 10.92 21.73
N ASP D 265 35.23 11.63 22.86
CA ASP D 265 35.53 11.11 24.20
C ASP D 265 34.69 9.89 24.54
N TRP D 266 33.41 9.92 24.17
CA TRP D 266 32.50 8.81 24.38
C TRP D 266 32.91 7.61 23.49
N ILE D 267 33.14 7.85 22.19
CA ILE D 267 33.56 6.81 21.25
C ILE D 267 34.82 6.11 21.79
N HIS D 268 35.82 6.91 22.15
CA HIS D 268 37.10 6.37 22.63
C HIS D 268 37.05 5.76 24.04
N HIS D 269 35.90 5.83 24.74
CA HIS D 269 35.76 5.14 26.02
C HIS D 269 35.62 3.63 25.76
N TYR D 270 35.05 3.28 24.59
CA TYR D 270 34.82 1.91 24.16
C TYR D 270 35.76 1.46 23.07
N VAL D 271 35.94 2.30 22.02
CA VAL D 271 36.75 1.97 20.84
C VAL D 271 38.23 2.37 21.00
N PRO D 272 39.14 1.35 20.97
CA PRO D 272 40.58 1.61 21.15
C PRO D 272 41.21 2.67 20.25
N VAL E 2 10.38 -24.85 9.97
CA VAL E 2 11.84 -24.92 9.77
C VAL E 2 12.39 -26.22 10.39
N GLN E 3 13.28 -26.91 9.64
CA GLN E 3 13.81 -28.18 10.13
C GLN E 3 15.33 -28.32 9.90
N LEU E 4 15.99 -28.99 10.87
CA LEU E 4 17.42 -29.32 10.83
C LEU E 4 17.49 -30.85 10.83
N VAL E 5 18.31 -31.47 9.93
CA VAL E 5 18.41 -32.94 9.87
C VAL E 5 19.87 -33.43 9.89
N GLU E 6 20.21 -34.29 10.89
CA GLU E 6 21.53 -34.92 10.99
C GLU E 6 21.50 -36.16 10.10
N SER E 7 22.61 -36.42 9.37
CA SER E 7 22.76 -37.57 8.48
C SER E 7 24.17 -38.13 8.67
N GLY E 8 24.31 -39.46 8.60
CA GLY E 8 25.60 -40.11 8.78
C GLY E 8 25.58 -41.54 9.25
N PRO E 9 26.76 -42.25 9.20
CA PRO E 9 26.81 -43.68 9.58
C PRO E 9 26.51 -43.92 11.03
N GLY E 10 25.67 -44.90 11.29
CA GLY E 10 25.21 -45.25 12.64
C GLY E 10 26.24 -46.01 13.42
N LEU E 11 27.05 -46.83 12.71
CA LEU E 11 28.11 -47.67 13.28
C LEU E 11 29.47 -47.33 12.67
N VAL E 12 30.46 -47.06 13.54
CA VAL E 12 31.83 -46.73 13.16
C VAL E 12 32.77 -47.63 13.96
N LYS E 13 33.79 -48.22 13.30
CA LYS E 13 34.78 -49.06 13.98
C LYS E 13 35.79 -48.14 14.66
N PRO E 14 36.42 -48.53 15.79
CA PRO E 14 37.39 -47.64 16.45
C PRO E 14 38.60 -47.25 15.57
N SER E 15 39.32 -46.17 15.95
CA SER E 15 40.46 -45.58 15.22
C SER E 15 40.07 -44.83 13.92
N GLU E 16 38.85 -45.12 13.39
CA GLU E 16 38.31 -44.51 12.17
C GLU E 16 37.82 -43.07 12.37
N THR E 17 37.20 -42.47 11.33
CA THR E 17 36.69 -41.10 11.40
C THR E 17 35.18 -41.03 11.15
N LEU E 18 34.40 -40.58 12.17
CA LEU E 18 32.96 -40.38 11.95
C LEU E 18 32.74 -39.07 11.20
N SER E 19 31.89 -39.11 10.16
CA SER E 19 31.52 -37.98 9.32
C SER E 19 30.02 -37.80 9.30
N LEU E 20 29.56 -36.64 9.77
CA LEU E 20 28.14 -36.30 9.84
C LEU E 20 27.84 -35.04 9.07
N THR E 21 26.59 -34.89 8.61
CA THR E 21 26.14 -33.70 7.92
C THR E 21 24.84 -33.20 8.53
N CYS E 22 24.67 -31.89 8.67
CA CYS E 22 23.41 -31.30 9.17
C CYS E 22 22.82 -30.67 7.93
N THR E 23 21.58 -30.98 7.60
CA THR E 23 20.93 -30.41 6.42
C THR E 23 19.74 -29.56 6.84
N VAL E 24 19.60 -28.38 6.26
CA VAL E 24 18.52 -27.46 6.64
C VAL E 24 17.35 -27.16 5.67
N SER E 25 16.36 -28.06 5.66
CA SER E 25 15.14 -28.04 4.84
C SER E 25 14.26 -26.79 4.99
N ARG E 26 13.48 -26.47 3.91
CA ARG E 26 12.56 -25.32 3.71
C ARG E 26 13.11 -23.98 4.29
N PHE E 27 14.48 -23.84 4.29
CA PHE E 27 15.24 -22.68 4.73
C PHE E 27 16.75 -22.77 4.55
N SER E 28 17.30 -21.75 3.88
CA SER E 28 18.72 -21.53 3.70
C SER E 28 19.03 -20.41 4.71
N LEU E 29 19.70 -20.79 5.82
CA LEU E 29 20.06 -19.89 6.93
C LEU E 29 21.33 -19.20 6.62
N ILE E 30 21.17 -18.04 6.00
CA ILE E 30 22.29 -17.28 5.55
C ILE E 30 22.98 -16.56 6.73
N GLY E 31 22.24 -15.80 7.52
CA GLY E 31 22.88 -15.12 8.62
C GLY E 31 22.99 -15.90 9.92
N TYR E 32 22.90 -17.25 9.86
CA TYR E 32 22.89 -18.04 11.09
C TYR E 32 24.11 -18.93 11.28
N ALA E 33 24.23 -19.48 12.51
CA ALA E 33 25.33 -20.34 12.91
C ALA E 33 24.83 -21.69 13.30
N ILE E 34 25.60 -22.76 12.96
CA ILE E 34 25.29 -24.14 13.36
C ILE E 34 26.37 -24.69 14.29
N THR E 35 25.96 -25.20 15.48
CA THR E 35 26.89 -25.84 16.42
C THR E 35 26.51 -27.31 16.53
N TRP E 36 27.51 -28.15 16.85
CA TRP E 36 27.36 -29.58 17.05
C TRP E 36 27.50 -29.91 18.51
N ILE E 37 26.56 -30.70 19.02
CA ILE E 37 26.49 -31.13 20.40
C ILE E 37 26.34 -32.64 20.39
N ARG E 38 26.92 -33.32 21.39
CA ARG E 38 26.78 -34.77 21.54
C ARG E 38 26.27 -35.13 22.93
N GLN E 39 25.63 -36.29 23.05
CA GLN E 39 25.10 -36.73 24.32
C GLN E 39 25.28 -38.23 24.52
N PRO E 40 26.36 -38.63 25.27
CA PRO E 40 26.58 -40.06 25.57
C PRO E 40 25.30 -40.70 26.11
N PRO E 41 25.01 -42.00 25.83
CA PRO E 41 23.74 -42.56 26.33
C PRO E 41 23.63 -42.49 27.86
N GLY E 42 22.53 -41.92 28.32
CA GLY E 42 22.24 -41.74 29.73
C GLY E 42 22.97 -40.56 30.37
N LYS E 43 24.00 -40.03 29.70
CA LYS E 43 24.76 -38.89 30.19
C LYS E 43 24.15 -37.58 29.69
N GLY E 44 24.82 -36.46 29.96
CA GLY E 44 24.35 -35.12 29.61
C GLY E 44 24.91 -34.54 28.34
N LEU E 45 24.52 -33.29 28.04
CA LEU E 45 24.95 -32.56 26.85
C LEU E 45 26.39 -32.07 26.95
N GLU E 46 27.13 -32.23 25.85
CA GLU E 46 28.54 -31.86 25.67
C GLU E 46 28.67 -31.12 24.33
N TRP E 47 29.41 -29.99 24.32
CA TRP E 47 29.61 -29.19 23.10
C TRP E 47 30.85 -29.69 22.40
N ILE E 48 30.73 -29.87 21.07
CA ILE E 48 31.82 -30.33 20.22
C ILE E 48 32.51 -29.11 19.64
N GLY E 49 31.71 -28.26 18.97
CA GLY E 49 32.15 -27.06 18.30
C GLY E 49 31.06 -26.47 17.45
N GLY E 50 31.37 -25.37 16.74
CA GLY E 50 30.43 -24.67 15.89
C GLY E 50 31.08 -23.75 14.87
N ILE E 51 30.27 -23.31 13.89
CA ILE E 51 30.65 -22.42 12.80
C ILE E 51 29.71 -21.19 12.82
N SER E 52 30.30 -19.99 12.74
CA SER E 52 29.55 -18.73 12.82
C SER E 52 28.87 -18.33 11.52
N SER E 53 28.09 -17.24 11.63
CA SER E 53 27.38 -16.51 10.57
C SER E 53 28.37 -16.10 9.45
N ALA E 54 29.64 -15.78 9.84
CA ALA E 54 30.77 -15.36 9.00
C ALA E 54 31.72 -16.53 8.69
N ALA E 55 31.20 -17.78 8.77
CA ALA E 55 31.88 -19.04 8.49
C ALA E 55 33.13 -19.30 9.37
N THR E 56 33.13 -18.77 10.60
CA THR E 56 34.24 -18.92 11.54
C THR E 56 34.05 -20.11 12.45
N THR E 57 35.04 -21.01 12.53
CA THR E 57 34.96 -22.19 13.38
C THR E 57 35.50 -21.95 14.77
N PHE E 58 34.80 -22.53 15.73
CA PHE E 58 35.14 -22.51 17.14
C PHE E 58 34.98 -23.94 17.64
N TYR E 59 36.02 -24.48 18.28
CA TYR E 59 36.01 -25.85 18.79
C TYR E 59 36.22 -25.85 20.31
N SER E 60 35.59 -26.81 21.01
CA SER E 60 35.69 -26.98 22.47
C SER E 60 37.12 -27.31 22.92
N SER E 61 37.37 -27.29 24.25
CA SER E 61 38.68 -27.56 24.86
C SER E 61 39.22 -28.90 24.35
N TRP E 62 38.47 -30.00 24.60
CA TRP E 62 38.73 -31.33 24.07
C TRP E 62 38.36 -31.26 22.58
N ALA E 63 38.55 -32.35 21.81
CA ALA E 63 38.24 -32.33 20.37
C ALA E 63 39.35 -31.52 19.72
N LYS E 64 39.09 -30.21 19.39
CA LYS E 64 39.99 -29.24 18.75
C LYS E 64 40.94 -29.87 17.71
N SER E 65 41.98 -30.58 18.20
CA SER E 65 42.96 -31.36 17.46
C SER E 65 42.32 -32.33 16.45
N ARG E 66 41.31 -33.14 16.88
CA ARG E 66 40.65 -34.19 16.08
C ARG E 66 39.28 -33.84 15.44
N VAL E 67 38.84 -32.56 15.49
CA VAL E 67 37.54 -32.15 14.94
C VAL E 67 37.66 -31.07 13.84
N THR E 68 36.78 -31.18 12.80
CA THR E 68 36.66 -30.28 11.65
C THR E 68 35.19 -30.02 11.29
N ILE E 69 34.79 -28.74 11.32
CA ILE E 69 33.44 -28.29 10.99
C ILE E 69 33.50 -27.40 9.76
N SER E 70 32.61 -27.62 8.78
CA SER E 70 32.58 -26.85 7.53
C SER E 70 31.16 -26.56 7.02
N VAL E 71 31.06 -25.70 5.99
CA VAL E 71 29.80 -25.29 5.36
C VAL E 71 29.88 -25.42 3.85
N ASP E 72 28.83 -25.99 3.26
CA ASP E 72 28.63 -26.02 1.83
C ASP E 72 27.30 -25.30 1.58
N THR E 73 27.36 -23.95 1.46
CA THR E 73 26.20 -23.09 1.22
C THR E 73 25.37 -23.56 0.03
N SER E 74 26.05 -24.01 -1.05
CA SER E 74 25.43 -24.52 -2.27
C SER E 74 24.56 -25.76 -2.03
N LYS E 75 24.96 -26.57 -1.03
CA LYS E 75 24.27 -27.81 -0.66
C LYS E 75 23.37 -27.63 0.57
N ASN E 76 23.50 -26.48 1.27
CA ASN E 76 22.82 -26.12 2.54
C ASN E 76 23.20 -27.14 3.61
N GLN E 77 24.49 -27.47 3.64
CA GLN E 77 25.02 -28.49 4.52
C GLN E 77 26.12 -27.99 5.39
N PHE E 78 26.21 -28.59 6.57
CA PHE E 78 27.25 -28.38 7.56
C PHE E 78 27.86 -29.72 7.83
N SER E 79 29.19 -29.79 7.89
CA SER E 79 29.84 -31.06 8.16
C SER E 79 30.49 -31.11 9.55
N LEU E 80 30.67 -32.32 10.05
CA LEU E 80 31.37 -32.63 11.29
C LEU E 80 32.23 -33.86 11.00
N LYS E 81 33.53 -33.77 11.26
CA LYS E 81 34.44 -34.90 11.06
C LYS E 81 35.24 -35.13 12.33
N LEU E 82 35.07 -36.33 12.94
CA LEU E 82 35.73 -36.69 14.19
C LEU E 82 36.66 -37.87 13.98
N SER E 83 37.98 -37.61 13.95
CA SER E 83 38.98 -38.64 13.72
C SER E 83 39.33 -39.45 14.99
N SER E 84 39.97 -40.64 14.78
CA SER E 84 40.45 -41.56 15.82
C SER E 84 39.43 -41.84 16.94
N VAL E 85 38.22 -42.28 16.54
CA VAL E 85 37.09 -42.53 17.45
C VAL E 85 37.31 -43.74 18.36
N THR E 86 36.81 -43.66 19.59
CA THR E 86 36.84 -44.71 20.62
C THR E 86 35.39 -44.90 21.10
N ALA E 87 35.12 -45.87 22.01
CA ALA E 87 33.78 -46.08 22.57
C ALA E 87 33.31 -44.85 23.36
N ALA E 88 34.26 -43.93 23.70
CA ALA E 88 33.98 -42.68 24.40
C ALA E 88 33.23 -41.71 23.51
N ASP E 89 33.27 -41.91 22.17
CA ASP E 89 32.60 -41.07 21.19
C ASP E 89 31.20 -41.56 20.85
N THR E 90 30.83 -42.76 21.37
CA THR E 90 29.47 -43.31 21.20
C THR E 90 28.52 -42.35 21.89
N ALA E 91 27.69 -41.64 21.10
CA ALA E 91 26.74 -40.67 21.58
C ALA E 91 25.66 -40.38 20.56
N VAL E 92 24.74 -39.46 20.90
CA VAL E 92 23.70 -38.97 20.02
C VAL E 92 24.22 -37.62 19.58
N TYR E 93 24.37 -37.44 18.28
CA TYR E 93 24.89 -36.23 17.71
C TYR E 93 23.80 -35.34 17.20
N TYR E 94 23.82 -34.10 17.70
CA TYR E 94 22.88 -33.03 17.44
C TYR E 94 23.57 -31.87 16.76
N CYS E 95 22.86 -31.21 15.87
CA CYS E 95 23.25 -29.95 15.29
C CYS E 95 22.09 -28.98 15.65
N ALA E 96 22.43 -27.77 16.08
CA ALA E 96 21.49 -26.76 16.53
C ALA E 96 21.87 -25.40 15.99
N ARG E 97 20.89 -24.48 15.90
CA ARG E 97 21.10 -23.12 15.40
C ARG E 97 21.12 -22.03 16.47
N ASP E 98 22.11 -21.10 16.37
CA ASP E 98 22.17 -19.89 17.18
C ASP E 98 21.57 -18.79 16.30
N PRO E 99 20.37 -18.24 16.66
CA PRO E 99 19.71 -17.25 15.81
C PRO E 99 20.39 -15.90 15.75
N ARG E 100 21.49 -15.73 16.51
CA ARG E 100 22.29 -14.53 16.53
C ARG E 100 23.53 -14.74 15.63
N GLY E 101 23.69 -15.98 15.15
CA GLY E 101 24.76 -16.40 14.24
C GLY E 101 26.14 -16.40 14.87
N TYR E 102 26.22 -16.77 16.18
CA TYR E 102 27.41 -16.68 16.99
C TYR E 102 28.55 -17.68 16.68
N GLY E 103 28.29 -18.99 16.70
CA GLY E 103 29.40 -19.93 16.43
C GLY E 103 30.05 -20.55 17.66
N ALA E 104 30.17 -19.77 18.77
CA ALA E 104 30.67 -20.22 20.07
C ALA E 104 29.70 -19.72 21.16
N ALA E 105 28.40 -20.16 21.13
CA ALA E 105 27.40 -19.62 22.07
C ALA E 105 26.73 -20.56 23.13
N LEU E 106 25.95 -21.62 22.72
CA LEU E 106 25.23 -22.56 23.63
C LEU E 106 24.04 -22.01 24.44
N ASP E 107 23.94 -20.70 24.67
CA ASP E 107 22.85 -20.19 25.51
C ASP E 107 21.54 -19.89 24.78
N ARG E 108 21.55 -19.94 23.42
CA ARG E 108 20.36 -19.65 22.64
C ARG E 108 20.27 -20.53 21.38
N LEU E 109 20.24 -21.85 21.60
CA LEU E 109 20.11 -22.81 20.50
C LEU E 109 18.60 -23.05 20.28
N ASP E 110 18.00 -22.22 19.43
CA ASP E 110 16.56 -22.23 19.16
C ASP E 110 16.09 -23.46 18.35
N LEU E 111 16.69 -23.73 17.17
CA LEU E 111 16.32 -24.88 16.36
C LEU E 111 17.30 -26.01 16.60
N TRP E 112 16.81 -27.25 16.69
CA TRP E 112 17.65 -28.42 16.88
C TRP E 112 17.32 -29.50 15.88
N GLY E 113 18.29 -30.35 15.60
CA GLY E 113 18.07 -31.51 14.75
C GLY E 113 17.40 -32.59 15.59
N GLN E 114 17.01 -33.70 14.97
CA GLN E 114 16.35 -34.80 15.66
C GLN E 114 17.33 -35.65 16.48
N GLY E 115 18.61 -35.52 16.19
CA GLY E 115 19.66 -36.30 16.83
C GLY E 115 19.94 -37.56 16.05
N THR E 116 21.21 -37.94 15.98
CA THR E 116 21.64 -39.15 15.29
C THR E 116 22.54 -40.01 16.18
N LEU E 117 22.16 -41.26 16.41
CA LEU E 117 23.00 -42.13 17.22
C LEU E 117 24.17 -42.67 16.40
N VAL E 118 25.38 -42.51 16.97
CA VAL E 118 26.61 -43.03 16.42
C VAL E 118 27.19 -43.96 17.48
N THR E 119 27.37 -45.22 17.13
CA THR E 119 27.93 -46.23 18.03
C THR E 119 29.33 -46.59 17.51
N VAL E 120 30.36 -46.48 18.36
CA VAL E 120 31.74 -46.82 17.99
C VAL E 120 32.01 -48.20 18.56
N SER E 121 32.11 -49.21 17.66
CA SER E 121 32.30 -50.61 18.05
C SER E 121 33.00 -51.44 16.99
N SER E 122 33.74 -52.46 17.42
CA SER E 122 34.43 -53.39 16.54
C SER E 122 33.41 -54.45 16.06
N ALA E 123 32.28 -54.57 16.80
CA ALA E 123 31.19 -55.50 16.52
C ALA E 123 30.50 -55.24 15.17
N SER E 124 29.98 -56.32 14.57
CA SER E 124 29.26 -56.32 13.31
C SER E 124 27.75 -56.20 13.54
N THR E 125 27.02 -55.66 12.53
CA THR E 125 25.58 -55.46 12.64
C THR E 125 24.86 -56.82 12.61
N LYS E 126 23.87 -57.02 13.52
CA LYS E 126 23.06 -58.24 13.61
C LYS E 126 21.59 -57.88 13.70
N GLY E 127 20.78 -58.55 12.87
CA GLY E 127 19.33 -58.39 12.80
C GLY E 127 18.65 -59.12 13.95
N PRO E 128 17.50 -58.60 14.43
CA PRO E 128 16.86 -59.23 15.60
C PRO E 128 15.98 -60.43 15.27
N SER E 129 15.74 -61.28 16.29
CA SER E 129 14.80 -62.39 16.16
C SER E 129 13.60 -62.02 17.02
N VAL E 130 12.42 -61.90 16.37
CA VAL E 130 11.17 -61.48 16.99
C VAL E 130 10.36 -62.68 17.44
N PHE E 131 9.99 -62.71 18.73
CA PHE E 131 9.25 -63.79 19.37
C PHE E 131 7.95 -63.31 19.98
N PRO E 132 6.85 -64.09 19.87
CA PRO E 132 5.59 -63.62 20.44
C PRO E 132 5.46 -63.83 21.95
N LEU E 133 4.91 -62.82 22.64
CA LEU E 133 4.59 -62.89 24.05
C LEU E 133 3.06 -63.09 24.07
N ALA E 134 2.64 -64.34 23.88
CA ALA E 134 1.25 -64.81 23.77
C ALA E 134 0.36 -64.49 24.97
N PRO E 135 -0.89 -64.02 24.70
CA PRO E 135 -1.82 -63.74 25.82
C PRO E 135 -2.39 -65.02 26.44
N SER E 136 -2.48 -65.08 27.79
CA SER E 136 -3.01 -66.27 28.47
C SER E 136 -4.38 -66.02 29.09
N GLY E 142 -9.04 -62.28 32.29
CA GLY E 142 -10.23 -61.82 32.99
C GLY E 142 -10.88 -60.66 32.29
N GLY E 143 -10.51 -59.44 32.70
CA GLY E 143 -10.98 -58.20 32.10
C GLY E 143 -9.94 -57.61 31.17
N THR E 144 -8.66 -57.69 31.62
CA THR E 144 -7.44 -57.21 30.95
C THR E 144 -6.84 -58.35 30.13
N ALA E 145 -6.14 -58.02 29.02
CA ALA E 145 -5.41 -59.00 28.20
C ALA E 145 -4.06 -58.43 27.75
N ALA E 146 -2.94 -58.90 28.34
CA ALA E 146 -1.63 -58.38 27.97
C ALA E 146 -0.92 -59.31 26.99
N LEU E 147 -0.32 -58.71 25.94
CA LEU E 147 0.41 -59.40 24.87
C LEU E 147 1.59 -58.53 24.32
N GLY E 148 2.64 -59.17 23.82
CA GLY E 148 3.78 -58.43 23.30
C GLY E 148 4.69 -59.13 22.31
N CYS E 149 5.87 -58.53 22.11
CA CYS E 149 6.92 -59.02 21.23
C CYS E 149 8.27 -58.92 21.90
N LEU E 150 9.04 -60.01 21.87
CA LEU E 150 10.40 -60.02 22.38
C LEU E 150 11.32 -59.90 21.17
N VAL E 151 12.02 -58.76 21.09
CA VAL E 151 12.96 -58.40 20.02
C VAL E 151 14.36 -58.69 20.56
N LYS E 152 14.81 -59.94 20.35
CA LYS E 152 16.05 -60.48 20.88
C LYS E 152 17.24 -60.41 19.93
N ASP E 153 18.43 -60.23 20.55
CA ASP E 153 19.79 -60.30 20.01
C ASP E 153 20.08 -59.48 18.70
N TYR E 154 19.97 -58.14 18.77
CA TYR E 154 20.28 -57.26 17.63
C TYR E 154 21.43 -56.29 17.95
N PHE E 155 22.08 -55.77 16.91
CA PHE E 155 23.16 -54.80 17.05
C PHE E 155 23.37 -53.97 15.78
N PRO E 156 23.58 -52.63 15.89
CA PRO E 156 23.50 -51.80 17.11
C PRO E 156 22.09 -51.29 17.33
N GLU E 157 21.95 -50.28 18.17
CA GLU E 157 20.69 -49.61 18.38
C GLU E 157 20.50 -48.63 17.18
N PRO E 158 19.27 -48.27 16.77
CA PRO E 158 17.96 -48.55 17.35
C PRO E 158 17.08 -49.56 16.60
N VAL E 159 15.99 -49.91 17.27
CA VAL E 159 14.94 -50.78 16.76
C VAL E 159 13.60 -50.04 17.00
N THR E 160 12.77 -49.99 15.96
CA THR E 160 11.50 -49.30 16.04
C THR E 160 10.38 -50.31 16.02
N VAL E 161 9.54 -50.25 17.06
CA VAL E 161 8.40 -51.14 17.22
C VAL E 161 7.07 -50.37 17.23
N SER E 162 6.23 -50.70 16.25
CA SER E 162 4.88 -50.20 16.08
C SER E 162 3.95 -51.42 16.15
N TRP E 163 2.64 -51.19 16.28
CA TRP E 163 1.65 -52.26 16.32
C TRP E 163 0.56 -51.93 15.31
N ASN E 164 0.16 -52.96 14.52
CA ASN E 164 -0.87 -52.87 13.49
C ASN E 164 -0.62 -51.71 12.50
N SER E 165 0.68 -51.50 12.19
CA SER E 165 1.21 -50.49 11.26
C SER E 165 0.87 -49.05 11.66
N GLY E 166 0.96 -48.77 12.95
CA GLY E 166 0.70 -47.44 13.52
C GLY E 166 -0.67 -47.26 14.16
N ALA E 167 -1.66 -48.09 13.73
CA ALA E 167 -3.07 -48.09 14.18
C ALA E 167 -3.28 -48.25 15.70
N LEU E 168 -2.47 -49.11 16.35
CA LEU E 168 -2.56 -49.33 17.79
C LEU E 168 -1.43 -48.57 18.51
N THR E 169 -1.81 -47.52 19.25
CA THR E 169 -0.90 -46.65 19.99
C THR E 169 -1.17 -46.66 21.50
N SER E 170 -2.45 -46.80 21.90
CA SER E 170 -2.86 -46.81 23.31
C SER E 170 -2.57 -48.14 24.01
N GLY E 171 -1.95 -48.05 25.18
CA GLY E 171 -1.60 -49.20 26.00
C GLY E 171 -0.28 -49.84 25.62
N VAL E 172 0.35 -49.34 24.52
CA VAL E 172 1.62 -49.82 23.99
C VAL E 172 2.77 -49.36 24.88
N HIS E 173 3.65 -50.26 25.25
CA HIS E 173 4.85 -49.98 26.03
C HIS E 173 6.08 -50.66 25.44
N THR E 174 6.87 -49.91 24.62
CA THR E 174 8.11 -50.42 24.05
C THR E 174 9.20 -50.05 25.05
N PHE E 175 9.74 -51.05 25.73
CA PHE E 175 10.74 -50.83 26.76
C PHE E 175 12.11 -50.40 26.21
N PRO E 176 12.96 -49.68 27.02
CA PRO E 176 14.30 -49.35 26.54
C PRO E 176 15.12 -50.63 26.36
N ALA E 177 16.02 -50.64 25.36
CA ALA E 177 16.81 -51.82 25.09
C ALA E 177 17.86 -52.01 26.16
N VAL E 178 18.06 -53.26 26.53
CA VAL E 178 19.08 -53.62 27.49
C VAL E 178 20.16 -54.44 26.79
N LEU E 179 21.42 -54.14 27.10
CA LEU E 179 22.57 -54.84 26.54
C LEU E 179 22.82 -56.13 27.33
N GLN E 180 22.88 -57.26 26.62
CA GLN E 180 23.08 -58.58 27.22
C GLN E 180 24.57 -58.91 27.35
N SER E 181 24.91 -60.03 28.02
CA SER E 181 26.29 -60.51 28.19
C SER E 181 26.96 -60.72 26.83
N SER E 182 26.15 -61.20 25.86
CA SER E 182 26.52 -61.47 24.47
C SER E 182 27.05 -60.24 23.71
N GLY E 183 26.71 -59.06 24.20
CA GLY E 183 27.06 -57.79 23.57
C GLY E 183 26.01 -57.40 22.55
N LEU E 184 24.85 -58.07 22.63
CA LEU E 184 23.68 -57.88 21.78
C LEU E 184 22.52 -57.27 22.57
N TYR E 185 21.66 -56.53 21.87
CA TYR E 185 20.50 -55.90 22.46
C TYR E 185 19.27 -56.82 22.42
N SER E 186 18.35 -56.62 23.37
CA SER E 186 17.13 -57.37 23.57
C SER E 186 16.16 -56.36 24.13
N LEU E 187 14.93 -56.40 23.63
CA LEU E 187 13.89 -55.41 23.93
C LEU E 187 12.51 -56.06 23.90
N SER E 188 11.59 -55.51 24.70
CA SER E 188 10.21 -56.00 24.67
C SER E 188 9.24 -54.86 24.41
N SER E 189 8.20 -55.16 23.62
CA SER E 189 7.14 -54.22 23.34
C SER E 189 5.84 -54.91 23.75
N VAL E 190 5.14 -54.36 24.76
CA VAL E 190 3.90 -54.94 25.26
C VAL E 190 2.71 -54.05 24.95
N VAL E 191 1.50 -54.61 25.04
CA VAL E 191 0.24 -53.90 24.83
C VAL E 191 -0.90 -54.60 25.59
N THR E 192 -1.74 -53.78 26.27
CA THR E 192 -2.91 -54.24 27.00
C THR E 192 -4.12 -54.00 26.13
N VAL E 193 -4.97 -55.02 25.99
CA VAL E 193 -6.18 -55.02 25.16
C VAL E 193 -7.35 -55.71 25.91
N PRO E 194 -8.64 -55.52 25.51
CA PRO E 194 -9.72 -56.25 26.21
C PRO E 194 -9.73 -57.74 25.86
N SER E 195 -10.12 -58.55 26.89
CA SER E 195 -10.30 -60.01 26.90
C SER E 195 -11.68 -60.37 26.31
N SER E 196 -12.02 -59.70 25.21
CA SER E 196 -13.18 -59.82 24.32
C SER E 196 -12.70 -59.63 22.86
N SER E 197 -11.71 -58.74 22.65
CA SER E 197 -11.13 -58.42 21.35
C SER E 197 -10.20 -59.51 20.78
N LEU E 198 -9.67 -60.42 21.65
CA LEU E 198 -8.78 -61.51 21.23
C LEU E 198 -9.55 -62.49 20.34
N GLY E 199 -8.88 -63.01 19.31
CA GLY E 199 -9.43 -63.95 18.35
C GLY E 199 -10.33 -63.33 17.30
N THR E 200 -10.73 -62.08 17.54
CA THR E 200 -11.58 -61.23 16.70
C THR E 200 -10.72 -60.15 16.04
N GLN E 201 -9.67 -59.66 16.75
CA GLN E 201 -8.72 -58.64 16.30
C GLN E 201 -7.34 -59.26 16.07
N THR E 202 -6.72 -58.89 14.93
CA THR E 202 -5.40 -59.37 14.54
C THR E 202 -4.36 -58.44 15.15
N TYR E 203 -3.40 -58.99 15.89
CA TYR E 203 -2.35 -58.19 16.53
C TYR E 203 -1.00 -58.51 15.94
N ILE E 204 -0.41 -57.52 15.27
CA ILE E 204 0.89 -57.63 14.61
C ILE E 204 1.84 -56.54 15.11
N CYS E 205 3.03 -56.94 15.58
CA CYS E 205 4.06 -56.01 15.97
C CYS E 205 5.03 -55.88 14.80
N ASN E 206 5.26 -54.64 14.39
CA ASN E 206 6.13 -54.36 13.26
C ASN E 206 7.46 -53.89 13.82
N VAL E 207 8.49 -54.74 13.66
CA VAL E 207 9.85 -54.48 14.14
C VAL E 207 10.70 -54.04 12.95
N ASN E 208 11.49 -52.98 13.14
CA ASN E 208 12.34 -52.45 12.10
C ASN E 208 13.73 -52.12 12.62
N HIS E 209 14.75 -52.80 12.08
CA HIS E 209 16.16 -52.58 12.40
C HIS E 209 16.82 -51.97 11.17
N LYS E 210 16.89 -50.62 11.11
CA LYS E 210 17.49 -49.92 9.96
C LYS E 210 18.99 -50.28 9.77
N PRO E 211 19.83 -50.43 10.85
CA PRO E 211 21.25 -50.79 10.63
C PRO E 211 21.53 -52.05 9.81
N SER E 212 20.61 -53.02 9.85
CA SER E 212 20.78 -54.29 9.13
C SER E 212 19.77 -54.47 7.98
N ASN E 213 18.88 -53.47 7.74
CA ASN E 213 17.82 -53.49 6.71
C ASN E 213 16.86 -54.68 6.90
N THR E 214 16.50 -54.90 8.19
CA THR E 214 15.58 -55.93 8.66
C THR E 214 14.22 -55.31 9.04
N LYS E 215 13.14 -55.92 8.56
CA LYS E 215 11.76 -55.58 8.87
C LYS E 215 11.03 -56.88 9.08
N VAL E 216 10.60 -57.12 10.32
CA VAL E 216 9.89 -58.32 10.71
C VAL E 216 8.50 -57.92 11.18
N ASP E 217 7.49 -58.66 10.73
CA ASP E 217 6.11 -58.48 11.11
C ASP E 217 5.68 -59.77 11.77
N LYS E 218 5.31 -59.67 13.05
CA LYS E 218 4.98 -60.82 13.86
C LYS E 218 3.57 -60.75 14.45
N LYS E 219 2.67 -61.60 13.92
CA LYS E 219 1.31 -61.74 14.39
C LYS E 219 1.29 -62.58 15.69
N VAL E 220 0.95 -61.93 16.83
CA VAL E 220 0.84 -62.54 18.17
C VAL E 220 -0.59 -63.17 18.29
N GLU E 221 -0.66 -64.43 18.78
CA GLU E 221 -1.88 -65.22 18.96
C GLU E 221 -1.89 -65.91 20.34
N PRO E 222 -3.08 -66.30 20.90
CA PRO E 222 -3.08 -66.98 22.21
C PRO E 222 -2.62 -68.45 22.19
N ASP F 1 35.62 -31.24 30.91
CA ASP F 1 34.89 -30.17 30.22
C ASP F 1 33.86 -29.43 31.15
N ILE F 2 34.00 -29.62 32.48
CA ILE F 2 33.11 -29.06 33.51
C ILE F 2 33.54 -27.63 33.95
N GLN F 3 32.62 -26.64 33.81
CA GLN F 3 32.79 -25.22 34.19
C GLN F 3 31.56 -24.64 34.94
N MET F 4 30.41 -25.37 34.89
CA MET F 4 29.15 -24.98 35.53
C MET F 4 28.50 -26.12 36.28
N THR F 5 28.07 -25.80 37.49
CA THR F 5 27.47 -26.71 38.44
C THR F 5 26.00 -26.46 38.67
N GLN F 6 25.20 -27.49 38.36
CA GLN F 6 23.76 -27.50 38.59
C GLN F 6 23.47 -28.17 39.93
N SER F 7 22.51 -27.62 40.68
CA SER F 7 22.13 -28.19 41.97
C SER F 7 20.62 -28.18 42.17
N PRO F 8 19.97 -29.33 42.47
CA PRO F 8 20.55 -30.67 42.63
C PRO F 8 20.80 -31.38 41.29
N SER F 9 21.40 -32.57 41.32
CA SER F 9 21.63 -33.33 40.10
C SER F 9 20.34 -34.02 39.69
N SER F 10 19.47 -34.26 40.68
CA SER F 10 18.15 -34.85 40.52
C SER F 10 17.27 -34.46 41.70
N LEU F 11 15.99 -34.22 41.43
CA LEU F 11 15.00 -33.85 42.44
C LEU F 11 13.64 -34.48 42.17
N SER F 12 12.86 -34.69 43.25
CA SER F 12 11.53 -35.26 43.15
C SER F 12 10.56 -34.34 43.83
N ALA F 13 9.51 -33.94 43.13
CA ALA F 13 8.52 -33.01 43.66
C ALA F 13 7.11 -33.38 43.25
N SER F 14 6.15 -33.00 44.09
CA SER F 14 4.73 -33.27 43.86
C SER F 14 4.16 -32.24 42.86
N VAL F 15 3.00 -32.54 42.26
CA VAL F 15 2.32 -31.64 41.32
C VAL F 15 1.83 -30.37 42.08
N GLY F 16 2.13 -29.21 41.50
CA GLY F 16 1.77 -27.92 42.08
C GLY F 16 2.86 -27.30 42.92
N ASP F 17 3.94 -28.07 43.22
CA ASP F 17 5.08 -27.61 44.01
C ASP F 17 5.95 -26.62 43.24
N ARG F 18 6.59 -25.68 43.96
CA ARG F 18 7.52 -24.70 43.40
C ARG F 18 8.88 -25.39 43.33
N VAL F 19 9.49 -25.41 42.12
CA VAL F 19 10.76 -26.08 41.88
C VAL F 19 11.85 -25.08 41.51
N THR F 20 13.00 -25.17 42.19
CA THR F 20 14.13 -24.27 42.00
C THR F 20 15.41 -25.06 41.67
N ILE F 21 15.95 -24.82 40.46
CA ILE F 21 17.18 -25.46 39.98
C ILE F 21 18.20 -24.36 39.83
N THR F 22 19.34 -24.47 40.51
CA THR F 22 20.38 -23.44 40.44
C THR F 22 21.56 -23.87 39.60
N CYS F 23 22.11 -22.90 38.86
CA CYS F 23 23.24 -23.05 37.96
C CYS F 23 24.30 -22.06 38.41
N GLN F 24 25.50 -22.55 38.73
CA GLN F 24 26.58 -21.71 39.25
C GLN F 24 27.88 -21.94 38.50
N SER F 25 28.65 -20.86 38.33
CA SER F 25 29.96 -20.91 37.67
C SER F 25 30.97 -20.12 38.48
N ILE F 26 32.28 -20.37 38.26
CA ILE F 26 33.33 -19.63 38.97
C ILE F 26 33.62 -18.31 38.23
N LYS F 27 33.65 -18.36 36.89
CA LYS F 27 33.83 -17.18 36.05
C LYS F 27 32.44 -16.59 35.80
N SER F 28 32.36 -15.28 35.65
CA SER F 28 31.08 -14.61 35.39
C SER F 28 30.67 -14.74 33.92
N VAL F 29 29.36 -14.92 33.69
CA VAL F 29 28.72 -15.05 32.38
C VAL F 29 28.97 -13.78 31.53
N TYR F 30 29.28 -13.94 30.22
CA TYR F 30 29.64 -12.84 29.34
C TYR F 30 28.59 -11.75 29.17
N ASN F 31 27.48 -12.01 28.50
CA ASN F 31 26.58 -10.88 28.29
C ASN F 31 25.20 -11.36 28.55
N ASN F 32 24.95 -11.76 29.81
CA ASN F 32 23.68 -12.40 30.26
C ASN F 32 23.48 -13.70 29.47
N ARG F 33 24.58 -14.22 28.88
CA ARG F 33 24.59 -15.43 28.09
C ARG F 33 24.41 -16.67 28.97
N LEU F 34 23.14 -16.93 29.34
CA LEU F 34 22.74 -18.07 30.16
C LEU F 34 21.34 -18.48 29.74
N GLY F 35 21.22 -19.72 29.27
CA GLY F 35 19.96 -20.26 28.82
C GLY F 35 19.59 -21.55 29.51
N TRP F 36 18.30 -21.89 29.50
CA TRP F 36 17.75 -23.11 30.11
C TRP F 36 17.07 -23.98 29.07
N TYR F 37 17.41 -25.28 29.09
CA TYR F 37 16.91 -26.32 28.20
C TYR F 37 16.16 -27.38 28.96
N GLN F 38 15.14 -27.94 28.32
CA GLN F 38 14.31 -29.00 28.86
C GLN F 38 14.40 -30.17 27.89
N GLN F 39 14.88 -31.32 28.36
CA GLN F 39 15.03 -32.49 27.51
C GLN F 39 14.16 -33.66 27.95
N LYS F 40 13.10 -33.92 27.16
CA LYS F 40 12.22 -35.06 27.46
C LYS F 40 12.85 -36.31 26.84
N PRO F 41 12.82 -37.48 27.53
CA PRO F 41 13.56 -38.66 27.01
C PRO F 41 13.36 -38.98 25.54
N GLY F 42 14.50 -39.20 24.88
CA GLY F 42 14.56 -39.53 23.45
C GLY F 42 14.15 -38.39 22.53
N LYS F 43 14.36 -37.14 22.97
CA LYS F 43 14.02 -35.94 22.22
C LYS F 43 15.15 -34.92 22.32
N ALA F 44 15.24 -34.03 21.33
CA ALA F 44 16.25 -32.97 21.34
C ALA F 44 15.90 -31.94 22.44
N PRO F 45 16.90 -31.37 23.14
CA PRO F 45 16.58 -30.33 24.15
C PRO F 45 15.75 -29.19 23.57
N LYS F 46 14.93 -28.55 24.41
CA LYS F 46 14.07 -27.42 24.03
C LYS F 46 14.57 -26.14 24.75
N LEU F 47 14.67 -25.01 24.03
CA LEU F 47 15.10 -23.79 24.69
C LEU F 47 13.89 -23.16 25.38
N LEU F 48 13.94 -23.02 26.71
CA LEU F 48 12.84 -22.46 27.49
C LEU F 48 13.09 -20.99 27.82
N ILE F 49 14.27 -20.72 28.40
CA ILE F 49 14.71 -19.40 28.83
C ILE F 49 16.03 -19.15 28.10
N TYR F 50 16.24 -17.91 27.64
CA TYR F 50 17.48 -17.46 27.01
C TYR F 50 17.86 -16.07 27.49
N GLU F 51 19.18 -15.74 27.44
CA GLU F 51 19.69 -14.45 27.88
C GLU F 51 19.19 -14.12 29.31
N THR F 52 19.36 -15.13 30.22
CA THR F 52 19.06 -15.16 31.66
C THR F 52 17.59 -15.30 32.00
N SER F 53 16.77 -14.39 31.49
CA SER F 53 15.38 -14.30 31.88
C SER F 53 14.33 -14.34 30.76
N ILE F 54 14.75 -14.15 29.47
CA ILE F 54 13.81 -14.11 28.35
C ILE F 54 13.21 -15.46 28.07
N LEU F 55 11.88 -15.54 28.12
CA LEU F 55 11.10 -16.75 27.89
C LEU F 55 10.82 -17.00 26.38
N THR F 56 11.11 -18.20 25.89
CA THR F 56 10.82 -18.60 24.50
C THR F 56 9.31 -18.51 24.30
N SER F 57 8.82 -17.95 23.18
CA SER F 57 7.36 -17.81 23.00
C SER F 57 6.68 -19.18 22.88
N GLY F 58 5.55 -19.32 23.57
CA GLY F 58 4.81 -20.58 23.63
C GLY F 58 5.04 -21.35 24.92
N VAL F 59 6.21 -21.13 25.55
CA VAL F 59 6.59 -21.75 26.81
C VAL F 59 5.72 -21.19 27.98
N PRO F 60 5.11 -22.08 28.79
CA PRO F 60 4.27 -21.62 29.91
C PRO F 60 4.95 -20.67 30.89
N SER F 61 4.16 -19.74 31.43
CA SER F 61 4.58 -18.71 32.39
C SER F 61 5.07 -19.28 33.73
N ARG F 62 4.82 -20.58 33.98
CA ARG F 62 5.29 -21.26 35.19
C ARG F 62 6.81 -21.39 35.18
N PHE F 63 7.43 -21.25 33.99
CA PHE F 63 8.88 -21.26 33.81
C PHE F 63 9.38 -19.83 33.78
N SER F 64 10.35 -19.52 34.65
CA SER F 64 11.00 -18.21 34.77
C SER F 64 12.50 -18.38 35.06
N GLY F 65 13.30 -17.44 34.57
CA GLY F 65 14.75 -17.45 34.75
C GLY F 65 15.20 -16.21 35.48
N SER F 66 16.14 -16.37 36.41
CA SER F 66 16.63 -15.25 37.20
C SER F 66 18.13 -15.42 37.52
N GLY F 67 18.77 -14.34 37.96
CA GLY F 67 20.17 -14.37 38.31
C GLY F 67 21.07 -13.48 37.49
N SER F 68 22.35 -13.41 37.88
CA SER F 68 23.37 -12.61 37.21
C SER F 68 24.75 -13.09 37.60
N GLY F 69 25.72 -12.77 36.75
CA GLY F 69 27.13 -13.09 36.95
C GLY F 69 27.50 -14.55 37.01
N THR F 70 27.53 -15.10 38.23
CA THR F 70 27.96 -16.46 38.55
C THR F 70 26.88 -17.37 39.11
N ASP F 71 25.73 -16.81 39.53
CA ASP F 71 24.62 -17.56 40.12
C ASP F 71 23.30 -17.26 39.42
N PHE F 72 22.63 -18.33 38.94
CA PHE F 72 21.39 -18.33 38.17
C PHE F 72 20.37 -19.35 38.70
N THR F 73 19.06 -19.15 38.40
CA THR F 73 18.01 -20.03 38.89
C THR F 73 16.88 -20.19 37.90
N LEU F 74 16.48 -21.45 37.66
CA LEU F 74 15.29 -21.81 36.88
C LEU F 74 14.21 -22.11 37.93
N THR F 75 13.04 -21.51 37.75
CA THR F 75 11.91 -21.69 38.67
C THR F 75 10.70 -22.26 37.93
N ILE F 76 10.06 -23.28 38.54
CA ILE F 76 8.82 -23.88 38.05
C ILE F 76 7.81 -23.67 39.19
N SER F 77 7.09 -22.52 39.16
CA SER F 77 6.13 -22.05 40.18
C SER F 77 5.10 -23.10 40.63
N SER F 78 4.55 -23.90 39.69
CA SER F 78 3.57 -24.95 39.97
C SER F 78 3.85 -26.13 39.05
N LEU F 79 4.72 -27.05 39.49
CA LEU F 79 5.15 -28.24 38.74
C LEU F 79 3.98 -29.07 38.19
N GLN F 80 4.01 -29.35 36.88
CA GLN F 80 3.00 -30.13 36.18
C GLN F 80 3.54 -31.53 35.83
N PRO F 81 2.68 -32.57 35.64
CA PRO F 81 3.22 -33.91 35.32
C PRO F 81 4.08 -33.95 34.06
N GLU F 82 3.75 -33.12 33.03
CA GLU F 82 4.51 -33.00 31.77
C GLU F 82 5.91 -32.41 31.95
N ASP F 83 6.12 -31.64 33.04
CA ASP F 83 7.38 -30.99 33.37
C ASP F 83 8.52 -31.96 33.74
N PHE F 84 8.23 -33.30 33.80
CA PHE F 84 9.23 -34.35 33.99
C PHE F 84 10.16 -34.30 32.77
N ALA F 85 11.46 -34.01 33.05
CA ALA F 85 12.53 -33.91 32.06
C ALA F 85 13.87 -33.63 32.73
N THR F 86 14.95 -33.61 31.93
CA THR F 86 16.25 -33.23 32.43
C THR F 86 16.47 -31.81 31.98
N TYR F 87 16.77 -30.95 32.97
CA TYR F 87 16.97 -29.52 32.73
C TYR F 87 18.43 -29.16 32.72
N TYR F 88 18.84 -28.48 31.63
CA TYR F 88 20.22 -28.08 31.43
C TYR F 88 20.35 -26.56 31.35
N CYS F 89 21.33 -25.99 32.05
CA CYS F 89 21.65 -24.59 31.89
C CYS F 89 22.87 -24.59 30.97
N ALA F 90 23.10 -23.50 30.23
CA ALA F 90 24.24 -23.38 29.34
C ALA F 90 24.67 -21.94 29.28
N GLY F 91 25.96 -21.69 29.45
CA GLY F 91 26.47 -20.33 29.48
C GLY F 91 27.69 -20.05 28.65
N GLY F 92 27.92 -18.76 28.40
CA GLY F 92 29.06 -18.25 27.66
C GLY F 92 29.86 -17.28 28.50
N PHE F 93 31.20 -17.43 28.48
CA PHE F 93 32.12 -16.58 29.27
C PHE F 93 32.93 -15.65 28.39
N ASP F 94 33.06 -16.04 27.12
CA ASP F 94 33.70 -15.27 26.08
C ASP F 94 33.01 -15.57 24.74
N ARG F 95 33.50 -14.98 23.65
CA ARG F 95 32.90 -15.15 22.33
C ARG F 95 33.71 -16.09 21.44
N SER F 96 34.76 -16.72 21.97
CA SER F 96 35.69 -17.55 21.18
C SER F 96 35.88 -19.00 21.66
N GLY F 97 34.91 -19.57 22.38
CA GLY F 97 34.99 -20.98 22.79
C GLY F 97 34.77 -21.36 24.24
N ASP F 98 34.77 -20.38 25.16
CA ASP F 98 34.55 -20.64 26.58
C ASP F 98 33.03 -20.65 26.87
N THR F 99 32.37 -21.74 26.48
CA THR F 99 30.95 -22.00 26.71
C THR F 99 30.83 -23.45 27.09
N THR F 100 29.97 -23.75 28.07
CA THR F 100 29.70 -25.12 28.51
C THR F 100 28.22 -25.31 28.76
N PHE F 101 27.84 -26.53 29.13
CA PHE F 101 26.51 -26.91 29.57
C PHE F 101 26.69 -27.29 31.02
N GLY F 102 25.62 -27.23 31.78
CA GLY F 102 25.63 -27.66 33.15
C GLY F 102 25.39 -29.15 33.17
N GLN F 103 25.66 -29.77 34.35
CA GLN F 103 25.52 -31.20 34.66
C GLN F 103 24.16 -31.82 34.21
N GLY F 104 23.08 -31.06 34.37
CA GLY F 104 21.72 -31.50 34.13
C GLY F 104 20.99 -31.76 35.45
N THR F 105 19.66 -31.62 35.44
CA THR F 105 18.89 -31.85 36.66
C THR F 105 17.68 -32.68 36.28
N LYS F 106 17.66 -33.95 36.75
CA LYS F 106 16.50 -34.81 36.44
C LYS F 106 15.38 -34.49 37.41
N VAL F 107 14.28 -33.95 36.87
CA VAL F 107 13.12 -33.56 37.65
C VAL F 107 12.14 -34.70 37.56
N GLU F 108 11.79 -35.27 38.71
CA GLU F 108 10.89 -36.41 38.84
C GLU F 108 9.63 -36.00 39.60
N ILE F 109 8.49 -36.50 39.12
CA ILE F 109 7.20 -36.27 39.75
C ILE F 109 7.01 -37.25 40.92
N LYS F 110 6.46 -36.73 42.01
CA LYS F 110 6.13 -37.45 43.22
C LYS F 110 4.60 -37.53 43.27
N ARG F 111 4.08 -38.77 43.32
CA ARG F 111 2.65 -39.02 43.32
C ARG F 111 2.19 -40.05 44.37
N THR F 112 0.86 -40.25 44.46
CA THR F 112 0.30 -41.25 45.36
C THR F 112 0.79 -42.64 44.99
N VAL F 113 0.93 -43.51 46.00
CA VAL F 113 1.40 -44.89 45.81
C VAL F 113 0.44 -45.64 44.88
N ALA F 114 1.00 -46.38 43.92
CA ALA F 114 0.25 -47.16 42.94
C ALA F 114 0.81 -48.57 42.84
N ALA F 115 -0.05 -49.58 42.94
CA ALA F 115 0.39 -50.97 42.87
C ALA F 115 0.50 -51.45 41.41
N PRO F 116 1.53 -52.26 41.08
CA PRO F 116 1.66 -52.75 39.69
C PRO F 116 0.64 -53.84 39.33
N SER F 117 0.46 -54.06 38.02
CA SER F 117 -0.35 -55.13 37.46
C SER F 117 0.69 -56.15 36.97
N VAL F 118 0.85 -57.29 37.67
CA VAL F 118 1.89 -58.27 37.32
C VAL F 118 1.38 -59.32 36.30
N PHE F 119 2.21 -59.58 35.26
CA PHE F 119 1.96 -60.54 34.17
C PHE F 119 3.17 -61.41 33.89
N ILE F 120 2.94 -62.67 33.45
CA ILE F 120 4.01 -63.63 33.13
C ILE F 120 3.82 -64.19 31.70
N PHE F 121 4.94 -64.30 30.96
CA PHE F 121 4.95 -64.80 29.58
C PHE F 121 5.96 -65.92 29.41
N PRO F 122 5.48 -67.14 29.05
CA PRO F 122 6.41 -68.28 28.84
C PRO F 122 7.19 -68.14 27.54
N PRO F 123 8.39 -68.77 27.42
CA PRO F 123 9.17 -68.60 26.18
C PRO F 123 8.49 -69.25 24.98
N SER F 124 8.50 -68.56 23.83
CA SER F 124 7.89 -69.04 22.61
C SER F 124 8.51 -70.34 22.11
N ASP F 125 7.66 -71.23 21.59
CA ASP F 125 8.07 -72.52 21.05
C ASP F 125 9.04 -72.35 19.89
N GLU F 126 9.00 -71.16 19.22
CA GLU F 126 9.87 -70.77 18.11
C GLU F 126 11.29 -70.48 18.64
N GLN F 127 11.39 -69.82 19.80
CA GLN F 127 12.65 -69.46 20.47
C GLN F 127 13.35 -70.67 21.05
N LEU F 128 12.59 -71.74 21.27
CA LEU F 128 13.10 -72.98 21.81
C LEU F 128 13.53 -73.96 20.71
N LYS F 129 13.81 -73.43 19.52
CA LYS F 129 14.37 -74.12 18.37
C LYS F 129 15.85 -73.75 18.45
N SER F 130 16.09 -72.47 18.82
CA SER F 130 17.41 -71.90 19.11
C SER F 130 17.73 -72.27 20.57
N GLY F 131 18.99 -72.09 20.96
CA GLY F 131 19.48 -72.50 22.27
C GLY F 131 18.94 -71.85 23.51
N THR F 132 18.23 -70.72 23.38
CA THR F 132 17.76 -69.95 24.54
C THR F 132 16.24 -69.97 24.75
N ALA F 133 15.87 -69.58 26.00
CA ALA F 133 14.53 -69.42 26.55
C ALA F 133 14.47 -68.08 27.33
N SER F 134 13.34 -67.37 27.17
CA SER F 134 13.12 -66.10 27.83
C SER F 134 11.73 -65.98 28.48
N VAL F 135 11.74 -66.01 29.82
CA VAL F 135 10.52 -65.84 30.61
C VAL F 135 10.45 -64.35 30.91
N VAL F 136 9.30 -63.73 30.64
CA VAL F 136 9.09 -62.30 30.82
C VAL F 136 8.03 -62.03 31.87
N CYS F 137 8.42 -61.23 32.87
CA CYS F 137 7.54 -60.76 33.92
C CYS F 137 7.33 -59.29 33.69
N LEU F 138 6.07 -58.88 33.56
CA LEU F 138 5.69 -57.48 33.39
C LEU F 138 5.07 -56.94 34.69
N LEU F 139 5.42 -55.69 35.06
CA LEU F 139 4.92 -54.93 36.22
C LEU F 139 4.32 -53.65 35.64
N ASN F 140 3.00 -53.62 35.46
CA ASN F 140 2.39 -52.49 34.79
C ASN F 140 1.81 -51.39 35.70
N ASN F 141 2.23 -50.14 35.38
CA ASN F 141 1.82 -48.82 35.91
C ASN F 141 1.79 -48.71 37.45
N PHE F 142 2.91 -48.22 38.05
CA PHE F 142 3.07 -48.06 39.52
C PHE F 142 3.96 -46.87 39.98
N TYR F 143 3.82 -46.48 41.26
CA TYR F 143 4.67 -45.46 41.91
C TYR F 143 4.91 -45.84 43.39
N PRO F 144 6.17 -45.77 43.90
CA PRO F 144 7.42 -45.35 43.22
C PRO F 144 8.08 -46.42 42.37
N ARG F 145 9.12 -46.02 41.62
CA ARG F 145 9.93 -46.86 40.71
C ARG F 145 10.50 -48.08 41.45
N GLU F 146 10.89 -47.87 42.72
CA GLU F 146 11.54 -48.81 43.63
C GLU F 146 10.66 -50.03 43.99
N ALA F 147 10.98 -51.15 43.31
CA ALA F 147 10.30 -52.43 43.46
C ALA F 147 11.33 -53.57 43.36
N LYS F 148 10.99 -54.71 43.98
CA LYS F 148 11.82 -55.90 43.99
C LYS F 148 11.11 -57.04 43.28
N VAL F 149 11.75 -57.59 42.22
CA VAL F 149 11.22 -58.73 41.46
C VAL F 149 12.13 -59.90 41.73
N GLN F 150 11.50 -61.01 42.11
CA GLN F 150 12.18 -62.24 42.44
C GLN F 150 11.76 -63.33 41.45
N TRP F 151 12.74 -64.03 40.87
CA TRP F 151 12.47 -65.14 39.97
C TRP F 151 12.76 -66.44 40.72
N LYS F 152 11.69 -67.19 40.98
CA LYS F 152 11.75 -68.51 41.62
C LYS F 152 11.39 -69.56 40.56
N VAL F 153 12.29 -70.54 40.40
CA VAL F 153 12.15 -71.65 39.46
C VAL F 153 12.26 -72.92 40.32
N ASP F 154 11.13 -73.66 40.47
CA ASP F 154 11.00 -74.86 41.32
C ASP F 154 11.31 -74.51 42.81
N ASN F 155 10.91 -73.27 43.20
CA ASN F 155 11.02 -72.56 44.48
C ASN F 155 12.44 -72.05 44.83
N ALA F 156 13.47 -72.43 44.04
CA ALA F 156 14.87 -71.99 44.23
C ALA F 156 15.05 -70.52 43.85
N LEU F 157 15.70 -69.72 44.74
CA LEU F 157 15.94 -68.30 44.47
C LEU F 157 17.03 -68.20 43.42
N GLN F 158 16.81 -67.31 42.42
CA GLN F 158 17.71 -67.10 41.29
C GLN F 158 18.50 -65.80 41.40
N SER F 159 19.82 -65.86 41.17
CA SER F 159 20.73 -64.71 41.15
C SER F 159 21.82 -64.88 40.08
N GLY F 160 21.90 -63.90 39.17
CA GLY F 160 22.85 -63.87 38.06
C GLY F 160 22.32 -64.45 36.77
N ASN F 161 21.21 -63.88 36.23
CA ASN F 161 20.54 -64.28 34.98
C ASN F 161 19.40 -63.33 34.54
N SER F 162 18.66 -62.78 35.51
CA SER F 162 17.56 -61.87 35.19
C SER F 162 18.07 -60.46 34.92
N GLN F 163 17.34 -59.70 34.08
CA GLN F 163 17.65 -58.33 33.73
C GLN F 163 16.36 -57.56 33.62
N GLU F 164 16.31 -56.41 34.28
CA GLU F 164 15.13 -55.57 34.22
C GLU F 164 15.39 -54.24 33.54
N SER F 165 14.33 -53.63 32.99
CA SER F 165 14.39 -52.33 32.32
C SER F 165 13.12 -51.53 32.63
N VAL F 166 13.29 -50.27 33.06
CA VAL F 166 12.15 -49.44 33.43
C VAL F 166 11.82 -48.45 32.31
N THR F 167 10.52 -48.19 32.12
CA THR F 167 10.08 -47.16 31.19
C THR F 167 10.34 -45.79 31.87
N GLU F 168 10.41 -44.73 31.07
CA GLU F 168 10.58 -43.40 31.65
C GLU F 168 9.22 -42.99 32.20
N GLN F 169 9.21 -42.24 33.30
CA GLN F 169 8.00 -41.79 33.98
C GLN F 169 6.97 -41.22 32.96
N ASP F 170 5.73 -41.72 32.97
CA ASP F 170 4.71 -41.21 32.06
C ASP F 170 4.47 -39.72 32.29
N SER F 171 4.23 -39.01 31.17
CA SER F 171 3.92 -37.58 31.05
C SER F 171 2.52 -37.25 31.65
N LYS F 172 1.64 -38.26 31.65
CA LYS F 172 0.27 -38.17 32.14
C LYS F 172 0.14 -38.66 33.58
N ASP F 173 0.02 -39.99 33.80
CA ASP F 173 -0.25 -40.55 35.13
C ASP F 173 1.00 -40.65 36.05
N SER F 174 2.21 -40.26 35.57
CA SER F 174 3.47 -40.23 36.34
C SER F 174 3.93 -41.59 36.92
N THR F 175 3.42 -42.73 36.36
CA THR F 175 3.78 -44.08 36.81
C THR F 175 5.02 -44.59 36.10
N TYR F 176 5.30 -45.90 36.26
CA TYR F 176 6.44 -46.61 35.70
C TYR F 176 5.99 -48.04 35.38
N SER F 177 6.48 -48.58 34.26
CA SER F 177 6.27 -49.98 33.89
C SER F 177 7.64 -50.62 33.89
N LEU F 178 7.75 -51.86 34.38
CA LEU F 178 9.01 -52.59 34.46
C LEU F 178 8.84 -53.98 33.87
N SER F 179 9.89 -54.42 33.16
CA SER F 179 9.96 -55.76 32.57
C SER F 179 11.17 -56.48 33.13
N SER F 180 10.95 -57.65 33.77
CA SER F 180 12.04 -58.49 34.25
C SER F 180 12.05 -59.71 33.34
N THR F 181 13.22 -59.97 32.72
CA THR F 181 13.38 -61.09 31.81
C THR F 181 14.40 -62.08 32.31
N LEU F 182 13.92 -63.29 32.54
CA LEU F 182 14.73 -64.42 32.97
C LEU F 182 15.26 -65.12 31.73
N THR F 183 16.58 -65.32 31.69
CA THR F 183 17.27 -65.99 30.60
C THR F 183 18.06 -67.21 31.10
N LEU F 184 17.73 -68.37 30.51
CA LEU F 184 18.35 -69.67 30.77
C LEU F 184 18.53 -70.37 29.42
N SER F 185 19.36 -71.44 29.39
CA SER F 185 19.54 -72.24 28.16
C SER F 185 18.32 -73.17 28.00
N LYS F 186 18.16 -73.79 26.82
CA LYS F 186 17.05 -74.72 26.57
C LYS F 186 17.15 -75.88 27.55
N ALA F 187 18.41 -76.32 27.82
CA ALA F 187 18.76 -77.42 28.74
C ALA F 187 18.24 -77.14 30.15
N ASP F 188 18.40 -75.89 30.62
CA ASP F 188 17.95 -75.44 31.94
C ASP F 188 16.45 -75.19 32.00
N TYR F 189 15.83 -74.70 30.90
CA TYR F 189 14.38 -74.47 30.89
C TYR F 189 13.56 -75.78 30.95
N GLU F 190 14.11 -76.90 30.43
CA GLU F 190 13.40 -78.18 30.49
C GLU F 190 13.71 -78.93 31.77
N LYS F 191 14.80 -78.52 32.45
CA LYS F 191 15.33 -79.12 33.70
C LYS F 191 14.33 -78.92 34.86
N HIS F 192 13.53 -77.83 34.82
CA HIS F 192 12.55 -77.44 35.85
C HIS F 192 11.11 -77.36 35.32
N LYS F 193 10.11 -77.15 36.21
CA LYS F 193 8.71 -77.14 35.74
C LYS F 193 7.90 -75.91 36.13
N VAL F 194 8.03 -75.41 37.37
CA VAL F 194 7.25 -74.24 37.78
C VAL F 194 8.11 -72.97 37.79
N TYR F 195 7.63 -71.95 37.04
CA TYR F 195 8.29 -70.66 36.87
C TYR F 195 7.41 -69.55 37.40
N ALA F 196 7.98 -68.67 38.27
CA ALA F 196 7.24 -67.54 38.85
C ALA F 196 8.08 -66.32 39.26
N CYS F 197 7.43 -65.16 39.26
CA CYS F 197 8.04 -63.92 39.70
C CYS F 197 7.29 -63.33 40.90
N GLU F 198 7.97 -63.32 42.05
CA GLU F 198 7.51 -62.81 43.34
C GLU F 198 7.84 -61.32 43.35
N VAL F 199 6.79 -60.49 43.24
CA VAL F 199 6.93 -59.04 43.20
C VAL F 199 6.65 -58.44 44.56
N THR F 200 7.66 -57.74 45.10
CA THR F 200 7.54 -57.00 46.34
C THR F 200 7.46 -55.53 45.92
N HIS F 201 6.41 -54.82 46.36
CA HIS F 201 6.22 -53.39 46.13
C HIS F 201 5.59 -52.76 47.36
N GLN F 202 5.73 -51.43 47.50
CA GLN F 202 5.17 -50.63 48.58
C GLN F 202 3.64 -50.64 48.52
N GLY F 203 3.10 -50.55 47.29
CA GLY F 203 1.66 -50.54 47.00
C GLY F 203 0.95 -51.86 47.17
N LEU F 204 1.70 -52.95 47.46
CA LEU F 204 1.15 -54.29 47.70
C LEU F 204 1.33 -54.61 49.19
N SER F 205 0.26 -55.09 49.86
CA SER F 205 0.29 -55.43 51.29
C SER F 205 1.17 -56.65 51.55
N SER F 206 1.12 -57.62 50.63
CA SER F 206 1.90 -58.86 50.65
C SER F 206 2.42 -59.16 49.23
N PRO F 207 3.64 -59.73 49.08
CA PRO F 207 4.18 -60.00 47.74
C PRO F 207 3.31 -60.84 46.80
N VAL F 208 3.05 -60.29 45.58
CA VAL F 208 2.26 -60.90 44.51
C VAL F 208 3.11 -61.87 43.68
N THR F 209 2.65 -63.13 43.58
CA THR F 209 3.35 -64.15 42.80
C THR F 209 2.48 -64.58 41.62
N LYS F 210 3.03 -64.50 40.40
CA LYS F 210 2.41 -64.89 39.14
C LYS F 210 3.23 -66.00 38.52
N SER F 211 2.60 -67.14 38.19
CA SER F 211 3.29 -68.32 37.67
C SER F 211 2.60 -69.04 36.50
N PHE F 212 3.27 -70.10 36.01
CA PHE F 212 2.79 -71.00 34.96
C PHE F 212 3.48 -72.37 35.04
N ASN F 213 2.82 -73.36 34.42
CA ASN F 213 3.33 -74.72 34.31
C ASN F 213 3.78 -74.97 32.85
N ARG F 214 5.05 -75.41 32.70
CA ARG F 214 5.67 -75.74 31.42
C ARG F 214 5.00 -76.98 30.82
N GLY F 215 4.13 -76.75 29.84
CA GLY F 215 3.36 -77.79 29.16
C GLY F 215 1.92 -77.38 28.92
N GLU F 216 1.26 -76.84 29.96
CA GLU F 216 -0.12 -76.36 29.95
C GLU F 216 -0.23 -75.06 29.17
N GLU G 1 12.13 18.10 -18.70
CA GLU G 1 13.26 18.08 -17.78
C GLU G 1 14.40 17.12 -18.20
N VAL G 2 14.16 16.18 -19.17
CA VAL G 2 15.18 15.22 -19.63
C VAL G 2 16.07 15.87 -20.68
N GLN G 3 17.39 15.77 -20.44
CA GLN G 3 18.38 16.38 -21.32
C GLN G 3 19.54 15.43 -21.72
N LEU G 4 19.94 15.53 -23.02
CA LEU G 4 21.09 14.89 -23.64
C LEU G 4 22.04 16.05 -23.95
N VAL G 5 23.36 15.91 -23.64
CA VAL G 5 24.33 16.98 -23.90
C VAL G 5 25.56 16.48 -24.66
N GLU G 6 25.84 17.09 -25.83
CA GLU G 6 27.04 16.80 -26.62
C GLU G 6 28.17 17.65 -26.05
N SER G 7 29.35 17.06 -25.89
CA SER G 7 30.54 17.73 -25.36
C SER G 7 31.69 17.33 -26.24
N GLY G 8 32.64 18.25 -26.43
CA GLY G 8 33.81 17.99 -27.23
C GLY G 8 34.43 19.23 -27.84
N PRO G 9 35.63 19.06 -28.45
CA PRO G 9 36.32 20.20 -29.06
C PRO G 9 35.57 20.77 -30.27
N GLY G 10 35.47 22.10 -30.30
CA GLY G 10 34.79 22.80 -31.37
C GLY G 10 35.61 22.89 -32.64
N LEU G 11 36.95 22.91 -32.46
CA LEU G 11 37.93 23.00 -33.54
C LEU G 11 38.89 21.81 -33.51
N VAL G 12 39.00 21.12 -34.66
CA VAL G 12 39.86 19.96 -34.87
C VAL G 12 40.73 20.23 -36.08
N LYS G 13 42.04 19.95 -35.96
CA LYS G 13 42.96 20.13 -37.09
C LYS G 13 42.78 18.93 -38.03
N PRO G 14 42.98 19.06 -39.36
CA PRO G 14 42.79 17.90 -40.24
C PRO G 14 43.72 16.72 -39.95
N SER G 15 43.38 15.51 -40.45
CA SER G 15 44.09 14.25 -40.23
C SER G 15 43.92 13.68 -38.81
N GLU G 16 43.52 14.54 -37.84
CA GLU G 16 43.30 14.18 -36.44
C GLU G 16 41.98 13.42 -36.21
N THR G 17 41.66 13.15 -34.94
CA THR G 17 40.46 12.42 -34.58
C THR G 17 39.53 13.22 -33.70
N LEU G 18 38.30 13.50 -34.19
CA LEU G 18 37.32 14.18 -33.33
C LEU G 18 36.72 13.20 -32.31
N SER G 19 36.66 13.63 -31.07
CA SER G 19 36.13 12.84 -29.98
C SER G 19 35.02 13.62 -29.32
N LEU G 20 33.81 13.08 -29.38
CA LEU G 20 32.63 13.68 -28.77
C LEU G 20 32.02 12.76 -27.76
N THR G 21 31.34 13.33 -26.78
CA THR G 21 30.66 12.56 -25.74
C THR G 21 29.23 13.05 -25.60
N CYS G 22 28.30 12.10 -25.44
CA CYS G 22 26.90 12.38 -25.24
C CYS G 22 26.57 11.98 -23.78
N THR G 23 26.27 12.98 -22.93
CA THR G 23 25.98 12.77 -21.51
C THR G 23 24.48 12.93 -21.24
N VAL G 24 23.96 12.22 -20.22
CA VAL G 24 22.53 12.33 -19.86
C VAL G 24 22.34 12.77 -18.43
N SER G 25 21.96 14.05 -18.27
CA SER G 25 21.70 14.68 -16.98
C SER G 25 20.39 14.20 -16.32
N ARG G 26 20.45 14.04 -14.97
CA ARG G 26 19.37 13.64 -14.03
C ARG G 26 18.36 12.62 -14.63
N PHE G 27 18.91 11.56 -15.28
CA PHE G 27 18.17 10.49 -15.98
C PHE G 27 19.13 9.39 -16.46
N SER G 28 18.82 8.13 -16.12
CA SER G 28 19.62 6.98 -16.55
C SER G 28 19.16 6.51 -17.93
N LEU G 29 20.03 5.79 -18.66
CA LEU G 29 19.63 5.29 -19.97
C LEU G 29 20.22 3.90 -20.23
N ILE G 30 19.87 2.95 -19.33
CA ILE G 30 20.30 1.57 -19.38
C ILE G 30 19.64 0.83 -20.54
N GLY G 31 18.33 0.87 -20.66
CA GLY G 31 17.73 0.12 -21.77
C GLY G 31 17.62 0.88 -23.08
N TYR G 32 18.39 1.96 -23.26
CA TYR G 32 18.21 2.76 -24.45
C TYR G 32 19.38 2.71 -25.41
N ALA G 33 19.17 3.26 -26.60
CA ALA G 33 20.17 3.33 -27.64
C ALA G 33 20.46 4.78 -27.99
N ILE G 34 21.74 5.09 -28.25
CA ILE G 34 22.16 6.42 -28.67
C ILE G 34 22.72 6.35 -30.08
N THR G 35 22.20 7.17 -31.00
CA THR G 35 22.74 7.25 -32.36
C THR G 35 23.29 8.67 -32.54
N TRP G 36 24.31 8.78 -33.41
CA TRP G 36 24.96 10.01 -33.74
C TRP G 36 24.58 10.41 -35.15
N ILE G 37 24.21 11.67 -35.31
CA ILE G 37 23.79 12.28 -36.57
C ILE G 37 24.62 13.55 -36.74
N ARG G 38 24.94 13.90 -37.99
CA ARG G 38 25.65 15.13 -38.31
C ARG G 38 24.91 15.94 -39.37
N GLN G 39 25.14 17.26 -39.40
CA GLN G 39 24.49 18.12 -40.37
C GLN G 39 25.45 19.20 -40.90
N PRO G 40 26.06 18.92 -42.10
CA PRO G 40 26.96 19.90 -42.73
C PRO G 40 26.28 21.27 -42.84
N PRO G 41 27.01 22.40 -42.76
CA PRO G 41 26.34 23.70 -42.83
C PRO G 41 25.57 23.88 -44.13
N GLY G 42 24.29 24.23 -43.99
CA GLY G 42 23.38 24.42 -45.12
C GLY G 42 22.84 23.15 -45.74
N LYS G 43 23.44 21.99 -45.40
CA LYS G 43 22.99 20.71 -45.91
C LYS G 43 21.99 20.07 -44.91
N GLY G 44 21.56 18.84 -45.20
CA GLY G 44 20.59 18.12 -44.38
C GLY G 44 21.17 17.12 -43.42
N LEU G 45 20.29 16.35 -42.76
CA LEU G 45 20.69 15.35 -41.77
C LEU G 45 21.29 14.11 -42.40
N GLU G 46 22.39 13.63 -41.81
CA GLU G 46 23.17 12.46 -42.20
C GLU G 46 23.41 11.57 -40.98
N TRP G 47 23.19 10.25 -41.12
CA TRP G 47 23.43 9.29 -40.02
C TRP G 47 24.88 8.83 -40.02
N ILE G 48 25.50 8.85 -38.85
CA ILE G 48 26.89 8.42 -38.67
C ILE G 48 26.88 6.96 -38.27
N GLY G 49 26.18 6.66 -37.19
CA GLY G 49 26.05 5.35 -36.61
C GLY G 49 25.35 5.40 -35.26
N GLY G 50 25.23 4.24 -34.62
CA GLY G 50 24.57 4.10 -33.32
C GLY G 50 24.95 2.84 -32.58
N ILE G 51 24.63 2.84 -31.28
CA ILE G 51 24.86 1.74 -30.33
C ILE G 51 23.52 1.34 -29.74
N SER G 52 23.23 0.04 -29.74
CA SER G 52 21.98 -0.51 -29.23
C SER G 52 21.92 -0.64 -27.71
N SER G 53 20.73 -0.99 -27.24
CA SER G 53 20.37 -1.28 -25.85
C SER G 53 21.30 -2.41 -25.30
N ALA G 54 21.72 -3.35 -26.17
CA ALA G 54 22.59 -4.50 -25.91
C ALA G 54 24.05 -4.21 -26.31
N ALA G 55 24.40 -2.91 -26.32
CA ALA G 55 25.73 -2.37 -26.62
C ALA G 55 26.29 -2.76 -28.01
N THR G 56 25.39 -2.99 -29.00
CA THR G 56 25.75 -3.37 -30.35
C THR G 56 25.89 -2.16 -31.22
N THR G 57 27.04 -2.04 -31.90
CA THR G 57 27.29 -0.91 -32.79
C THR G 57 26.88 -1.19 -34.20
N PHE G 58 26.30 -0.15 -34.82
CA PHE G 58 25.87 -0.16 -36.21
C PHE G 58 26.39 1.11 -36.81
N TYR G 59 27.10 1.02 -37.93
CA TYR G 59 27.68 2.17 -38.60
C TYR G 59 27.09 2.28 -40.01
N SER G 60 26.91 3.53 -40.49
CA SER G 60 26.42 3.85 -41.83
C SER G 60 27.35 3.33 -42.95
N SER G 61 26.92 3.40 -44.24
CA SER G 61 27.69 2.96 -45.41
C SER G 61 29.10 3.56 -45.37
N TRP G 62 29.18 4.91 -45.43
CA TRP G 62 30.41 5.68 -45.28
C TRP G 62 30.75 5.58 -43.78
N ALA G 63 31.97 5.97 -43.34
CA ALA G 63 32.35 5.96 -41.89
C ALA G 63 32.77 4.62 -41.30
N LYS G 64 32.10 3.49 -41.63
CA LYS G 64 32.36 2.13 -41.09
C LYS G 64 33.80 1.89 -40.65
N SER G 65 34.74 2.30 -41.52
CA SER G 65 36.18 2.20 -41.37
C SER G 65 36.76 3.14 -40.29
N ARG G 66 36.40 4.43 -40.33
CA ARG G 66 36.93 5.51 -39.48
C ARG G 66 36.07 5.96 -38.26
N VAL G 67 35.00 5.22 -37.91
CA VAL G 67 34.14 5.61 -36.79
C VAL G 67 34.07 4.51 -35.69
N THR G 68 34.03 4.95 -34.41
CA THR G 68 33.94 4.12 -33.21
C THR G 68 32.96 4.74 -32.19
N ILE G 69 31.91 3.99 -31.85
CA ILE G 69 30.91 4.41 -30.88
C ILE G 69 30.96 3.46 -29.68
N SER G 70 30.95 4.03 -28.46
CA SER G 70 31.04 3.25 -27.22
C SER G 70 30.18 3.79 -26.07
N VAL G 71 30.11 3.02 -24.95
CA VAL G 71 29.36 3.34 -23.75
C VAL G 71 30.21 3.20 -22.52
N ASP G 72 30.13 4.21 -21.63
CA ASP G 72 30.78 4.16 -20.32
C ASP G 72 29.64 4.30 -19.32
N THR G 73 29.04 3.15 -18.95
CA THR G 73 27.93 3.08 -18.00
C THR G 73 28.27 3.76 -16.68
N SER G 74 29.53 3.61 -16.21
CA SER G 74 30.04 4.21 -14.97
C SER G 74 30.00 5.75 -15.00
N LYS G 75 30.14 6.32 -16.21
CA LYS G 75 30.15 7.76 -16.45
C LYS G 75 28.80 8.27 -17.00
N ASN G 76 27.88 7.35 -17.39
CA ASN G 76 26.58 7.64 -18.03
C ASN G 76 26.86 8.41 -19.36
N GLN G 77 27.88 7.92 -20.13
CA GLN G 77 28.34 8.57 -21.35
C GLN G 77 28.39 7.66 -22.54
N PHE G 78 28.26 8.29 -23.71
CA PHE G 78 28.40 7.66 -25.01
C PHE G 78 29.48 8.39 -25.77
N SER G 79 30.35 7.65 -26.46
CA SER G 79 31.40 8.30 -27.21
C SER G 79 31.22 8.16 -28.71
N LEU G 80 31.83 9.09 -29.44
CA LEU G 80 31.94 9.10 -30.89
C LEU G 80 33.40 9.49 -31.19
N LYS G 81 34.08 8.67 -31.99
CA LYS G 81 35.44 8.98 -32.38
C LYS G 81 35.53 8.89 -33.91
N LEU G 82 35.84 10.02 -34.58
CA LEU G 82 35.94 10.09 -36.03
C LEU G 82 37.37 10.42 -36.42
N SER G 83 38.12 9.40 -36.91
CA SER G 83 39.51 9.54 -37.29
C SER G 83 39.69 10.16 -38.68
N SER G 84 40.93 10.66 -38.96
CA SER G 84 41.39 11.26 -40.22
C SER G 84 40.38 12.26 -40.81
N VAL G 85 40.00 13.26 -40.00
CA VAL G 85 39.02 14.30 -40.36
C VAL G 85 39.55 15.26 -41.44
N THR G 86 38.64 15.69 -42.32
CA THR G 86 38.86 16.66 -43.40
C THR G 86 37.78 17.75 -43.24
N ALA G 87 37.82 18.81 -44.07
CA ALA G 87 36.83 19.88 -44.02
C ALA G 87 35.43 19.36 -44.38
N ALA G 88 35.36 18.12 -44.94
CA ALA G 88 34.11 17.44 -45.30
C ALA G 88 33.36 16.98 -44.03
N ASP G 89 34.08 16.90 -42.89
CA ASP G 89 33.53 16.50 -41.59
C ASP G 89 33.04 17.69 -40.76
N THR G 90 33.31 18.92 -41.23
CA THR G 90 32.82 20.13 -40.58
C THR G 90 31.27 20.08 -40.65
N ALA G 91 30.63 19.91 -39.48
CA ALA G 91 29.17 19.79 -39.34
C ALA G 91 28.74 20.06 -37.91
N VAL G 92 27.43 19.93 -37.66
CA VAL G 92 26.83 20.05 -36.32
C VAL G 92 26.56 18.61 -35.95
N TYR G 93 27.14 18.18 -34.84
CA TYR G 93 27.01 16.82 -34.35
C TYR G 93 25.98 16.70 -33.25
N TYR G 94 25.06 15.80 -33.48
CA TYR G 94 23.92 15.49 -32.64
C TYR G 94 23.99 14.06 -32.16
N CYS G 95 23.53 13.84 -30.93
CA CYS G 95 23.31 12.53 -30.37
C CYS G 95 21.83 12.52 -30.01
N ALA G 96 21.14 11.43 -30.35
CA ALA G 96 19.72 11.27 -30.12
C ALA G 96 19.43 9.90 -29.57
N ARG G 97 18.31 9.76 -28.85
CA ARG G 97 17.90 8.49 -28.26
C ARG G 97 16.77 7.77 -28.98
N ASP G 98 16.91 6.43 -29.20
CA ASP G 98 15.84 5.59 -29.70
C ASP G 98 15.24 4.93 -28.45
N PRO G 99 13.98 5.26 -28.08
CA PRO G 99 13.41 4.76 -26.82
C PRO G 99 13.08 3.27 -26.83
N ARG G 100 13.30 2.62 -27.98
CA ARG G 100 13.08 1.19 -28.19
C ARG G 100 14.43 0.47 -28.03
N GLY G 101 15.52 1.27 -27.95
CA GLY G 101 16.89 0.81 -27.75
C GLY G 101 17.44 0.07 -28.95
N TYR G 102 17.08 0.52 -30.17
CA TYR G 102 17.40 -0.15 -31.42
C TYR G 102 18.87 -0.10 -31.91
N GLY G 103 19.48 1.07 -32.06
CA GLY G 103 20.87 1.07 -32.52
C GLY G 103 21.08 1.37 -34.00
N ALA G 104 20.18 0.88 -34.86
CA ALA G 104 20.14 1.14 -36.31
C ALA G 104 18.66 1.51 -36.69
N ALA G 105 18.10 2.62 -36.12
CA ALA G 105 16.69 2.96 -36.34
C ALA G 105 16.31 4.28 -37.12
N LEU G 106 16.65 5.50 -36.58
CA LEU G 106 16.33 6.81 -37.22
C LEU G 106 14.81 7.23 -37.24
N ASP G 107 13.86 6.31 -37.15
CA ASP G 107 12.44 6.69 -37.25
C ASP G 107 11.77 7.11 -35.94
N ARG G 108 12.48 6.95 -34.79
CA ARG G 108 11.90 7.33 -33.49
C ARG G 108 12.96 7.86 -32.55
N LEU G 109 13.67 8.92 -32.98
CA LEU G 109 14.68 9.58 -32.17
C LEU G 109 13.95 10.65 -31.33
N ASP G 110 13.44 10.22 -30.14
CA ASP G 110 12.63 11.05 -29.26
C ASP G 110 13.43 12.18 -28.59
N LEU G 111 14.52 11.87 -27.87
CA LEU G 111 15.34 12.90 -27.23
C LEU G 111 16.51 13.21 -28.09
N TRP G 112 16.86 14.49 -28.18
CA TRP G 112 18.02 14.94 -28.95
C TRP G 112 18.90 15.83 -28.11
N GLY G 113 20.17 15.87 -28.45
CA GLY G 113 21.08 16.80 -27.81
C GLY G 113 20.88 18.16 -28.44
N GLN G 114 21.59 19.17 -27.92
CA GLN G 114 21.47 20.54 -28.44
C GLN G 114 22.22 20.72 -29.76
N GLY G 115 23.14 19.81 -30.06
CA GLY G 115 23.98 19.89 -31.24
C GLY G 115 25.28 20.61 -30.92
N THR G 116 26.37 20.11 -31.48
CA THR G 116 27.69 20.70 -31.25
C THR G 116 28.38 20.96 -32.58
N LEU G 117 28.80 22.21 -32.81
CA LEU G 117 29.50 22.50 -34.04
C LEU G 117 30.96 22.08 -33.93
N VAL G 118 31.41 21.30 -34.93
CA VAL G 118 32.80 20.85 -35.05
C VAL G 118 33.29 21.38 -36.39
N THR G 119 34.34 22.20 -36.33
CA THR G 119 34.96 22.81 -37.51
C THR G 119 36.34 22.15 -37.70
N VAL G 120 36.61 21.59 -38.88
CA VAL G 120 37.88 20.94 -39.18
C VAL G 120 38.71 21.93 -39.98
N SER G 121 39.75 22.51 -39.33
CA SER G 121 40.61 23.54 -39.91
C SER G 121 42.03 23.59 -39.33
N SER G 122 43.00 24.00 -40.15
CA SER G 122 44.40 24.16 -39.72
C SER G 122 44.55 25.51 -39.03
N ALA G 123 43.54 26.41 -39.23
CA ALA G 123 43.47 27.75 -38.66
C ALA G 123 43.39 27.73 -37.14
N SER G 124 43.94 28.78 -36.52
CA SER G 124 43.98 29.00 -35.07
C SER G 124 42.74 29.81 -34.63
N THR G 125 42.36 29.65 -33.35
CA THR G 125 41.20 30.37 -32.81
C THR G 125 41.56 31.84 -32.62
N LYS G 126 40.68 32.74 -33.09
CA LYS G 126 40.84 34.18 -32.96
C LYS G 126 39.58 34.80 -32.33
N GLY G 127 39.78 35.62 -31.30
CA GLY G 127 38.74 36.36 -30.60
C GLY G 127 38.25 37.53 -31.46
N PRO G 128 36.97 37.91 -31.33
CA PRO G 128 36.44 38.98 -32.20
C PRO G 128 36.74 40.41 -31.74
N SER G 129 36.69 41.35 -32.69
CA SER G 129 36.80 42.78 -32.42
C SER G 129 35.40 43.37 -32.61
N VAL G 130 34.82 43.89 -31.51
CA VAL G 130 33.47 44.44 -31.46
C VAL G 130 33.51 45.93 -31.70
N PHE G 131 32.72 46.41 -32.67
CA PHE G 131 32.64 47.80 -33.07
C PHE G 131 31.21 48.30 -33.00
N PRO G 132 31.00 49.57 -32.57
CA PRO G 132 29.63 50.06 -32.48
C PRO G 132 29.04 50.53 -33.81
N LEU G 133 27.75 50.21 -34.02
CA LEU G 133 26.98 50.68 -35.17
C LEU G 133 26.09 51.78 -34.56
N ALA G 134 26.68 52.99 -34.46
CA ALA G 134 26.10 54.17 -33.84
C ALA G 134 24.78 54.66 -34.41
N PRO G 135 23.80 55.01 -33.53
CA PRO G 135 22.52 55.53 -34.03
C PRO G 135 22.59 56.98 -34.56
N SER G 136 21.77 57.24 -35.61
CA SER G 136 21.59 58.52 -36.32
C SER G 136 21.14 59.66 -35.40
N GLY G 142 14.20 61.18 -34.67
CA GLY G 142 12.94 61.68 -34.16
C GLY G 142 11.97 60.60 -33.70
N GLY G 143 11.60 59.70 -34.62
CA GLY G 143 10.67 58.60 -34.37
C GLY G 143 11.31 57.31 -33.92
N THR G 144 11.72 56.47 -34.89
CA THR G 144 12.41 55.19 -34.68
C THR G 144 13.92 55.41 -34.91
N ALA G 145 14.77 54.64 -34.22
CA ALA G 145 16.22 54.66 -34.39
C ALA G 145 16.79 53.23 -34.38
N ALA G 146 17.77 52.97 -35.25
CA ALA G 146 18.44 51.67 -35.33
C ALA G 146 19.87 51.79 -34.84
N LEU G 147 20.35 50.77 -34.10
CA LEU G 147 21.71 50.68 -33.53
C LEU G 147 22.19 49.22 -33.43
N GLY G 148 23.50 49.00 -33.52
CA GLY G 148 24.03 47.64 -33.42
C GLY G 148 25.49 47.47 -33.05
N CYS G 149 25.99 46.24 -33.28
CA CYS G 149 27.37 45.84 -33.01
C CYS G 149 27.92 45.04 -34.17
N LEU G 150 29.11 45.43 -34.66
CA LEU G 150 29.79 44.70 -35.71
C LEU G 150 30.86 43.85 -35.02
N VAL G 151 30.66 42.52 -35.06
CA VAL G 151 31.54 41.49 -34.48
C VAL G 151 32.41 40.96 -35.62
N LYS G 152 33.53 41.65 -35.88
CA LYS G 152 34.43 41.34 -36.98
C LYS G 152 35.56 40.42 -36.57
N ASP G 153 36.12 39.73 -37.59
CA ASP G 153 37.32 38.91 -37.66
C ASP G 153 37.56 37.97 -36.46
N TYR G 154 36.77 36.88 -36.41
CA TYR G 154 36.91 35.85 -35.40
C TYR G 154 36.99 34.49 -36.05
N PHE G 155 37.31 33.47 -35.26
CA PHE G 155 37.38 32.09 -35.73
C PHE G 155 37.52 31.08 -34.57
N PRO G 156 36.79 29.96 -34.62
CA PRO G 156 35.75 29.57 -35.59
C PRO G 156 34.39 30.06 -35.14
N GLU G 157 33.34 29.50 -35.72
CA GLU G 157 31.97 29.78 -35.29
C GLU G 157 31.74 28.92 -34.03
N PRO G 158 30.84 29.29 -33.09
CA PRO G 158 29.88 30.40 -33.11
C PRO G 158 30.22 31.59 -32.21
N VAL G 159 29.44 32.66 -32.38
CA VAL G 159 29.48 33.85 -31.56
C VAL G 159 28.03 34.12 -31.13
N THR G 160 27.84 34.39 -29.83
CA THR G 160 26.52 34.64 -29.28
C THR G 160 26.42 36.07 -28.85
N VAL G 161 25.39 36.76 -29.35
CA VAL G 161 25.16 38.17 -29.04
C VAL G 161 23.80 38.38 -28.35
N SER G 162 23.86 38.98 -27.16
CA SER G 162 22.73 39.41 -26.35
C SER G 162 22.84 40.93 -26.18
N TRP G 163 21.77 41.57 -25.68
CA TRP G 163 21.77 42.99 -25.43
C TRP G 163 21.29 43.25 -24.00
N ASN G 164 22.00 44.15 -23.28
CA ASN G 164 21.70 44.54 -21.90
C ASN G 164 21.58 43.32 -20.96
N SER G 165 22.43 42.30 -21.24
CA SER G 165 22.58 41.03 -20.52
C SER G 165 21.29 40.20 -20.48
N GLY G 166 20.62 40.15 -21.63
CA GLY G 166 19.40 39.38 -21.81
C GLY G 166 18.12 40.19 -21.77
N ALA G 167 18.15 41.36 -21.07
CA ALA G 167 17.03 42.29 -20.85
C ALA G 167 16.33 42.83 -22.10
N LEU G 168 17.11 43.09 -23.17
CA LEU G 168 16.56 43.57 -24.44
C LEU G 168 16.52 42.42 -25.46
N THR G 169 15.30 41.96 -25.78
CA THR G 169 15.06 40.85 -26.72
C THR G 169 14.25 41.27 -27.95
N SER G 170 13.31 42.22 -27.79
CA SER G 170 12.47 42.71 -28.88
C SER G 170 13.18 43.68 -29.81
N GLY G 171 13.05 43.43 -31.10
CA GLY G 171 13.63 44.24 -32.16
C GLY G 171 15.06 43.85 -32.47
N VAL G 172 15.64 42.91 -31.67
CA VAL G 172 17.00 42.41 -31.81
C VAL G 172 17.10 41.48 -33.02
N HIS G 173 18.11 41.70 -33.88
CA HIS G 173 18.39 40.89 -35.03
C HIS G 173 19.88 40.58 -35.15
N THR G 174 20.30 39.39 -34.69
CA THR G 174 21.68 38.94 -34.82
C THR G 174 21.74 38.17 -36.14
N PHE G 175 22.44 38.72 -37.11
CA PHE G 175 22.55 38.13 -38.43
C PHE G 175 23.40 36.87 -38.49
N PRO G 176 23.20 35.96 -39.49
CA PRO G 176 24.10 34.79 -39.60
C PRO G 176 25.49 35.26 -40.00
N ALA G 177 26.52 34.56 -39.52
CA ALA G 177 27.89 34.96 -39.83
C ALA G 177 28.28 34.71 -41.31
N VAL G 178 29.18 35.57 -41.83
CA VAL G 178 29.69 35.47 -43.18
C VAL G 178 31.16 35.18 -43.16
N LEU G 179 31.61 34.17 -43.93
CA LEU G 179 33.03 33.91 -44.03
C LEU G 179 33.67 34.92 -45.00
N GLN G 180 34.68 35.66 -44.52
CA GLN G 180 35.37 36.69 -45.28
C GLN G 180 36.56 36.09 -46.07
N SER G 181 37.19 36.92 -46.93
CA SER G 181 38.38 36.54 -47.72
C SER G 181 39.50 36.03 -46.80
N SER G 182 39.65 36.72 -45.64
CA SER G 182 40.61 36.47 -44.57
C SER G 182 40.50 35.07 -43.96
N GLY G 183 39.36 34.43 -44.14
CA GLY G 183 39.10 33.09 -43.60
C GLY G 183 38.55 33.21 -42.20
N LEU G 184 38.15 34.45 -41.83
CA LEU G 184 37.58 34.84 -40.55
C LEU G 184 36.10 35.21 -40.73
N TYR G 185 35.31 35.09 -39.65
CA TYR G 185 33.91 35.44 -39.70
C TYR G 185 33.66 36.85 -39.19
N SER G 186 32.63 37.51 -39.75
CA SER G 186 32.17 38.84 -39.36
C SER G 186 30.71 38.66 -39.18
N LEU G 187 30.10 39.43 -38.29
CA LEU G 187 28.68 39.29 -37.95
C LEU G 187 28.13 40.61 -37.39
N SER G 188 26.85 40.88 -37.61
CA SER G 188 26.24 42.09 -37.05
C SER G 188 25.01 41.75 -36.23
N SER G 189 24.83 42.48 -35.14
CA SER G 189 23.64 42.36 -34.31
C SER G 189 23.04 43.74 -34.21
N VAL G 190 21.82 43.91 -34.72
CA VAL G 190 21.12 45.19 -34.73
C VAL G 190 19.91 45.17 -33.79
N VAL G 191 19.40 46.36 -33.45
CA VAL G 191 18.22 46.56 -32.61
C VAL G 191 17.57 47.91 -32.93
N THR G 192 16.24 47.91 -33.08
CA THR G 192 15.43 49.09 -33.32
C THR G 192 14.81 49.53 -32.01
N VAL G 193 14.93 50.82 -31.70
CA VAL G 193 14.45 51.47 -30.46
C VAL G 193 13.81 52.86 -30.81
N PRO G 194 12.99 53.48 -29.94
CA PRO G 194 12.49 54.84 -30.26
C PRO G 194 13.61 55.88 -30.13
N SER G 195 13.65 56.88 -31.03
CA SER G 195 14.69 57.92 -30.98
C SER G 195 14.69 58.70 -29.67
N SER G 196 13.51 58.79 -29.03
CA SER G 196 13.22 59.46 -27.75
C SER G 196 13.97 58.81 -26.58
N SER G 197 14.12 57.47 -26.62
CA SER G 197 14.80 56.66 -25.61
C SER G 197 16.34 56.80 -25.61
N LEU G 198 16.94 57.29 -26.72
CA LEU G 198 18.39 57.47 -26.83
C LEU G 198 18.85 58.57 -25.86
N GLY G 199 20.03 58.38 -25.27
CA GLY G 199 20.61 59.32 -24.29
C GLY G 199 20.02 59.19 -22.89
N THR G 200 18.86 58.52 -22.79
CA THR G 200 18.10 58.25 -21.57
C THR G 200 18.31 56.77 -21.21
N GLN G 201 18.48 55.91 -22.23
CA GLN G 201 18.71 54.49 -22.07
C GLN G 201 20.10 54.13 -22.58
N THR G 202 20.76 53.20 -21.86
CA THR G 202 22.08 52.64 -22.13
C THR G 202 21.94 51.32 -22.88
N TYR G 203 22.57 51.22 -24.07
CA TYR G 203 22.53 49.99 -24.85
C TYR G 203 23.91 49.39 -24.95
N ILE G 204 24.06 48.17 -24.45
CA ILE G 204 25.29 47.39 -24.43
C ILE G 204 25.06 46.02 -25.08
N CYS G 205 25.92 45.62 -26.02
CA CYS G 205 25.82 44.30 -26.61
C CYS G 205 26.79 43.39 -25.87
N ASN G 206 26.39 42.13 -25.61
CA ASN G 206 27.21 41.15 -24.88
C ASN G 206 27.66 40.00 -25.82
N VAL G 207 28.85 40.20 -26.44
CA VAL G 207 29.44 39.26 -27.40
C VAL G 207 30.19 38.18 -26.66
N ASN G 208 29.95 36.92 -27.04
CA ASN G 208 30.59 35.77 -26.41
C ASN G 208 31.10 34.77 -27.45
N HIS G 209 32.43 34.58 -27.46
CA HIS G 209 33.09 33.63 -28.35
C HIS G 209 33.62 32.50 -27.47
N LYS G 210 32.83 31.41 -27.33
CA LYS G 210 33.23 30.25 -26.51
C LYS G 210 34.52 29.58 -26.99
N PRO G 211 34.79 29.43 -28.32
CA PRO G 211 36.07 28.81 -28.77
C PRO G 211 37.36 29.45 -28.26
N SER G 212 37.35 30.76 -27.98
CA SER G 212 38.52 31.48 -27.50
C SER G 212 38.38 31.96 -26.06
N ASN G 213 37.23 31.66 -25.39
CA ASN G 213 36.90 32.08 -24.01
C ASN G 213 36.92 33.62 -23.87
N THR G 214 36.36 34.30 -24.88
CA THR G 214 36.26 35.75 -25.00
C THR G 214 34.81 36.20 -24.71
N LYS G 215 34.67 37.26 -23.92
CA LYS G 215 33.42 37.92 -23.60
C LYS G 215 33.70 39.42 -23.64
N VAL G 216 33.10 40.10 -24.60
CA VAL G 216 33.24 41.54 -24.79
C VAL G 216 31.86 42.18 -24.59
N ASP G 217 31.83 43.27 -23.82
CA ASP G 217 30.63 44.07 -23.59
C ASP G 217 30.94 45.46 -24.13
N LYS G 218 30.21 45.88 -25.17
CA LYS G 218 30.44 47.17 -25.82
C LYS G 218 29.20 48.08 -25.77
N LYS G 219 29.40 49.31 -25.23
CA LYS G 219 28.35 50.33 -25.10
C LYS G 219 28.26 51.12 -26.40
N VAL G 220 27.09 51.04 -27.07
CA VAL G 220 26.81 51.78 -28.30
C VAL G 220 26.32 53.18 -27.92
N GLU G 221 26.91 54.24 -28.54
CA GLU G 221 26.60 55.65 -28.32
C GLU G 221 26.37 56.42 -29.65
N PRO G 222 25.55 57.52 -29.65
CA PRO G 222 25.32 58.26 -30.92
C PRO G 222 26.48 59.12 -31.39
N VAL H 2 -12.74 -14.35 22.60
CA VAL H 2 -14.12 -13.85 22.46
C VAL H 2 -15.05 -14.48 23.50
N GLN H 3 -15.80 -13.62 24.19
CA GLN H 3 -16.66 -14.05 25.26
C GLN H 3 -18.08 -13.50 25.22
N LEU H 4 -19.05 -14.38 25.57
CA LEU H 4 -20.47 -14.12 25.79
C LEU H 4 -20.67 -14.37 27.29
N VAL H 5 -21.36 -13.46 28.00
CA VAL H 5 -21.59 -13.63 29.46
C VAL H 5 -23.06 -13.50 29.85
N GLU H 6 -23.63 -14.56 30.47
CA GLU H 6 -25.01 -14.54 30.97
C GLU H 6 -24.97 -13.91 32.36
N SER H 7 -25.93 -13.02 32.66
CA SER H 7 -26.04 -12.35 33.95
C SER H 7 -27.50 -12.39 34.36
N GLY H 8 -27.77 -12.48 35.65
CA GLY H 8 -29.13 -12.48 36.16
C GLY H 8 -29.33 -13.15 37.50
N PRO H 9 -30.55 -13.01 38.11
CA PRO H 9 -30.79 -13.63 39.43
C PRO H 9 -30.75 -15.16 39.39
N GLY H 10 -30.05 -15.74 40.35
CA GLY H 10 -29.89 -17.18 40.45
C GLY H 10 -31.11 -17.87 41.02
N LEU H 11 -31.83 -17.16 41.93
CA LEU H 11 -33.04 -17.63 42.60
C LEU H 11 -34.24 -16.72 42.28
N VAL H 12 -35.32 -17.34 41.78
CA VAL H 12 -36.54 -16.64 41.39
C VAL H 12 -37.70 -17.34 42.08
N LYS H 13 -38.62 -16.56 42.67
CA LYS H 13 -39.80 -17.13 43.33
C LYS H 13 -40.81 -17.48 42.22
N PRO H 14 -41.68 -18.52 42.40
CA PRO H 14 -42.65 -18.84 41.33
C PRO H 14 -43.63 -17.71 41.02
N SER H 15 -44.28 -17.76 39.83
CA SER H 15 -45.23 -16.76 39.29
C SER H 15 -44.53 -15.48 38.81
N GLU H 16 -43.28 -15.24 39.25
CA GLU H 16 -42.47 -14.06 38.90
C GLU H 16 -41.89 -14.15 37.50
N THR H 17 -41.05 -13.18 37.12
CA THR H 17 -40.43 -13.14 35.80
C THR H 17 -38.91 -13.16 35.86
N LEU H 18 -38.31 -14.20 35.23
CA LEU H 18 -36.87 -14.38 35.08
C LEU H 18 -36.35 -13.38 34.03
N SER H 19 -35.38 -12.51 34.42
CA SER H 19 -34.76 -11.54 33.52
C SER H 19 -33.26 -11.80 33.46
N LEU H 20 -32.79 -12.18 32.27
CA LEU H 20 -31.40 -12.47 32.04
C LEU H 20 -30.84 -11.58 30.95
N THR H 21 -29.54 -11.34 31.00
CA THR H 21 -28.86 -10.54 29.99
C THR H 21 -27.64 -11.27 29.48
N CYS H 22 -27.42 -11.23 28.18
CA CYS H 22 -26.28 -11.82 27.51
C CYS H 22 -25.40 -10.66 27.06
N THR H 23 -24.25 -10.44 27.71
CA THR H 23 -23.34 -9.29 27.44
C THR H 23 -22.15 -9.78 26.64
N VAL H 24 -21.71 -8.99 25.65
CA VAL H 24 -20.70 -9.45 24.71
C VAL H 24 -19.39 -8.63 24.70
N SER H 25 -18.43 -9.06 25.53
CA SER H 25 -17.14 -8.40 25.77
C SER H 25 -16.19 -8.39 24.56
N ARG H 26 -15.36 -7.30 24.48
CA ARG H 26 -14.31 -6.96 23.50
C ARG H 26 -14.59 -7.48 22.02
N PHE H 27 -15.85 -7.29 21.51
CA PHE H 27 -16.30 -7.67 20.17
C PHE H 27 -17.71 -7.12 19.84
N SER H 28 -17.80 -6.46 18.69
CA SER H 28 -19.03 -5.88 18.20
C SER H 28 -19.71 -6.95 17.40
N LEU H 29 -20.95 -7.32 17.80
CA LEU H 29 -21.73 -8.36 17.14
C LEU H 29 -22.93 -7.79 16.34
N ILE H 30 -22.63 -6.74 15.55
CA ILE H 30 -23.58 -6.03 14.77
C ILE H 30 -24.28 -6.95 13.76
N GLY H 31 -23.53 -7.69 12.95
CA GLY H 31 -24.25 -8.55 12.01
C GLY H 31 -24.63 -9.93 12.49
N TYR H 32 -24.67 -10.13 13.81
CA TYR H 32 -24.90 -11.47 14.37
C TYR H 32 -26.22 -11.65 15.08
N ALA H 33 -26.55 -12.90 15.38
CA ALA H 33 -27.77 -13.28 16.05
C ALA H 33 -27.46 -13.98 17.38
N ILE H 34 -28.27 -13.76 18.40
CA ILE H 34 -28.14 -14.42 19.68
C ILE H 34 -29.38 -15.24 19.95
N THR H 35 -29.21 -16.54 20.27
CA THR H 35 -30.33 -17.41 20.67
C THR H 35 -30.10 -17.85 22.11
N TRP H 36 -31.20 -18.11 22.83
CA TRP H 36 -31.21 -18.56 24.20
C TRP H 36 -31.61 -20.00 24.24
N ILE H 37 -30.86 -20.79 25.00
CA ILE H 37 -31.04 -22.21 25.19
C ILE H 37 -31.07 -22.47 26.69
N ARG H 38 -31.84 -23.45 27.13
CA ARG H 38 -31.86 -23.85 28.53
C ARG H 38 -31.63 -25.35 28.67
N GLN H 39 -31.17 -25.77 29.86
CA GLN H 39 -30.92 -27.17 30.10
C GLN H 39 -31.30 -27.57 31.53
N PRO H 40 -32.53 -28.16 31.69
CA PRO H 40 -32.97 -28.64 33.02
C PRO H 40 -31.91 -29.52 33.64
N PRO H 41 -31.73 -29.53 34.98
CA PRO H 41 -30.65 -30.36 35.56
C PRO H 41 -30.79 -31.84 35.19
N GLY H 42 -29.71 -32.37 34.62
CA GLY H 42 -29.67 -33.76 34.21
C GLY H 42 -30.35 -34.06 32.90
N LYS H 43 -31.17 -33.13 32.40
CA LYS H 43 -31.85 -33.28 31.14
C LYS H 43 -31.03 -32.69 30.00
N GLY H 44 -31.58 -32.63 28.80
CA GLY H 44 -30.86 -32.17 27.62
C GLY H 44 -31.13 -30.75 27.22
N LEU H 45 -30.53 -30.34 26.07
CA LEU H 45 -30.65 -28.99 25.54
C LEU H 45 -32.03 -28.73 24.91
N GLU H 46 -32.61 -27.56 25.24
CA GLU H 46 -33.92 -27.08 24.80
C GLU H 46 -33.76 -25.65 24.30
N TRP H 47 -34.37 -25.30 23.14
CA TRP H 47 -34.33 -23.96 22.56
C TRP H 47 -35.49 -23.15 23.08
N ILE H 48 -35.17 -21.92 23.49
CA ILE H 48 -36.13 -20.98 24.04
C ILE H 48 -36.62 -20.11 22.91
N GLY H 49 -35.67 -19.46 22.25
CA GLY H 49 -35.90 -18.51 21.17
C GLY H 49 -34.63 -17.75 20.83
N GLY H 50 -34.74 -16.85 19.86
CA GLY H 50 -33.62 -16.07 19.37
C GLY H 50 -34.03 -14.82 18.62
N ILE H 51 -33.05 -13.92 18.44
CA ILE H 51 -33.16 -12.64 17.73
C ILE H 51 -32.15 -12.63 16.56
N SER H 52 -32.60 -12.27 15.36
CA SER H 52 -31.77 -12.23 14.17
C SER H 52 -30.88 -11.01 14.04
N SER H 53 -30.02 -11.04 13.02
CA SER H 53 -29.10 -10.00 12.59
C SER H 53 -29.86 -8.68 12.32
N ALA H 54 -31.14 -8.80 11.84
CA ALA H 54 -32.10 -7.74 11.48
C ALA H 54 -33.09 -7.48 12.64
N ALA H 55 -32.71 -7.88 13.86
CA ALA H 55 -33.46 -7.70 15.11
C ALA H 55 -34.82 -8.39 15.15
N THR H 56 -34.97 -9.49 14.39
CA THR H 56 -36.21 -10.25 14.30
C THR H 56 -36.25 -11.38 15.32
N THR H 57 -37.34 -11.44 16.10
CA THR H 57 -37.47 -12.49 17.11
C THR H 57 -38.19 -13.72 16.60
N PHE H 58 -37.72 -14.87 17.03
CA PHE H 58 -38.27 -16.17 16.73
C PHE H 58 -38.31 -16.91 18.05
N TYR H 59 -39.49 -17.44 18.40
CA TYR H 59 -39.68 -18.16 19.65
C TYR H 59 -40.11 -19.60 19.37
N SER H 60 -39.67 -20.54 20.22
CA SER H 60 -40.02 -21.97 20.15
C SER H 60 -41.52 -22.22 20.33
N SER H 61 -41.99 -23.47 20.08
CA SER H 61 -43.41 -23.88 20.17
C SER H 61 -43.97 -23.48 21.52
N TRP H 62 -43.39 -24.02 22.62
CA TRP H 62 -43.68 -23.65 24.01
C TRP H 62 -43.07 -22.28 24.19
N ALA H 63 -43.32 -21.59 25.31
CA ALA H 63 -42.68 -20.28 25.54
C ALA H 63 -43.31 -19.16 24.81
N LYS H 64 -43.43 -19.25 23.45
CA LYS H 64 -43.95 -18.21 22.56
C LYS H 64 -44.71 -17.09 23.32
N SER H 65 -45.80 -17.48 24.05
CA SER H 65 -46.67 -16.63 24.85
C SER H 65 -45.96 -15.83 25.95
N ARG H 66 -45.15 -16.51 26.78
CA ARG H 66 -44.46 -15.98 27.99
C ARG H 66 -42.98 -15.57 27.85
N VAL H 67 -42.43 -15.50 26.62
CA VAL H 67 -41.02 -15.14 26.43
C VAL H 67 -40.86 -13.87 25.55
N THR H 68 -39.86 -13.02 25.91
CA THR H 68 -39.50 -11.77 25.24
C THR H 68 -37.98 -11.64 25.14
N ILE H 69 -37.47 -11.54 23.89
CA ILE H 69 -36.04 -11.39 23.61
C ILE H 69 -35.82 -10.05 22.94
N SER H 70 -34.80 -9.30 23.40
CA SER H 70 -34.50 -7.97 22.86
C SER H 70 -32.99 -7.67 22.77
N VAL H 71 -32.65 -6.49 22.18
CA VAL H 71 -31.28 -6.00 22.00
C VAL H 71 -31.14 -4.55 22.50
N ASP H 72 -30.04 -4.28 23.22
CA ASP H 72 -29.63 -2.93 23.59
C ASP H 72 -28.24 -2.76 22.96
N THR H 73 -28.26 -2.28 21.74
CA THR H 73 -27.11 -2.07 20.89
C THR H 73 -26.10 -1.15 21.47
N SER H 74 -26.58 -0.23 22.28
CA SER H 74 -25.74 0.74 22.93
C SER H 74 -25.05 0.21 24.18
N LYS H 75 -25.45 -0.96 24.64
CA LYS H 75 -24.82 -1.62 25.78
C LYS H 75 -24.20 -2.95 25.40
N ASN H 76 -24.54 -3.43 24.22
CA ASN H 76 -24.09 -4.70 23.62
C ASN H 76 -24.70 -5.86 24.44
N GLN H 77 -25.99 -5.71 24.74
CA GLN H 77 -26.71 -6.65 25.57
C GLN H 77 -27.91 -7.18 24.90
N PHE H 78 -28.20 -8.43 25.26
CA PHE H 78 -29.37 -9.18 24.81
C PHE H 78 -30.17 -9.57 26.01
N SER H 79 -31.48 -9.39 25.94
CA SER H 79 -32.29 -9.73 27.09
C SER H 79 -33.15 -10.97 26.82
N LEU H 80 -33.52 -11.62 27.90
CA LEU H 80 -34.45 -12.73 27.94
C LEU H 80 -35.36 -12.47 29.15
N LYS H 81 -36.66 -12.48 28.93
CA LYS H 81 -37.61 -12.30 30.01
C LYS H 81 -38.63 -13.46 29.95
N LEU H 82 -38.66 -14.28 31.02
CA LEU H 82 -39.56 -15.42 31.09
C LEU H 82 -40.54 -15.21 32.22
N SER H 83 -41.80 -14.88 31.88
CA SER H 83 -42.86 -14.61 32.85
C SER H 83 -43.50 -15.88 33.42
N SER H 84 -44.20 -15.73 34.57
CA SER H 84 -44.95 -16.78 35.28
C SER H 84 -44.17 -18.11 35.41
N VAL H 85 -42.96 -18.03 35.99
CA VAL H 85 -42.05 -19.15 36.16
C VAL H 85 -42.55 -20.17 37.19
N THR H 86 -42.28 -21.45 36.94
CA THR H 86 -42.58 -22.59 37.80
C THR H 86 -41.27 -23.37 37.98
N ALA H 87 -41.28 -24.44 38.80
CA ALA H 87 -40.09 -25.27 39.02
C ALA H 87 -39.66 -25.96 37.72
N ALA H 88 -40.54 -25.94 36.68
CA ALA H 88 -40.28 -26.52 35.37
C ALA H 88 -39.28 -25.66 34.60
N ASP H 89 -39.09 -24.40 35.04
CA ASP H 89 -38.17 -23.45 34.40
C ASP H 89 -36.79 -23.47 35.05
N THR H 90 -36.65 -24.22 36.17
CA THR H 90 -35.36 -24.39 36.83
C THR H 90 -34.44 -25.10 35.84
N ALA H 91 -33.42 -24.37 35.33
CA ALA H 91 -32.46 -24.86 34.35
C ALA H 91 -31.19 -24.03 34.33
N VAL H 92 -30.27 -24.37 33.41
CA VAL H 92 -29.04 -23.61 33.16
C VAL H 92 -29.34 -22.88 31.87
N TYR H 93 -29.26 -21.56 31.93
CA TYR H 93 -29.56 -20.72 30.79
C TYR H 93 -28.29 -20.26 30.09
N TYR H 94 -28.28 -20.55 28.79
CA TYR H 94 -27.21 -20.26 27.86
C TYR H 94 -27.66 -19.31 26.78
N CYS H 95 -26.75 -18.45 26.35
CA CYS H 95 -26.93 -17.60 25.21
C CYS H 95 -25.77 -17.97 24.27
N ALA H 96 -26.07 -18.14 22.97
CA ALA H 96 -25.11 -18.56 21.96
C ALA H 96 -25.27 -17.74 20.72
N ARG H 97 -24.19 -17.64 19.91
CA ARG H 97 -24.21 -16.86 18.67
C ARG H 97 -24.30 -17.69 17.39
N ASP H 98 -25.14 -17.26 16.43
CA ASP H 98 -25.19 -17.83 15.09
C ASP H 98 -24.39 -16.85 14.20
N PRO H 99 -23.20 -17.29 13.68
CA PRO H 99 -22.32 -16.38 12.93
C PRO H 99 -22.86 -15.98 11.57
N ARG H 100 -24.03 -16.56 11.20
CA ARG H 100 -24.72 -16.26 9.95
C ARG H 100 -25.82 -15.22 10.22
N GLY H 101 -26.04 -14.92 11.50
CA GLY H 101 -27.01 -13.95 12.00
C GLY H 101 -28.46 -14.36 11.76
N TYR H 102 -28.75 -15.67 11.86
CA TYR H 102 -30.03 -16.27 11.56
C TYR H 102 -31.21 -15.98 12.50
N GLY H 103 -31.12 -16.26 13.81
CA GLY H 103 -32.27 -15.97 14.67
C GLY H 103 -33.14 -17.16 15.02
N ALA H 104 -33.35 -18.09 14.05
CA ALA H 104 -34.05 -19.34 14.26
C ALA H 104 -33.18 -20.51 13.68
N ALA H 105 -31.93 -20.73 14.18
CA ALA H 105 -31.04 -21.71 13.54
C ALA H 105 -30.60 -23.00 14.32
N LEU H 106 -29.90 -22.89 15.49
CA LEU H 106 -29.44 -24.06 16.27
C LEU H 106 -28.29 -24.96 15.66
N ASP H 107 -28.08 -24.96 14.35
CA ASP H 107 -27.08 -25.87 13.79
C ASP H 107 -25.65 -25.32 13.73
N ARG H 108 -25.46 -24.03 14.06
CA ARG H 108 -24.12 -23.40 13.99
C ARG H 108 -23.96 -22.34 15.06
N LEU H 109 -24.11 -22.75 16.31
CA LEU H 109 -23.94 -21.88 17.47
C LEU H 109 -22.48 -21.97 17.86
N ASP H 110 -21.67 -21.09 17.22
CA ASP H 110 -20.22 -21.07 17.39
C ASP H 110 -19.77 -20.59 18.77
N LEU H 111 -20.18 -19.40 19.23
CA LEU H 111 -19.82 -18.90 20.55
C LEU H 111 -20.93 -19.18 21.53
N TRP H 112 -20.57 -19.58 22.74
CA TRP H 112 -21.56 -19.83 23.80
C TRP H 112 -21.17 -19.08 25.07
N GLY H 113 -22.16 -18.79 25.88
CA GLY H 113 -21.92 -18.20 27.19
C GLY H 113 -21.49 -19.31 28.13
N GLN H 114 -21.12 -18.96 29.36
CA GLN H 114 -20.69 -19.94 30.37
C GLN H 114 -21.87 -20.70 30.98
N GLY H 115 -23.08 -20.17 30.84
CA GLY H 115 -24.27 -20.76 31.40
C GLY H 115 -24.56 -20.17 32.76
N THR H 116 -25.84 -19.97 33.05
CA THR H 116 -26.27 -19.41 34.33
C THR H 116 -27.37 -20.28 34.94
N LEU H 117 -27.15 -20.78 36.18
CA LEU H 117 -28.20 -21.55 36.82
C LEU H 117 -29.28 -20.64 37.39
N VAL H 118 -30.53 -20.94 37.05
CA VAL H 118 -31.70 -20.25 37.57
C VAL H 118 -32.56 -21.31 38.25
N THR H 119 -32.80 -21.13 39.56
CA THR H 119 -33.60 -22.05 40.37
C THR H 119 -34.90 -21.32 40.72
N VAL H 120 -36.06 -21.91 40.38
CA VAL H 120 -37.38 -21.34 40.67
C VAL H 120 -37.91 -22.02 41.92
N SER H 121 -37.92 -21.29 43.06
CA SER H 121 -38.34 -21.82 44.37
C SER H 121 -38.86 -20.74 45.33
N SER H 122 -39.79 -21.16 46.22
CA SER H 122 -40.36 -20.28 47.25
C SER H 122 -39.40 -20.22 48.43
N ALA H 123 -38.45 -21.20 48.47
CA ALA H 123 -37.41 -21.34 49.50
C ALA H 123 -36.43 -20.17 49.53
N SER H 124 -35.93 -19.89 50.73
CA SER H 124 -34.97 -18.85 51.04
C SER H 124 -33.54 -19.40 50.98
N THR H 125 -32.56 -18.51 50.72
CA THR H 125 -31.16 -18.93 50.61
C THR H 125 -30.60 -19.28 52.00
N LYS H 126 -29.91 -20.44 52.09
CA LYS H 126 -29.27 -20.93 53.33
C LYS H 126 -27.80 -21.31 53.05
N GLY H 127 -26.91 -20.86 53.92
CA GLY H 127 -25.48 -21.15 53.87
C GLY H 127 -25.18 -22.56 54.37
N PRO H 128 -24.09 -23.18 53.88
CA PRO H 128 -23.78 -24.53 54.33
C PRO H 128 -23.01 -24.64 55.66
N SER H 129 -23.10 -25.82 56.30
CA SER H 129 -22.32 -26.13 57.49
C SER H 129 -21.26 -27.16 57.04
N VAL H 130 -19.98 -26.80 57.16
CA VAL H 130 -18.83 -27.60 56.73
C VAL H 130 -18.31 -28.44 57.88
N PHE H 131 -18.20 -29.75 57.67
CA PHE H 131 -17.75 -30.72 58.65
C PHE H 131 -16.56 -31.52 58.14
N PRO H 132 -15.56 -31.83 59.00
CA PRO H 132 -14.40 -32.58 58.49
C PRO H 132 -14.61 -34.09 58.39
N LEU H 133 -14.09 -34.69 57.30
CA LEU H 133 -14.10 -36.14 57.10
C LEU H 133 -12.65 -36.54 57.39
N ALA H 134 -12.35 -36.70 58.70
CA ALA H 134 -11.04 -37.01 59.26
C ALA H 134 -10.39 -38.30 58.74
N PRO H 135 -9.07 -38.25 58.43
CA PRO H 135 -8.36 -39.47 57.99
C PRO H 135 -8.07 -40.46 59.13
N SER H 136 -8.09 -41.76 58.81
CA SER H 136 -7.83 -42.90 59.71
C SER H 136 -6.38 -42.92 60.24
N GLY H 142 -2.86 -48.07 55.00
CA GLY H 142 -1.88 -47.32 55.80
C GLY H 142 -0.67 -46.80 55.04
N GLY H 143 -0.85 -46.63 53.71
CA GLY H 143 0.14 -46.16 52.72
C GLY H 143 -0.39 -44.89 52.06
N THR H 144 -1.64 -44.92 51.60
CA THR H 144 -2.33 -43.76 51.02
C THR H 144 -3.70 -43.56 51.74
N ALA H 145 -3.84 -42.41 52.47
CA ALA H 145 -4.99 -41.98 53.25
C ALA H 145 -5.98 -41.12 52.49
N ALA H 146 -7.27 -41.25 52.82
CA ALA H 146 -8.37 -40.44 52.26
C ALA H 146 -8.96 -39.51 53.33
N LEU H 147 -9.23 -38.25 52.95
CA LEU H 147 -9.78 -37.20 53.80
C LEU H 147 -10.70 -36.24 53.01
N GLY H 148 -11.70 -35.65 53.68
CA GLY H 148 -12.60 -34.74 52.99
C GLY H 148 -13.38 -33.73 53.81
N CYS H 149 -14.40 -33.14 53.19
CA CYS H 149 -15.29 -32.15 53.80
C CYS H 149 -16.72 -32.46 53.46
N LEU H 150 -17.60 -32.46 54.48
CA LEU H 150 -19.03 -32.63 54.27
C LEU H 150 -19.66 -31.23 54.32
N VAL H 151 -20.17 -30.75 53.18
CA VAL H 151 -20.83 -29.45 52.98
C VAL H 151 -22.34 -29.71 53.04
N LYS H 152 -22.91 -29.55 54.25
CA LYS H 152 -24.31 -29.90 54.49
C LYS H 152 -25.29 -28.73 54.63
N ASP H 153 -26.56 -29.02 54.31
CA ASP H 153 -27.76 -28.19 54.45
C ASP H 153 -27.63 -26.74 53.93
N TYR H 154 -27.60 -26.58 52.59
CA TYR H 154 -27.50 -25.29 51.89
C TYR H 154 -28.50 -25.15 50.75
N PHE H 155 -28.79 -23.91 50.35
CA PHE H 155 -29.72 -23.61 49.26
C PHE H 155 -29.56 -22.19 48.68
N PRO H 156 -29.63 -22.01 47.33
CA PRO H 156 -29.72 -23.05 46.29
C PRO H 156 -28.33 -23.51 45.86
N GLU H 157 -28.26 -24.19 44.73
CA GLU H 157 -26.99 -24.58 44.14
C GLU H 157 -26.45 -23.31 43.42
N PRO H 158 -25.13 -23.12 43.26
CA PRO H 158 -24.02 -24.03 43.53
C PRO H 158 -23.12 -23.65 44.72
N VAL H 159 -22.23 -24.60 45.01
CA VAL H 159 -21.20 -24.51 46.03
C VAL H 159 -19.88 -24.88 45.36
N THR H 160 -18.84 -24.08 45.61
CA THR H 160 -17.52 -24.32 45.03
C THR H 160 -16.55 -24.72 46.11
N VAL H 161 -15.94 -25.91 45.92
CA VAL H 161 -14.96 -26.47 46.86
C VAL H 161 -13.58 -26.62 46.23
N SER H 162 -12.60 -25.93 46.84
CA SER H 162 -11.19 -25.99 46.48
C SER H 162 -10.43 -26.53 47.70
N TRP H 163 -9.15 -26.92 47.51
CA TRP H 163 -8.33 -27.38 48.62
C TRP H 163 -7.02 -26.59 48.59
N ASN H 164 -6.57 -26.16 49.80
CA ASN H 164 -5.35 -25.39 50.01
C ASN H 164 -5.26 -24.16 49.10
N SER H 165 -6.44 -23.53 48.85
CA SER H 165 -6.65 -22.32 48.06
C SER H 165 -6.22 -22.47 46.60
N GLY H 166 -6.54 -23.62 46.02
CA GLY H 166 -6.23 -23.93 44.62
C GLY H 166 -5.03 -24.83 44.41
N ALA H 167 -4.07 -24.82 45.37
CA ALA H 167 -2.81 -25.57 45.38
C ALA H 167 -2.93 -27.08 45.25
N LEU H 168 -3.96 -27.70 45.85
CA LEU H 168 -4.19 -29.15 45.77
C LEU H 168 -5.32 -29.42 44.79
N THR H 169 -4.95 -30.04 43.64
CA THR H 169 -5.87 -30.36 42.56
C THR H 169 -5.94 -31.87 42.27
N SER H 170 -4.81 -32.58 42.40
CA SER H 170 -4.76 -34.03 42.13
C SER H 170 -5.32 -34.87 43.27
N GLY H 171 -6.17 -35.81 42.89
CA GLY H 171 -6.82 -36.74 43.81
C GLY H 171 -8.09 -36.18 44.40
N VAL H 172 -8.41 -34.89 44.08
CA VAL H 172 -9.58 -34.17 44.58
C VAL H 172 -10.83 -34.66 43.85
N HIS H 173 -11.89 -34.99 44.62
CA HIS H 173 -13.17 -35.41 44.09
C HIS H 173 -14.32 -34.70 44.78
N THR H 174 -14.84 -33.61 44.16
CA THR H 174 -16.00 -32.90 44.70
C THR H 174 -17.23 -33.54 44.06
N PHE H 175 -18.02 -34.24 44.88
CA PHE H 175 -19.18 -34.98 44.40
C PHE H 175 -20.37 -34.10 43.98
N PRO H 176 -21.30 -34.60 43.09
CA PRO H 176 -22.49 -33.83 42.75
C PRO H 176 -23.38 -33.68 43.98
N ALA H 177 -24.09 -32.54 44.12
CA ALA H 177 -24.95 -32.34 45.28
C ALA H 177 -26.22 -33.17 45.22
N VAL H 178 -26.74 -33.52 46.39
CA VAL H 178 -27.96 -34.31 46.49
C VAL H 178 -28.97 -33.54 47.27
N LEU H 179 -30.20 -33.42 46.73
CA LEU H 179 -31.27 -32.76 47.44
C LEU H 179 -31.84 -33.69 48.53
N GLN H 180 -31.86 -33.19 49.77
CA GLN H 180 -32.30 -33.91 50.95
C GLN H 180 -33.81 -33.75 51.18
N SER H 181 -34.37 -34.49 52.15
CA SER H 181 -35.79 -34.43 52.55
C SER H 181 -36.17 -33.00 52.95
N SER H 182 -35.23 -32.32 53.64
CA SER H 182 -35.31 -30.93 54.13
C SER H 182 -35.52 -29.90 53.03
N GLY H 183 -35.19 -30.26 51.80
CA GLY H 183 -35.27 -29.36 50.66
C GLY H 183 -33.99 -28.58 50.49
N LEU H 184 -32.91 -29.02 51.17
CA LEU H 184 -31.59 -28.41 51.10
C LEU H 184 -30.65 -29.39 50.40
N TYR H 185 -29.42 -28.93 50.11
CA TYR H 185 -28.39 -29.74 49.45
C TYR H 185 -27.29 -30.13 50.38
N SER H 186 -26.72 -31.31 50.14
CA SER H 186 -25.59 -31.87 50.89
C SER H 186 -24.55 -32.28 49.85
N LEU H 187 -23.26 -32.19 50.19
CA LEU H 187 -22.19 -32.44 49.22
C LEU H 187 -20.90 -32.81 49.93
N SER H 188 -20.10 -33.68 49.32
CA SER H 188 -18.81 -34.06 49.89
C SER H 188 -17.68 -33.81 48.90
N SER H 189 -16.56 -33.37 49.42
CA SER H 189 -15.35 -33.18 48.63
C SER H 189 -14.26 -34.00 49.32
N VAL H 190 -13.73 -35.01 48.60
CA VAL H 190 -12.70 -35.89 49.15
C VAL H 190 -11.36 -35.68 48.43
N VAL H 191 -10.26 -36.17 49.05
CA VAL H 191 -8.91 -36.13 48.50
C VAL H 191 -8.05 -37.26 49.09
N THR H 192 -7.30 -37.93 48.22
CA THR H 192 -6.37 -39.00 48.58
C THR H 192 -4.97 -38.42 48.61
N VAL H 193 -4.24 -38.71 49.69
CA VAL H 193 -2.88 -38.23 49.96
C VAL H 193 -2.05 -39.39 50.57
N PRO H 194 -0.69 -39.35 50.58
CA PRO H 194 0.05 -40.45 51.24
C PRO H 194 -0.09 -40.36 52.77
N SER H 195 -0.25 -41.50 53.47
CA SER H 195 -0.42 -41.49 54.93
C SER H 195 0.77 -40.85 55.67
N SER H 196 1.96 -40.92 55.05
CA SER H 196 3.25 -40.37 55.50
C SER H 196 3.24 -38.84 55.59
N SER H 197 2.52 -38.19 54.64
CA SER H 197 2.37 -36.74 54.54
C SER H 197 1.45 -36.14 55.63
N LEU H 198 0.59 -36.95 56.29
CA LEU H 198 -0.31 -36.47 57.35
C LEU H 198 0.53 -35.99 58.55
N GLY H 199 0.07 -34.91 59.21
CA GLY H 199 0.78 -34.33 60.35
C GLY H 199 1.97 -33.46 59.98
N THR H 200 2.38 -33.55 58.70
CA THR H 200 3.48 -32.80 58.07
C THR H 200 2.87 -31.80 57.06
N GLN H 201 1.74 -32.16 56.44
CA GLN H 201 1.00 -31.36 55.44
C GLN H 201 -0.33 -30.87 56.01
N THR H 202 -0.66 -29.58 55.77
CA THR H 202 -1.88 -28.93 56.24
C THR H 202 -2.97 -29.12 55.20
N TYR H 203 -4.16 -29.62 55.59
CA TYR H 203 -5.23 -29.87 54.60
C TYR H 203 -6.50 -29.06 54.86
N ILE H 204 -6.70 -27.97 54.08
CA ILE H 204 -7.83 -27.07 54.26
C ILE H 204 -8.72 -27.08 53.05
N CYS H 205 -10.04 -27.28 53.26
CA CYS H 205 -11.02 -27.21 52.19
C CYS H 205 -11.71 -25.84 52.23
N ASN H 206 -11.72 -25.15 51.09
CA ASN H 206 -12.27 -23.80 50.96
C ASN H 206 -13.64 -23.85 50.27
N VAL H 207 -14.71 -23.76 51.06
CA VAL H 207 -16.11 -23.83 50.62
C VAL H 207 -16.63 -22.44 50.36
N ASN H 208 -17.35 -22.25 49.24
CA ASN H 208 -17.89 -20.95 48.87
C ASN H 208 -19.31 -21.09 48.31
N HIS H 209 -20.27 -20.46 49.00
CA HIS H 209 -21.67 -20.42 48.60
C HIS H 209 -21.98 -18.96 48.22
N LYS H 210 -21.87 -18.63 46.91
CA LYS H 210 -22.14 -17.26 46.44
C LYS H 210 -23.58 -16.81 46.71
N PRO H 211 -24.64 -17.68 46.56
CA PRO H 211 -26.01 -17.22 46.86
C PRO H 211 -26.24 -16.60 48.23
N SER H 212 -25.47 -17.02 49.25
CA SER H 212 -25.63 -16.53 50.61
C SER H 212 -24.42 -15.70 51.13
N ASN H 213 -23.40 -15.49 50.26
CA ASN H 213 -22.15 -14.74 50.56
C ASN H 213 -21.41 -15.39 51.75
N THR H 214 -21.35 -16.74 51.73
CA THR H 214 -20.69 -17.58 52.71
C THR H 214 -19.38 -18.14 52.12
N LYS H 215 -18.30 -18.03 52.90
CA LYS H 215 -17.00 -18.58 52.60
C LYS H 215 -16.48 -19.19 53.90
N VAL H 216 -16.34 -20.51 53.92
CA VAL H 216 -15.89 -21.27 55.08
C VAL H 216 -14.59 -21.98 54.70
N ASP H 217 -13.62 -21.94 55.60
CA ASP H 217 -12.34 -22.62 55.45
C ASP H 217 -12.25 -23.58 56.64
N LYS H 218 -12.11 -24.88 56.37
CA LYS H 218 -12.01 -25.93 57.40
C LYS H 218 -10.70 -26.71 57.28
N LYS H 219 -9.95 -26.78 58.40
CA LYS H 219 -8.72 -27.57 58.44
C LYS H 219 -9.10 -28.97 58.88
N VAL H 220 -8.88 -29.96 57.99
CA VAL H 220 -9.14 -31.38 58.26
C VAL H 220 -7.88 -31.95 58.92
N GLU H 221 -8.07 -32.65 60.07
CA GLU H 221 -7.01 -33.26 60.91
C GLU H 221 -7.40 -34.70 61.30
N PRO H 222 -6.43 -35.58 61.66
CA PRO H 222 -6.79 -36.95 62.04
C PRO H 222 -7.41 -37.07 63.44
N ASP I 1 24.15 4.16 -48.22
CA ASP I 1 23.77 5.20 -49.18
C ASP I 1 22.55 6.02 -48.72
N ILE I 2 21.98 6.86 -49.61
CA ILE I 2 20.77 7.67 -49.38
C ILE I 2 19.78 7.39 -50.55
N GLN I 3 18.54 6.96 -50.21
CA GLN I 3 17.51 6.55 -51.20
C GLN I 3 16.06 7.04 -50.89
N MET I 4 15.91 8.10 -50.04
CA MET I 4 14.58 8.61 -49.74
C MET I 4 14.32 10.01 -50.31
N THR I 5 13.23 10.12 -51.10
CA THR I 5 12.86 11.34 -51.81
C THR I 5 11.66 12.07 -51.22
N GLN I 6 11.90 13.31 -50.80
CA GLN I 6 10.87 14.21 -50.30
C GLN I 6 10.41 15.13 -51.42
N SER I 7 9.12 15.41 -51.49
CA SER I 7 8.58 16.31 -52.50
C SER I 7 7.51 17.26 -51.93
N PRO I 8 7.65 18.60 -52.09
CA PRO I 8 8.72 19.33 -52.78
C PRO I 8 9.96 19.49 -51.92
N SER I 9 11.04 20.06 -52.49
CA SER I 9 12.28 20.32 -51.77
C SER I 9 12.09 21.55 -50.88
N SER I 10 11.18 22.44 -51.31
CA SER I 10 10.79 23.66 -50.63
C SER I 10 9.42 24.09 -51.10
N LEU I 11 8.63 24.66 -50.18
CA LEU I 11 7.28 25.17 -50.45
C LEU I 11 6.98 26.46 -49.68
N SER I 12 6.09 27.29 -50.25
CA SER I 12 5.63 28.51 -49.61
C SER I 12 4.12 28.49 -49.56
N ALA I 13 3.58 28.71 -48.36
CA ALA I 13 2.14 28.68 -48.15
C ALA I 13 1.68 29.76 -47.17
N SER I 14 0.45 30.21 -47.32
CA SER I 14 -0.15 31.23 -46.46
C SER I 14 -0.63 30.59 -45.15
N VAL I 15 -0.89 31.42 -44.13
CA VAL I 15 -1.39 30.96 -42.83
C VAL I 15 -2.82 30.40 -42.99
N GLY I 16 -3.05 29.21 -42.44
CA GLY I 16 -4.32 28.53 -42.51
C GLY I 16 -4.42 27.53 -43.65
N ASP I 17 -3.43 27.53 -44.57
CA ASP I 17 -3.38 26.63 -45.72
C ASP I 17 -3.05 25.19 -45.31
N ARG I 18 -3.57 24.21 -46.06
CA ARG I 18 -3.30 22.78 -45.86
C ARG I 18 -1.98 22.49 -46.58
N VAL I 19 -1.01 21.90 -45.86
CA VAL I 19 0.31 21.61 -46.40
C VAL I 19 0.57 20.11 -46.43
N THR I 20 1.02 19.60 -47.59
CA THR I 20 1.27 18.17 -47.79
C THR I 20 2.70 17.94 -48.30
N ILE I 21 3.50 17.21 -47.51
CA ILE I 21 4.88 16.87 -47.85
C ILE I 21 4.93 15.37 -47.99
N THR I 22 5.36 14.88 -49.15
CA THR I 22 5.43 13.43 -49.41
C THR I 22 6.84 12.90 -49.35
N CYS I 23 6.98 11.69 -48.80
CA CYS I 23 8.22 10.96 -48.63
C CYS I 23 8.05 9.62 -49.35
N GLN I 24 8.96 9.34 -50.32
CA GLN I 24 8.94 8.18 -51.21
C GLN I 24 10.21 7.37 -51.16
N SER I 25 10.09 6.02 -51.16
CA SER I 25 11.26 5.13 -51.20
C SER I 25 11.02 4.03 -52.22
N ILE I 26 12.10 3.42 -52.73
CA ILE I 26 11.96 2.31 -53.69
C ILE I 26 11.74 0.99 -52.91
N LYS I 27 12.49 0.82 -51.79
CA LYS I 27 12.33 -0.35 -50.91
C LYS I 27 11.21 0.00 -49.92
N SER I 28 10.45 -1.01 -49.49
CA SER I 28 9.38 -0.80 -48.54
C SER I 28 9.91 -0.69 -47.11
N VAL I 29 9.31 0.21 -46.31
CA VAL I 29 9.65 0.48 -44.92
C VAL I 29 9.45 -0.80 -44.08
N TYR I 30 10.39 -1.10 -43.16
CA TYR I 30 10.39 -2.33 -42.38
C TYR I 30 9.15 -2.59 -41.54
N ASN I 31 8.94 -1.86 -40.47
CA ASN I 31 7.80 -2.20 -39.65
C ASN I 31 7.10 -0.93 -39.26
N ASN I 32 6.56 -0.24 -40.28
CA ASN I 32 5.95 1.07 -40.15
C ASN I 32 6.97 2.08 -39.63
N ARG I 33 8.26 1.71 -39.74
CA ARG I 33 9.41 2.50 -39.31
C ARG I 33 9.60 3.73 -40.20
N LEU I 34 8.78 4.76 -39.97
CA LEU I 34 8.78 6.02 -40.71
C LEU I 34 8.37 7.13 -39.76
N GLY I 35 9.25 8.07 -39.55
CA GLY I 35 9.03 9.19 -38.65
C GLY I 35 9.22 10.52 -39.34
N TRP I 36 8.61 11.57 -38.77
CA TRP I 36 8.70 12.93 -39.27
C TRP I 36 9.31 13.87 -38.23
N TYR I 37 10.29 14.66 -38.68
CA TYR I 37 11.03 15.63 -37.90
C TYR I 37 10.82 17.04 -38.39
N GLN I 38 10.82 17.99 -37.45
CA GLN I 38 10.67 19.42 -37.72
C GLN I 38 11.91 20.09 -37.17
N GLN I 39 12.69 20.77 -38.03
CA GLN I 39 13.92 21.43 -37.60
C GLN I 39 13.86 22.94 -37.76
N LYS I 40 13.72 23.65 -36.64
CA LYS I 40 13.70 25.11 -36.68
C LYS I 40 15.15 25.59 -36.72
N PRO I 41 15.49 26.64 -37.51
CA PRO I 41 16.90 27.05 -37.63
C PRO I 41 17.68 27.16 -36.30
N GLY I 42 18.86 26.53 -36.31
CA GLY I 42 19.78 26.49 -35.19
C GLY I 42 19.28 25.69 -34.00
N LYS I 43 18.46 24.67 -34.27
CA LYS I 43 17.88 23.80 -33.26
C LYS I 43 17.95 22.34 -33.71
N ALA I 44 17.94 21.42 -32.73
CA ALA I 44 17.94 20.00 -33.02
C ALA I 44 16.59 19.61 -33.60
N PRO I 45 16.53 18.68 -34.60
CA PRO I 45 15.22 18.24 -35.11
C PRO I 45 14.30 17.76 -33.98
N LYS I 46 12.99 17.88 -34.17
CA LYS I 46 11.97 17.48 -33.20
C LYS I 46 11.17 16.33 -33.79
N LEU I 47 10.92 15.26 -33.01
CA LEU I 47 10.11 14.14 -33.54
C LEU I 47 8.64 14.54 -33.39
N LEU I 48 7.92 14.62 -34.52
CA LEU I 48 6.50 15.00 -34.52
C LEU I 48 5.62 13.77 -34.64
N ILE I 49 5.89 12.94 -35.66
CA ILE I 49 5.17 11.72 -35.98
C ILE I 49 6.18 10.59 -35.96
N TYR I 50 5.80 9.42 -35.42
CA TYR I 50 6.61 8.21 -35.41
C TYR I 50 5.77 6.98 -35.73
N GLU I 51 6.42 5.94 -36.25
CA GLU I 51 5.74 4.70 -36.64
C GLU I 51 4.56 5.00 -37.56
N THR I 52 4.85 5.83 -38.60
CA THR I 52 3.97 6.28 -39.70
C THR I 52 2.95 7.34 -39.30
N SER I 53 2.12 7.05 -38.29
CA SER I 53 1.01 7.90 -37.94
C SER I 53 0.91 8.36 -36.48
N ILE I 54 1.70 7.76 -35.55
CA ILE I 54 1.60 8.11 -34.12
C ILE I 54 2.20 9.47 -33.84
N LEU I 55 1.39 10.35 -33.24
CA LEU I 55 1.75 11.72 -32.89
C LEU I 55 2.48 11.84 -31.50
N THR I 56 3.65 12.50 -31.46
CA THR I 56 4.42 12.74 -30.23
C THR I 56 3.56 13.59 -29.31
N SER I 57 3.54 13.28 -27.99
CA SER I 57 2.69 14.04 -27.06
C SER I 57 3.11 15.50 -26.95
N GLY I 58 2.11 16.38 -27.01
CA GLY I 58 2.30 17.82 -26.95
C GLY I 58 2.25 18.49 -28.32
N VAL I 59 2.57 17.72 -29.37
CA VAL I 59 2.56 18.17 -30.76
C VAL I 59 1.11 18.45 -31.22
N PRO I 60 0.87 19.64 -31.79
CA PRO I 60 -0.49 20.01 -32.23
C PRO I 60 -1.13 19.01 -33.19
N SER I 61 -2.46 18.86 -33.07
CA SER I 61 -3.29 17.96 -33.88
C SER I 61 -3.31 18.33 -35.37
N ARG I 62 -2.81 19.54 -35.72
CA ARG I 62 -2.72 19.99 -37.12
C ARG I 62 -1.71 19.16 -37.89
N PHE I 63 -0.80 18.47 -37.16
CA PHE I 63 0.20 17.56 -37.71
C PHE I 63 -0.34 16.15 -37.66
N SER I 64 -0.35 15.48 -38.82
CA SER I 64 -0.80 14.09 -39.00
C SER I 64 0.11 13.36 -40.00
N GLY I 65 0.26 12.06 -39.80
CA GLY I 65 1.09 11.23 -40.66
C GLY I 65 0.28 10.12 -41.27
N SER I 66 0.51 9.85 -42.55
CA SER I 66 -0.23 8.81 -43.25
C SER I 66 0.65 8.07 -44.26
N GLY I 67 0.20 6.90 -44.70
CA GLY I 67 0.92 6.13 -45.70
C GLY I 67 1.35 4.76 -45.27
N SER I 68 1.92 4.00 -46.21
CA SER I 68 2.38 2.64 -45.99
C SER I 68 3.38 2.22 -47.07
N GLY I 69 4.20 1.24 -46.74
CA GLY I 69 5.19 0.66 -47.64
C GLY I 69 6.27 1.60 -48.17
N THR I 70 6.01 2.19 -49.34
CA THR I 70 6.92 3.04 -50.10
C THR I 70 6.52 4.49 -50.24
N ASP I 71 5.25 4.82 -49.91
CA ASP I 71 4.70 6.17 -50.04
C ASP I 71 4.05 6.64 -48.74
N PHE I 72 4.53 7.81 -48.24
CA PHE I 72 4.12 8.45 -46.98
C PHE I 72 3.83 9.94 -47.14
N THR I 73 3.05 10.53 -46.21
CA THR I 73 2.67 11.95 -46.27
C THR I 73 2.54 12.61 -44.89
N LEU I 74 3.17 13.80 -44.76
CA LEU I 74 3.03 14.65 -43.59
C LEU I 74 2.04 15.71 -43.99
N THR I 75 1.02 15.94 -43.14
CA THR I 75 -0.03 16.93 -43.41
C THR I 75 -0.08 17.98 -42.31
N ILE I 76 -0.19 19.27 -42.70
CA ILE I 76 -0.37 20.39 -41.78
C ILE I 76 -1.68 21.04 -42.23
N SER I 77 -2.81 20.58 -41.63
CA SER I 77 -4.19 20.99 -41.93
C SER I 77 -4.41 22.52 -42.01
N SER I 78 -3.82 23.29 -41.09
CA SER I 78 -3.93 24.75 -41.05
C SER I 78 -2.59 25.34 -40.62
N LEU I 79 -1.71 25.61 -41.61
CA LEU I 79 -0.36 26.15 -41.40
C LEU I 79 -0.32 27.41 -40.52
N GLN I 80 0.52 27.38 -39.48
CA GLN I 80 0.70 28.48 -38.53
C GLN I 80 2.05 29.19 -38.75
N PRO I 81 2.22 30.48 -38.36
CA PRO I 81 3.52 31.15 -38.61
C PRO I 81 4.73 30.46 -37.99
N GLU I 82 4.55 29.84 -36.79
CA GLU I 82 5.58 29.08 -36.09
C GLU I 82 6.01 27.79 -36.84
N ASP I 83 5.13 27.24 -37.71
CA ASP I 83 5.36 26.02 -38.49
C ASP I 83 6.46 26.15 -39.54
N PHE I 84 7.06 27.35 -39.67
CA PHE I 84 8.20 27.59 -40.54
C PHE I 84 9.37 26.75 -39.97
N ALA I 85 9.88 25.80 -40.80
CA ALA I 85 10.98 24.89 -40.49
C ALA I 85 11.32 23.98 -41.67
N THR I 86 12.37 23.15 -41.52
CA THR I 86 12.71 22.15 -42.52
C THR I 86 12.22 20.83 -41.97
N TYR I 87 11.40 20.14 -42.78
CA TYR I 87 10.78 18.88 -42.40
C TYR I 87 11.48 17.71 -43.04
N TYR I 88 11.92 16.74 -42.22
CA TYR I 88 12.63 15.55 -42.71
C TYR I 88 11.89 14.29 -42.29
N CYS I 89 11.71 13.37 -43.25
CA CYS I 89 11.16 12.05 -42.97
C CYS I 89 12.39 11.14 -42.77
N ALA I 90 12.24 10.04 -42.06
CA ALA I 90 13.34 9.10 -41.80
C ALA I 90 12.77 7.71 -41.62
N GLY I 91 13.37 6.75 -42.30
CA GLY I 91 12.85 5.39 -42.29
C GLY I 91 13.89 4.31 -42.13
N GLY I 92 13.36 3.12 -41.81
CA GLY I 92 14.12 1.89 -41.65
C GLY I 92 13.62 0.82 -42.58
N PHE I 93 14.55 0.13 -43.26
CA PHE I 93 14.22 -0.94 -44.21
C PHE I 93 14.60 -2.31 -43.69
N ASP I 94 15.54 -2.32 -42.74
CA ASP I 94 16.00 -3.48 -42.03
C ASP I 94 16.40 -3.08 -40.60
N ARG I 95 16.87 -4.05 -39.80
CA ARG I 95 17.26 -3.81 -38.41
C ARG I 95 18.78 -3.76 -38.22
N SER I 96 19.55 -3.83 -39.33
CA SER I 96 21.01 -3.91 -39.27
C SER I 96 21.79 -2.82 -40.01
N GLY I 97 21.18 -1.64 -40.25
CA GLY I 97 21.88 -0.53 -40.88
C GLY I 97 21.26 0.19 -42.07
N ASP I 98 20.21 -0.38 -42.68
CA ASP I 98 19.53 0.22 -43.82
C ASP I 98 18.44 1.20 -43.35
N THR I 99 18.91 2.37 -42.85
CA THR I 99 18.06 3.48 -42.39
C THR I 99 18.68 4.76 -42.92
N THR I 100 17.84 5.69 -43.40
CA THR I 100 18.29 6.98 -43.94
C THR I 100 17.30 8.06 -43.54
N PHE I 101 17.61 9.30 -43.94
CA PHE I 101 16.76 10.48 -43.78
C PHE I 101 16.38 10.88 -45.21
N GLY I 102 15.30 11.63 -45.33
CA GLY I 102 14.89 12.23 -46.58
C GLY I 102 15.66 13.53 -46.72
N GLN I 103 15.79 14.01 -47.96
CA GLN I 103 16.51 15.24 -48.31
C GLN I 103 16.01 16.51 -47.59
N GLY I 104 14.79 16.47 -47.07
CA GLY I 104 14.21 17.61 -46.36
C GLY I 104 13.34 18.51 -47.22
N THR I 105 12.41 19.23 -46.56
CA THR I 105 11.46 20.15 -47.18
C THR I 105 11.39 21.47 -46.42
N LYS I 106 11.86 22.59 -47.02
CA LYS I 106 11.80 23.89 -46.35
C LYS I 106 10.43 24.52 -46.54
N VAL I 107 9.71 24.69 -45.43
CA VAL I 107 8.37 25.26 -45.43
C VAL I 107 8.49 26.72 -45.08
N GLU I 108 7.97 27.58 -45.96
CA GLU I 108 8.03 29.02 -45.75
C GLU I 108 6.67 29.69 -45.83
N ILE I 109 6.45 30.61 -44.92
CA ILE I 109 5.21 31.36 -44.80
C ILE I 109 5.09 32.42 -45.87
N LYS I 110 3.89 32.54 -46.39
CA LYS I 110 3.54 33.57 -47.31
C LYS I 110 2.64 34.50 -46.52
N ARG I 111 2.82 35.78 -46.73
CA ARG I 111 2.08 36.85 -46.10
C ARG I 111 2.05 38.07 -47.06
N THR I 112 1.37 39.15 -46.64
CA THR I 112 1.28 40.37 -47.43
C THR I 112 2.65 40.99 -47.61
N VAL I 113 2.85 41.66 -48.75
CA VAL I 113 4.12 42.34 -49.08
C VAL I 113 4.40 43.43 -48.01
N ALA I 114 5.63 43.48 -47.49
CA ALA I 114 6.03 44.47 -46.49
C ALA I 114 7.30 45.15 -46.96
N ALA I 115 7.38 46.48 -46.81
CA ALA I 115 8.56 47.25 -47.21
C ALA I 115 9.61 47.32 -46.09
N PRO I 116 10.92 47.27 -46.45
CA PRO I 116 11.96 47.36 -45.41
C PRO I 116 12.14 48.76 -44.85
N SER I 117 12.78 48.82 -43.68
CA SER I 117 13.16 50.05 -43.00
C SER I 117 14.66 50.13 -43.25
N VAL I 118 15.10 51.07 -44.12
CA VAL I 118 16.53 51.17 -44.48
C VAL I 118 17.32 52.11 -43.52
N PHE I 119 18.50 51.61 -43.08
CA PHE I 119 19.43 52.29 -42.18
C PHE I 119 20.85 52.18 -42.65
N ILE I 120 21.67 53.23 -42.39
CA ILE I 120 23.08 53.27 -42.77
C ILE I 120 23.97 53.57 -41.54
N PHE I 121 25.09 52.85 -41.42
CA PHE I 121 26.03 53.00 -40.31
C PHE I 121 27.45 53.26 -40.80
N PRO I 122 28.02 54.45 -40.50
CA PRO I 122 29.39 54.76 -40.94
C PRO I 122 30.41 53.97 -40.11
N PRO I 123 31.60 53.63 -40.67
CA PRO I 123 32.60 52.86 -39.91
C PRO I 123 32.99 53.51 -38.59
N SER I 124 33.11 52.71 -37.51
CA SER I 124 33.45 53.18 -36.16
C SER I 124 34.85 53.78 -36.08
N ASP I 125 35.02 54.86 -35.27
CA ASP I 125 36.34 55.49 -35.08
C ASP I 125 37.34 54.50 -34.49
N GLU I 126 36.82 53.49 -33.75
CA GLU I 126 37.59 52.39 -33.15
C GLU I 126 38.23 51.55 -34.26
N GLN I 127 37.45 51.24 -35.31
CA GLN I 127 37.88 50.42 -36.44
C GLN I 127 38.80 51.19 -37.36
N LEU I 128 38.54 52.51 -37.53
CA LEU I 128 39.36 53.39 -38.37
C LEU I 128 40.80 53.49 -37.87
N LYS I 129 41.05 53.13 -36.57
CA LYS I 129 42.38 53.08 -35.98
C LYS I 129 43.18 51.93 -36.66
N SER I 130 42.51 50.80 -36.95
CA SER I 130 43.09 49.70 -37.73
C SER I 130 42.93 50.05 -39.23
N GLY I 131 43.62 49.31 -40.10
CA GLY I 131 43.62 49.56 -41.54
C GLY I 131 42.31 49.41 -42.30
N THR I 132 41.36 48.65 -41.74
CA THR I 132 40.08 48.33 -42.39
C THR I 132 38.93 49.27 -41.95
N ALA I 133 37.87 49.34 -42.77
CA ALA I 133 36.64 50.11 -42.54
C ALA I 133 35.44 49.31 -43.06
N SER I 134 34.30 49.39 -42.36
CA SER I 134 33.10 48.66 -42.77
C SER I 134 31.84 49.54 -42.71
N VAL I 135 31.14 49.64 -43.85
CA VAL I 135 29.89 50.43 -43.93
C VAL I 135 28.69 49.48 -43.97
N VAL I 136 27.78 49.66 -43.01
CA VAL I 136 26.66 48.74 -42.86
C VAL I 136 25.32 49.37 -43.26
N CYS I 137 24.63 48.70 -44.20
CA CYS I 137 23.30 49.03 -44.64
C CYS I 137 22.38 47.95 -44.05
N LEU I 138 21.34 48.39 -43.34
CA LEU I 138 20.35 47.52 -42.73
C LEU I 138 19.02 47.70 -43.45
N LEU I 139 18.31 46.58 -43.70
CA LEU I 139 16.99 46.48 -44.34
C LEU I 139 16.10 45.75 -43.33
N ASN I 140 15.32 46.50 -42.54
CA ASN I 140 14.56 45.88 -41.48
C ASN I 140 13.09 45.55 -41.77
N ASN I 141 12.74 44.29 -41.46
CA ASN I 141 11.44 43.63 -41.46
C ASN I 141 10.63 43.84 -42.74
N PHE I 142 10.84 42.95 -43.71
CA PHE I 142 10.18 42.99 -45.00
C PHE I 142 9.72 41.62 -45.51
N TYR I 143 8.87 41.63 -46.56
CA TYR I 143 8.38 40.44 -47.26
C TYR I 143 8.19 40.74 -48.77
N PRO I 144 8.64 39.88 -49.73
CA PRO I 144 9.41 38.63 -49.57
C PRO I 144 10.91 38.86 -49.35
N ARG I 145 11.67 37.77 -49.12
CA ARG I 145 13.13 37.78 -48.91
C ARG I 145 13.88 38.50 -50.03
N GLU I 146 13.44 38.31 -51.29
CA GLU I 146 14.07 38.94 -52.44
C GLU I 146 14.12 40.47 -52.28
N ALA I 147 15.33 41.02 -52.42
CA ALA I 147 15.65 42.45 -52.39
C ALA I 147 17.08 42.68 -52.89
N LYS I 148 17.31 43.83 -53.55
CA LYS I 148 18.64 44.17 -54.06
C LYS I 148 19.14 45.47 -53.44
N VAL I 149 20.35 45.41 -52.87
CA VAL I 149 21.03 46.55 -52.23
C VAL I 149 22.24 46.91 -53.06
N GLN I 150 22.28 48.17 -53.52
CA GLN I 150 23.36 48.70 -54.37
C GLN I 150 24.16 49.73 -53.61
N TRP I 151 25.48 49.72 -53.81
CA TRP I 151 26.34 50.68 -53.13
C TRP I 151 26.87 51.75 -54.08
N LYS I 152 26.61 53.01 -53.74
CA LYS I 152 27.04 54.16 -54.52
C LYS I 152 28.02 55.03 -53.72
N VAL I 153 29.29 54.95 -54.11
CA VAL I 153 30.38 55.71 -53.49
C VAL I 153 30.69 56.87 -54.47
N ASP I 154 30.24 58.10 -54.11
CA ASP I 154 30.29 59.32 -54.91
C ASP I 154 29.55 59.10 -56.24
N ASN I 155 28.37 58.44 -56.11
CA ASN I 155 27.40 58.01 -57.14
C ASN I 155 27.85 56.82 -58.00
N ALA I 156 29.13 56.40 -57.90
CA ALA I 156 29.69 55.28 -58.65
C ALA I 156 29.23 53.92 -58.07
N LEU I 157 28.81 53.00 -58.97
CA LEU I 157 28.32 51.66 -58.66
C LEU I 157 29.47 50.77 -58.15
N GLN I 158 29.21 49.99 -57.08
CA GLN I 158 30.22 49.13 -56.44
C GLN I 158 30.05 47.66 -56.76
N SER I 159 31.18 46.96 -57.01
CA SER I 159 31.16 45.53 -57.34
C SER I 159 32.20 44.69 -56.60
N GLY I 160 31.74 43.58 -56.03
CA GLY I 160 32.53 42.59 -55.29
C GLY I 160 33.09 43.01 -53.95
N ASN I 161 32.71 44.20 -53.48
CA ASN I 161 33.15 44.83 -52.23
C ASN I 161 32.23 44.52 -51.05
N SER I 162 30.94 44.23 -51.32
CA SER I 162 29.95 43.95 -50.30
C SER I 162 29.63 42.45 -50.09
N GLN I 163 29.09 42.14 -48.89
CA GLN I 163 28.61 40.83 -48.46
C GLN I 163 27.29 41.02 -47.71
N GLU I 164 26.26 40.26 -48.08
CA GLU I 164 24.99 40.36 -47.37
C GLU I 164 24.62 39.05 -46.66
N SER I 165 23.79 39.15 -45.60
CA SER I 165 23.32 37.99 -44.83
C SER I 165 21.88 38.22 -44.36
N VAL I 166 21.02 37.22 -44.58
CA VAL I 166 19.61 37.33 -44.22
C VAL I 166 19.29 36.58 -42.94
N THR I 167 18.39 37.14 -42.13
CA THR I 167 17.86 36.45 -40.95
C THR I 167 16.87 35.36 -41.44
N GLU I 168 16.62 34.36 -40.60
CA GLU I 168 15.63 33.35 -40.96
C GLU I 168 14.28 33.98 -40.66
N GLN I 169 13.26 33.65 -41.46
CA GLN I 169 11.90 34.17 -41.35
C GLN I 169 11.40 34.18 -39.88
N ASP I 170 10.87 35.34 -39.43
CA ASP I 170 10.36 35.56 -38.07
C ASP I 170 9.17 34.64 -37.77
N SER I 171 9.21 33.98 -36.61
CA SER I 171 8.22 33.04 -36.07
C SER I 171 6.85 33.67 -35.85
N LYS I 172 6.86 35.01 -35.64
CA LYS I 172 5.69 35.84 -35.36
C LYS I 172 5.20 36.67 -36.57
N ASP I 173 5.94 37.71 -37.01
CA ASP I 173 5.40 38.50 -38.12
C ASP I 173 5.73 37.97 -39.53
N SER I 174 6.48 36.85 -39.63
CA SER I 174 6.90 36.17 -40.88
C SER I 174 7.75 37.03 -41.86
N THR I 175 8.43 38.11 -41.37
CA THR I 175 9.28 39.00 -42.18
C THR I 175 10.75 38.60 -42.14
N TYR I 176 11.60 39.31 -42.91
CA TYR I 176 13.05 39.08 -43.00
C TYR I 176 13.80 40.39 -42.74
N SER I 177 15.04 40.28 -42.27
CA SER I 177 15.93 41.42 -42.10
C SER I 177 17.22 41.07 -42.82
N LEU I 178 17.79 42.06 -43.55
CA LEU I 178 19.03 41.87 -44.31
C LEU I 178 20.05 42.94 -43.97
N SER I 179 21.33 42.53 -43.90
CA SER I 179 22.46 43.42 -43.66
C SER I 179 23.43 43.31 -44.83
N SER I 180 23.74 44.44 -45.48
CA SER I 180 24.72 44.53 -46.57
C SER I 180 25.92 45.30 -46.01
N THR I 181 27.11 44.65 -45.93
CA THR I 181 28.30 45.27 -45.38
C THR I 181 29.35 45.51 -46.43
N LEU I 182 29.60 46.78 -46.71
CA LEU I 182 30.64 47.17 -47.66
C LEU I 182 31.94 47.23 -46.87
N THR I 183 33.01 46.68 -47.43
CA THR I 183 34.31 46.69 -46.78
C THR I 183 35.30 47.42 -47.67
N LEU I 184 35.97 48.43 -47.11
CA LEU I 184 36.96 49.28 -47.78
C LEU I 184 38.16 49.48 -46.90
N SER I 185 39.30 49.77 -47.54
CA SER I 185 40.54 50.11 -46.86
C SER I 185 40.39 51.56 -46.36
N LYS I 186 41.12 51.92 -45.29
CA LYS I 186 41.11 53.27 -44.71
C LYS I 186 41.55 54.31 -45.73
N ALA I 187 42.48 53.92 -46.63
CA ALA I 187 43.03 54.75 -47.70
C ALA I 187 41.97 55.13 -48.73
N ASP I 188 41.14 54.16 -49.14
CA ASP I 188 40.06 54.36 -50.11
C ASP I 188 38.84 55.03 -49.48
N TYR I 189 38.58 54.74 -48.20
CA TYR I 189 37.46 55.34 -47.47
C TYR I 189 37.64 56.87 -47.34
N GLU I 190 38.91 57.32 -47.18
CA GLU I 190 39.28 58.73 -47.08
C GLU I 190 39.22 59.41 -48.45
N LYS I 191 39.36 58.63 -49.54
CA LYS I 191 39.35 59.11 -50.93
C LYS I 191 37.97 59.59 -51.39
N HIS I 192 36.92 59.18 -50.68
CA HIS I 192 35.55 59.53 -51.07
C HIS I 192 34.79 60.21 -49.95
N LYS I 193 33.62 60.83 -50.28
CA LYS I 193 32.80 61.56 -49.29
C LYS I 193 31.32 61.08 -49.18
N VAL I 194 30.63 60.90 -50.34
CA VAL I 194 29.22 60.50 -50.37
C VAL I 194 29.07 58.96 -50.40
N TYR I 195 28.62 58.38 -49.26
CA TYR I 195 28.39 56.93 -49.15
C TYR I 195 26.90 56.66 -49.03
N ALA I 196 26.35 55.84 -49.94
CA ALA I 196 24.92 55.55 -49.93
C ALA I 196 24.59 54.14 -50.35
N CYS I 197 23.49 53.60 -49.78
CA CYS I 197 22.96 52.32 -50.21
C CYS I 197 21.56 52.49 -50.78
N GLU I 198 21.41 52.11 -52.06
CA GLU I 198 20.16 52.19 -52.81
C GLU I 198 19.47 50.83 -52.71
N VAL I 199 18.23 50.84 -52.23
CA VAL I 199 17.49 49.60 -52.02
C VAL I 199 16.31 49.52 -52.94
N THR I 200 16.20 48.40 -53.65
CA THR I 200 15.11 48.14 -54.56
C THR I 200 14.38 46.87 -54.14
N HIS I 201 13.16 47.07 -53.64
CA HIS I 201 12.29 46.03 -53.15
C HIS I 201 10.93 46.14 -53.83
N GLN I 202 10.15 45.05 -53.77
CA GLN I 202 8.79 44.93 -54.30
C GLN I 202 7.84 45.88 -53.55
N GLY I 203 8.00 45.94 -52.23
CA GLY I 203 7.21 46.78 -51.32
C GLY I 203 7.49 48.26 -51.37
N LEU I 204 8.50 48.69 -52.17
CA LEU I 204 8.83 50.11 -52.39
C LEU I 204 8.46 50.49 -53.82
N SER I 205 7.71 51.60 -54.00
CA SER I 205 7.27 52.07 -55.33
C SER I 205 8.44 52.61 -56.13
N SER I 206 9.37 53.28 -55.45
CA SER I 206 10.59 53.86 -55.99
C SER I 206 11.78 53.54 -55.06
N PRO I 207 13.00 53.28 -55.62
CA PRO I 207 14.14 52.90 -54.76
C PRO I 207 14.51 53.89 -53.65
N VAL I 208 14.62 53.36 -52.41
CA VAL I 208 14.98 54.11 -51.20
C VAL I 208 16.49 54.20 -51.07
N THR I 209 17.00 55.43 -51.00
CA THR I 209 18.43 55.69 -50.85
C THR I 209 18.70 56.34 -49.51
N LYS I 210 19.59 55.72 -48.73
CA LYS I 210 20.02 56.20 -47.42
C LYS I 210 21.53 56.45 -47.48
N SER I 211 21.93 57.68 -47.11
CA SER I 211 23.33 58.12 -47.18
C SER I 211 23.82 58.91 -45.96
N PHE I 212 25.11 59.30 -46.01
CA PHE I 212 25.80 60.14 -45.03
C PHE I 212 27.01 60.83 -45.65
N ASN I 213 27.39 61.97 -45.06
CA ASN I 213 28.58 62.73 -45.44
C ASN I 213 29.67 62.38 -44.45
N ARG I 214 30.86 62.10 -44.96
CA ARG I 214 32.04 61.73 -44.17
C ARG I 214 32.62 62.90 -43.35
N GLY I 215 32.96 62.60 -42.09
CA GLY I 215 33.51 63.55 -41.14
C GLY I 215 32.45 64.37 -40.41
N GLU I 216 31.32 63.71 -40.05
CA GLU I 216 30.18 64.33 -39.37
C GLU I 216 29.83 63.64 -38.03
N VAL J 2 -11.14 22.31 -13.79
CA VAL J 2 -12.22 22.74 -12.89
C VAL J 2 -12.95 23.97 -13.47
N GLN J 3 -14.28 23.88 -13.48
CA GLN J 3 -15.13 24.92 -14.04
C GLN J 3 -16.29 25.35 -13.13
N LEU J 4 -16.51 26.69 -13.10
CA LEU J 4 -17.64 27.39 -12.47
C LEU J 4 -18.46 27.94 -13.64
N VAL J 5 -19.80 27.78 -13.63
CA VAL J 5 -20.63 28.27 -14.74
C VAL J 5 -21.80 29.14 -14.25
N GLU J 6 -21.86 30.39 -14.72
CA GLU J 6 -22.97 31.32 -14.45
C GLU J 6 -24.07 31.00 -15.46
N SER J 7 -25.33 30.94 -14.99
CA SER J 7 -26.52 30.67 -15.80
C SER J 7 -27.59 31.66 -15.40
N GLY J 8 -28.39 32.10 -16.35
CA GLY J 8 -29.45 33.03 -16.06
C GLY J 8 -29.89 33.88 -17.22
N PRO J 9 -31.02 34.62 -17.06
CA PRO J 9 -31.53 35.43 -18.15
C PRO J 9 -30.59 36.56 -18.51
N GLY J 10 -30.36 36.72 -19.83
CA GLY J 10 -29.48 37.74 -20.37
C GLY J 10 -30.13 39.09 -20.35
N LEU J 11 -31.46 39.12 -20.54
CA LEU J 11 -32.30 40.32 -20.57
C LEU J 11 -33.36 40.32 -19.46
N VAL J 12 -33.37 41.40 -18.66
CA VAL J 12 -34.29 41.59 -17.55
C VAL J 12 -34.94 42.95 -17.72
N LYS J 13 -36.27 43.02 -17.58
CA LYS J 13 -37.00 44.28 -17.68
C LYS J 13 -36.82 45.04 -16.35
N PRO J 14 -36.83 46.40 -16.34
CA PRO J 14 -36.63 47.11 -15.06
C PRO J 14 -37.69 46.80 -13.99
N SER J 15 -37.39 47.10 -12.70
CA SER J 15 -38.23 46.84 -11.52
C SER J 15 -38.31 45.35 -11.13
N GLU J 16 -37.97 44.44 -12.07
CA GLU J 16 -37.98 42.98 -11.88
C GLU J 16 -36.79 42.48 -11.04
N THR J 17 -36.66 41.15 -10.92
CA THR J 17 -35.59 40.53 -10.12
C THR J 17 -34.72 39.59 -10.96
N LEU J 18 -33.40 39.86 -11.06
CA LEU J 18 -32.54 38.99 -11.85
C LEU J 18 -32.00 37.87 -10.98
N SER J 19 -32.24 36.66 -11.44
CA SER J 19 -31.90 35.43 -10.76
C SER J 19 -30.84 34.71 -11.54
N LEU J 20 -29.70 34.53 -10.93
CA LEU J 20 -28.57 33.85 -11.53
C LEU J 20 -28.17 32.66 -10.70
N THR J 21 -27.56 31.66 -11.35
CA THR J 21 -27.09 30.47 -10.67
C THR J 21 -25.66 30.19 -11.06
N CYS J 22 -24.85 29.80 -10.08
CA CYS J 22 -23.46 29.44 -10.26
C CYS J 22 -23.39 27.94 -10.02
N THR J 23 -23.12 27.20 -11.09
CA THR J 23 -23.05 25.75 -11.06
C THR J 23 -21.60 25.28 -10.96
N VAL J 24 -21.41 24.05 -10.52
CA VAL J 24 -20.08 23.46 -10.33
C VAL J 24 -20.02 22.06 -10.98
N SER J 25 -19.10 21.88 -11.97
CA SER J 25 -18.98 20.62 -12.73
C SER J 25 -17.89 19.65 -12.24
N ARG J 26 -18.35 18.38 -11.95
CA ARG J 26 -17.59 17.18 -11.52
C ARG J 26 -16.47 17.46 -10.49
N PHE J 27 -16.75 18.39 -9.55
CA PHE J 27 -15.88 18.83 -8.47
C PHE J 27 -16.70 19.09 -7.18
N SER J 28 -16.22 18.55 -6.05
CA SER J 28 -16.77 18.60 -4.70
C SER J 28 -17.52 19.91 -4.30
N LEU J 29 -16.77 21.01 -4.02
CA LEU J 29 -17.20 22.36 -3.59
C LEU J 29 -17.81 22.48 -2.13
N ILE J 30 -17.77 21.37 -1.32
CA ILE J 30 -18.36 21.28 0.02
C ILE J 30 -17.70 22.27 1.00
N GLY J 31 -16.40 22.25 1.10
CA GLY J 31 -15.79 23.18 2.07
C GLY J 31 -15.49 24.56 1.54
N TYR J 32 -16.12 24.98 0.42
CA TYR J 32 -15.75 26.23 -0.21
C TYR J 32 -16.84 27.31 -0.14
N ALA J 33 -16.44 28.52 -0.48
CA ALA J 33 -17.29 29.68 -0.48
C ALA J 33 -17.38 30.28 -1.88
N ILE J 34 -18.56 30.78 -2.23
CA ILE J 34 -18.81 31.39 -3.53
C ILE J 34 -19.21 32.83 -3.31
N THR J 35 -18.52 33.77 -4.00
CA THR J 35 -18.86 35.19 -3.95
C THR J 35 -19.26 35.62 -5.35
N TRP J 36 -20.14 36.61 -5.43
CA TRP J 36 -20.63 37.19 -6.66
C TRP J 36 -20.03 38.57 -6.83
N ILE J 37 -19.54 38.82 -8.04
CA ILE J 37 -18.91 40.06 -8.45
C ILE J 37 -19.58 40.50 -9.74
N ARG J 38 -19.70 41.81 -9.95
CA ARG J 38 -20.23 42.35 -11.19
C ARG J 38 -19.29 43.38 -11.79
N GLN J 39 -19.39 43.58 -13.10
CA GLN J 39 -18.54 44.55 -13.78
C GLN J 39 -19.30 45.32 -14.86
N PRO J 40 -19.77 46.55 -14.51
CA PRO J 40 -20.47 47.40 -15.50
C PRO J 40 -19.64 47.53 -16.78
N PRO J 41 -20.27 47.68 -17.97
CA PRO J 41 -19.47 47.78 -19.20
C PRO J 41 -18.51 48.96 -19.16
N GLY J 42 -17.24 48.68 -19.43
CA GLY J 42 -16.17 49.68 -19.40
C GLY J 42 -15.68 50.04 -18.01
N LYS J 43 -16.45 49.73 -16.97
CA LYS J 43 -16.06 50.03 -15.60
C LYS J 43 -15.25 48.86 -14.98
N GLY J 44 -14.95 48.97 -13.67
CA GLY J 44 -14.17 47.98 -12.94
C GLY J 44 -14.98 46.99 -12.13
N LEU J 45 -14.27 46.12 -11.37
CA LEU J 45 -14.85 45.10 -10.52
C LEU J 45 -15.49 45.65 -9.24
N GLU J 46 -16.69 45.14 -8.94
CA GLU J 46 -17.52 45.52 -7.80
C GLU J 46 -18.01 44.24 -7.13
N TRP J 47 -17.93 44.19 -5.77
CA TRP J 47 -18.39 43.03 -5.00
C TRP J 47 -19.85 43.20 -4.65
N ILE J 48 -20.62 42.12 -4.85
CA ILE J 48 -22.04 42.08 -4.56
C ILE J 48 -22.21 41.53 -3.17
N GLY J 49 -21.67 40.33 -2.97
CA GLY J 49 -21.74 39.57 -1.73
C GLY J 49 -21.25 38.15 -1.92
N GLY J 50 -21.31 37.35 -0.85
CA GLY J 50 -20.87 35.97 -0.83
C GLY J 50 -21.46 35.13 0.29
N ILE J 51 -21.34 33.80 0.14
CA ILE J 51 -21.78 32.76 1.09
C ILE J 51 -20.56 31.92 1.53
N SER J 52 -20.39 31.73 2.83
CA SER J 52 -19.26 30.99 3.39
C SER J 52 -19.40 29.47 3.29
N SER J 53 -18.30 28.80 3.65
CA SER J 53 -18.14 27.35 3.78
C SER J 53 -19.23 26.76 4.73
N ALA J 54 -19.64 27.57 5.77
CA ALA J 54 -20.62 27.30 6.83
C ALA J 54 -22.00 27.90 6.46
N ALA J 55 -22.22 28.18 5.16
CA ALA J 55 -23.45 28.72 4.60
C ALA J 55 -23.86 30.10 5.14
N THR J 56 -22.86 30.91 5.55
CA THR J 56 -23.08 32.24 6.10
C THR J 56 -23.00 33.30 5.00
N THR J 57 -24.04 34.15 4.91
CA THR J 57 -24.06 35.21 3.88
C THR J 57 -23.49 36.50 4.37
N PHE J 58 -22.74 37.15 3.49
CA PHE J 58 -22.13 38.45 3.70
C PHE J 58 -22.43 39.27 2.46
N TYR J 59 -23.01 40.47 2.64
CA TYR J 59 -23.38 41.35 1.54
C TYR J 59 -22.63 42.67 1.66
N SER J 60 -22.28 43.28 0.51
CA SER J 60 -21.60 44.59 0.41
C SER J 60 -22.46 45.75 0.99
N SER J 61 -21.84 46.96 1.14
CA SER J 61 -22.48 48.17 1.69
C SER J 61 -23.80 48.44 0.95
N TRP J 62 -23.72 48.66 -0.39
CA TRP J 62 -24.88 48.76 -1.29
C TRP J 62 -25.41 47.32 -1.42
N ALA J 63 -26.54 47.10 -2.09
CA ALA J 63 -27.06 45.72 -2.26
C ALA J 63 -27.72 45.09 -1.04
N LYS J 64 -27.05 45.06 0.17
CA LYS J 64 -27.55 44.43 1.42
C LYS J 64 -29.07 44.15 1.46
N SER J 65 -29.84 45.22 1.28
CA SER J 65 -31.30 45.32 1.25
C SER J 65 -31.99 44.50 0.13
N ARG J 66 -31.52 44.65 -1.13
CA ARG J 66 -32.08 44.04 -2.34
C ARG J 66 -31.37 42.76 -2.88
N VAL J 67 -30.45 42.14 -2.10
CA VAL J 67 -29.72 40.96 -2.56
C VAL J 67 -29.88 39.76 -1.62
N THR J 68 -29.96 38.54 -2.23
CA THR J 68 -30.10 37.24 -1.57
C THR J 68 -29.21 36.18 -2.25
N ILE J 69 -28.29 35.59 -1.47
CA ILE J 69 -27.39 34.53 -1.93
C ILE J 69 -27.71 33.25 -1.18
N SER J 70 -27.83 32.12 -1.90
CA SER J 70 -28.18 30.83 -1.30
C SER J 70 -27.42 29.63 -1.93
N VAL J 71 -27.58 28.44 -1.31
CA VAL J 71 -26.96 27.17 -1.73
C VAL J 71 -27.99 26.06 -1.83
N ASP J 72 -27.94 25.31 -2.94
CA ASP J 72 -28.70 24.08 -3.11
C ASP J 72 -27.64 22.97 -3.30
N THR J 73 -27.15 22.42 -2.18
CA THR J 73 -26.12 21.38 -2.19
C THR J 73 -26.51 20.19 -3.07
N SER J 74 -27.82 19.80 -3.06
CA SER J 74 -28.36 18.72 -3.86
C SER J 74 -28.17 18.96 -5.37
N LYS J 75 -28.19 20.24 -5.79
CA LYS J 75 -28.05 20.66 -7.19
C LYS J 75 -26.62 21.15 -7.50
N ASN J 76 -25.79 21.35 -6.44
CA ASN J 76 -24.42 21.91 -6.49
C ASN J 76 -24.48 23.32 -7.05
N GLN J 77 -25.49 24.08 -6.63
CA GLN J 77 -25.75 25.41 -7.13
C GLN J 77 -25.75 26.44 -6.08
N PHE J 78 -25.39 27.65 -6.52
CA PHE J 78 -25.42 28.86 -5.74
C PHE J 78 -26.32 29.85 -6.46
N SER J 79 -27.18 30.53 -5.71
CA SER J 79 -28.05 31.50 -6.33
C SER J 79 -27.68 32.94 -5.98
N LEU J 80 -28.11 33.87 -6.83
CA LEU J 80 -28.02 35.30 -6.65
C LEU J 80 -29.34 35.85 -7.11
N LYS J 81 -29.99 36.65 -6.25
CA LYS J 81 -31.27 37.27 -6.60
C LYS J 81 -31.18 38.76 -6.31
N LEU J 82 -31.29 39.58 -7.37
CA LEU J 82 -31.18 41.03 -7.26
C LEU J 82 -32.50 41.66 -7.64
N SER J 83 -33.25 42.14 -6.64
CA SER J 83 -34.57 42.75 -6.84
C SER J 83 -34.51 44.20 -7.30
N SER J 84 -35.63 44.70 -7.86
CA SER J 84 -35.84 46.08 -8.34
C SER J 84 -34.67 46.63 -9.18
N VAL J 85 -34.33 45.89 -10.25
CA VAL J 85 -33.23 46.22 -11.15
C VAL J 85 -33.51 47.47 -12.03
N THR J 86 -32.45 48.25 -12.28
CA THR J 86 -32.44 49.44 -13.13
C THR J 86 -31.31 49.24 -14.15
N ALA J 87 -31.12 50.19 -15.09
CA ALA J 87 -30.04 50.11 -16.08
C ALA J 87 -28.67 50.20 -15.42
N ALA J 88 -28.64 50.61 -14.13
CA ALA J 88 -27.43 50.70 -13.31
C ALA J 88 -26.90 49.29 -12.95
N ASP J 89 -27.77 48.27 -13.06
CA ASP J 89 -27.45 46.88 -12.77
C ASP J 89 -26.96 46.12 -14.01
N THR J 90 -27.05 46.76 -15.21
CA THR J 90 -26.53 46.17 -16.44
C THR J 90 -25.01 46.02 -16.26
N ALA J 91 -24.54 44.76 -16.17
CA ALA J 91 -23.15 44.41 -15.96
C ALA J 91 -22.88 42.96 -16.37
N VAL J 92 -21.62 42.52 -16.17
CA VAL J 92 -21.22 41.14 -16.41
C VAL J 92 -21.12 40.56 -15.01
N TYR J 93 -21.88 39.50 -14.78
CA TYR J 93 -21.94 38.85 -13.48
C TYR J 93 -21.09 37.62 -13.44
N TYR J 94 -20.22 37.62 -12.42
CA TYR J 94 -19.24 36.59 -12.16
C TYR J 94 -19.48 35.98 -10.79
N CYS J 95 -19.21 34.68 -10.70
CA CYS J 95 -19.20 33.97 -9.45
C CYS J 95 -17.79 33.39 -9.39
N ALA J 96 -17.16 33.49 -8.20
CA ALA J 96 -15.79 33.07 -7.96
C ALA J 96 -15.70 32.31 -6.67
N ARG J 97 -14.69 31.47 -6.54
CA ARG J 97 -14.48 30.67 -5.33
C ARG J 97 -13.35 31.14 -4.43
N ASP J 98 -13.58 31.16 -3.08
CA ASP J 98 -12.55 31.43 -2.08
C ASP J 98 -12.18 30.05 -1.56
N PRO J 99 -10.93 29.58 -1.83
CA PRO J 99 -10.55 28.20 -1.48
C PRO J 99 -10.39 27.96 0.01
N ARG J 100 -10.53 29.04 0.81
CA ARG J 100 -10.43 29.03 2.26
C ARG J 100 -11.83 28.97 2.85
N GLY J 101 -12.84 29.11 1.98
CA GLY J 101 -14.26 29.05 2.29
C GLY J 101 -14.75 30.20 3.14
N TYR J 102 -14.21 31.40 2.90
CA TYR J 102 -14.43 32.59 3.71
C TYR J 102 -15.82 33.27 3.61
N GLY J 103 -16.30 33.62 2.43
CA GLY J 103 -17.63 34.27 2.38
C GLY J 103 -17.62 35.78 2.25
N ALA J 104 -16.64 36.45 2.94
CA ALA J 104 -16.42 37.90 2.85
C ALA J 104 -14.90 38.14 2.63
N ALA J 105 -14.31 37.65 1.49
CA ALA J 105 -12.85 37.75 1.33
C ALA J 105 -12.26 38.63 0.16
N LEU J 106 -12.54 38.32 -1.15
CA LEU J 106 -11.99 39.09 -2.31
C LEU J 106 -10.47 38.97 -2.61
N ASP J 107 -9.63 38.59 -1.64
CA ASP J 107 -8.20 38.55 -1.88
C ASP J 107 -7.68 37.27 -2.43
N ARG J 108 -8.53 36.20 -2.46
CA ARG J 108 -8.09 34.89 -2.97
C ARG J 108 -9.20 34.18 -3.70
N LEU J 109 -9.72 34.80 -4.75
CA LEU J 109 -10.73 34.23 -5.60
C LEU J 109 -9.99 33.44 -6.70
N ASP J 110 -9.67 32.16 -6.40
CA ASP J 110 -8.91 31.29 -7.29
C ASP J 110 -9.66 30.88 -8.56
N LEU J 111 -10.86 30.28 -8.43
CA LEU J 111 -11.65 29.89 -9.60
C LEU J 111 -12.68 30.95 -9.90
N TRP J 112 -12.90 31.24 -11.18
CA TRP J 112 -13.89 32.20 -11.61
C TRP J 112 -14.78 31.58 -12.66
N GLY J 113 -16.01 32.07 -12.76
CA GLY J 113 -16.90 31.66 -13.83
C GLY J 113 -16.50 32.41 -15.10
N GLN J 114 -17.14 32.09 -16.22
CA GLN J 114 -16.85 32.73 -17.50
C GLN J 114 -17.46 34.15 -17.59
N GLY J 115 -18.40 34.46 -16.71
CA GLY J 115 -19.10 35.73 -16.71
C GLY J 115 -20.36 35.66 -17.53
N THR J 116 -21.42 36.31 -17.04
CA THR J 116 -22.69 36.34 -17.75
C THR J 116 -23.16 37.78 -17.89
N LEU J 117 -23.42 38.21 -19.14
CA LEU J 117 -23.92 39.55 -19.34
C LEU J 117 -25.42 39.60 -19.04
N VAL J 118 -25.79 40.56 -18.17
CA VAL J 118 -27.19 40.83 -17.83
C VAL J 118 -27.44 42.27 -18.24
N THR J 119 -28.42 42.45 -19.14
CA THR J 119 -28.81 43.77 -19.65
C THR J 119 -30.21 44.07 -19.08
N VAL J 120 -30.35 45.22 -18.38
CA VAL J 120 -31.63 45.63 -17.81
C VAL J 120 -32.25 46.66 -18.76
N SER J 121 -33.31 46.25 -19.49
CA SER J 121 -33.96 47.09 -20.52
C SER J 121 -35.43 46.73 -20.77
N SER J 122 -36.23 47.74 -21.14
CA SER J 122 -37.64 47.57 -21.50
C SER J 122 -37.72 47.07 -22.96
N ALA J 123 -36.61 47.23 -23.72
CA ALA J 123 -36.44 46.83 -25.11
C ALA J 123 -36.52 45.32 -25.33
N SER J 124 -36.90 44.94 -26.55
CA SER J 124 -37.03 43.55 -27.01
C SER J 124 -35.79 43.13 -27.84
N THR J 125 -35.61 41.80 -28.09
CA THR J 125 -34.51 41.18 -28.88
C THR J 125 -34.58 41.50 -30.42
N LYS J 126 -33.42 41.71 -31.10
CA LYS J 126 -33.45 42.02 -32.53
C LYS J 126 -32.22 41.54 -33.31
N GLY J 127 -32.45 41.16 -34.54
CA GLY J 127 -31.37 40.75 -35.42
C GLY J 127 -30.71 41.97 -36.05
N PRO J 128 -29.43 41.89 -36.44
CA PRO J 128 -28.80 43.06 -37.10
C PRO J 128 -29.03 43.18 -38.59
N SER J 129 -28.85 44.40 -39.14
CA SER J 129 -28.89 44.63 -40.59
C SER J 129 -27.47 44.92 -41.06
N VAL J 130 -26.93 44.02 -41.91
CA VAL J 130 -25.55 44.08 -42.41
C VAL J 130 -25.49 44.80 -43.75
N PHE J 131 -24.63 45.81 -43.85
CA PHE J 131 -24.45 46.65 -45.02
C PHE J 131 -22.99 46.66 -45.46
N PRO J 132 -22.72 46.65 -46.79
CA PRO J 132 -21.31 46.63 -47.23
C PRO J 132 -20.62 47.98 -47.24
N LEU J 133 -19.35 47.99 -46.80
CA LEU J 133 -18.48 49.17 -46.86
C LEU J 133 -17.55 48.85 -48.05
N ALA J 134 -18.07 49.12 -49.27
CA ALA J 134 -17.45 48.84 -50.58
C ALA J 134 -16.04 49.46 -50.78
N PRO J 135 -15.04 48.64 -51.21
CA PRO J 135 -13.67 49.19 -51.37
C PRO J 135 -13.51 50.25 -52.47
N SER J 136 -12.72 51.33 -52.15
CA SER J 136 -12.38 52.49 -53.00
C SER J 136 -13.59 53.32 -53.46
N GLY J 142 -4.36 51.48 -55.51
CA GLY J 142 -3.37 50.96 -56.45
C GLY J 142 -2.36 50.01 -55.84
N GLY J 143 -2.37 49.95 -54.49
CA GLY J 143 -1.53 49.10 -53.65
C GLY J 143 -2.34 48.30 -52.65
N THR J 144 -2.75 48.94 -51.53
CA THR J 144 -3.56 48.34 -50.45
C THR J 144 -4.95 49.02 -50.30
N ALA J 145 -6.04 48.21 -50.34
CA ALA J 145 -7.45 48.58 -50.29
C ALA J 145 -8.16 48.21 -48.99
N ALA J 146 -9.04 49.08 -48.48
CA ALA J 146 -9.84 48.79 -47.27
C ALA J 146 -11.31 48.62 -47.64
N LEU J 147 -11.97 47.65 -46.98
CA LEU J 147 -13.40 47.29 -47.11
C LEU J 147 -13.94 46.71 -45.79
N GLY J 148 -15.23 46.85 -45.56
CA GLY J 148 -15.83 46.34 -44.35
C GLY J 148 -17.32 46.05 -44.36
N CYS J 149 -17.88 45.92 -43.15
CA CYS J 149 -19.28 45.65 -42.94
C CYS J 149 -19.80 46.49 -41.82
N LEU J 150 -21.04 47.04 -42.00
CA LEU J 150 -21.79 47.85 -41.00
C LEU J 150 -22.89 46.98 -40.36
N VAL J 151 -22.67 46.60 -39.10
CA VAL J 151 -23.60 45.73 -38.38
C VAL J 151 -24.54 46.58 -37.44
N LYS J 152 -25.51 47.29 -38.09
CA LYS J 152 -26.55 48.18 -37.55
C LYS J 152 -27.69 47.47 -36.74
N ASP J 153 -28.30 48.26 -35.82
CA ASP J 153 -29.49 48.00 -35.00
C ASP J 153 -29.78 46.58 -34.58
N TYR J 154 -29.38 46.20 -33.38
CA TYR J 154 -29.67 44.87 -32.84
C TYR J 154 -29.72 44.94 -31.32
N PHE J 155 -30.26 43.89 -30.72
CA PHE J 155 -30.39 43.81 -29.29
C PHE J 155 -30.53 42.36 -28.79
N PRO J 156 -29.72 41.98 -27.81
CA PRO J 156 -28.70 42.79 -27.11
C PRO J 156 -27.31 42.38 -27.61
N GLU J 157 -26.28 42.51 -26.75
CA GLU J 157 -24.91 42.11 -27.05
C GLU J 157 -24.82 40.60 -26.83
N PRO J 158 -23.94 39.88 -27.52
CA PRO J 158 -22.95 40.28 -28.51
C PRO J 158 -23.23 39.86 -29.96
N VAL J 159 -22.38 40.35 -30.84
CA VAL J 159 -22.34 40.03 -32.26
C VAL J 159 -20.88 39.57 -32.60
N THR J 160 -20.75 38.46 -33.33
CA THR J 160 -19.44 37.94 -33.69
C THR J 160 -19.26 38.07 -35.19
N VAL J 161 -18.17 38.72 -35.56
CA VAL J 161 -17.83 38.93 -36.97
C VAL J 161 -16.50 38.24 -37.36
N SER J 162 -16.57 37.38 -38.37
CA SER J 162 -15.45 36.69 -38.99
C SER J 162 -15.58 37.07 -40.48
N TRP J 163 -14.56 36.75 -41.29
CA TRP J 163 -14.51 37.02 -42.75
C TRP J 163 -14.16 35.75 -43.52
N ASN J 164 -14.87 35.49 -44.63
CA ASN J 164 -14.69 34.31 -45.47
C ASN J 164 -14.75 33.01 -44.66
N SER J 165 -15.62 33.02 -43.63
CA SER J 165 -15.96 31.96 -42.67
C SER J 165 -14.72 31.42 -41.90
N GLY J 166 -13.92 32.36 -41.44
CA GLY J 166 -12.74 32.09 -40.63
C GLY J 166 -11.42 32.22 -41.37
N ALA J 167 -11.45 32.00 -42.73
CA ALA J 167 -10.31 32.00 -43.65
C ALA J 167 -9.46 33.29 -43.68
N LEU J 168 -10.11 34.46 -43.56
CA LEU J 168 -9.40 35.75 -43.52
C LEU J 168 -9.37 36.28 -42.07
N THR J 169 -8.16 36.31 -41.49
CA THR J 169 -7.91 36.72 -40.11
C THR J 169 -6.99 37.94 -40.01
N SER J 170 -6.01 38.06 -40.94
CA SER J 170 -5.05 39.15 -40.97
C SER J 170 -5.62 40.43 -41.53
N GLY J 171 -5.39 41.52 -40.81
CA GLY J 171 -5.84 42.85 -41.19
C GLY J 171 -7.26 43.15 -40.77
N VAL J 172 -7.96 42.13 -40.19
CA VAL J 172 -9.36 42.21 -39.72
C VAL J 172 -9.41 43.02 -38.43
N HIS J 173 -10.32 44.02 -38.35
CA HIS J 173 -10.54 44.84 -37.15
C HIS J 173 -12.04 45.00 -36.85
N THR J 174 -12.57 44.20 -35.92
CA THR J 174 -13.97 44.31 -35.53
C THR J 174 -14.02 45.25 -34.33
N PHE J 175 -14.64 46.41 -34.51
CA PHE J 175 -14.75 47.41 -33.44
C PHE J 175 -15.75 47.08 -32.29
N PRO J 176 -15.56 47.68 -31.06
CA PRO J 176 -16.54 47.46 -29.99
C PRO J 176 -17.86 48.12 -30.32
N ALA J 177 -18.94 47.55 -29.79
CA ALA J 177 -20.30 48.02 -30.05
C ALA J 177 -20.65 49.33 -29.36
N VAL J 178 -21.54 50.11 -30.01
CA VAL J 178 -22.03 51.42 -29.55
C VAL J 178 -23.57 51.50 -29.45
N LEU J 179 -24.06 51.90 -28.28
CA LEU J 179 -25.48 52.11 -27.99
C LEU J 179 -25.94 53.39 -28.69
N GLN J 180 -27.01 53.30 -29.47
CA GLN J 180 -27.55 54.44 -30.23
C GLN J 180 -28.75 55.07 -29.52
N SER J 181 -29.26 56.19 -30.05
CA SER J 181 -30.44 56.92 -29.55
C SER J 181 -31.64 55.97 -29.45
N SER J 182 -31.79 55.08 -30.47
CA SER J 182 -32.82 54.06 -30.61
C SER J 182 -32.88 53.07 -29.43
N GLY J 183 -31.77 52.93 -28.71
CA GLY J 183 -31.64 52.00 -27.60
C GLY J 183 -31.18 50.65 -28.11
N LEU J 184 -30.67 50.65 -29.37
CA LEU J 184 -30.22 49.50 -30.15
C LEU J 184 -28.74 49.65 -30.46
N TYR J 185 -27.93 48.59 -30.20
CA TYR J 185 -26.49 48.62 -30.44
C TYR J 185 -26.17 48.44 -31.90
N SER J 186 -24.94 48.82 -32.26
CA SER J 186 -24.39 48.74 -33.62
C SER J 186 -22.85 48.69 -33.60
N LEU J 187 -22.24 48.11 -34.67
CA LEU J 187 -20.80 48.03 -34.85
C LEU J 187 -20.38 47.98 -36.31
N SER J 188 -19.09 47.76 -36.54
CA SER J 188 -18.47 47.65 -37.84
C SER J 188 -17.36 46.62 -37.75
N SER J 189 -16.85 46.18 -38.90
CA SER J 189 -15.73 45.24 -39.02
C SER J 189 -15.03 45.58 -40.33
N VAL J 190 -13.76 45.98 -40.22
CA VAL J 190 -12.96 46.42 -41.35
C VAL J 190 -11.81 45.44 -41.66
N VAL J 191 -11.33 45.41 -42.92
CA VAL J 191 -10.22 44.55 -43.37
C VAL J 191 -9.47 45.21 -44.54
N THR J 192 -8.13 45.18 -44.45
CA THR J 192 -7.22 45.69 -45.45
C THR J 192 -6.71 44.51 -46.28
N VAL J 193 -6.81 44.65 -47.60
CA VAL J 193 -6.44 43.64 -48.61
C VAL J 193 -5.64 44.31 -49.77
N PRO J 194 -4.87 43.58 -50.61
CA PRO J 194 -4.19 44.25 -51.73
C PRO J 194 -5.21 44.65 -52.81
N SER J 195 -5.05 45.84 -53.41
CA SER J 195 -5.97 46.32 -54.45
C SER J 195 -6.06 45.37 -55.64
N SER J 196 -4.96 44.64 -55.91
CA SER J 196 -4.76 43.63 -56.97
C SER J 196 -5.70 42.43 -56.80
N SER J 197 -5.98 42.03 -55.55
CA SER J 197 -6.85 40.91 -55.19
C SER J 197 -8.35 41.19 -55.39
N LEU J 198 -8.78 42.48 -55.47
CA LEU J 198 -10.19 42.85 -55.69
C LEU J 198 -10.61 42.41 -57.10
N GLY J 199 -11.83 41.91 -57.25
CA GLY J 199 -12.31 41.46 -58.58
C GLY J 199 -11.90 40.06 -58.98
N THR J 200 -11.03 39.42 -58.16
CA THR J 200 -10.53 38.04 -58.24
C THR J 200 -10.83 37.31 -56.91
N GLN J 201 -10.85 38.06 -55.78
CA GLN J 201 -11.15 37.51 -54.46
C GLN J 201 -12.47 38.06 -53.96
N THR J 202 -13.41 37.14 -53.67
CA THR J 202 -14.76 37.49 -53.20
C THR J 202 -14.74 37.58 -51.70
N TYR J 203 -15.14 38.76 -51.15
CA TYR J 203 -15.14 38.96 -49.70
C TYR J 203 -16.53 38.82 -49.15
N ILE J 204 -16.66 38.07 -48.02
CA ILE J 204 -17.94 37.74 -47.32
C ILE J 204 -17.78 37.97 -45.84
N CYS J 205 -18.52 38.91 -45.24
CA CYS J 205 -18.43 39.02 -43.77
C CYS J 205 -19.59 38.24 -43.13
N ASN J 206 -19.26 37.28 -42.21
CA ASN J 206 -20.24 36.38 -41.56
C ASN J 206 -20.52 36.80 -40.13
N VAL J 207 -21.54 37.62 -40.04
CA VAL J 207 -22.10 38.19 -38.82
C VAL J 207 -23.00 37.17 -38.12
N ASN J 208 -22.86 37.04 -36.80
CA ASN J 208 -23.60 36.07 -36.01
C ASN J 208 -24.12 36.68 -34.74
N HIS J 209 -25.45 36.73 -34.60
CA HIS J 209 -26.14 37.26 -33.41
C HIS J 209 -26.80 36.07 -32.72
N LYS J 210 -26.10 35.47 -31.71
CA LYS J 210 -26.63 34.32 -30.98
C LYS J 210 -27.95 34.60 -30.24
N PRO J 211 -28.16 35.81 -29.61
CA PRO J 211 -29.44 36.07 -28.93
C PRO J 211 -30.72 35.95 -29.77
N SER J 212 -30.63 36.15 -31.10
CA SER J 212 -31.76 36.05 -32.02
C SER J 212 -31.61 34.87 -33.00
N ASN J 213 -30.42 34.17 -32.93
CA ASN J 213 -30.00 32.99 -33.71
C ASN J 213 -29.67 33.30 -35.22
N THR J 214 -29.55 34.60 -35.52
CA THR J 214 -29.31 35.21 -36.82
C THR J 214 -27.86 34.99 -37.26
N LYS J 215 -27.68 34.63 -38.54
CA LYS J 215 -26.39 34.50 -39.20
C LYS J 215 -26.58 35.11 -40.58
N VAL J 216 -25.88 36.21 -40.81
CA VAL J 216 -25.92 36.95 -42.08
C VAL J 216 -24.52 36.91 -42.70
N ASP J 217 -24.50 36.64 -43.99
CA ASP J 217 -23.31 36.65 -44.79
C ASP J 217 -23.58 37.67 -45.89
N LYS J 218 -22.88 38.80 -45.78
CA LYS J 218 -22.90 39.92 -46.71
C LYS J 218 -21.65 39.79 -47.59
N LYS J 219 -21.82 39.84 -48.92
CA LYS J 219 -20.72 39.73 -49.88
C LYS J 219 -20.26 41.14 -50.31
N VAL J 220 -19.11 41.63 -49.76
CA VAL J 220 -18.57 42.98 -50.07
C VAL J 220 -17.93 42.98 -51.50
N GLU J 221 -18.43 43.90 -52.35
CA GLU J 221 -18.03 44.09 -53.75
C GLU J 221 -17.83 45.59 -54.06
N PRO J 222 -17.01 45.95 -55.10
CA PRO J 222 -16.81 47.38 -55.42
C PRO J 222 -18.01 48.02 -56.15
N LYS J 223 -18.04 49.38 -56.25
CA LYS J 223 -19.13 50.17 -56.88
C LYS J 223 -18.58 51.12 -58.02
N SER J 224 -19.08 52.41 -58.17
CA SER J 224 -18.61 53.37 -59.20
C SER J 224 -18.49 54.85 -58.74
N CYS J 225 -19.12 55.20 -57.56
CA CYS J 225 -19.20 56.52 -56.86
C CYS J 225 -20.16 56.38 -55.64
N ILE K 2 -14.89 52.28 -1.12
CA ILE K 2 -13.58 51.69 -1.45
C ILE K 2 -12.43 52.49 -0.78
N GLN K 3 -11.44 51.75 -0.27
CA GLN K 3 -10.24 52.28 0.38
C GLN K 3 -8.97 51.62 -0.24
N MET K 4 -8.97 51.28 -1.56
CA MET K 4 -7.79 50.69 -2.22
C MET K 4 -7.33 51.50 -3.40
N THR K 5 -6.29 52.32 -3.17
CA THR K 5 -5.68 53.27 -4.12
C THR K 5 -4.58 52.65 -5.00
N GLN K 6 -4.88 52.40 -6.27
CA GLN K 6 -3.87 51.87 -7.15
C GLN K 6 -3.16 53.03 -7.84
N SER K 7 -1.84 52.91 -8.00
CA SER K 7 -1.06 53.95 -8.66
C SER K 7 0.02 53.36 -9.59
N PRO K 8 0.07 53.77 -10.87
CA PRO K 8 -0.81 54.72 -11.58
C PRO K 8 -2.15 54.07 -11.99
N SER K 9 -3.06 54.88 -12.57
CA SER K 9 -4.35 54.38 -13.04
C SER K 9 -4.14 53.67 -14.36
N SER K 10 -3.09 54.09 -15.08
CA SER K 10 -2.67 53.54 -16.37
C SER K 10 -1.21 53.84 -16.60
N LEU K 11 -0.50 52.89 -17.22
CA LEU K 11 0.92 53.02 -17.55
C LEU K 11 1.27 52.42 -18.89
N SER K 12 2.34 52.92 -19.51
CA SER K 12 2.84 52.40 -20.78
C SER K 12 4.32 52.08 -20.64
N ALA K 13 4.70 50.86 -21.03
CA ALA K 13 6.07 50.38 -20.91
C ALA K 13 6.48 49.54 -22.11
N SER K 14 7.78 49.51 -22.40
CA SER K 14 8.34 48.72 -23.50
C SER K 14 8.51 47.26 -23.06
N VAL K 15 8.65 46.32 -24.01
CA VAL K 15 8.87 44.90 -23.74
C VAL K 15 10.26 44.73 -23.05
N GLY K 16 10.28 43.96 -21.98
CA GLY K 16 11.48 43.72 -21.19
C GLY K 16 11.65 44.66 -20.01
N ASP K 17 10.82 45.73 -19.94
CA ASP K 17 10.85 46.72 -18.87
C ASP K 17 10.26 46.19 -17.57
N ARG K 18 10.77 46.68 -16.44
CA ARG K 18 10.31 46.33 -15.10
C ARG K 18 9.11 47.22 -14.83
N VAL K 19 7.98 46.62 -14.43
CA VAL K 19 6.74 47.33 -14.17
C VAL K 19 6.32 47.18 -12.69
N THR K 20 6.02 48.34 -12.05
CA THR K 20 5.58 48.35 -10.65
C THR K 20 4.25 49.07 -10.48
N ILE K 21 3.27 48.33 -9.97
CA ILE K 21 1.94 48.85 -9.68
C ILE K 21 1.76 48.79 -8.17
N THR K 22 1.46 49.93 -7.54
CA THR K 22 1.27 49.98 -6.09
C THR K 22 -0.18 50.06 -5.68
N CYS K 23 -0.51 49.38 -4.59
CA CYS K 23 -1.83 49.32 -3.98
C CYS K 23 -1.68 49.79 -2.55
N GLN K 24 -2.36 50.87 -2.17
CA GLN K 24 -2.22 51.39 -0.81
C GLN K 24 -3.57 51.70 -0.20
N SER K 25 -3.66 51.55 1.12
CA SER K 25 -4.87 51.78 1.88
C SER K 25 -4.57 52.60 3.13
N ILE K 26 -5.60 53.20 3.75
CA ILE K 26 -5.41 53.95 5.00
C ILE K 26 -5.48 52.97 6.20
N LYS K 27 -6.42 52.01 6.13
CA LYS K 27 -6.55 50.95 7.13
C LYS K 27 -5.57 49.83 6.72
N SER K 28 -5.00 49.14 7.71
CA SER K 28 -4.08 48.04 7.43
C SER K 28 -4.85 46.75 7.07
N VAL K 29 -4.30 46.00 6.11
CA VAL K 29 -4.83 44.74 5.62
C VAL K 29 -4.89 43.72 6.77
N TYR K 30 -5.97 42.93 6.84
CA TYR K 30 -6.21 42.01 7.96
C TYR K 30 -5.14 40.95 8.18
N ASN K 31 -5.03 39.95 7.29
CA ASN K 31 -4.07 38.91 7.60
C ASN K 31 -3.33 38.58 6.36
N ASN K 32 -2.56 39.57 5.89
CA ASN K 32 -1.84 39.48 4.60
C ASN K 32 -2.84 39.27 3.46
N ARG K 33 -4.14 39.58 3.74
CA ARG K 33 -5.25 39.46 2.83
C ARG K 33 -5.17 40.51 1.72
N LEU K 34 -4.31 40.24 0.72
CA LEU K 34 -4.07 41.13 -0.41
C LEU K 34 -3.71 40.27 -1.60
N GLY K 35 -4.53 40.33 -2.66
CA GLY K 35 -4.31 39.56 -3.86
C GLY K 35 -4.25 40.45 -5.09
N TRP K 36 -3.62 39.93 -6.18
CA TRP K 36 -3.51 40.62 -7.46
C TRP K 36 -4.15 39.81 -8.57
N TYR K 37 -4.96 40.51 -9.37
CA TYR K 37 -5.74 40.00 -10.50
C TYR K 37 -5.31 40.61 -11.79
N GLN K 38 -5.34 39.81 -12.87
CA GLN K 38 -5.02 40.24 -14.22
C GLN K 38 -6.24 39.98 -15.08
N GLN K 39 -6.78 41.05 -15.68
CA GLN K 39 -7.95 40.90 -16.54
C GLN K 39 -7.68 41.30 -18.01
N LYS K 40 -7.62 40.28 -18.87
CA LYS K 40 -7.43 40.51 -20.29
C LYS K 40 -8.79 40.85 -20.92
N PRO K 41 -8.88 41.80 -21.90
CA PRO K 41 -10.20 42.16 -22.46
C PRO K 41 -11.11 40.99 -22.86
N GLY K 42 -12.36 41.08 -22.38
CA GLY K 42 -13.39 40.08 -22.61
C GLY K 42 -13.13 38.76 -21.93
N LYS K 43 -12.47 38.80 -20.75
CA LYS K 43 -12.15 37.62 -19.98
C LYS K 43 -12.36 37.87 -18.49
N ALA K 44 -12.59 36.77 -17.73
CA ALA K 44 -12.75 36.87 -16.29
C ALA K 44 -11.36 37.17 -15.66
N PRO K 45 -11.29 38.01 -14.58
CA PRO K 45 -10.00 38.23 -13.90
C PRO K 45 -9.32 36.92 -13.49
N LYS K 46 -7.99 36.93 -13.42
CA LYS K 46 -7.19 35.76 -13.07
C LYS K 46 -6.46 36.08 -11.77
N LEU K 47 -6.41 35.15 -10.82
CA LEU K 47 -5.65 35.38 -9.59
C LEU K 47 -4.17 35.05 -9.89
N LEU K 48 -3.28 36.06 -9.74
CA LEU K 48 -1.86 35.87 -10.02
C LEU K 48 -1.08 35.69 -8.73
N ILE K 49 -1.29 36.63 -7.77
CA ILE K 49 -0.63 36.66 -6.47
C ILE K 49 -1.74 36.66 -5.44
N TYR K 50 -1.55 35.92 -4.35
CA TYR K 50 -2.47 35.87 -3.22
C TYR K 50 -1.71 35.89 -1.89
N GLU K 51 -2.39 36.38 -0.81
CA GLU K 51 -1.81 36.48 0.52
C GLU K 51 -0.48 37.22 0.43
N THR K 52 -0.52 38.37 -0.25
CA THR K 52 0.55 39.35 -0.46
C THR K 52 1.60 38.95 -1.50
N SER K 53 2.22 37.79 -1.30
CA SER K 53 3.37 37.37 -2.09
C SER K 53 3.31 35.99 -2.76
N ILE K 54 2.34 35.13 -2.36
CA ILE K 54 2.25 33.77 -2.91
C ILE K 54 1.76 33.78 -4.34
N LEU K 55 2.52 33.17 -5.23
CA LEU K 55 2.24 33.08 -6.66
C LEU K 55 1.35 31.87 -7.02
N THR K 56 0.23 32.10 -7.76
CA THR K 56 -0.71 31.05 -8.23
C THR K 56 0.08 30.11 -9.13
N SER K 57 -0.11 28.79 -9.01
CA SER K 57 0.65 27.83 -9.79
C SER K 57 0.37 27.96 -11.30
N GLY K 58 1.43 27.97 -12.09
CA GLY K 58 1.35 28.13 -13.54
C GLY K 58 1.68 29.53 -14.00
N VAL K 59 1.48 30.52 -13.09
CA VAL K 59 1.77 31.93 -13.36
C VAL K 59 3.30 32.15 -13.47
N PRO K 60 3.76 32.82 -14.55
CA PRO K 60 5.19 33.07 -14.74
C PRO K 60 5.85 33.79 -13.56
N SER K 61 7.11 33.41 -13.29
CA SER K 61 7.96 33.94 -12.22
C SER K 61 8.25 35.46 -12.37
N ARG K 62 7.97 36.07 -13.53
CA ARG K 62 8.15 37.50 -13.76
C ARG K 62 7.17 38.32 -12.92
N PHE K 63 6.11 37.66 -12.42
CA PHE K 63 5.12 38.25 -11.54
C PHE K 63 5.50 37.91 -10.10
N SER K 64 5.65 38.96 -9.25
CA SER K 64 5.95 38.88 -7.83
C SER K 64 5.13 39.93 -7.05
N GLY K 65 4.80 39.61 -5.81
CA GLY K 65 4.04 40.48 -4.94
C GLY K 65 4.83 40.78 -3.69
N SER K 66 4.76 42.03 -3.21
CA SER K 66 5.49 42.45 -2.01
C SER K 66 4.70 43.47 -1.22
N GLY K 67 5.05 43.62 0.06
CA GLY K 67 4.42 44.62 0.91
C GLY K 67 3.78 44.09 2.17
N SER K 68 3.31 45.02 3.01
CA SER K 68 2.64 44.72 4.29
C SER K 68 1.87 45.94 4.78
N GLY K 69 0.89 45.68 5.63
CA GLY K 69 0.02 46.67 6.24
C GLY K 69 -0.84 47.48 5.29
N THR K 70 -0.31 48.62 4.88
CA THR K 70 -1.00 49.64 4.08
C THR K 70 -0.41 49.90 2.71
N ASP K 71 0.79 49.37 2.42
CA ASP K 71 1.47 49.56 1.14
C ASP K 71 1.94 48.22 0.56
N PHE K 72 1.51 47.96 -0.68
CA PHE K 72 1.77 46.73 -1.45
C PHE K 72 2.22 47.05 -2.88
N THR K 73 2.90 46.09 -3.54
CA THR K 73 3.41 46.28 -4.90
C THR K 73 3.36 45.01 -5.74
N LEU K 74 2.85 45.13 -6.99
CA LEU K 74 2.90 44.08 -7.99
C LEU K 74 4.05 44.45 -8.90
N THR K 75 4.93 43.48 -9.17
CA THR K 75 6.11 43.70 -10.00
C THR K 75 6.10 42.74 -11.20
N ILE K 76 6.38 43.29 -12.41
CA ILE K 76 6.55 42.53 -13.64
C ILE K 76 8.00 42.81 -14.11
N SER K 77 8.96 41.96 -13.66
CA SER K 77 10.40 42.10 -13.89
C SER K 77 10.81 42.36 -15.34
N SER K 78 10.17 41.65 -16.30
CA SER K 78 10.44 41.80 -17.73
C SER K 78 9.12 41.71 -18.50
N LEU K 79 8.44 42.87 -18.67
CA LEU K 79 7.14 42.98 -19.33
C LEU K 79 7.09 42.32 -20.71
N GLN K 80 6.09 41.44 -20.91
CA GLN K 80 5.87 40.71 -22.15
C GLN K 80 4.66 41.27 -22.90
N PRO K 81 4.56 41.13 -24.25
CA PRO K 81 3.39 41.70 -24.96
C PRO K 81 2.04 41.20 -24.45
N GLU K 82 1.97 39.90 -24.05
CA GLU K 82 0.77 39.26 -23.48
C GLU K 82 0.33 39.85 -22.14
N ASP K 83 1.26 40.48 -21.39
CA ASP K 83 1.03 41.10 -20.10
C ASP K 83 0.14 42.35 -20.15
N PHE K 84 -0.21 42.88 -21.36
CA PHE K 84 -1.13 44.02 -21.41
C PHE K 84 -2.48 43.54 -20.87
N ALA K 85 -3.00 44.26 -19.86
CA ALA K 85 -4.27 43.95 -19.23
C ALA K 85 -4.57 44.97 -18.17
N THR K 86 -5.67 44.75 -17.42
CA THR K 86 -6.00 45.63 -16.32
C THR K 86 -5.73 44.83 -15.06
N TYR K 87 -4.83 45.33 -14.20
CA TYR K 87 -4.45 44.67 -12.97
C TYR K 87 -5.20 45.30 -11.83
N TYR K 88 -5.87 44.47 -11.00
CA TYR K 88 -6.62 44.93 -9.83
C TYR K 88 -6.07 44.26 -8.59
N CYS K 89 -5.85 45.04 -7.52
CA CYS K 89 -5.49 44.50 -6.22
C CYS K 89 -6.80 44.39 -5.47
N ALA K 90 -6.88 43.54 -4.46
CA ALA K 90 -8.08 43.39 -3.65
C ALA K 90 -7.67 42.96 -2.24
N GLY K 91 -8.23 43.65 -1.26
CA GLY K 91 -7.84 43.39 0.11
C GLY K 91 -8.98 43.30 1.10
N GLY K 92 -8.65 42.74 2.26
CA GLY K 92 -9.55 42.54 3.37
C GLY K 92 -9.03 43.22 4.62
N PHE K 93 -9.92 43.92 5.33
CA PHE K 93 -9.57 44.63 6.54
C PHE K 93 -10.17 43.97 7.77
N ASP K 94 -11.23 43.19 7.54
CA ASP K 94 -11.90 42.38 8.53
C ASP K 94 -12.47 41.12 7.86
N ARG K 95 -13.16 40.28 8.65
CA ARG K 95 -13.69 39.00 8.21
C ARG K 95 -15.21 39.04 7.98
N SER K 96 -15.82 40.23 8.12
CA SER K 96 -17.27 40.36 8.05
C SER K 96 -17.82 41.37 7.01
N GLY K 97 -17.05 41.73 6.00
CA GLY K 97 -17.53 42.59 4.94
C GLY K 97 -16.68 43.74 4.45
N ASP K 98 -15.63 44.12 5.24
CA ASP K 98 -14.74 45.23 4.90
C ASP K 98 -13.62 44.76 3.95
N THR K 99 -14.01 44.49 2.68
CA THR K 99 -13.12 44.09 1.60
C THR K 99 -13.54 44.86 0.37
N THR K 100 -12.54 45.33 -0.42
CA THR K 100 -12.79 46.07 -1.65
C THR K 100 -11.80 45.65 -2.70
N PHE K 101 -11.96 46.21 -3.89
CA PHE K 101 -11.04 46.04 -5.00
C PHE K 101 -10.38 47.41 -5.17
N GLY K 102 -9.24 47.41 -5.83
CA GLY K 102 -8.58 48.66 -6.19
C GLY K 102 -9.19 49.10 -7.51
N GLN K 103 -9.12 50.38 -7.80
CA GLN K 103 -9.67 50.96 -9.02
C GLN K 103 -9.14 50.33 -10.34
N GLY K 104 -8.02 49.59 -10.29
CA GLY K 104 -7.41 48.97 -11.45
C GLY K 104 -6.34 49.85 -12.10
N THR K 105 -5.39 49.18 -12.79
CA THR K 105 -4.29 49.81 -13.53
C THR K 105 -4.22 49.19 -14.93
N LYS K 106 -4.41 50.02 -15.97
CA LYS K 106 -4.29 49.52 -17.34
C LYS K 106 -2.83 49.60 -17.81
N VAL K 107 -2.25 48.45 -18.09
CA VAL K 107 -0.86 48.33 -18.52
C VAL K 107 -0.84 48.21 -20.02
N GLU K 108 -0.12 49.12 -20.67
CA GLU K 108 -0.04 49.13 -22.13
C GLU K 108 1.36 49.09 -22.66
N ILE K 109 1.56 48.32 -23.70
CA ILE K 109 2.85 48.12 -24.37
C ILE K 109 3.23 49.34 -25.24
N LYS K 110 4.47 49.80 -25.11
CA LYS K 110 5.01 50.99 -25.76
C LYS K 110 5.65 50.65 -27.10
N ARG K 111 5.39 51.46 -28.13
CA ARG K 111 5.93 51.28 -29.48
C ARG K 111 6.15 52.66 -30.10
N THR K 112 6.72 52.73 -31.34
CA THR K 112 7.00 53.96 -32.09
C THR K 112 5.74 54.54 -32.73
N VAL K 113 5.73 55.90 -32.87
CA VAL K 113 4.64 56.67 -33.45
C VAL K 113 4.39 56.15 -34.89
N ALA K 114 3.11 55.87 -35.19
CA ALA K 114 2.58 55.36 -36.45
C ALA K 114 1.41 56.25 -36.85
N ALA K 115 1.56 56.98 -37.98
CA ALA K 115 0.53 57.86 -38.52
C ALA K 115 -0.68 57.01 -38.99
N PRO K 116 -1.94 57.48 -38.88
CA PRO K 116 -3.06 56.65 -39.35
C PRO K 116 -3.25 56.73 -40.87
N SER K 117 -4.04 55.77 -41.40
CA SER K 117 -4.46 55.73 -42.79
C SER K 117 -5.97 55.98 -42.75
N VAL K 118 -6.37 57.17 -43.25
CA VAL K 118 -7.74 57.70 -43.25
C VAL K 118 -8.48 57.25 -44.51
N PHE K 119 -9.65 56.56 -44.31
CA PHE K 119 -10.55 56.00 -45.31
C PHE K 119 -12.02 56.44 -45.08
N ILE K 120 -12.61 57.16 -46.05
CA ILE K 120 -14.02 57.54 -45.98
C ILE K 120 -14.89 56.48 -46.81
N PHE K 121 -16.02 55.96 -46.22
CA PHE K 121 -16.95 54.98 -46.81
C PHE K 121 -18.38 55.54 -46.90
N PRO K 122 -18.92 55.73 -48.13
CA PRO K 122 -20.28 56.28 -48.27
C PRO K 122 -21.35 55.24 -47.87
N PRO K 123 -22.61 55.68 -47.55
CA PRO K 123 -23.65 54.70 -47.21
C PRO K 123 -23.94 53.78 -48.38
N SER K 124 -23.99 52.47 -48.04
CA SER K 124 -24.34 51.38 -48.96
C SER K 124 -25.74 51.67 -49.57
N ASP K 125 -26.01 51.21 -50.80
CA ASP K 125 -27.31 51.51 -51.39
C ASP K 125 -28.50 50.84 -50.63
N GLU K 126 -28.33 49.62 -50.05
CA GLU K 126 -29.36 48.89 -49.29
C GLU K 126 -29.81 49.65 -48.03
N GLN K 127 -28.87 50.36 -47.38
CA GLN K 127 -29.12 51.17 -46.18
C GLN K 127 -29.88 52.43 -46.52
N LEU K 128 -29.56 53.04 -47.70
CA LEU K 128 -30.21 54.25 -48.23
C LEU K 128 -31.64 53.88 -48.68
N LYS K 129 -31.84 52.65 -49.18
CA LYS K 129 -33.15 52.12 -49.60
C LYS K 129 -34.07 51.89 -48.38
N SER K 130 -33.47 51.64 -47.18
CA SER K 130 -34.14 51.45 -45.89
C SER K 130 -34.29 52.77 -45.09
N GLY K 131 -33.83 53.88 -45.68
CA GLY K 131 -34.01 55.24 -45.17
C GLY K 131 -32.97 55.87 -44.25
N THR K 132 -31.77 55.24 -44.14
CA THR K 132 -30.68 55.71 -43.26
C THR K 132 -29.37 56.00 -44.03
N ALA K 133 -28.65 57.05 -43.62
CA ALA K 133 -27.35 57.41 -44.18
C ALA K 133 -26.29 57.31 -43.10
N SER K 134 -25.41 56.28 -43.18
CA SER K 134 -24.32 56.05 -42.24
C SER K 134 -22.95 56.08 -42.88
N VAL K 135 -22.26 57.20 -42.65
CA VAL K 135 -20.91 57.52 -43.15
C VAL K 135 -19.85 56.97 -42.20
N VAL K 136 -18.84 56.27 -42.74
CA VAL K 136 -17.77 55.69 -41.93
C VAL K 136 -16.42 56.29 -42.30
N CYS K 137 -15.70 56.83 -41.30
CA CYS K 137 -14.35 57.31 -41.53
C CYS K 137 -13.43 56.39 -40.81
N LEU K 138 -12.85 55.43 -41.53
CA LEU K 138 -11.87 54.51 -40.95
C LEU K 138 -10.48 55.17 -40.74
N LEU K 139 -9.83 54.84 -39.57
CA LEU K 139 -8.47 55.23 -39.15
C LEU K 139 -7.81 53.90 -38.91
N ASN K 140 -6.65 53.65 -39.53
CA ASN K 140 -6.07 52.31 -39.37
C ASN K 140 -4.58 52.25 -38.96
N ASN K 141 -4.35 51.30 -38.02
CA ASN K 141 -3.11 50.89 -37.34
C ASN K 141 -2.24 52.12 -37.02
N PHE K 142 -2.43 52.64 -35.79
CA PHE K 142 -1.76 53.87 -35.32
C PHE K 142 -1.37 53.85 -33.83
N TYR K 143 -0.29 54.60 -33.48
CA TYR K 143 0.21 54.73 -32.13
C TYR K 143 0.65 56.15 -31.86
N PRO K 144 0.14 56.83 -30.82
CA PRO K 144 -0.88 56.41 -29.84
C PRO K 144 -2.34 56.52 -30.30
N ARG K 145 -3.24 55.99 -29.46
CA ARG K 145 -4.71 55.96 -29.59
C ARG K 145 -5.29 57.38 -29.76
N GLU K 146 -4.64 58.38 -29.10
CA GLU K 146 -5.06 59.79 -29.04
C GLU K 146 -5.04 60.46 -30.43
N ALA K 147 -6.24 60.61 -31.01
CA ALA K 147 -6.49 61.20 -32.33
C ALA K 147 -7.79 62.03 -32.34
N LYS K 148 -7.87 63.02 -33.24
CA LYS K 148 -9.02 63.89 -33.40
C LYS K 148 -9.63 63.70 -34.80
N VAL K 149 -10.94 63.43 -34.84
CA VAL K 149 -11.71 63.28 -36.09
C VAL K 149 -12.83 64.36 -36.08
N GLN K 150 -13.10 65.03 -37.24
CA GLN K 150 -14.17 66.03 -37.45
C GLN K 150 -14.92 65.72 -38.74
N TRP K 151 -16.27 65.91 -38.77
CA TRP K 151 -17.13 65.65 -39.93
C TRP K 151 -17.68 66.95 -40.52
N LYS K 152 -17.27 67.29 -41.77
CA LYS K 152 -17.73 68.51 -42.48
C LYS K 152 -18.70 68.15 -43.59
N VAL K 153 -19.89 68.73 -43.54
CA VAL K 153 -20.95 68.51 -44.52
C VAL K 153 -21.17 69.84 -45.26
N ASP K 154 -20.74 69.89 -46.55
CA ASP K 154 -20.73 71.09 -47.41
C ASP K 154 -19.98 72.23 -46.67
N ASN K 155 -18.77 71.85 -46.16
CA ASN K 155 -17.78 72.60 -45.38
C ASN K 155 -18.30 73.05 -44.00
N ALA K 156 -19.54 72.65 -43.60
CA ALA K 156 -20.17 72.98 -42.31
C ALA K 156 -19.95 71.92 -41.20
N LEU K 157 -19.06 72.24 -40.22
CA LEU K 157 -18.65 71.42 -39.06
C LEU K 157 -19.86 70.92 -38.25
N GLN K 158 -20.01 69.57 -38.24
CA GLN K 158 -21.11 68.83 -37.61
C GLN K 158 -20.86 68.64 -36.12
N SER K 159 -21.95 68.53 -35.33
CA SER K 159 -21.87 68.35 -33.89
C SER K 159 -22.81 67.26 -33.32
N GLY K 160 -22.24 66.36 -32.51
CA GLY K 160 -22.93 65.28 -31.81
C GLY K 160 -23.84 64.36 -32.61
N ASN K 161 -23.43 64.04 -33.85
CA ASN K 161 -24.16 63.18 -34.79
C ASN K 161 -23.27 62.02 -35.30
N SER K 162 -21.99 62.02 -34.83
CA SER K 162 -20.97 61.03 -35.13
C SER K 162 -20.61 60.27 -33.87
N GLN K 163 -20.26 58.98 -34.02
CA GLN K 163 -19.90 58.10 -32.91
C GLN K 163 -18.65 57.30 -33.22
N GLU K 164 -17.60 57.57 -32.43
CA GLU K 164 -16.30 56.89 -32.52
C GLU K 164 -16.34 55.56 -31.72
N SER K 165 -15.44 54.61 -32.06
CA SER K 165 -15.29 53.30 -31.42
C SER K 165 -13.85 52.84 -31.61
N VAL K 166 -13.18 52.35 -30.52
CA VAL K 166 -11.75 52.00 -30.62
C VAL K 166 -11.46 50.55 -30.21
N THR K 167 -10.68 49.86 -31.02
CA THR K 167 -10.26 48.49 -30.77
C THR K 167 -9.18 48.48 -29.68
N GLU K 168 -8.79 47.30 -29.21
CA GLU K 168 -7.77 47.19 -28.19
C GLU K 168 -6.36 47.13 -28.79
N GLN K 169 -5.36 46.96 -27.91
CA GLN K 169 -3.97 46.86 -28.28
C GLN K 169 -3.64 45.44 -28.78
N ASP K 170 -3.26 45.36 -30.09
CA ASP K 170 -2.86 44.13 -30.79
C ASP K 170 -1.48 43.61 -30.30
N SER K 171 -1.35 42.30 -29.97
CA SER K 171 -0.05 41.77 -29.49
C SER K 171 0.99 41.51 -30.63
N LYS K 172 0.66 41.88 -31.90
CA LYS K 172 1.49 41.71 -33.10
C LYS K 172 2.29 42.98 -33.49
N ASP K 173 1.60 44.12 -33.57
CA ASP K 173 2.14 45.44 -33.91
C ASP K 173 1.92 46.49 -32.77
N SER K 174 1.24 46.08 -31.69
CA SER K 174 0.85 46.87 -30.53
C SER K 174 0.02 48.15 -30.87
N THR K 175 -0.44 48.34 -32.16
CA THR K 175 -1.27 49.50 -32.53
C THR K 175 -2.77 49.25 -32.32
N TYR K 176 -3.57 50.31 -32.56
CA TYR K 176 -5.03 50.40 -32.49
C TYR K 176 -5.56 50.84 -33.86
N SER K 177 -6.91 50.88 -33.97
CA SER K 177 -7.70 51.38 -35.09
C SER K 177 -9.00 51.98 -34.52
N LEU K 178 -9.55 53.02 -35.17
CA LEU K 178 -10.77 53.64 -34.65
C LEU K 178 -11.77 53.95 -35.75
N SER K 179 -13.07 53.77 -35.44
CA SER K 179 -14.16 54.02 -36.37
C SER K 179 -15.09 55.19 -35.97
N SER K 180 -14.96 56.32 -36.72
CA SER K 180 -15.83 57.50 -36.59
C SER K 180 -16.98 57.18 -37.55
N THR K 181 -18.22 57.32 -37.08
CA THR K 181 -19.37 57.01 -37.90
C THR K 181 -20.44 58.08 -37.72
N LEU K 182 -20.58 58.93 -38.74
CA LEU K 182 -21.58 59.99 -38.78
C LEU K 182 -22.88 59.39 -39.37
N THR K 183 -24.00 59.51 -38.63
CA THR K 183 -25.30 58.99 -39.10
C THR K 183 -26.31 60.12 -39.22
N LEU K 184 -27.10 60.08 -40.30
CA LEU K 184 -28.19 61.01 -40.61
C LEU K 184 -29.21 60.31 -41.49
N SER K 185 -30.37 60.91 -41.71
CA SER K 185 -31.40 60.29 -42.55
C SER K 185 -30.97 60.35 -44.00
N LYS K 186 -31.63 59.56 -44.87
CA LYS K 186 -31.35 59.61 -46.30
C LYS K 186 -31.83 60.96 -46.90
N ALA K 187 -32.88 61.60 -46.30
CA ALA K 187 -33.45 62.89 -46.74
C ALA K 187 -32.49 64.05 -46.47
N ASP K 188 -31.78 63.98 -45.32
CA ASP K 188 -30.74 64.91 -44.88
C ASP K 188 -29.48 64.65 -45.67
N TYR K 189 -29.29 63.40 -46.12
CA TYR K 189 -28.18 63.01 -46.97
C TYR K 189 -28.38 63.64 -48.35
N GLU K 190 -29.56 63.39 -48.94
CA GLU K 190 -29.98 63.80 -50.27
C GLU K 190 -30.09 65.34 -50.48
N LYS K 191 -29.66 66.15 -49.49
CA LYS K 191 -29.68 67.61 -49.65
C LYS K 191 -28.25 68.25 -49.58
N HIS K 192 -27.19 67.41 -49.52
CA HIS K 192 -25.78 67.85 -49.42
C HIS K 192 -24.80 67.12 -50.38
N LYS K 193 -23.85 67.88 -50.98
CA LYS K 193 -22.83 67.37 -51.92
C LYS K 193 -21.63 66.67 -51.25
N VAL K 194 -20.61 67.44 -50.81
CA VAL K 194 -19.39 66.91 -50.21
C VAL K 194 -19.58 66.52 -48.75
N TYR K 195 -19.19 65.25 -48.41
CA TYR K 195 -19.15 64.67 -47.07
C TYR K 195 -17.68 64.40 -46.78
N ALA K 196 -17.11 65.23 -45.89
CA ALA K 196 -15.70 65.21 -45.54
C ALA K 196 -15.42 64.78 -44.10
N CYS K 197 -14.28 64.08 -43.91
CA CYS K 197 -13.75 63.62 -42.62
C CYS K 197 -12.30 64.15 -42.46
N GLU K 198 -12.05 65.03 -41.46
CA GLU K 198 -10.74 65.64 -41.20
C GLU K 198 -10.09 64.99 -39.98
N VAL K 199 -8.87 64.43 -40.15
CA VAL K 199 -8.13 63.70 -39.12
C VAL K 199 -6.81 64.37 -38.71
N THR K 200 -6.67 64.60 -37.39
CA THR K 200 -5.51 65.22 -36.75
C THR K 200 -4.83 64.24 -35.72
N HIS K 201 -3.57 63.85 -35.98
CA HIS K 201 -2.77 62.91 -35.16
C HIS K 201 -1.33 63.43 -34.93
N GLN K 202 -0.59 62.81 -33.99
CA GLN K 202 0.80 63.10 -33.63
C GLN K 202 1.74 62.77 -34.81
N GLY K 203 1.40 61.72 -35.58
CA GLY K 203 2.12 61.29 -36.77
C GLY K 203 1.82 62.13 -38.01
N LEU K 204 0.74 62.92 -37.93
CA LEU K 204 0.27 63.81 -39.00
C LEU K 204 0.81 65.21 -38.76
N SER K 205 1.83 65.60 -39.57
CA SER K 205 2.48 66.91 -39.57
C SER K 205 1.49 67.99 -40.05
N SER K 206 0.70 67.64 -41.06
CA SER K 206 -0.35 68.47 -41.63
C SER K 206 -1.54 67.50 -41.84
N PRO K 207 -2.68 67.74 -41.11
CA PRO K 207 -3.85 66.82 -41.19
C PRO K 207 -4.24 66.21 -42.55
N VAL K 208 -4.89 65.02 -42.48
CA VAL K 208 -5.35 64.24 -43.64
C VAL K 208 -6.91 64.27 -43.73
N THR K 209 -7.43 64.93 -44.79
CA THR K 209 -8.86 65.07 -45.08
C THR K 209 -9.26 64.10 -46.20
N LYS K 210 -10.30 63.29 -45.93
CA LYS K 210 -10.88 62.32 -46.85
C LYS K 210 -12.33 62.72 -47.12
N SER K 211 -12.70 62.92 -48.41
CA SER K 211 -14.02 63.40 -48.80
C SER K 211 -14.59 62.79 -50.09
N PHE K 212 -15.95 62.74 -50.19
CA PHE K 212 -16.67 62.24 -51.35
C PHE K 212 -17.89 63.10 -51.68
N ASN K 213 -18.32 63.11 -52.96
CA ASN K 213 -19.52 63.81 -53.43
C ASN K 213 -20.64 62.75 -53.49
N ARG K 214 -21.81 63.11 -52.94
CA ARG K 214 -23.00 62.29 -52.72
C ARG K 214 -23.55 61.45 -53.89
N GLY K 215 -24.42 60.51 -53.51
CA GLY K 215 -25.18 59.59 -54.35
C GLY K 215 -24.59 58.22 -54.58
N GLU K 216 -25.07 57.58 -55.66
CA GLU K 216 -24.64 56.30 -56.25
C GLU K 216 -24.33 56.62 -57.75
N CYS K 217 -23.52 57.68 -57.94
CA CYS K 217 -23.08 58.29 -59.22
C CYS K 217 -22.47 57.30 -60.24
N ILE L 2 -41.55 -31.33 15.04
CA ILE L 2 -40.60 -32.05 14.19
C ILE L 2 -39.28 -32.27 14.96
N GLN L 3 -39.18 -33.38 15.76
CA GLN L 3 -37.99 -33.65 16.60
C GLN L 3 -36.90 -34.57 15.94
N MET L 4 -35.72 -34.71 16.60
CA MET L 4 -34.59 -35.50 16.09
C MET L 4 -34.17 -36.62 16.99
N THR L 5 -34.03 -37.81 16.38
CA THR L 5 -33.67 -39.03 17.07
C THR L 5 -32.22 -39.41 16.94
N GLN L 6 -31.52 -39.46 18.08
CA GLN L 6 -30.13 -39.87 18.17
C GLN L 6 -30.08 -41.33 18.56
N SER L 7 -29.16 -42.11 17.96
CA SER L 7 -29.05 -43.52 18.25
C SER L 7 -27.58 -43.94 18.33
N PRO L 8 -27.13 -44.60 19.44
CA PRO L 8 -27.88 -44.97 20.66
C PRO L 8 -28.07 -43.77 21.60
N SER L 9 -28.82 -43.96 22.70
CA SER L 9 -29.01 -42.90 23.70
C SER L 9 -27.78 -42.79 24.56
N SER L 10 -27.03 -43.90 24.66
CA SER L 10 -25.77 -44.01 25.38
C SER L 10 -24.97 -45.20 24.85
N LEU L 11 -23.64 -45.04 24.82
CA LEU L 11 -22.72 -46.07 24.35
C LEU L 11 -21.42 -46.10 25.15
N SER L 12 -20.79 -47.27 25.20
CA SER L 12 -19.52 -47.47 25.90
C SER L 12 -18.53 -48.10 24.91
N ALA L 13 -17.36 -47.48 24.78
CA ALA L 13 -16.34 -47.93 23.85
C ALA L 13 -14.96 -47.82 24.42
N SER L 14 -14.06 -48.69 23.96
CA SER L 14 -12.67 -48.73 24.41
C SER L 14 -11.86 -47.63 23.71
N VAL L 15 -10.69 -47.26 24.27
CA VAL L 15 -9.82 -46.25 23.67
C VAL L 15 -9.27 -46.77 22.30
N GLY L 16 -9.35 -45.93 21.28
CA GLY L 16 -8.91 -46.28 19.94
C GLY L 16 -10.00 -46.81 19.04
N ASP L 17 -11.19 -47.11 19.63
CA ASP L 17 -12.35 -47.63 18.90
C ASP L 17 -13.03 -46.55 18.06
N ARG L 18 -13.65 -46.97 16.93
CA ARG L 18 -14.41 -46.12 16.04
C ARG L 18 -15.79 -45.99 16.64
N VAL L 19 -16.25 -44.75 16.85
CA VAL L 19 -17.55 -44.47 17.45
C VAL L 19 -18.47 -43.75 16.47
N THR L 20 -19.67 -44.31 16.29
CA THR L 20 -20.64 -43.81 15.34
C THR L 20 -21.98 -43.47 16.02
N ILE L 21 -22.36 -42.20 15.98
CA ILE L 21 -23.60 -41.70 16.56
C ILE L 21 -24.44 -41.19 15.42
N THR L 22 -25.64 -41.74 15.27
CA THR L 22 -26.54 -41.35 14.18
C THR L 22 -27.65 -40.43 14.66
N CYS L 23 -27.99 -39.45 13.82
CA CYS L 23 -29.02 -38.45 14.05
C CYS L 23 -29.97 -38.53 12.91
N GLN L 24 -31.23 -38.75 13.19
CA GLN L 24 -32.14 -38.90 12.07
C GLN L 24 -33.46 -38.28 12.35
N SER L 25 -34.12 -37.74 11.29
CA SER L 25 -35.38 -36.99 11.35
C SER L 25 -36.35 -37.50 10.30
N ILE L 26 -37.66 -37.20 10.45
CA ILE L 26 -38.66 -37.62 9.44
C ILE L 26 -38.72 -36.56 8.30
N LYS L 27 -38.63 -35.27 8.68
CA LYS L 27 -38.58 -34.18 7.71
C LYS L 27 -37.11 -33.99 7.32
N SER L 28 -36.85 -33.58 6.08
CA SER L 28 -35.49 -33.35 5.64
C SER L 28 -34.94 -32.01 6.12
N VAL L 29 -33.65 -32.00 6.49
CA VAL L 29 -32.89 -30.82 6.95
C VAL L 29 -32.89 -29.74 5.85
N TYR L 30 -33.08 -28.46 6.22
CA TYR L 30 -33.21 -27.36 5.29
C TYR L 30 -32.04 -27.14 4.35
N ASN L 31 -30.87 -26.68 4.82
CA ASN L 31 -29.86 -26.44 3.80
C ASN L 31 -28.53 -26.91 4.37
N ASN L 32 -28.47 -28.23 4.56
CA ASN L 32 -27.34 -28.90 5.21
C ASN L 32 -27.20 -28.39 6.66
N ARG L 33 -28.29 -27.78 7.18
CA ARG L 33 -28.39 -27.22 8.50
C ARG L 33 -28.42 -28.30 9.56
N LEU L 34 -27.23 -28.88 9.86
CA LEU L 34 -27.05 -29.95 10.84
C LEU L 34 -25.68 -29.81 11.43
N GLY L 35 -25.65 -29.60 12.74
CA GLY L 35 -24.41 -29.43 13.49
C GLY L 35 -24.30 -30.41 14.63
N TRP L 36 -23.05 -30.69 15.07
CA TRP L 36 -22.75 -31.58 16.20
C TRP L 36 -22.05 -30.82 17.32
N TYR L 37 -22.54 -31.04 18.55
CA TYR L 37 -22.08 -30.46 19.78
C TYR L 37 -21.56 -31.50 20.72
N GLN L 38 -20.53 -31.12 21.49
CA GLN L 38 -19.90 -31.97 22.50
C GLN L 38 -20.04 -31.23 23.82
N GLN L 39 -20.70 -31.85 24.81
CA GLN L 39 -20.88 -31.21 26.11
C GLN L 39 -20.23 -32.01 27.24
N LYS L 40 -19.13 -31.51 27.76
CA LYS L 40 -18.45 -32.18 28.87
C LYS L 40 -19.15 -31.70 30.15
N PRO L 41 -19.31 -32.57 31.19
CA PRO L 41 -20.05 -32.15 32.40
C PRO L 41 -19.63 -30.81 32.99
N GLY L 42 -20.63 -29.98 33.26
CA GLY L 42 -20.42 -28.66 33.83
C GLY L 42 -19.82 -27.65 32.88
N LYS L 43 -20.05 -27.81 31.58
CA LYS L 43 -19.50 -26.94 30.54
C LYS L 43 -20.57 -26.67 29.47
N ALA L 44 -20.41 -25.53 28.77
CA ALA L 44 -21.29 -25.16 27.67
C ALA L 44 -21.01 -26.06 26.49
N PRO L 45 -22.02 -26.47 25.70
CA PRO L 45 -21.73 -27.30 24.51
C PRO L 45 -20.71 -26.66 23.58
N LYS L 46 -19.96 -27.49 22.87
CA LYS L 46 -18.92 -27.04 21.94
C LYS L 46 -19.35 -27.41 20.50
N LEU L 47 -19.26 -26.51 19.54
CA LEU L 47 -19.60 -26.86 18.16
C LEU L 47 -18.38 -27.56 17.55
N LEU L 48 -18.58 -28.81 17.12
CA LEU L 48 -17.50 -29.61 16.54
C LEU L 48 -17.61 -29.63 15.02
N ILE L 49 -18.81 -29.96 14.53
CA ILE L 49 -19.13 -30.08 13.12
C ILE L 49 -20.30 -29.15 12.86
N TYR L 50 -20.29 -28.44 11.73
CA TYR L 50 -21.38 -27.58 11.28
C TYR L 50 -21.64 -27.74 9.78
N GLU L 51 -22.89 -27.44 9.34
CA GLU L 51 -23.29 -27.58 7.94
C GLU L 51 -22.96 -28.99 7.43
N THR L 52 -23.37 -30.00 8.26
CA THR L 52 -23.25 -31.45 8.04
C THR L 52 -21.84 -32.04 8.24
N SER L 53 -20.84 -31.50 7.52
CA SER L 53 -19.51 -32.06 7.49
C SER L 53 -18.35 -31.13 7.81
N ILE L 54 -18.57 -29.81 7.84
CA ILE L 54 -17.48 -28.84 8.11
C ILE L 54 -17.04 -28.89 9.56
N LEU L 55 -15.75 -29.13 9.76
CA LEU L 55 -15.10 -29.20 11.07
C LEU L 55 -14.67 -27.79 11.65
N THR L 56 -15.08 -27.49 12.89
CA THR L 56 -14.72 -26.24 13.60
C THR L 56 -13.21 -26.22 13.72
N SER L 57 -12.56 -25.05 13.50
CA SER L 57 -11.09 -25.01 13.57
C SER L 57 -10.56 -25.27 14.99
N GLY L 58 -9.54 -26.12 15.05
CA GLY L 58 -8.93 -26.54 16.30
C GLY L 58 -9.40 -27.91 16.77
N VAL L 59 -10.59 -28.32 16.31
CA VAL L 59 -11.18 -29.61 16.63
C VAL L 59 -10.39 -30.75 15.94
N PRO L 60 -9.98 -31.79 16.73
CA PRO L 60 -9.22 -32.91 16.17
C PRO L 60 -9.87 -33.59 14.98
N SER L 61 -9.02 -34.03 14.04
CA SER L 61 -9.41 -34.72 12.80
C SER L 61 -10.14 -36.06 13.02
N ARG L 62 -10.11 -36.58 14.26
CA ARG L 62 -10.79 -37.82 14.61
C ARG L 62 -12.30 -37.63 14.59
N PHE L 63 -12.74 -36.34 14.64
CA PHE L 63 -14.16 -35.99 14.54
C PHE L 63 -14.48 -35.63 13.08
N SER L 64 -15.49 -36.32 12.50
CA SER L 64 -15.99 -36.11 11.16
C SER L 64 -17.54 -36.21 11.13
N GLY L 65 -18.14 -35.49 10.20
CA GLY L 65 -19.58 -35.50 10.05
C GLY L 65 -19.97 -35.92 8.65
N SER L 66 -21.04 -36.72 8.54
CA SER L 66 -21.49 -37.18 7.24
C SER L 66 -23.01 -37.28 7.20
N GLY L 67 -23.56 -37.33 6.00
CA GLY L 67 -25.00 -37.50 5.84
C GLY L 67 -25.68 -36.40 5.07
N SER L 68 -26.98 -36.60 4.79
CA SER L 68 -27.82 -35.65 4.06
C SER L 68 -29.29 -35.97 4.33
N GLY L 69 -30.13 -34.98 4.10
CA GLY L 69 -31.57 -35.08 4.23
C GLY L 69 -32.09 -35.37 5.61
N THR L 70 -32.30 -36.65 5.86
CA THR L 70 -32.95 -37.19 7.06
C THR L 70 -32.06 -38.04 7.94
N ASP L 71 -30.87 -38.45 7.43
CA ASP L 71 -29.93 -39.33 8.14
C ASP L 71 -28.54 -38.75 8.12
N PHE L 72 -27.97 -38.61 9.30
CA PHE L 72 -26.64 -38.03 9.58
C PHE L 72 -25.83 -38.89 10.56
N THR L 73 -24.49 -38.73 10.56
CA THR L 73 -23.61 -39.50 11.43
C THR L 73 -22.40 -38.71 11.91
N LEU L 74 -22.13 -38.77 13.23
CA LEU L 74 -20.93 -38.23 13.85
C LEU L 74 -20.03 -39.42 14.04
N THR L 75 -18.78 -39.28 13.64
CA THR L 75 -17.80 -40.38 13.73
C THR L 75 -16.58 -39.92 14.54
N ILE L 76 -16.13 -40.79 15.47
CA ILE L 76 -14.92 -40.61 16.25
C ILE L 76 -14.05 -41.80 15.89
N SER L 77 -13.21 -41.64 14.83
CA SER L 77 -12.33 -42.68 14.25
C SER L 77 -11.49 -43.47 15.27
N SER L 78 -10.94 -42.78 16.30
CA SER L 78 -10.12 -43.38 17.35
C SER L 78 -10.43 -42.69 18.67
N LEU L 79 -11.44 -43.19 19.40
CA LEU L 79 -11.90 -42.64 20.67
C LEU L 79 -10.79 -42.45 21.71
N GLN L 80 -10.70 -41.24 22.26
CA GLN L 80 -9.71 -40.85 23.26
C GLN L 80 -10.36 -40.70 24.64
N PRO L 81 -9.62 -40.84 25.77
CA PRO L 81 -10.30 -40.73 27.09
C PRO L 81 -11.03 -39.42 27.32
N GLU L 82 -10.50 -38.29 26.79
CA GLU L 82 -11.09 -36.96 26.87
C GLU L 82 -12.42 -36.82 26.12
N ASP L 83 -12.64 -37.68 25.11
CA ASP L 83 -13.84 -37.71 24.28
C ASP L 83 -15.12 -38.11 25.02
N PHE L 84 -15.02 -38.48 26.32
CA PHE L 84 -16.18 -38.73 27.18
C PHE L 84 -16.96 -37.40 27.30
N ALA L 85 -18.24 -37.43 26.86
CA ALA L 85 -19.17 -36.29 26.85
C ALA L 85 -20.55 -36.70 26.32
N THR L 86 -21.51 -35.74 26.35
CA THR L 86 -22.79 -35.96 25.74
C THR L 86 -22.77 -35.22 24.42
N TYR L 87 -23.05 -35.95 23.33
CA TYR L 87 -23.04 -35.42 21.98
C TYR L 87 -24.45 -35.16 21.48
N TYR L 88 -24.72 -33.91 21.05
CA TYR L 88 -26.04 -33.51 20.57
C TYR L 88 -25.94 -33.05 19.12
N CYS L 89 -26.85 -33.52 18.27
CA CYS L 89 -26.97 -33.02 16.91
C CYS L 89 -28.07 -31.96 17.00
N ALA L 90 -28.11 -31.04 16.05
CA ALA L 90 -29.12 -29.98 16.01
C ALA L 90 -29.35 -29.56 14.59
N GLY L 91 -30.61 -29.56 14.19
CA GLY L 91 -30.97 -29.24 12.82
C GLY L 91 -32.09 -28.24 12.61
N GLY L 92 -32.13 -27.73 11.39
CA GLY L 92 -33.13 -26.78 10.92
C GLY L 92 -33.90 -27.31 9.74
N PHE L 93 -35.23 -27.18 9.76
CA PHE L 93 -36.11 -27.67 8.70
C PHE L 93 -36.72 -26.53 7.86
N ASP L 94 -36.77 -25.34 8.46
CA ASP L 94 -37.18 -24.10 7.86
C ASP L 94 -36.40 -22.95 8.48
N ARG L 95 -36.73 -21.71 8.07
CA ARG L 95 -36.00 -20.53 8.54
C ARG L 95 -36.75 -19.72 9.56
N SER L 96 -37.95 -20.19 9.95
CA SER L 96 -38.82 -19.44 10.85
C SER L 96 -39.23 -20.16 12.17
N GLY L 97 -38.38 -21.08 12.68
CA GLY L 97 -38.68 -21.72 13.96
C GLY L 97 -38.71 -23.24 14.08
N ASP L 98 -38.71 -23.96 12.93
CA ASP L 98 -38.70 -25.42 12.93
C ASP L 98 -37.24 -25.94 13.03
N THR L 99 -36.68 -25.83 14.26
CA THR L 99 -35.35 -26.30 14.59
C THR L 99 -35.42 -26.94 15.94
N THR L 100 -34.70 -28.07 16.13
CA THR L 100 -34.62 -28.76 17.42
C THR L 100 -33.20 -29.24 17.65
N PHE L 101 -32.99 -29.84 18.81
CA PHE L 101 -31.78 -30.52 19.19
C PHE L 101 -32.20 -32.01 19.27
N GLY L 102 -31.23 -32.88 19.11
CA GLY L 102 -31.45 -34.30 19.28
C GLY L 102 -31.39 -34.58 20.77
N GLN L 103 -31.99 -35.69 21.20
CA GLN L 103 -32.05 -36.10 22.63
C GLN L 103 -30.68 -36.21 23.29
N GLY L 104 -29.64 -36.33 22.47
CA GLY L 104 -28.26 -36.45 22.91
C GLY L 104 -27.84 -37.88 23.12
N THR L 105 -26.52 -38.16 22.97
CA THR L 105 -25.93 -39.50 23.19
C THR L 105 -24.82 -39.36 24.20
N LYS L 106 -24.83 -40.15 25.28
CA LYS L 106 -23.76 -40.16 26.27
C LYS L 106 -22.70 -41.21 25.89
N VAL L 107 -21.48 -40.73 25.62
CA VAL L 107 -20.36 -41.55 25.23
C VAL L 107 -19.53 -41.83 26.46
N GLU L 108 -19.29 -43.12 26.74
CA GLU L 108 -18.50 -43.49 27.90
C GLU L 108 -17.36 -44.44 27.55
N ILE L 109 -16.22 -44.21 28.19
CA ILE L 109 -15.00 -44.99 27.99
C ILE L 109 -15.06 -46.33 28.73
N LYS L 110 -14.57 -47.38 28.05
CA LYS L 110 -14.48 -48.75 28.52
C LYS L 110 -13.01 -48.98 28.73
N ARG L 111 -12.67 -49.19 29.98
CA ARG L 111 -11.32 -49.43 30.45
C ARG L 111 -11.26 -50.75 31.21
N THR L 112 -10.06 -51.29 31.48
CA THR L 112 -10.03 -52.54 32.22
C THR L 112 -10.65 -52.34 33.61
N VAL L 113 -11.38 -53.35 34.09
CA VAL L 113 -12.01 -53.44 35.41
C VAL L 113 -10.95 -53.11 36.46
N ALA L 114 -11.26 -52.12 37.29
CA ALA L 114 -10.45 -51.64 38.38
C ALA L 114 -11.34 -51.62 39.63
N ALA L 115 -10.82 -52.14 40.74
CA ALA L 115 -11.49 -52.25 42.02
C ALA L 115 -11.45 -50.93 42.80
N PRO L 116 -12.53 -50.60 43.55
CA PRO L 116 -12.51 -49.36 44.34
C PRO L 116 -11.62 -49.46 45.59
N SER L 117 -11.28 -48.28 46.14
CA SER L 117 -10.56 -48.14 47.41
C SER L 117 -11.67 -47.71 48.36
N VAL L 118 -12.15 -48.62 49.20
CA VAL L 118 -13.26 -48.30 50.09
C VAL L 118 -12.78 -47.66 51.42
N PHE L 119 -13.36 -46.50 51.82
CA PHE L 119 -13.06 -45.75 53.05
C PHE L 119 -14.35 -45.41 53.83
N ILE L 120 -14.26 -45.32 55.16
CA ILE L 120 -15.40 -45.02 56.04
C ILE L 120 -15.06 -43.82 56.96
N PHE L 121 -16.03 -42.89 57.08
CA PHE L 121 -15.89 -41.68 57.90
C PHE L 121 -17.00 -41.53 58.94
N PRO L 122 -16.65 -41.57 60.24
CA PRO L 122 -17.68 -41.41 61.28
C PRO L 122 -18.14 -39.95 61.39
N PRO L 123 -19.37 -39.67 61.89
CA PRO L 123 -19.77 -38.26 62.07
C PRO L 123 -18.74 -37.44 62.86
N SER L 124 -18.58 -36.16 62.48
CA SER L 124 -17.67 -35.23 63.15
C SER L 124 -18.30 -34.83 64.49
N ASP L 125 -17.46 -34.50 65.52
CA ASP L 125 -17.98 -34.09 66.83
C ASP L 125 -18.76 -32.78 66.73
N GLU L 126 -18.42 -31.92 65.72
CA GLU L 126 -19.08 -30.64 65.45
C GLU L 126 -20.52 -30.90 64.98
N GLN L 127 -20.68 -31.81 64.01
CA GLN L 127 -21.97 -32.22 63.49
C GLN L 127 -22.71 -33.00 64.56
N LEU L 128 -21.97 -33.80 65.37
CA LEU L 128 -22.53 -34.58 66.47
C LEU L 128 -23.11 -33.72 67.56
N LYS L 129 -22.49 -32.53 67.85
CA LYS L 129 -22.98 -31.56 68.85
C LYS L 129 -24.37 -31.05 68.48
N SER L 130 -24.63 -30.78 67.16
CA SER L 130 -25.95 -30.44 66.63
C SER L 130 -26.78 -31.74 66.53
N GLY L 131 -28.06 -31.66 66.16
CA GLY L 131 -28.97 -32.80 66.15
C GLY L 131 -28.71 -33.99 65.26
N THR L 132 -27.84 -33.84 64.25
CA THR L 132 -27.61 -34.90 63.26
C THR L 132 -26.24 -35.59 63.33
N ALA L 133 -26.19 -36.81 62.76
CA ALA L 133 -25.05 -37.72 62.55
C ALA L 133 -25.04 -38.11 61.04
N SER L 134 -23.86 -38.02 60.38
CA SER L 134 -23.69 -38.34 58.98
C SER L 134 -22.45 -39.17 58.72
N VAL L 135 -22.70 -40.46 58.44
CA VAL L 135 -21.68 -41.47 58.15
C VAL L 135 -21.46 -41.54 56.63
N VAL L 136 -20.18 -41.48 56.22
CA VAL L 136 -19.79 -41.47 54.79
C VAL L 136 -18.89 -42.65 54.40
N CYS L 137 -19.35 -43.43 53.41
CA CYS L 137 -18.61 -44.50 52.77
C CYS L 137 -18.13 -43.95 51.44
N LEU L 138 -16.82 -44.01 51.18
CA LEU L 138 -16.20 -43.59 49.92
C LEU L 138 -15.70 -44.85 49.15
N LEU L 139 -15.93 -44.90 47.82
CA LEU L 139 -15.46 -45.96 46.92
C LEU L 139 -14.60 -45.17 45.92
N ASN L 140 -13.27 -45.28 46.01
CA ASN L 140 -12.39 -44.49 45.15
C ASN L 140 -11.76 -45.23 43.96
N ASN L 141 -11.94 -44.59 42.76
CA ASN L 141 -11.41 -44.88 41.43
C ASN L 141 -11.59 -46.33 41.01
N PHE L 142 -12.79 -46.61 40.49
CA PHE L 142 -13.21 -47.94 40.07
C PHE L 142 -13.96 -47.91 38.75
N TYR L 143 -14.01 -49.08 38.07
CA TYR L 143 -14.73 -49.28 36.79
C TYR L 143 -15.25 -50.73 36.67
N PRO L 144 -16.50 -50.98 36.17
CA PRO L 144 -17.52 -50.02 35.75
C PRO L 144 -18.21 -49.29 36.89
N ARG L 145 -19.06 -48.30 36.54
CA ARG L 145 -19.83 -47.46 37.48
C ARG L 145 -20.68 -48.32 38.44
N GLU L 146 -21.20 -49.46 37.92
CA GLU L 146 -22.14 -50.39 38.53
C GLU L 146 -21.54 -51.13 39.73
N ALA L 147 -21.91 -50.65 40.94
CA ALA L 147 -21.48 -51.15 42.25
C ALA L 147 -22.64 -51.09 43.26
N LYS L 148 -22.57 -51.97 44.28
CA LYS L 148 -23.58 -52.07 45.32
C LYS L 148 -22.94 -51.74 46.67
N VAL L 149 -23.50 -50.75 47.40
CA VAL L 149 -23.02 -50.40 48.74
C VAL L 149 -24.17 -50.69 49.70
N GLN L 150 -23.88 -51.50 50.72
CA GLN L 150 -24.87 -51.89 51.73
C GLN L 150 -24.44 -51.31 53.07
N TRP L 151 -25.41 -50.72 53.77
CA TRP L 151 -25.12 -50.15 55.08
C TRP L 151 -25.63 -51.10 56.14
N LYS L 152 -24.71 -51.51 57.04
CA LYS L 152 -24.95 -52.42 58.16
C LYS L 152 -24.69 -51.70 59.46
N VAL L 153 -25.68 -51.70 60.37
CA VAL L 153 -25.66 -51.06 61.70
C VAL L 153 -25.93 -52.15 62.75
N ASP L 154 -24.90 -52.52 63.53
CA ASP L 154 -24.89 -53.59 64.53
C ASP L 154 -25.29 -54.90 63.81
N ASN L 155 -24.76 -55.06 62.57
CA ASN L 155 -25.01 -56.16 61.65
C ASN L 155 -26.51 -56.29 61.35
N ALA L 156 -27.10 -55.19 60.82
CA ALA L 156 -28.51 -55.07 60.42
C ALA L 156 -28.63 -54.24 59.13
N LEU L 157 -29.29 -54.81 58.10
CA LEU L 157 -29.50 -54.21 56.78
C LEU L 157 -30.26 -52.89 56.87
N GLN L 158 -29.73 -51.83 56.20
CA GLN L 158 -30.35 -50.51 56.23
C GLN L 158 -31.08 -50.16 54.94
N SER L 159 -32.26 -49.52 55.07
CA SER L 159 -33.09 -49.06 53.95
C SER L 159 -33.74 -47.70 54.25
N GLY L 160 -33.54 -46.76 53.34
CA GLY L 160 -34.12 -45.42 53.39
C GLY L 160 -33.22 -44.28 53.80
N ASN L 161 -32.36 -44.51 54.78
CA ASN L 161 -31.47 -43.48 55.32
C ASN L 161 -30.15 -43.30 54.52
N SER L 162 -30.12 -43.77 53.26
CA SER L 162 -28.93 -43.69 52.45
C SER L 162 -29.17 -42.96 51.16
N GLN L 163 -28.16 -42.22 50.73
CA GLN L 163 -28.17 -41.45 49.50
C GLN L 163 -26.77 -41.45 48.90
N GLU L 164 -26.65 -41.95 47.67
CA GLU L 164 -25.34 -42.00 47.04
C GLU L 164 -25.25 -41.04 45.86
N SER L 165 -24.02 -40.61 45.50
CA SER L 165 -23.74 -39.70 44.39
C SER L 165 -22.46 -40.13 43.67
N VAL L 166 -22.52 -40.22 42.33
CA VAL L 166 -21.36 -40.66 41.57
C VAL L 166 -20.69 -39.49 40.90
N THR L 167 -19.35 -39.51 40.84
CA THR L 167 -18.61 -38.52 40.08
C THR L 167 -18.76 -38.83 38.57
N GLU L 168 -18.54 -37.84 37.72
CA GLU L 168 -18.56 -38.10 36.29
C GLU L 168 -17.23 -38.72 35.95
N GLN L 169 -17.22 -39.64 34.98
CA GLN L 169 -16.02 -40.38 34.55
C GLN L 169 -14.81 -39.45 34.35
N ASP L 170 -13.64 -39.83 34.89
CA ASP L 170 -12.41 -39.06 34.79
C ASP L 170 -11.91 -38.94 33.35
N SER L 171 -11.58 -37.71 32.93
CA SER L 171 -11.07 -37.34 31.59
C SER L 171 -9.75 -38.01 31.25
N LYS L 172 -8.99 -38.43 32.29
CA LYS L 172 -7.68 -38.98 32.08
C LYS L 172 -7.62 -40.50 32.34
N ASP L 173 -7.95 -40.98 33.56
CA ASP L 173 -7.84 -42.40 33.89
C ASP L 173 -9.13 -43.21 33.60
N SER L 174 -10.25 -42.55 33.29
CA SER L 174 -11.54 -43.15 32.92
C SER L 174 -12.27 -43.92 34.04
N THR L 175 -11.94 -43.68 35.31
CA THR L 175 -12.61 -44.32 36.46
C THR L 175 -13.66 -43.37 37.10
N TYR L 176 -14.51 -43.92 38.01
CA TYR L 176 -15.57 -43.26 38.79
C TYR L 176 -15.23 -43.32 40.28
N SER L 177 -15.84 -42.45 41.09
CA SER L 177 -15.76 -42.44 42.56
C SER L 177 -17.19 -42.27 43.08
N LEU L 178 -17.55 -43.01 44.14
CA LEU L 178 -18.92 -42.96 44.69
C LEU L 178 -18.89 -42.70 46.17
N SER L 179 -19.85 -41.90 46.66
CA SER L 179 -20.00 -41.59 48.08
C SER L 179 -21.39 -42.03 48.55
N SER L 180 -21.45 -42.87 49.60
CA SER L 180 -22.72 -43.30 50.19
C SER L 180 -22.80 -42.64 51.51
N THR L 181 -23.92 -41.92 51.79
CA THR L 181 -24.08 -41.23 53.05
C THR L 181 -25.32 -41.72 53.81
N LEU L 182 -25.03 -42.20 55.06
CA LEU L 182 -25.96 -42.67 56.06
C LEU L 182 -26.25 -41.54 57.04
N THR L 183 -27.51 -41.07 57.01
CA THR L 183 -28.02 -39.97 57.81
C THR L 183 -28.87 -40.53 58.92
N LEU L 184 -28.44 -40.24 60.14
CA LEU L 184 -29.06 -40.70 61.36
C LEU L 184 -29.23 -39.58 62.34
N SER L 185 -30.21 -39.74 63.24
CA SER L 185 -30.45 -38.82 64.33
C SER L 185 -29.40 -39.12 65.42
N LYS L 186 -28.95 -38.07 66.15
CA LYS L 186 -27.96 -38.19 67.24
C LYS L 186 -28.42 -39.24 68.25
N ALA L 187 -29.75 -39.34 68.50
CA ALA L 187 -30.39 -40.31 69.41
C ALA L 187 -30.19 -41.75 68.94
N ASP L 188 -30.38 -42.01 67.64
CA ASP L 188 -30.20 -43.32 67.01
C ASP L 188 -28.72 -43.66 66.80
N TYR L 189 -27.87 -42.67 66.52
CA TYR L 189 -26.44 -42.90 66.35
C TYR L 189 -25.80 -43.42 67.66
N GLU L 190 -26.28 -42.91 68.81
CA GLU L 190 -25.83 -43.32 70.15
C GLU L 190 -26.37 -44.71 70.51
N LYS L 191 -27.54 -45.11 69.94
CA LYS L 191 -28.21 -46.42 70.12
C LYS L 191 -27.44 -47.62 69.54
N HIS L 192 -26.44 -47.37 68.68
CA HIS L 192 -25.67 -48.43 68.03
C HIS L 192 -24.17 -48.23 68.16
N LYS L 193 -23.38 -49.30 67.91
CA LYS L 193 -21.93 -49.26 68.09
C LYS L 193 -21.11 -49.63 66.85
N VAL L 194 -21.57 -50.62 66.08
CA VAL L 194 -20.85 -51.08 64.88
C VAL L 194 -21.51 -50.58 63.60
N TYR L 195 -20.79 -49.73 62.85
CA TYR L 195 -21.26 -49.15 61.58
C TYR L 195 -20.35 -49.63 60.45
N ALA L 196 -20.96 -50.27 59.42
CA ALA L 196 -20.20 -50.84 58.29
C ALA L 196 -20.84 -50.61 56.93
N CYS L 197 -20.01 -50.41 55.91
CA CYS L 197 -20.47 -50.34 54.54
C CYS L 197 -19.81 -51.48 53.77
N GLU L 198 -20.66 -52.46 53.38
CA GLU L 198 -20.27 -53.65 52.61
C GLU L 198 -20.37 -53.24 51.13
N VAL L 199 -19.25 -53.39 50.40
CA VAL L 199 -19.18 -53.01 49.01
C VAL L 199 -19.02 -54.22 48.13
N THR L 200 -19.95 -54.37 47.18
CA THR L 200 -19.97 -55.46 46.18
C THR L 200 -19.69 -54.86 44.81
N HIS L 201 -18.51 -55.20 44.26
CA HIS L 201 -18.08 -54.75 42.94
C HIS L 201 -17.55 -55.95 42.13
N GLN L 202 -17.52 -55.79 40.80
CA GLN L 202 -17.01 -56.76 39.84
C GLN L 202 -15.50 -56.99 40.05
N GLY L 203 -14.77 -55.89 40.29
CA GLY L 203 -13.32 -55.86 40.50
C GLY L 203 -12.85 -56.43 41.82
N LEU L 204 -13.79 -56.79 42.73
CA LEU L 204 -13.49 -57.39 44.03
C LEU L 204 -13.90 -58.85 43.98
N SER L 205 -12.99 -59.75 44.44
CA SER L 205 -13.16 -61.21 44.48
C SER L 205 -14.26 -61.60 45.47
N SER L 206 -14.28 -60.92 46.63
CA SER L 206 -15.26 -61.08 47.69
C SER L 206 -15.65 -59.70 48.23
N PRO L 207 -16.93 -59.44 48.61
CA PRO L 207 -17.30 -58.11 49.11
C PRO L 207 -16.45 -57.54 50.25
N VAL L 208 -15.93 -56.30 50.03
CA VAL L 208 -15.07 -55.57 50.97
C VAL L 208 -15.92 -54.84 52.01
N THR L 209 -15.67 -55.13 53.28
CA THR L 209 -16.38 -54.49 54.39
C THR L 209 -15.41 -53.60 55.18
N LYS L 210 -15.76 -52.32 55.29
CA LYS L 210 -15.04 -51.29 56.02
C LYS L 210 -15.97 -50.79 57.11
N SER L 211 -15.49 -50.87 58.36
CA SER L 211 -16.24 -50.49 59.55
C SER L 211 -15.42 -49.71 60.60
N PHE L 212 -16.12 -49.30 61.66
CA PHE L 212 -15.57 -48.60 62.81
C PHE L 212 -16.44 -48.88 64.03
N ASN L 213 -15.79 -49.03 65.17
CA ASN L 213 -16.52 -49.19 66.40
C ASN L 213 -16.62 -47.78 66.95
N ARG L 214 -17.85 -47.33 67.21
CA ARG L 214 -18.15 -46.02 67.73
C ARG L 214 -17.51 -45.95 69.13
N GLY L 215 -16.29 -45.42 69.22
CA GLY L 215 -15.55 -45.37 70.48
C GLY L 215 -14.11 -44.88 70.43
N GLU L 216 -13.47 -44.86 69.23
CA GLU L 216 -12.09 -44.36 69.01
C GLU L 216 -12.02 -43.63 67.66
#